data_6SRS
#
_entry.id   6SRS
#
loop_
_entity.id
_entity.type
_entity.pdbx_description
1 polymer 'Unassigned secondary structure elements (central region, proposed FANCB-FAAP100)'
2 polymer 'Unassigned secondary structure elements (central region, proposed FANCB-FAAP100)'
3 polymer 'Unassigned secondary structure elements (central region, proposed FANCB-FAAP100)'
4 polymer 'Unassigned secondary structure elements (central region, proposed FANCB-FAAP100)'
5 polymer 'Unassigned secondary structure elements (central region, proposed FANCB-FAAP100)'
6 polymer 'Unassigned secondary structure elements (central region, proposed FANCB-FAAP100)'
7 polymer 'Unassigned secondary structure elements (central region, proposed FANCB-FAAP100)'
8 polymer 'Unassigned secondary structure elements (central region, proposed FANCB-FAAP100)'
9 polymer 'Unassigned secondary structure elements (central region, proposed FANCB-FAAP100)'
10 polymer 'Unassigned secondary structure elements (central region, proposed FANCB-FAAP100)'
11 polymer 'Unassigned secondary structure elements (central region, proposed FANCB-FAAP100)'
12 polymer 'Unassigned secondary structure elements (proposed FANCB)'
13 polymer 'Unassigned secondary structure elements (proposed FAAP100)'
14 polymer 'Unassigned secondary structure elements (proposed FANCB)'
15 polymer 'Unassigned secondary structure elements (proposed FAAP100)'
16 polymer 'Unassigned secondary structure elements (proposed FANCG)'
17 polymer 'Unassigned secondary structure elements (proposed FANCG)'
18 polymer 'Fanconi anaemia protein FANCL'
#
loop_
_entity_poly.entity_id
_entity_poly.type
_entity_poly.pdbx_seq_one_letter_code
_entity_poly.pdbx_strand_id
1 'polypeptide(L)'
;(UNK)(UNK)(UNK)(UNK)(UNK)(UNK)(UNK)(UNK)(UNK)(UNK)(UNK)(UNK)(UNK)(UNK)(UNK)(UNK)
(UNK)(UNK)(UNK)(UNK)(UNK)(UNK)(UNK)(UNK)(UNK)(UNK)(UNK)(UNK)(UNK)(UNK)(UNK)(UNK)
(UNK)(UNK)(UNK)(UNK)(UNK)(UNK)(UNK)(UNK)(UNK)(UNK)(UNK)(UNK)(UNK)(UNK)(UNK)(UNK)
(UNK)(UNK)(UNK)(UNK)(UNK)(UNK)(UNK)(UNK)(UNK)(UNK)(UNK)(UNK)(UNK)(UNK)(UNK)(UNK)
(UNK)(UNK)(UNK)(UNK)(UNK)(UNK)(UNK)(UNK)(UNK)(UNK)(UNK)(UNK)
;
A,a
2 'polypeptide(L)'
;(UNK)(UNK)(UNK)(UNK)(UNK)(UNK)(UNK)(UNK)(UNK)(UNK)(UNK)(UNK)(UNK)(UNK)(UNK)(UNK)
(UNK)(UNK)(UNK)(UNK)(UNK)(UNK)(UNK)(UNK)(UNK)
;
B,b
3 'polypeptide(L)'
;(UNK)(UNK)(UNK)(UNK)(UNK)(UNK)(UNK)(UNK)(UNK)(UNK)(UNK)(UNK)(UNK)(UNK)(UNK)(UNK)
(UNK)(UNK)(UNK)(UNK)(UNK)(UNK)(UNK)(UNK)(UNK)(UNK)(UNK)(UNK)(UNK)(UNK)
;
C,c
4 'polypeptide(L)'
;(UNK)(UNK)(UNK)(UNK)(UNK)(UNK)(UNK)(UNK)(UNK)(UNK)(UNK)(UNK)(UNK)(UNK)(UNK)(UNK)
(UNK)(UNK)(UNK)(UNK)(UNK)(UNK)(UNK)
;
D,d
5 'polypeptide(L)' (UNK)(UNK)(UNK)(UNK)(UNK)(UNK)(UNK)(UNK)(UNK) E,e
6 'polypeptide(L)' (UNK)(UNK)(UNK)(UNK)(UNK)(UNK)(UNK)(UNK)(UNK)(UNK)(UNK)(UNK)(UNK)(UNK)(UNK) F,f
7 'polypeptide(L)'
;(UNK)(UNK)(UNK)(UNK)(UNK)(UNK)(UNK)(UNK)(UNK)(UNK)(UNK)(UNK)(UNK)(UNK)(UNK)(UNK)
(UNK)(UNK)(UNK)(UNK)(UNK)(UNK)(UNK)(UNK)(UNK)(UNK)
;
G,g
8 'polypeptide(L)'
;(UNK)(UNK)(UNK)(UNK)(UNK)(UNK)(UNK)(UNK)(UNK)(UNK)(UNK)(UNK)(UNK)(UNK)(UNK)(UNK)
(UNK)
;
H,J,h,j
9 'polypeptide(L)'
;(UNK)(UNK)(UNK)(UNK)(UNK)(UNK)(UNK)(UNK)(UNK)(UNK)(UNK)(UNK)(UNK)(UNK)(UNK)(UNK)
(UNK)(UNK)(UNK)(UNK)(UNK)(UNK)(UNK)(UNK)(UNK)(UNK)(UNK)(UNK)(UNK)(UNK)(UNK)(UNK)
(UNK)(UNK)(UNK)(UNK)(UNK)
;
I,i
10 'polypeptide(L)'
;(UNK)(UNK)(UNK)(UNK)(UNK)(UNK)(UNK)(UNK)(UNK)(UNK)(UNK)(UNK)(UNK)(UNK)(UNK)(UNK)
(UNK)(UNK)(UNK)(UNK)(UNK)
;
K,k
11 'polypeptide(L)'
;(UNK)(UNK)(UNK)(UNK)(UNK)(UNK)(UNK)(UNK)(UNK)(UNK)(UNK)(UNK)(UNK)(UNK)(UNK)(UNK)
(UNK)(UNK)
;
L,l
12 'polypeptide(L)'
;(UNK)(UNK)(UNK)(UNK)(UNK)(UNK)(UNK)(UNK)(UNK)(UNK)(UNK)(UNK)(UNK)(UNK)(UNK)(UNK)
(UNK)(UNK)(UNK)(UNK)(UNK)(UNK)(UNK)(UNK)(UNK)(UNK)(UNK)(UNK)(UNK)(UNK)(UNK)(UNK)
(UNK)(UNK)(UNK)(UNK)(UNK)(UNK)(UNK)(UNK)(UNK)(UNK)(UNK)(UNK)(UNK)(UNK)(UNK)(UNK)
(UNK)(UNK)(UNK)(UNK)(UNK)(UNK)(UNK)(UNK)(UNK)(UNK)(UNK)(UNK)(UNK)(UNK)(UNK)(UNK)
(UNK)(UNK)(UNK)(UNK)(UNK)(UNK)(UNK)(UNK)(UNK)(UNK)(UNK)(UNK)(UNK)(UNK)(UNK)(UNK)
(UNK)(UNK)(UNK)(UNK)(UNK)(UNK)(UNK)(UNK)(UNK)(UNK)(UNK)(UNK)(UNK)(UNK)(UNK)(UNK)
(UNK)(UNK)(UNK)(UNK)(UNK)(UNK)(UNK)(UNK)(UNK)(UNK)(UNK)(UNK)(UNK)(UNK)(UNK)(UNK)
(UNK)(UNK)(UNK)(UNK)(UNK)(UNK)(UNK)(UNK)
;
M,m
13 'polypeptide(L)'
;(UNK)(UNK)(UNK)(UNK)(UNK)(UNK)(UNK)(UNK)(UNK)(UNK)(UNK)(UNK)(UNK)(UNK)(UNK)(UNK)
(UNK)(UNK)(UNK)(UNK)(UNK)(UNK)(UNK)(UNK)(UNK)(UNK)(UNK)(UNK)(UNK)(UNK)(UNK)(UNK)
(UNK)(UNK)(UNK)(UNK)(UNK)(UNK)(UNK)(UNK)(UNK)(UNK)(UNK)
;
N,n
14 'polypeptide(L)'
;(UNK)(UNK)(UNK)(UNK)(UNK)(UNK)(UNK)(UNK)(UNK)(UNK)(UNK)(UNK)(UNK)(UNK)(UNK)(UNK)
(UNK)(UNK)(UNK)(UNK)(UNK)(UNK)(UNK)(UNK)(UNK)(UNK)(UNK)(UNK)(UNK)(UNK)(UNK)(UNK)
(UNK)(UNK)(UNK)(UNK)(UNK)(UNK)(UNK)(UNK)(UNK)(UNK)(UNK)(UNK)(UNK)(UNK)(UNK)(UNK)
(UNK)(UNK)(UNK)(UNK)(UNK)(UNK)(UNK)(UNK)(UNK)(UNK)(UNK)(UNK)(UNK)(UNK)(UNK)(UNK)
(UNK)(UNK)(UNK)(UNK)(UNK)(UNK)(UNK)(UNK)(UNK)(UNK)(UNK)(UNK)(UNK)(UNK)(UNK)(UNK)
(UNK)(UNK)(UNK)(UNK)(UNK)(UNK)(UNK)(UNK)(UNK)(UNK)(UNK)(UNK)(UNK)(UNK)(UNK)(UNK)
(UNK)(UNK)(UNK)(UNK)(UNK)(UNK)(UNK)(UNK)(UNK)(UNK)(UNK)(UNK)(UNK)(UNK)(UNK)(UNK)
(UNK)(UNK)(UNK)(UNK)(UNK)(UNK)(UNK)(UNK)(UNK)(UNK)(UNK)(UNK)(UNK)(UNK)(UNK)(UNK)
(UNK)(UNK)(UNK)(UNK)(UNK)(UNK)(UNK)(UNK)(UNK)(UNK)(UNK)(UNK)(UNK)(UNK)(UNK)(UNK)
(UNK)(UNK)(UNK)(UNK)(UNK)(UNK)(UNK)(UNK)(UNK)(UNK)(UNK)(UNK)(UNK)(UNK)(UNK)(UNK)
(UNK)(UNK)(UNK)(UNK)(UNK)(UNK)(UNK)(UNK)(UNK)(UNK)(UNK)(UNK)(UNK)(UNK)(UNK)(UNK)
(UNK)(UNK)(UNK)(UNK)(UNK)(UNK)(UNK)(UNK)(UNK)(UNK)(UNK)(UNK)(UNK)(UNK)(UNK)(UNK)
(UNK)(UNK)(UNK)(UNK)(UNK)(UNK)(UNK)(UNK)(UNK)(UNK)(UNK)(UNK)(UNK)(UNK)(UNK)(UNK)
(UNK)(UNK)(UNK)(UNK)(UNK)(UNK)(UNK)(UNK)(UNK)(UNK)(UNK)(UNK)(UNK)(UNK)(UNK)(UNK)
(UNK)(UNK)(UNK)(UNK)(UNK)(UNK)(UNK)(UNK)(UNK)(UNK)(UNK)(UNK)(UNK)(UNK)(UNK)(UNK)
(UNK)(UNK)(UNK)(UNK)(UNK)(UNK)(UNK)(UNK)(UNK)(UNK)(UNK)(UNK)(UNK)(UNK)(UNK)(UNK)
(UNK)(UNK)(UNK)(UNK)(UNK)(UNK)(UNK)(UNK)(UNK)(UNK)(UNK)(UNK)(UNK)(UNK)(UNK)(UNK)
(UNK)(UNK)(UNK)(UNK)(UNK)(UNK)(UNK)
;
O,o
15 'polypeptide(L)'
;(UNK)(UNK)(UNK)(UNK)(UNK)(UNK)(UNK)(UNK)(UNK)(UNK)(UNK)(UNK)(UNK)(UNK)(UNK)(UNK)
(UNK)(UNK)(UNK)(UNK)(UNK)(UNK)(UNK)(UNK)(UNK)(UNK)(UNK)(UNK)(UNK)(UNK)(UNK)(UNK)
(UNK)(UNK)(UNK)(UNK)(UNK)(UNK)(UNK)(UNK)(UNK)(UNK)(UNK)(UNK)(UNK)(UNK)(UNK)(UNK)
(UNK)(UNK)(UNK)(UNK)(UNK)(UNK)(UNK)(UNK)(UNK)(UNK)(UNK)(UNK)(UNK)(UNK)(UNK)(UNK)
(UNK)(UNK)(UNK)(UNK)(UNK)(UNK)(UNK)(UNK)(UNK)(UNK)(UNK)(UNK)(UNK)(UNK)(UNK)(UNK)
(UNK)(UNK)(UNK)(UNK)(UNK)(UNK)(UNK)(UNK)(UNK)(UNK)(UNK)(UNK)(UNK)(UNK)(UNK)(UNK)
(UNK)(UNK)(UNK)(UNK)(UNK)(UNK)(UNK)(UNK)(UNK)(UNK)(UNK)(UNK)(UNK)(UNK)(UNK)(UNK)
(UNK)(UNK)(UNK)(UNK)(UNK)(UNK)(UNK)(UNK)(UNK)(UNK)(UNK)(UNK)(UNK)(UNK)(UNK)(UNK)
(UNK)(UNK)(UNK)(UNK)(UNK)(UNK)(UNK)(UNK)(UNK)(UNK)(UNK)(UNK)(UNK)(UNK)(UNK)(UNK)
(UNK)(UNK)(UNK)(UNK)(UNK)(UNK)(UNK)(UNK)(UNK)(UNK)(UNK)(UNK)(UNK)(UNK)(UNK)(UNK)
(UNK)(UNK)(UNK)(UNK)(UNK)(UNK)(UNK)(UNK)(UNK)(UNK)(UNK)(UNK)(UNK)(UNK)(UNK)(UNK)
(UNK)(UNK)(UNK)(UNK)(UNK)(UNK)(UNK)(UNK)(UNK)(UNK)(UNK)(UNK)(UNK)(UNK)(UNK)(UNK)
(UNK)(UNK)(UNK)(UNK)(UNK)(UNK)(UNK)(UNK)(UNK)(UNK)(UNK)(UNK)(UNK)(UNK)(UNK)(UNK)
(UNK)(UNK)(UNK)(UNK)(UNK)(UNK)(UNK)(UNK)(UNK)(UNK)(UNK)(UNK)(UNK)(UNK)(UNK)(UNK)
(UNK)(UNK)(UNK)(UNK)(UNK)(UNK)(UNK)(UNK)(UNK)(UNK)(UNK)(UNK)(UNK)(UNK)(UNK)(UNK)
(UNK)(UNK)(UNK)(UNK)(UNK)(UNK)(UNK)(UNK)(UNK)(UNK)(UNK)(UNK)(UNK)(UNK)(UNK)(UNK)
(UNK)(UNK)(UNK)(UNK)(UNK)(UNK)(UNK)(UNK)(UNK)(UNK)(UNK)(UNK)(UNK)(UNK)(UNK)(UNK)
(UNK)(UNK)(UNK)(UNK)
;
P,p
16 'polypeptide(L)'
;(UNK)(UNK)(UNK)(UNK)(UNK)(UNK)(UNK)(UNK)(UNK)(UNK)(UNK)(UNK)(UNK)(UNK)(UNK)(UNK)
(UNK)(UNK)(UNK)(UNK)(UNK)(UNK)(UNK)(UNK)(UNK)(UNK)(UNK)(UNK)(UNK)(UNK)(UNK)(UNK)
(UNK)(UNK)(UNK)(UNK)(UNK)(UNK)(UNK)(UNK)(UNK)(UNK)(UNK)(UNK)(UNK)(UNK)(UNK)(UNK)
(UNK)(UNK)(UNK)(UNK)(UNK)(UNK)(UNK)(UNK)(UNK)(UNK)(UNK)(UNK)(UNK)(UNK)(UNK)(UNK)
(UNK)(UNK)(UNK)(UNK)(UNK)(UNK)(UNK)(UNK)(UNK)(UNK)(UNK)(UNK)(UNK)(UNK)(UNK)(UNK)
(UNK)(UNK)(UNK)(UNK)(UNK)(UNK)(UNK)(UNK)(UNK)(UNK)(UNK)(UNK)(UNK)(UNK)(UNK)(UNK)
(UNK)(UNK)(UNK)(UNK)(UNK)(UNK)(UNK)(UNK)(UNK)(UNK)(UNK)(UNK)(UNK)(UNK)(UNK)(UNK)
(UNK)(UNK)(UNK)(UNK)(UNK)(UNK)(UNK)(UNK)(UNK)(UNK)(UNK)(UNK)(UNK)(UNK)(UNK)(UNK)
(UNK)(UNK)(UNK)(UNK)(UNK)(UNK)(UNK)(UNK)(UNK)(UNK)(UNK)(UNK)(UNK)(UNK)(UNK)(UNK)
(UNK)(UNK)(UNK)(UNK)(UNK)(UNK)(UNK)(UNK)(UNK)(UNK)(UNK)(UNK)(UNK)(UNK)(UNK)(UNK)
(UNK)(UNK)(UNK)(UNK)(UNK)(UNK)(UNK)(UNK)(UNK)(UNK)(UNK)(UNK)(UNK)(UNK)(UNK)(UNK)
(UNK)(UNK)(UNK)(UNK)(UNK)(UNK)(UNK)(UNK)(UNK)(UNK)(UNK)(UNK)(UNK)(UNK)(UNK)(UNK)
(UNK)(UNK)(UNK)(UNK)(UNK)(UNK)(UNK)(UNK)(UNK)(UNK)(UNK)(UNK)(UNK)(UNK)(UNK)(UNK)
(UNK)(UNK)(UNK)(UNK)(UNK)(UNK)(UNK)(UNK)(UNK)(UNK)(UNK)(UNK)(UNK)(UNK)(UNK)(UNK)
(UNK)(UNK)(UNK)(UNK)(UNK)(UNK)(UNK)(UNK)(UNK)(UNK)(UNK)(UNK)(UNK)(UNK)(UNK)(UNK)
(UNK)(UNK)(UNK)(UNK)(UNK)(UNK)(UNK)(UNK)(UNK)(UNK)(UNK)(UNK)(UNK)(UNK)(UNK)(UNK)
(UNK)(UNK)(UNK)(UNK)(UNK)(UNK)(UNK)(UNK)(UNK)(UNK)(UNK)(UNK)(UNK)(UNK)(UNK)(UNK)
(UNK)(UNK)(UNK)(UNK)(UNK)(UNK)(UNK)(UNK)(UNK)(UNK)(UNK)(UNK)(UNK)
;
R,r
17 'polypeptide(L)'
;(UNK)(UNK)(UNK)(UNK)(UNK)(UNK)(UNK)(UNK)(UNK)(UNK)(UNK)(UNK)(UNK)(UNK)(UNK)(UNK)
(UNK)(UNK)(UNK)(UNK)(UNK)(UNK)(UNK)(UNK)(UNK)(UNK)(UNK)(UNK)(UNK)(UNK)(UNK)(UNK)
(UNK)(UNK)(UNK)(UNK)(UNK)(UNK)(UNK)(UNK)(UNK)(UNK)(UNK)(UNK)(UNK)(UNK)(UNK)(UNK)
(UNK)(UNK)(UNK)(UNK)(UNK)(UNK)(UNK)(UNK)(UNK)(UNK)(UNK)(UNK)(UNK)(UNK)(UNK)(UNK)
(UNK)(UNK)(UNK)(UNK)(UNK)(UNK)(UNK)(UNK)(UNK)(UNK)(UNK)(UNK)(UNK)(UNK)(UNK)(UNK)
(UNK)(UNK)(UNK)(UNK)(UNK)(UNK)(UNK)(UNK)(UNK)(UNK)(UNK)(UNK)(UNK)(UNK)(UNK)(UNK)
(UNK)(UNK)(UNK)(UNK)(UNK)(UNK)(UNK)(UNK)(UNK)(UNK)(UNK)(UNK)(UNK)(UNK)(UNK)(UNK)
(UNK)(UNK)(UNK)(UNK)(UNK)(UNK)(UNK)(UNK)(UNK)(UNK)(UNK)(UNK)(UNK)(UNK)(UNK)(UNK)
(UNK)(UNK)(UNK)(UNK)(UNK)(UNK)(UNK)(UNK)(UNK)(UNK)(UNK)(UNK)(UNK)(UNK)(UNK)(UNK)
(UNK)
;
S,s
18 'polypeptide(L)'
;SLLRQCPLLLPQNREGTAYEGFVSAQGRDFHIRILLPTDSQLKNARIECSWHLKKILHGYQHILKQRLHSCPDLVSFVVE
LKTILEIALKA
;
Q,q
#
# COMPACT_ATOMS: atom_id res chain seq x y z
N UNK A 1 3.45 25.75 12.90
CA UNK A 1 4.58 24.90 13.26
C UNK A 1 5.08 24.14 12.04
N UNK A 2 5.32 24.86 10.95
CA UNK A 2 5.81 24.25 9.72
C UNK A 2 7.27 23.86 9.89
N UNK A 3 7.55 22.56 9.90
CA UNK A 3 8.91 22.05 10.06
C UNK A 3 9.58 22.05 8.68
N UNK A 4 10.41 23.05 8.43
CA UNK A 4 11.12 23.17 7.17
C UNK A 4 12.53 23.68 7.43
N UNK A 5 13.38 23.55 6.41
CA UNK A 5 14.77 23.98 6.52
C UNK A 5 15.24 24.43 5.15
N UNK A 6 16.14 25.42 5.14
CA UNK A 6 16.68 25.94 3.90
C UNK A 6 17.80 25.04 3.39
N UNK A 7 18.41 25.44 2.26
CA UNK A 7 19.50 24.68 1.64
C UNK A 7 20.66 25.66 1.44
N UNK A 8 21.56 25.70 2.42
CA UNK A 8 22.72 26.58 2.33
C UNK A 8 23.64 26.21 1.18
N UNK A 9 23.60 24.96 0.72
CA UNK A 9 24.47 24.54 -0.37
C UNK A 9 24.18 25.28 -1.67
N UNK A 10 23.02 25.94 -1.77
CA UNK A 10 22.57 26.70 -2.93
C UNK A 10 22.09 25.81 -4.08
N UNK A 11 22.06 24.50 -3.90
CA UNK A 11 21.63 23.56 -4.94
C UNK A 11 20.47 22.75 -4.37
N UNK A 12 19.24 23.29 -4.52
CA UNK A 12 18.07 22.59 -4.00
C UNK A 12 17.85 21.26 -4.72
N UNK A 13 18.32 21.13 -5.95
CA UNK A 13 18.14 19.90 -6.70
C UNK A 13 18.72 18.70 -5.94
N UNK A 14 19.96 18.82 -5.49
CA UNK A 14 20.60 17.73 -4.76
C UNK A 14 19.77 17.31 -3.56
N UNK A 15 19.41 18.26 -2.70
CA UNK A 15 18.59 17.95 -1.54
C UNK A 15 17.13 17.80 -1.89
N UNK A 16 16.65 18.49 -2.93
CA UNK A 16 15.25 18.37 -3.32
C UNK A 16 14.91 16.95 -3.72
N UNK A 17 15.74 16.33 -4.56
CA UNK A 17 15.48 14.97 -5.00
C UNK A 17 15.59 13.97 -3.86
N UNK A 18 16.51 14.23 -2.90
CA UNK A 18 16.69 13.32 -1.78
C UNK A 18 15.61 13.47 -0.72
N UNK A 19 14.93 14.61 -0.66
CA UNK A 19 13.89 14.84 0.33
C UNK A 19 12.47 14.74 -0.22
N UNK A 20 12.29 14.72 -1.54
CA UNK A 20 10.95 14.59 -2.09
C UNK A 20 10.37 13.21 -1.79
N UNK A 21 11.13 12.15 -2.06
CA UNK A 21 10.65 10.80 -1.80
C UNK A 21 10.39 10.58 -0.31
N UNK A 22 11.26 11.12 0.54
CA UNK A 22 11.06 10.98 1.98
C UNK A 22 9.78 11.69 2.42
N UNK A 23 9.61 12.94 2.01
CA UNK A 23 8.40 13.67 2.36
C UNK A 23 7.15 12.95 1.85
N UNK A 24 7.23 12.37 0.65
CA UNK A 24 6.08 11.66 0.10
C UNK A 24 5.75 10.42 0.91
N UNK A 25 6.76 9.60 1.22
CA UNK A 25 6.59 8.38 1.97
C UNK A 25 6.63 8.59 3.49
N UNK A 26 6.47 9.84 3.94
CA UNK A 26 6.46 10.14 5.37
C UNK A 26 5.54 9.19 6.13
N UNK A 27 4.24 9.20 5.79
CA UNK A 27 3.32 8.21 6.34
C UNK A 27 2.73 7.30 5.26
N UNK A 28 2.04 7.86 4.28
CA UNK A 28 1.60 7.07 3.13
C UNK A 28 1.87 7.74 1.80
N UNK A 29 1.66 9.06 1.69
CA UNK A 29 1.83 9.77 0.44
C UNK A 29 1.67 11.27 0.65
N UNK A 30 1.72 12.04 -0.44
CA UNK A 30 1.45 13.48 -0.40
C UNK A 30 2.41 14.21 0.56
N UNK A 31 3.69 14.17 0.21
CA UNK A 31 4.70 14.85 1.01
C UNK A 31 4.31 16.30 1.29
N UNK A 32 3.80 17.00 0.27
CA UNK A 32 3.37 18.39 0.41
C UNK A 32 4.50 19.28 0.91
N UNK A 33 5.54 19.39 0.08
CA UNK A 33 6.70 20.20 0.43
C UNK A 33 6.30 21.68 0.49
N UNK A 34 7.27 22.52 0.89
CA UNK A 34 7.01 23.95 1.00
C UNK A 34 6.80 24.58 -0.38
N UNK A 35 7.54 24.11 -1.38
CA UNK A 35 7.40 24.66 -2.73
C UNK A 35 5.99 24.49 -3.25
N UNK A 36 5.53 23.24 -3.34
CA UNK A 36 4.18 22.94 -3.82
C UNK A 36 3.70 21.66 -3.13
N UNK A 37 2.61 21.10 -3.64
CA UNK A 37 2.04 19.88 -3.09
C UNK A 37 2.48 18.66 -3.90
N UNK A 38 2.10 17.49 -3.40
CA UNK A 38 2.45 16.22 -4.03
C UNK A 38 1.25 15.29 -3.94
N UNK A 39 1.46 14.03 -4.30
CA UNK A 39 0.42 13.01 -4.26
C UNK A 39 1.08 11.65 -4.28
N UNK A 40 0.25 10.61 -4.34
CA UNK A 40 0.73 9.23 -4.38
C UNK A 40 0.66 8.67 -5.79
N UNK A 41 1.20 7.47 -5.96
CA UNK A 41 1.22 6.80 -7.26
C UNK A 41 2.31 7.36 -8.16
N UNK A 42 6.09 7.45 -11.86
CA UNK A 42 6.11 8.79 -11.30
C UNK A 42 5.01 9.65 -11.90
N UNK A 43 5.15 9.97 -13.18
CA UNK A 43 4.17 10.80 -13.89
C UNK A 43 4.16 12.24 -13.40
N UNK A 44 5.34 12.75 -13.02
CA UNK A 44 5.46 14.11 -12.51
C UNK A 44 6.84 14.62 -12.91
N UNK A 45 6.89 15.50 -13.91
CA UNK A 45 8.16 16.04 -14.37
C UNK A 45 8.74 17.00 -13.35
N UNK A 46 10.05 16.94 -13.17
CA UNK A 46 10.71 17.81 -12.21
C UNK A 46 10.49 19.27 -12.57
N UNK A 47 10.34 20.11 -11.55
CA UNK A 47 10.13 21.54 -11.72
C UNK A 47 11.43 22.32 -11.87
N UNK A 48 12.53 21.65 -12.20
CA UNK A 48 13.86 22.22 -12.35
C UNK A 48 14.55 22.52 -11.03
N UNK A 49 13.89 22.30 -9.90
CA UNK A 49 14.46 22.55 -8.58
C UNK A 49 15.01 23.98 -8.46
N UNK A 50 14.10 24.94 -8.61
CA UNK A 50 14.47 26.35 -8.50
C UNK A 50 15.14 26.62 -7.16
N UNK A 51 14.44 26.32 -6.06
CA UNK A 51 14.91 26.48 -4.70
C UNK A 51 15.03 27.94 -4.25
N UNK A 52 14.72 28.90 -5.11
CA UNK A 52 14.82 30.32 -4.78
C UNK A 52 16.23 30.70 -4.32
N UNK A 53 17.18 30.54 -5.24
CA UNK A 53 18.58 30.82 -4.96
C UNK A 53 18.76 32.24 -4.45
N UNK A 54 19.88 32.51 -3.79
CA UNK A 54 20.22 33.80 -3.20
C UNK A 54 19.46 34.09 -1.92
N UNK A 55 18.77 33.10 -1.34
CA UNK A 55 18.01 33.28 -0.12
C UNK A 55 18.00 31.96 0.64
N UNK A 56 17.10 31.85 1.62
CA UNK A 56 16.98 30.64 2.42
C UNK A 56 15.52 30.49 2.81
N UNK A 57 14.87 29.45 2.29
CA UNK A 57 13.46 29.18 2.56
C UNK A 57 13.28 27.68 2.73
N UNK A 58 12.63 27.27 3.81
CA UNK A 58 12.37 25.88 4.10
C UNK A 58 10.90 25.69 4.40
N UNK A 59 10.31 24.63 3.85
CA UNK A 59 8.90 24.34 4.04
C UNK A 59 8.71 22.92 4.56
N UNK A 60 3.25 20.87 4.23
CA UNK A 60 4.40 20.74 5.13
C UNK A 60 4.34 19.43 5.91
N UNK A 61 3.21 18.73 5.79
CA UNK A 61 3.03 17.45 6.47
C UNK A 61 1.73 16.84 5.99
N UNK A 62 1.65 15.52 6.08
CA UNK A 62 0.47 14.78 5.68
C UNK A 62 0.46 13.44 6.42
N UNK A 63 -0.43 12.54 5.99
CA UNK A 63 -0.54 11.23 6.61
C UNK A 63 0.43 10.23 5.97
N UNK A 64 -7.11 14.76 7.04
CA UNK A 64 -5.95 13.97 7.46
C UNK A 64 -5.14 13.50 6.25
N UNK A 65 -4.40 12.42 6.42
CA UNK A 65 -3.60 11.88 5.33
C UNK A 65 -4.46 11.47 4.15
N UNK A 66 -5.37 10.51 4.39
CA UNK A 66 -6.24 10.05 3.31
C UNK A 66 -7.20 11.14 2.85
N UNK A 67 -7.55 12.07 3.73
CA UNK A 67 -8.45 13.15 3.36
C UNK A 67 -7.88 13.98 2.21
N UNK A 68 -6.57 14.16 2.17
CA UNK A 68 -5.95 14.92 1.08
C UNK A 68 -6.28 14.30 -0.26
N UNK A 69 -5.96 13.02 -0.44
CA UNK A 69 -6.26 12.34 -1.70
C UNK A 69 -7.75 12.26 -1.95
N UNK A 70 -8.55 12.11 -0.89
CA UNK A 70 -10.00 12.02 -1.07
C UNK A 70 -10.57 13.30 -1.63
N UNK A 71 -10.12 14.46 -1.12
CA UNK A 71 -10.60 15.74 -1.63
C UNK A 71 -10.26 15.92 -3.10
N UNK A 72 -9.10 15.41 -3.53
CA UNK A 72 -8.73 15.51 -4.94
C UNK A 72 -9.74 14.81 -5.82
N UNK A 73 -10.02 13.53 -5.52
CA UNK A 73 -11.00 12.78 -6.30
C UNK A 73 -12.40 13.37 -6.17
N UNK A 74 -12.72 13.98 -5.03
CA UNK A 74 -14.03 14.61 -4.88
C UNK A 74 -14.17 15.81 -5.80
N UNK A 75 -13.18 16.70 -5.78
CA UNK A 75 -13.22 17.87 -6.65
C UNK A 75 -13.22 17.45 -8.11
N UNK A 76 -12.24 16.64 -8.52
CA UNK A 76 -12.13 16.18 -9.89
C UNK A 76 -12.96 14.91 -10.11
N UNK B 1 -15.23 19.34 3.46
CA UNK B 1 -15.86 19.73 4.71
C UNK B 1 -15.50 18.75 5.83
N UNK B 2 -16.11 17.57 5.79
CA UNK B 2 -15.88 16.53 6.78
C UNK B 2 -14.84 15.54 6.26
N UNK B 3 -14.61 14.48 7.02
CA UNK B 3 -13.65 13.45 6.65
C UNK B 3 -13.85 12.27 7.59
N UNK B 4 -13.08 11.20 7.36
CA UNK B 4 -13.16 9.99 8.16
C UNK B 4 -12.03 9.06 7.76
N UNK B 5 -11.71 8.13 8.65
CA UNK B 5 -10.64 7.18 8.41
C UNK B 5 -10.96 5.89 9.15
N UNK B 6 -11.02 4.78 8.42
CA UNK B 6 -11.32 3.48 9.00
C UNK B 6 -11.07 2.42 7.95
N UNK B 7 -10.64 1.24 8.41
CA UNK B 7 -10.35 0.13 7.51
C UNK B 7 -11.08 -1.14 7.88
N UNK B 8 -11.29 -1.41 9.18
CA UNK B 8 -11.96 -2.62 9.63
C UNK B 8 -13.30 -2.37 10.31
N UNK B 9 -13.53 -1.17 10.83
CA UNK B 9 -14.79 -0.88 11.50
C UNK B 9 -15.97 -1.15 10.56
N UNK B 10 -15.97 -0.54 9.38
CA UNK B 10 -17.06 -0.73 8.43
C UNK B 10 -17.21 -2.21 8.06
N UNK B 11 -16.10 -2.85 7.68
CA UNK B 11 -16.17 -4.25 7.28
C UNK B 11 -16.73 -5.13 8.39
N UNK B 12 -16.50 -4.76 9.65
CA UNK B 12 -17.00 -5.56 10.77
C UNK B 12 -18.51 -5.54 10.89
N UNK B 13 -19.21 -4.72 10.11
CA UNK B 13 -20.66 -4.64 10.14
C UNK B 13 -21.34 -5.66 9.23
N UNK B 14 -20.57 -6.58 8.65
CA UNK B 14 -21.12 -7.60 7.76
C UNK B 14 -21.97 -6.96 6.64
N UNK B 15 -21.36 -6.04 5.92
CA UNK B 15 -22.01 -5.31 4.83
C UNK B 15 -23.04 -4.31 5.31
N UNK B 16 -22.94 -3.86 6.56
CA UNK B 16 -23.90 -2.90 7.09
C UNK B 16 -23.70 -1.54 6.43
N UNK B 17 -24.54 -0.58 6.82
CA UNK B 17 -24.46 0.77 6.28
C UNK B 17 -25.06 1.71 7.32
N UNK B 18 -24.22 2.56 7.91
CA UNK B 18 -24.64 3.51 8.92
C UNK B 18 -24.63 4.92 8.34
N UNK B 19 -25.09 5.88 9.15
CA UNK B 19 -25.14 7.28 8.75
C UNK B 19 -24.22 8.10 9.64
N UNK B 20 -23.80 9.26 9.12
CA UNK B 20 -22.92 10.16 9.83
C UNK B 20 -23.73 11.26 10.53
N UNK B 21 -23.02 12.17 11.19
CA UNK B 21 -23.66 13.27 11.90
C UNK B 21 -22.65 14.40 12.01
N UNK B 22 -22.87 15.48 11.26
CA UNK B 22 -21.98 16.64 11.26
C UNK B 22 -22.27 17.55 12.45
N UNK B 23 -22.19 16.95 13.64
CA UNK B 23 -22.44 17.68 14.89
C UNK B 23 -21.24 18.57 15.18
N UNK B 24 -21.34 19.84 14.80
CA UNK B 24 -20.28 20.81 15.02
C UNK B 24 -20.90 22.13 15.47
N UNK B 25 -20.08 23.17 15.52
CA UNK B 25 -20.55 24.49 15.93
C UNK B 25 -19.53 25.18 16.84
N UNK C 1 -15.48 25.04 14.15
CA UNK C 1 -15.14 23.92 13.28
C UNK C 1 -15.83 22.65 13.72
N UNK C 2 -16.36 21.90 12.75
CA UNK C 2 -17.05 20.65 13.01
C UNK C 2 -16.51 19.56 12.09
N UNK C 3 -16.49 18.33 12.60
CA UNK C 3 -16.01 17.18 11.86
C UNK C 3 -17.14 16.16 11.69
N UNK C 4 -17.00 15.32 10.66
CA UNK C 4 -18.00 14.31 10.39
C UNK C 4 -17.97 13.23 11.48
N UNK C 5 -18.89 12.27 11.36
CA UNK C 5 -18.99 11.18 12.31
C UNK C 5 -19.51 9.94 11.57
N UNK C 6 -19.91 8.93 12.34
CA UNK C 6 -20.44 7.70 11.75
C UNK C 6 -21.18 6.94 12.85
N UNK C 7 -22.42 6.55 12.56
CA UNK C 7 -23.25 5.80 13.50
C UNK C 7 -23.51 4.42 12.90
N UNK C 8 -22.90 3.39 13.49
CA UNK C 8 -23.07 2.02 13.02
C UNK C 8 -24.16 1.33 13.82
N UNK C 9 -25.39 1.77 13.57
CA UNK C 9 -26.56 1.21 14.25
C UNK C 9 -26.76 -0.23 13.80
N UNK C 10 -26.49 -1.18 14.69
CA UNK C 10 -26.65 -2.58 14.36
C UNK C 10 -28.13 -2.95 14.30
N UNK C 11 -28.45 -3.89 13.40
CA UNK C 11 -29.83 -4.34 13.24
C UNK C 11 -29.96 -5.84 13.10
N UNK C 12 -28.90 -6.61 13.34
CA UNK C 12 -28.93 -8.06 13.22
C UNK C 12 -28.24 -8.71 14.41
N UNK C 13 -28.46 -8.17 15.60
CA UNK C 13 -27.86 -8.68 16.83
C UNK C 13 -26.33 -8.73 16.72
N UNK C 14 -25.75 -7.55 16.52
CA UNK C 14 -24.31 -7.40 16.39
C UNK C 14 -23.75 -6.67 17.61
N UNK C 15 -22.45 -6.41 17.58
CA UNK C 15 -21.75 -5.73 18.66
C UNK C 15 -21.60 -4.23 18.42
N UNK C 16 -21.26 -3.82 17.20
CA UNK C 16 -21.09 -2.40 16.87
C UNK C 16 -20.03 -1.74 17.76
N UNK C 17 -18.81 -2.26 17.65
CA UNK C 17 -17.70 -1.74 18.43
C UNK C 17 -17.47 -0.26 18.10
N UNK C 18 -16.84 0.44 19.03
CA UNK C 18 -16.54 1.85 18.86
C UNK C 18 -15.38 2.01 17.89
N UNK C 19 -15.71 2.21 16.61
CA UNK C 19 -14.71 2.38 15.56
C UNK C 19 -15.09 3.62 14.75
N UNK C 20 -14.36 4.71 14.96
CA UNK C 20 -14.62 5.97 14.27
C UNK C 20 -13.30 6.66 13.96
N UNK C 21 -13.34 7.58 13.00
CA UNK C 21 -12.19 8.34 12.57
C UNK C 21 -12.48 9.83 12.68
N UNK C 22 -11.50 10.65 12.28
CA UNK C 22 -11.62 12.09 12.32
C UNK C 22 -11.55 12.65 10.89
N UNK C 23 -12.17 13.81 10.70
CA UNK C 23 -12.20 14.47 9.40
C UNK C 23 -11.67 15.89 9.55
N UNK C 24 -11.02 16.36 8.50
CA UNK C 24 -10.46 17.70 8.46
C UNK C 24 -11.22 18.56 7.46
N UNK C 25 -11.38 19.84 7.79
CA UNK C 25 -12.08 20.80 6.92
C UNK C 25 -11.16 21.21 5.79
N UNK C 26 -11.05 20.33 4.79
CA UNK C 26 -10.20 20.56 3.64
C UNK C 26 -10.91 21.53 2.70
N UNK C 27 -10.36 22.73 2.56
CA UNK C 27 -10.92 23.77 1.69
C UNK C 27 -10.01 23.90 0.47
N UNK C 28 -10.45 23.34 -0.65
CA UNK C 28 -9.67 23.40 -1.88
C UNK C 28 -9.59 24.84 -2.39
N UNK C 29 -8.80 25.02 -3.44
CA UNK C 29 -8.61 26.33 -4.05
C UNK C 29 -9.89 26.71 -4.81
N UNK C 30 -10.71 27.56 -4.20
CA UNK C 30 -11.96 27.99 -4.81
C UNK C 30 -13.09 27.02 -4.49
N UNK D 1 -22.98 24.98 21.03
CA UNK D 1 -22.90 23.53 20.90
C UNK D 1 -24.12 22.99 20.14
N UNK D 2 -24.24 23.37 18.88
CA UNK D 2 -25.35 22.91 18.05
C UNK D 2 -25.07 21.51 17.52
N UNK D 3 -25.90 21.05 16.59
CA UNK D 3 -25.74 19.72 16.00
C UNK D 3 -26.27 19.77 14.57
N UNK D 4 -26.44 18.59 13.98
CA UNK D 4 -26.94 18.47 12.60
C UNK D 4 -27.13 17.00 12.31
N UNK D 5 -27.71 16.72 11.14
CA UNK D 5 -27.97 15.35 10.71
C UNK D 5 -27.70 15.26 9.21
N UNK D 6 -27.81 14.05 8.66
CA UNK D 6 -27.59 13.79 7.25
C UNK D 6 -28.12 12.39 6.95
N UNK D 7 -27.89 11.93 5.72
CA UNK D 7 -28.34 10.61 5.30
C UNK D 7 -27.39 9.54 5.85
N UNK D 8 -27.59 8.30 5.41
CA UNK D 8 -26.77 7.19 5.85
C UNK D 8 -25.97 6.63 4.67
N UNK D 9 -24.80 6.07 4.98
CA UNK D 9 -23.93 5.51 3.96
C UNK D 9 -24.28 4.03 3.75
N UNK D 10 -23.46 3.34 2.96
CA UNK D 10 -23.69 1.92 2.67
C UNK D 10 -22.34 1.29 2.35
N UNK D 11 -21.97 0.26 3.10
CA UNK D 11 -20.71 -0.44 2.91
C UNK D 11 -21.00 -1.88 2.52
N UNK D 12 -20.41 -2.32 1.42
CA UNK D 12 -20.58 -3.68 0.91
C UNK D 12 -19.50 -3.92 -0.14
N UNK D 13 -19.59 -5.05 -0.83
CA UNK D 13 -18.61 -5.40 -1.86
C UNK D 13 -18.78 -4.46 -3.05
N UNK D 14 -17.85 -3.53 -3.20
CA UNK D 14 -17.92 -2.57 -4.30
C UNK D 14 -17.43 -3.20 -5.61
N UNK D 15 -16.18 -3.65 -5.63
CA UNK D 15 -15.54 -4.27 -6.78
C UNK D 15 -15.22 -3.30 -7.90
N UNK D 16 -15.56 -2.02 -7.75
CA UNK D 16 -15.27 -1.04 -8.80
C UNK D 16 -15.41 0.39 -8.25
N UNK D 17 -14.42 1.22 -8.51
CA UNK D 17 -14.44 2.61 -8.03
C UNK D 17 -13.52 3.49 -8.88
N UNK D 18 -12.68 7.08 -5.47
CA UNK D 18 -11.32 6.74 -5.11
C UNK D 18 -10.52 6.29 -6.34
N UNK D 19 -11.16 5.50 -7.19
CA UNK D 19 -10.52 5.00 -8.40
C UNK D 19 -10.57 6.08 -9.49
N UNK D 20 -10.18 5.70 -10.71
CA UNK D 20 -10.18 6.63 -11.84
C UNK D 20 -9.17 7.76 -11.64
N UNK D 21 -7.96 7.39 -11.21
CA UNK D 21 -6.92 8.38 -10.99
C UNK D 21 -6.48 9.00 -12.31
N UNK D 22 -5.60 10.00 -12.21
CA UNK D 22 -5.07 10.71 -13.37
C UNK D 22 -6.20 11.37 -14.18
N UNK D 23 -6.92 12.25 -13.50
CA UNK D 23 -8.03 12.97 -14.11
C UNK D 23 -7.88 14.48 -13.91
N UNK E 1 -8.02 19.02 24.28
CA UNK E 1 -9.16 19.78 23.78
C UNK E 1 -10.34 19.67 24.73
N UNK E 2 -11.55 19.61 24.16
CA UNK E 2 -12.78 19.50 24.92
C UNK E 2 -13.61 18.34 24.40
N UNK E 3 -14.27 17.64 25.32
CA UNK E 3 -15.10 16.50 24.95
C UNK E 3 -16.46 16.98 24.45
N UNK E 4 -17.37 16.04 24.21
CA UNK E 4 -18.70 16.36 23.72
C UNK E 4 -19.64 15.23 24.13
N UNK E 5 -20.85 15.24 23.57
CA UNK E 5 -21.84 14.23 23.87
C UNK E 5 -23.00 14.36 22.88
N UNK E 6 -23.62 13.24 22.56
CA UNK E 6 -24.74 13.20 21.63
C UNK E 6 -25.38 11.82 21.72
N UNK E 7 -26.38 11.59 20.88
CA UNK E 7 -27.08 10.31 20.85
C UNK E 7 -27.66 10.10 19.45
N UNK E 8 -28.00 8.84 19.17
CA UNK E 8 -28.57 8.45 17.88
C UNK E 8 -29.74 7.50 18.16
N UNK E 9 -30.95 8.06 18.25
CA UNK E 9 -32.14 7.26 18.51
C UNK E 9 -32.19 6.83 19.97
N UNK F 1 -33.34 9.33 13.96
CA UNK F 1 -32.59 10.57 14.17
C UNK F 1 -32.71 11.04 15.62
N UNK F 2 -33.11 12.30 15.79
CA UNK F 2 -33.28 12.90 17.11
C UNK F 2 -31.97 12.85 17.91
N UNK F 3 -30.95 13.51 17.36
CA UNK F 3 -29.64 13.56 17.99
C UNK F 3 -29.71 14.47 19.21
N UNK F 4 -29.81 13.88 20.39
CA UNK F 4 -29.89 14.67 21.62
C UNK F 4 -28.54 15.32 21.91
N UNK F 5 -28.59 16.59 22.35
CA UNK F 5 -27.38 17.34 22.68
C UNK F 5 -27.04 17.08 24.13
N UNK F 6 -26.12 16.15 24.37
CA UNK F 6 -25.71 15.80 25.72
C UNK F 6 -24.78 16.89 26.28
N UNK F 7 -24.29 16.64 27.50
CA UNK F 7 -23.40 17.60 28.14
C UNK F 7 -22.09 17.72 27.34
N UNK F 8 -21.31 18.75 27.69
CA UNK F 8 -20.03 19.00 27.02
C UNK F 8 -19.12 19.68 28.03
N UNK F 9 -18.18 18.92 28.58
CA UNK F 9 -17.23 19.41 29.56
C UNK F 9 -15.88 19.57 28.85
N UNK F 10 -15.53 20.81 28.53
CA UNK F 10 -14.27 21.10 27.83
C UNK F 10 -13.10 20.82 28.77
N UNK F 11 -12.35 19.77 28.47
CA UNK F 11 -11.20 19.39 29.29
C UNK F 11 -10.00 20.24 28.90
N UNK F 12 -8.82 19.89 29.42
CA UNK F 12 -7.61 20.63 29.10
C UNK F 12 -7.34 20.59 27.60
N UNK F 13 -6.84 21.71 27.07
CA UNK F 13 -6.54 21.85 25.65
C UNK F 13 -5.08 22.31 25.53
N UNK F 14 -4.17 21.34 25.46
CA UNK F 14 -2.75 21.65 25.35
C UNK F 14 -2.05 20.44 24.77
N UNK F 15 -1.36 20.61 23.64
CA UNK F 15 -0.66 19.51 22.99
C UNK F 15 -1.43 19.00 21.78
N UNK G 1 -26.06 20.62 4.68
CA UNK G 1 -25.42 19.76 3.70
C UNK G 1 -25.76 20.17 2.29
N UNK G 2 -24.85 19.94 1.35
CA UNK G 2 -25.06 20.28 -0.04
C UNK G 2 -24.89 19.10 -0.99
N UNK G 3 -23.96 18.20 -0.70
CA UNK G 3 -23.73 17.03 -1.54
C UNK G 3 -22.86 16.05 -0.78
N UNK G 4 -23.21 14.77 -0.85
CA UNK G 4 -22.48 13.70 -0.17
C UNK G 4 -21.89 12.79 -1.25
N UNK G 5 -20.67 13.10 -1.68
CA UNK G 5 -19.96 12.32 -2.69
C UNK G 5 -18.68 11.79 -2.05
N UNK G 6 -18.60 10.47 -1.91
CA UNK G 6 -17.44 9.82 -1.30
C UNK G 6 -17.04 8.64 -2.17
N UNK G 7 -15.85 8.73 -2.77
CA UNK G 7 -15.33 7.66 -3.61
C UNK G 7 -14.78 6.54 -2.73
N UNK G 8 -14.28 5.48 -3.37
CA UNK G 8 -13.71 4.32 -2.68
C UNK G 8 -12.30 4.09 -3.21
N UNK G 9 -11.32 4.76 -2.60
CA UNK G 9 -9.93 4.58 -2.97
C UNK G 9 -8.99 4.61 -1.77
N UNK G 10 -9.52 4.60 -0.55
CA UNK G 10 -8.70 4.67 0.66
C UNK G 10 -9.52 4.08 1.81
N UNK G 11 -9.06 4.31 3.04
CA UNK G 11 -9.77 3.84 4.22
C UNK G 11 -11.25 4.20 4.12
N UNK G 12 -12.10 3.33 4.68
CA UNK G 12 -13.54 3.52 4.61
C UNK G 12 -14.00 4.62 5.55
N UNK G 13 -13.61 5.87 5.25
CA UNK G 13 -14.04 7.01 6.05
C UNK G 13 -15.38 7.55 5.55
N UNK G 14 -15.98 8.41 6.37
CA UNK G 14 -17.27 9.01 6.04
C UNK G 14 -17.15 10.52 6.16
N UNK G 15 -17.64 11.23 5.13
CA UNK G 15 -17.59 12.68 5.11
C UNK G 15 -18.36 13.17 3.89
N UNK G 16 -18.84 14.39 3.97
CA UNK G 16 -19.60 15.00 2.89
C UNK G 16 -19.50 16.52 2.93
N UNK G 17 -20.91 22.59 4.68
CA UNK G 17 -21.53 22.81 3.38
C UNK G 17 -20.68 22.21 2.27
N UNK G 18 -20.19 20.99 2.49
CA UNK G 18 -19.35 20.32 1.51
C UNK G 18 -20.20 19.63 0.45
N UNK G 19 -22.35 27.12 1.98
CA UNK G 19 -22.16 28.55 1.81
C UNK G 19 -22.39 29.30 3.11
N UNK G 20 -23.60 29.86 3.26
CA UNK G 20 -23.93 30.60 4.48
C UNK G 20 -23.87 29.70 5.70
N UNK G 21 -24.37 28.46 5.57
CA UNK G 21 -24.34 27.55 6.71
C UNK G 21 -22.92 27.22 7.11
N UNK G 22 -22.08 26.80 6.15
CA UNK G 22 -20.70 26.49 6.46
C UNK G 22 -19.95 27.70 7.01
N UNK G 23 -20.24 28.88 6.48
CA UNK G 23 -19.60 30.11 6.93
C UNK G 23 -20.11 30.60 8.27
N UNK G 24 -20.99 29.85 8.93
CA UNK G 24 -21.51 30.27 10.23
C UNK G 24 -20.39 30.39 11.25
N UNK G 25 -19.71 29.28 11.53
CA UNK G 25 -18.61 29.17 12.47
C UNK G 25 -19.05 29.18 13.93
N UNK G 26 -20.34 29.35 14.21
CA UNK G 26 -20.82 29.37 15.58
C UNK G 26 -22.07 28.51 15.73
N UNK H 1 -26.29 -15.50 7.05
CA UNK H 1 -25.53 -16.33 8.00
C UNK H 1 -24.03 -16.11 7.84
N UNK H 2 -23.58 -16.02 6.59
CA UNK H 2 -22.16 -15.80 6.34
C UNK H 2 -21.68 -14.48 6.93
N UNK H 3 -22.54 -13.46 6.90
CA UNK H 3 -22.16 -12.16 7.47
C UNK H 3 -21.88 -12.28 8.96
N UNK H 4 -22.62 -13.12 9.66
CA UNK H 4 -22.39 -13.31 11.09
C UNK H 4 -20.97 -13.84 11.35
N UNK H 5 -20.60 -14.93 10.68
CA UNK H 5 -19.27 -15.49 10.86
C UNK H 5 -18.19 -14.51 10.40
N UNK H 6 -18.48 -13.75 9.34
CA UNK H 6 -17.51 -12.76 8.87
C UNK H 6 -17.25 -11.71 9.94
N UNK H 7 -18.31 -11.12 10.50
CA UNK H 7 -18.14 -10.11 11.53
C UNK H 7 -17.56 -10.69 12.81
N UNK H 8 -17.77 -11.99 13.05
CA UNK H 8 -17.22 -12.61 14.25
C UNK H 8 -15.72 -12.83 14.12
N UNK H 9 -15.29 -13.44 13.02
CA UNK H 9 -13.87 -13.70 12.81
C UNK H 9 -13.07 -12.40 12.78
N UNK H 10 -13.39 -11.53 11.81
CA UNK H 10 -12.70 -10.25 11.67
C UNK H 10 -13.20 -9.18 12.63
N UNK H 11 -13.98 -9.56 13.64
CA UNK H 11 -14.52 -8.62 14.61
C UNK H 11 -13.94 -8.94 15.99
N UNK H 12 -14.42 -8.21 16.99
CA UNK H 12 -13.97 -8.38 18.37
C UNK H 12 -15.07 -8.85 19.30
N UNK H 13 -16.30 -8.35 19.13
CA UNK H 13 -17.44 -8.73 19.98
C UNK H 13 -17.15 -8.43 21.45
N UNK H 14 -16.94 -7.15 21.73
CA UNK H 14 -16.68 -6.72 23.09
C UNK H 14 -17.87 -7.02 23.98
N UNK H 15 -17.59 -7.40 25.23
CA UNK H 15 -18.64 -7.74 26.19
C UNK H 15 -19.03 -6.53 27.04
N UNK H 16 -18.05 -5.93 27.73
CA UNK H 16 -18.30 -4.76 28.57
C UNK H 16 -17.58 -3.51 28.07
N UNK H 17 -16.27 -3.61 27.80
CA UNK H 17 -15.51 -2.46 27.32
C UNK H 17 -15.15 -1.53 28.47
N UNK I 1 -19.28 46.70 37.34
CA UNK I 1 -19.74 46.83 35.96
C UNK I 1 -18.61 46.56 34.99
N UNK I 2 -17.46 46.11 35.52
CA UNK I 2 -16.29 45.80 34.72
C UNK I 2 -16.29 44.39 34.16
N UNK I 3 -17.46 43.72 34.15
CA UNK I 3 -17.52 42.37 33.62
C UNK I 3 -17.19 42.35 32.12
N UNK I 4 -17.68 43.33 31.38
CA UNK I 4 -17.38 43.40 29.95
C UNK I 4 -15.89 43.58 29.72
N UNK I 5 -15.24 44.48 30.47
CA UNK I 5 -13.81 44.68 30.31
C UNK I 5 -13.03 43.43 30.69
N UNK I 6 -13.45 42.74 31.76
CA UNK I 6 -12.78 41.50 32.15
C UNK I 6 -12.91 40.44 31.06
N UNK I 7 -14.10 40.29 30.50
CA UNK I 7 -14.29 39.31 29.44
C UNK I 7 -13.46 39.66 28.20
N UNK I 8 -13.41 40.95 27.84
CA UNK I 8 -12.61 41.36 26.70
C UNK I 8 -11.13 41.08 26.94
N UNK I 9 -10.64 41.37 28.15
CA UNK I 9 -9.23 41.10 28.46
C UNK I 9 -8.94 39.61 28.41
N UNK I 10 -9.85 38.79 28.96
CA UNK I 10 -9.65 37.34 28.92
C UNK I 10 -9.63 36.82 27.49
N UNK I 11 -10.55 37.32 26.64
CA UNK I 11 -10.56 36.90 25.25
C UNK I 11 -9.29 37.31 24.53
N UNK I 12 -8.81 38.55 24.77
CA UNK I 12 -7.58 38.99 24.15
C UNK I 12 -6.39 38.15 24.59
N UNK I 13 -6.34 37.81 25.88
CA UNK I 13 -5.24 36.98 26.38
C UNK I 13 -5.29 35.59 25.77
N UNK I 14 -6.48 35.00 25.67
CA UNK I 14 -6.61 33.68 25.06
C UNK I 14 -6.19 33.72 23.59
N UNK I 15 -6.58 34.78 22.87
CA UNK I 15 -6.20 34.91 21.47
C UNK I 15 -4.70 35.03 21.33
N UNK I 16 -4.07 35.87 22.17
CA UNK I 16 -2.62 36.02 22.12
C UNK I 16 -1.92 34.71 22.42
N UNK I 17 -2.42 33.95 23.40
CA UNK I 17 -1.81 32.68 23.74
C UNK I 17 -1.93 31.69 22.60
N UNK I 18 -3.12 31.59 21.99
CA UNK I 18 -3.32 30.65 20.89
C UNK I 18 -2.59 31.07 19.62
N UNK I 19 -2.28 32.36 19.47
CA UNK I 19 -1.60 32.82 18.26
C UNK I 19 -0.13 32.40 18.28
N UNK I 20 0.54 32.56 19.42
CA UNK I 20 1.96 32.25 19.50
C UNK I 20 2.21 30.76 19.33
N UNK I 21 1.66 29.94 20.22
CA UNK I 21 1.84 28.50 20.18
C UNK I 21 0.81 27.88 21.14
N UNK I 22 0.91 26.57 21.33
CA UNK I 22 0.00 25.87 22.22
C UNK I 22 0.23 26.31 23.67
N UNK I 23 -0.61 25.80 24.57
CA UNK I 23 -0.52 26.14 25.98
C UNK I 23 0.89 25.89 26.51
N UNK I 24 1.52 26.94 27.01
CA UNK I 24 2.87 26.86 27.56
C UNK I 24 2.89 27.59 28.90
N UNK I 25 3.23 26.86 29.96
CA UNK I 25 3.27 27.35 31.33
C UNK I 25 1.90 27.42 31.98
N UNK I 26 0.88 26.83 31.35
CA UNK I 26 -0.49 26.84 31.90
C UNK I 26 -1.06 28.26 32.01
N UNK I 27 -0.56 29.17 31.17
CA UNK I 27 -1.06 30.54 31.21
C UNK I 27 -2.53 30.60 30.80
N UNK I 28 -2.86 30.03 29.63
CA UNK I 28 -4.25 30.01 29.20
C UNK I 28 -5.12 29.21 30.15
N UNK I 29 -4.58 28.13 30.73
CA UNK I 29 -5.32 27.35 31.70
C UNK I 29 -5.71 28.21 32.90
N UNK I 30 -4.74 28.89 33.50
CA UNK I 30 -5.03 29.77 34.64
C UNK I 30 -5.99 30.88 34.25
N UNK I 31 -5.83 31.43 33.04
CA UNK I 31 -6.72 32.50 32.60
C UNK I 31 -8.16 32.02 32.50
N UNK I 32 -8.37 30.82 31.94
CA UNK I 32 -9.71 30.28 31.84
C UNK I 32 -10.32 30.04 33.21
N UNK I 33 -9.54 29.44 34.12
CA UNK I 33 -10.03 29.22 35.48
C UNK I 33 -10.41 30.52 36.15
N UNK I 34 -9.60 31.57 35.97
CA UNK I 34 -9.91 32.86 36.58
C UNK I 34 -11.16 33.48 35.97
N UNK I 35 -11.34 33.33 34.65
CA UNK I 35 -12.51 33.89 33.98
C UNK I 35 -13.77 33.08 34.22
N UNK I 36 -13.68 31.92 34.87
CA UNK I 36 -14.86 31.11 35.12
C UNK I 36 -15.81 31.76 36.11
N UNK I 37 -15.35 32.77 36.85
CA UNK I 37 -16.20 33.45 37.82
C UNK I 37 -17.09 34.49 37.14
N UNK J 1 -6.32 53.94 37.32
CA UNK J 1 -6.82 53.26 36.13
C UNK J 1 -6.45 54.03 34.87
N UNK J 2 -6.61 55.36 34.89
CA UNK J 2 -6.26 56.16 33.72
C UNK J 2 -4.77 56.09 33.42
N UNK J 3 -3.95 56.14 34.46
CA UNK J 3 -2.50 56.05 34.25
C UNK J 3 -2.11 54.70 33.67
N UNK J 4 -2.71 53.62 34.19
CA UNK J 4 -2.41 52.29 33.66
C UNK J 4 -2.85 52.16 32.22
N UNK J 5 -4.03 52.69 31.89
CA UNK J 5 -4.50 52.64 30.50
C UNK J 5 -3.58 53.43 29.58
N UNK J 6 -3.14 54.61 30.02
CA UNK J 6 -2.23 55.40 29.20
C UNK J 6 -0.91 54.67 29.00
N UNK J 7 -0.38 54.05 30.06
CA UNK J 7 0.87 53.31 29.93
C UNK J 7 0.72 52.14 28.98
N UNK J 8 -0.40 51.41 29.08
CA UNK J 8 -0.63 50.29 28.17
C UNK J 8 -0.75 50.76 26.73
N UNK J 9 -1.44 51.87 26.50
CA UNK J 9 -1.57 52.40 25.15
C UNK J 9 -0.22 52.83 24.60
N UNK J 10 0.60 53.48 25.42
CA UNK J 10 1.93 53.89 24.98
C UNK J 10 2.79 52.68 24.65
N UNK J 11 2.73 51.64 25.48
CA UNK J 11 3.50 50.43 25.21
C UNK J 11 3.04 49.77 23.92
N UNK J 12 1.73 49.69 23.70
CA UNK J 12 1.22 49.11 22.47
C UNK J 12 1.68 49.91 21.25
N UNK J 13 1.60 51.25 21.33
CA UNK J 13 2.04 52.07 20.22
C UNK J 13 3.53 51.89 19.94
N UNK J 14 4.34 51.81 20.99
CA UNK J 14 5.78 51.61 20.81
C UNK J 14 6.07 50.26 20.19
N UNK J 15 5.37 49.21 20.63
CA UNK J 15 5.60 47.87 20.10
C UNK J 15 4.95 47.66 18.73
N UNK J 16 4.09 48.57 18.29
CA UNK J 16 3.45 48.44 16.98
C UNK J 16 4.46 48.62 15.86
N UNK J 17 4.03 49.39 14.87
CA UNK J 17 4.85 49.67 13.70
C UNK J 17 4.79 48.52 12.70
N UNK K 1 5.29 30.85 9.84
CA UNK K 1 6.35 31.80 10.17
C UNK K 1 5.81 33.24 10.17
N UNK K 2 5.97 33.93 9.03
CA UNK K 2 5.49 35.30 8.95
C UNK K 2 3.98 35.37 9.15
N UNK K 3 3.25 34.36 8.68
CA UNK K 3 1.80 34.35 8.85
C UNK K 3 1.41 34.35 10.32
N UNK K 4 2.00 33.43 11.10
CA UNK K 4 1.68 33.37 12.52
C UNK K 4 2.13 34.63 13.24
N UNK K 5 3.27 35.20 12.84
CA UNK K 5 3.74 36.43 13.44
C UNK K 5 2.74 37.56 13.22
N UNK K 6 2.28 37.73 11.98
CA UNK K 6 1.30 38.77 11.68
C UNK K 6 -0.01 38.52 12.41
N UNK K 7 -0.42 37.25 12.52
CA UNK K 7 -1.64 36.93 13.24
C UNK K 7 -1.52 37.32 14.71
N UNK K 8 -0.41 36.97 15.34
CA UNK K 8 -0.21 37.33 16.74
C UNK K 8 -0.15 38.85 16.92
N UNK K 9 0.49 39.54 15.97
CA UNK K 9 0.56 41.00 16.06
C UNK K 9 -0.84 41.61 15.97
N UNK K 10 -1.64 41.14 15.02
CA UNK K 10 -3.00 41.66 14.90
C UNK K 10 -3.82 41.35 16.14
N UNK K 11 -3.65 40.16 16.70
CA UNK K 11 -4.39 39.80 17.92
C UNK K 11 -4.00 40.70 19.08
N UNK K 12 -2.70 40.95 19.24
CA UNK K 12 -2.26 41.84 20.32
C UNK K 12 -2.77 43.25 20.10
N UNK K 13 -2.77 43.73 18.85
CA UNK K 13 -3.29 45.06 18.56
C UNK K 13 -4.77 45.16 18.90
N UNK K 14 -5.55 44.14 18.51
CA UNK K 14 -6.98 44.15 18.81
C UNK K 14 -7.21 44.10 20.32
N UNK K 15 -6.42 43.31 21.04
CA UNK K 15 -6.56 43.24 22.49
C UNK K 15 -6.25 44.58 23.14
N UNK K 16 -5.17 45.24 22.70
CA UNK K 16 -4.83 46.55 23.24
C UNK K 16 -5.93 47.57 22.94
N UNK K 17 -6.47 47.54 21.72
CA UNK K 17 -7.55 48.45 21.37
C UNK K 17 -8.77 48.22 22.25
N UNK K 18 -9.14 46.95 22.46
CA UNK K 18 -10.28 46.65 23.31
C UNK K 18 -10.05 47.11 24.74
N UNK K 19 -8.83 46.89 25.26
CA UNK K 19 -8.54 47.30 26.64
C UNK K 19 -8.49 48.82 26.77
N UNK K 20 -8.15 49.53 25.70
CA UNK K 20 -8.09 50.99 25.76
C UNK K 20 -9.48 51.60 25.95
N UNK K 21 -10.52 50.89 25.52
CA UNK K 21 -11.89 51.39 25.65
C UNK K 21 -12.42 51.15 27.06
N UNK L 1 14.25 38.78 14.67
CA UNK L 1 14.12 40.23 14.55
C UNK L 1 12.70 40.67 14.93
N UNK L 2 11.82 40.75 13.94
CA UNK L 2 10.44 41.16 14.20
C UNK L 2 9.74 40.18 15.13
N UNK L 3 9.91 38.87 14.88
CA UNK L 3 9.28 37.87 15.72
C UNK L 3 9.82 37.93 17.15
N UNK L 4 11.13 38.11 17.30
CA UNK L 4 11.72 38.20 18.64
C UNK L 4 11.21 39.43 19.37
N UNK L 5 11.12 40.58 18.68
CA UNK L 5 10.60 41.78 19.31
C UNK L 5 9.15 41.62 19.71
N UNK L 6 8.35 40.99 18.85
CA UNK L 6 6.94 40.75 19.19
C UNK L 6 6.81 39.84 20.40
N UNK L 7 7.62 38.77 20.45
CA UNK L 7 7.58 37.87 21.59
C UNK L 7 8.00 38.59 22.88
N UNK L 8 9.03 39.42 22.81
CA UNK L 8 9.46 40.16 23.98
C UNK L 8 8.38 41.12 24.45
N UNK L 9 7.74 41.82 23.51
CA UNK L 9 6.66 42.74 23.88
C UNK L 9 5.50 41.99 24.52
N UNK L 10 5.13 40.83 23.96
CA UNK L 10 4.05 40.05 24.54
C UNK L 10 4.40 39.57 25.94
N UNK L 11 5.64 39.11 26.13
CA UNK L 11 6.06 38.67 27.46
C UNK L 11 6.02 39.82 28.46
N UNK L 12 6.50 41.00 28.04
CA UNK L 12 6.47 42.16 28.94
C UNK L 12 5.03 42.54 29.29
N UNK L 13 4.13 42.53 28.30
CA UNK L 13 2.74 42.84 28.57
C UNK L 13 2.12 41.84 29.53
N UNK L 14 2.39 40.54 29.32
CA UNK L 14 1.86 39.52 30.23
C UNK L 14 2.40 39.69 31.64
N UNK L 15 3.69 40.02 31.76
CA UNK L 15 4.27 40.22 33.09
C UNK L 15 3.67 41.44 33.78
N UNK L 16 3.47 42.53 33.04
CA UNK L 16 2.90 43.74 33.61
C UNK L 16 1.40 43.65 33.82
N UNK L 17 0.74 42.65 33.26
CA UNK L 17 -0.71 42.50 33.41
C UNK L 17 -1.06 42.14 34.84
N UNK L 18 -0.99 40.85 35.15
CA UNK L 18 -1.31 40.36 36.48
C UNK L 18 -0.85 38.91 36.65
N UNK M 1 -6.21 -22.21 17.97
CA UNK M 1 -7.36 -21.31 17.99
C UNK M 1 -7.71 -20.85 16.58
N UNK M 2 -7.85 -21.81 15.66
CA UNK M 2 -8.18 -21.49 14.28
C UNK M 2 -9.64 -21.07 14.19
N UNK M 3 -9.89 -19.80 13.87
CA UNK M 3 -11.24 -19.27 13.76
C UNK M 3 -11.76 -19.58 12.36
N UNK M 4 -12.58 -20.63 12.26
CA UNK M 4 -13.15 -21.04 10.98
C UNK M 4 -14.60 -21.47 11.19
N UNK M 5 -15.33 -21.58 10.09
CA UNK M 5 -16.73 -21.98 10.13
C UNK M 5 -17.07 -22.73 8.86
N UNK M 6 -17.98 -23.69 8.98
CA UNK M 6 -18.40 -24.49 7.84
C UNK M 6 -19.45 -23.73 7.02
N UNK M 7 -19.93 -24.38 5.96
CA UNK M 7 -20.92 -23.80 5.06
C UNK M 7 -22.09 -24.78 4.96
N UNK M 8 -23.10 -24.60 5.82
CA UNK M 8 -24.26 -25.48 5.82
C UNK M 8 -25.04 -25.38 4.51
N UNK M 9 -24.92 -24.27 3.78
CA UNK M 9 -25.65 -24.12 2.53
C UNK M 9 -25.23 -25.14 1.48
N UNK M 10 -24.10 -25.80 1.67
CA UNK M 10 -23.54 -26.81 0.77
C UNK M 10 -22.92 -26.22 -0.49
N UNK M 11 -22.87 -24.89 -0.63
CA UNK M 11 -22.30 -24.22 -1.80
C UNK M 11 -21.19 -23.31 -1.30
N UNK M 12 -19.98 -23.86 -1.18
CA UNK M 12 -18.85 -23.06 -0.72
C UNK M 12 -18.52 -21.93 -1.69
N UNK M 13 -18.85 -22.10 -2.97
CA UNK M 13 -18.55 -21.07 -3.96
C UNK M 13 -19.18 -19.73 -3.57
N UNK M 14 -20.47 -19.74 -3.24
CA UNK M 14 -21.16 -18.51 -2.86
C UNK M 14 -20.44 -17.83 -1.71
N UNK M 15 -20.21 -18.57 -0.62
CA UNK M 15 -19.52 -17.98 0.53
C UNK M 15 -18.01 -17.92 0.32
N UNK M 16 -17.45 -18.83 -0.48
CA UNK M 16 -16.01 -18.80 -0.73
C UNK M 16 -15.59 -17.51 -1.40
N UNK M 17 -16.32 -17.12 -2.46
CA UNK M 17 -15.97 -15.88 -3.16
C UNK M 17 -16.19 -14.66 -2.29
N UNK M 18 -17.19 -14.67 -1.42
CA UNK M 18 -17.48 -13.53 -0.56
C UNK M 18 -16.52 -13.43 0.62
N UNK M 19 -15.88 -14.53 1.01
CA UNK M 19 -14.96 -14.52 2.13
C UNK M 19 -13.49 -14.55 1.74
N UNK M 20 -13.17 -14.85 0.48
CA UNK M 20 -11.77 -14.83 0.06
C UNK M 20 -11.19 -13.43 0.10
N UNK M 21 -11.90 -12.47 -0.50
CA UNK M 21 -11.40 -11.09 -0.50
C UNK M 21 -11.30 -10.54 0.92
N UNK M 22 -12.27 -10.86 1.77
CA UNK M 22 -12.22 -10.39 3.15
C UNK M 22 -11.02 -10.97 3.88
N UNK M 23 -10.83 -12.29 3.79
CA UNK M 23 -9.68 -12.92 4.44
C UNK M 23 -8.37 -12.34 3.91
N UNK M 24 -8.30 -12.04 2.61
CA UNK M 24 -7.08 -11.48 2.04
C UNK M 24 -6.81 -10.08 2.58
N UNK M 25 -7.84 -9.23 2.57
CA UNK M 25 -7.70 -7.85 3.04
C UNK M 25 -7.92 -7.72 4.55
N UNK M 26 -7.84 -8.82 5.29
CA UNK M 26 -7.99 -8.77 6.74
C UNK M 26 -7.13 -7.68 7.36
N UNK M 27 -5.81 -7.76 7.18
CA UNK M 27 -4.92 -6.69 7.58
C UNK M 27 -4.21 -6.05 6.40
N UNK M 28 -3.42 -6.81 5.65
CA UNK M 28 -2.84 -6.31 4.40
C UNK M 28 -2.99 -7.28 3.24
N UNK M 29 -2.80 -8.58 3.47
CA UNK M 29 -2.86 -9.57 2.41
C UNK M 29 -2.75 -10.99 2.97
N UNK M 30 -2.70 -11.99 2.10
CA UNK M 30 -2.48 -13.38 2.50
C UNK M 30 -3.55 -13.85 3.48
N UNK M 31 -4.78 -13.90 2.99
CA UNK M 31 -5.89 -14.38 3.81
C UNK M 31 -5.57 -15.72 4.46
N UNK M 32 -4.98 -16.64 3.69
CA UNK M 32 -4.60 -17.96 4.20
C UNK M 32 -5.80 -18.71 4.76
N UNK M 33 -6.75 -19.01 3.87
CA UNK M 33 -7.96 -19.72 4.27
C UNK M 33 -7.61 -21.14 4.71
N UNK M 34 -8.64 -21.86 5.18
CA UNK M 34 -8.42 -23.22 5.65
C UNK M 34 -8.08 -24.16 4.48
N UNK M 35 -8.71 -23.95 3.33
CA UNK M 35 -8.43 -24.79 2.16
C UNK M 35 -6.96 -24.74 1.78
N UNK M 36 -6.47 -23.54 1.46
CA UNK M 36 -5.08 -23.36 1.07
C UNK M 36 -4.63 -21.97 1.50
N UNK M 37 -3.49 -21.54 0.99
CA UNK M 37 -2.94 -20.23 1.31
C UNK M 37 -3.26 -19.23 0.20
N UNK M 38 -2.90 -17.97 0.45
CA UNK M 38 -3.16 -16.89 -0.50
C UNK M 38 -1.95 -15.95 -0.49
N UNK M 39 -2.09 -14.82 -1.15
CA UNK M 39 -1.03 -13.83 -1.23
C UNK M 39 -1.64 -12.49 -1.64
N UNK M 40 -0.79 -11.49 -1.86
CA UNK M 40 -1.23 -10.16 -2.26
C UNK M 40 -0.99 -9.95 -3.75
N UNK M 41 -1.48 -8.82 -4.25
CA UNK M 41 -1.33 -8.47 -5.66
C UNK M 41 -2.35 -9.23 -6.51
N UNK M 42 -5.70 -10.16 -10.49
CA UNK M 42 -5.82 -11.34 -9.64
C UNK M 42 -4.68 -12.33 -9.90
N UNK M 43 -4.69 -12.94 -11.09
CA UNK M 43 -3.66 -13.90 -11.48
C UNK M 43 -3.75 -15.19 -10.66
N UNK M 44 -4.97 -15.60 -10.31
CA UNK M 44 -5.18 -16.81 -9.52
C UNK M 44 -6.53 -17.38 -9.94
N UNK M 45 -6.49 -18.48 -10.70
CA UNK M 45 -7.71 -19.11 -11.17
C UNK M 45 -8.42 -19.81 -10.02
N UNK M 46 -9.75 -19.71 -10.00
CA UNK M 46 -10.53 -20.33 -8.95
C UNK M 46 -10.31 -21.83 -8.93
N UNK M 47 -10.29 -22.41 -7.73
CA UNK M 47 -10.10 -23.84 -7.55
C UNK M 47 -11.40 -24.63 -7.65
N UNK M 48 -12.44 -24.06 -8.24
CA UNK M 48 -13.76 -24.64 -8.41
C UNK M 48 -14.59 -24.63 -7.14
N UNK M 49 -14.05 -24.16 -6.02
CA UNK M 49 -14.77 -24.09 -4.75
C UNK M 49 -15.36 -25.45 -4.37
N UNK M 50 -14.46 -26.43 -4.20
CA UNK M 50 -14.88 -27.76 -3.80
C UNK M 50 -15.69 -27.73 -2.51
N UNK M 51 -15.11 -27.18 -1.44
CA UNK M 51 -15.73 -27.01 -0.13
C UNK M 51 -15.94 -28.32 0.62
N UNK M 52 -15.56 -29.47 0.03
CA UNK M 52 -15.73 -30.77 0.69
C UNK M 52 -17.19 -31.02 1.05
N UNK M 53 -18.04 -31.09 0.02
CA UNK M 53 -19.46 -31.30 0.21
C UNK M 53 -19.74 -32.56 1.01
N UNK M 54 -20.93 -32.66 1.58
CA UNK M 54 -21.37 -33.78 2.41
C UNK M 54 -20.75 -33.77 3.80
N UNK M 55 -20.11 -32.67 4.19
CA UNK M 55 -19.49 -32.56 5.51
C UNK M 55 -19.53 -31.10 5.94
N UNK M 56 -18.74 -30.77 6.96
CA UNK M 56 -18.67 -29.41 7.46
C UNK M 56 -17.25 -29.16 7.97
N UNK M 57 -16.52 -28.27 7.29
CA UNK M 57 -15.15 -27.95 7.66
C UNK M 57 -14.93 -26.45 7.49
N UNK M 58 -14.40 -25.81 8.52
CA UNK M 58 -14.14 -24.38 8.50
C UNK M 58 -12.69 -24.13 8.91
N UNK M 59 -12.03 -23.23 8.19
CA UNK M 59 -10.64 -22.90 8.48
C UNK M 59 -10.47 -21.39 8.67
N UNK M 60 -4.96 -19.48 8.47
CA UNK M 60 -6.19 -19.15 9.19
C UNK M 60 -6.19 -17.69 9.64
N UNK M 61 -5.04 -17.04 9.48
CA UNK M 61 -4.89 -15.64 9.88
C UNK M 61 -3.52 -15.16 9.41
N UNK M 62 -3.43 -13.84 9.21
CA UNK M 62 -2.19 -13.22 8.77
C UNK M 62 -2.22 -11.75 9.18
N UNK M 63 -1.28 -10.97 8.65
CA UNK M 63 -1.19 -9.56 8.97
C UNK M 63 -2.06 -8.73 8.01
N UNK M 64 5.20 -12.89 10.93
CA UNK M 64 4.03 -12.02 11.01
C UNK M 64 3.37 -11.85 9.64
N UNK M 65 2.63 -10.75 9.48
CA UNK M 65 1.95 -10.49 8.22
C UNK M 65 2.97 -10.36 7.08
N UNK M 66 3.86 -9.37 7.18
CA UNK M 66 4.86 -9.17 6.14
C UNK M 66 5.82 -10.34 6.05
N UNK M 67 6.06 -11.05 7.16
CA UNK M 67 6.97 -12.19 7.14
C UNK M 67 6.51 -13.27 6.17
N UNK M 68 5.20 -13.44 6.02
CA UNK M 68 4.68 -14.43 5.08
C UNK M 68 5.17 -14.15 3.66
N UNK M 69 4.91 -12.93 3.16
CA UNK M 69 5.35 -12.58 1.83
C UNK M 69 6.87 -12.55 1.73
N UNK M 70 7.55 -12.15 2.81
CA UNK M 70 9.01 -12.11 2.78
C UNK M 70 9.61 -13.50 2.59
N UNK M 71 9.07 -14.50 3.29
CA UNK M 71 9.57 -15.86 3.16
C UNK M 71 9.38 -16.38 1.74
N UNK M 72 8.30 -15.99 1.07
CA UNK M 72 8.06 -16.41 -0.30
C UNK M 72 9.19 -15.93 -1.20
N UNK M 73 9.48 -14.62 -1.18
CA UNK M 73 10.55 -14.07 -2.00
C UNK M 73 11.91 -14.62 -1.59
N UNK M 74 12.09 -14.94 -0.30
CA UNK M 74 13.36 -15.52 0.14
C UNK M 74 13.57 -16.91 -0.46
N UNK M 75 12.56 -17.78 -0.34
CA UNK M 75 12.65 -19.10 -0.92
C UNK M 75 12.82 -19.04 -2.43
N UNK M 76 11.91 -18.34 -3.11
CA UNK M 76 11.97 -18.21 -4.56
C UNK M 76 12.85 -17.03 -4.97
N UNK N 1 13.52 -18.19 9.42
CA UNK N 1 14.02 -18.27 10.79
C UNK N 1 13.56 -17.06 11.60
N UNK N 2 14.21 -15.92 11.36
CA UNK N 2 13.89 -14.68 12.06
C UNK N 2 12.95 -13.84 11.21
N UNK N 3 12.66 -12.63 11.67
CA UNK N 3 11.77 -11.71 10.98
C UNK N 3 11.90 -10.33 11.62
N UNK N 4 11.19 -9.37 11.08
CA UNK N 4 11.22 -8.00 11.58
C UNK N 4 10.16 -7.19 10.85
N UNK N 5 9.77 -6.07 11.46
CA UNK N 5 8.75 -5.20 10.89
C UNK N 5 9.03 -3.78 11.34
N UNK N 6 9.19 -2.87 10.38
CA UNK N 6 9.46 -1.47 10.68
C UNK N 6 9.35 -0.68 9.38
N UNK N 7 8.92 0.57 9.51
CA UNK N 7 8.75 1.44 8.36
C UNK N 7 9.47 2.77 8.50
N UNK N 8 9.54 3.33 9.71
CA UNK N 8 10.19 4.61 9.95
C UNK N 8 11.44 4.53 10.81
N UNK N 9 11.58 3.48 11.62
CA UNK N 9 12.77 3.35 12.47
C UNK N 9 14.05 3.39 11.64
N UNK N 10 14.14 2.53 10.62
CA UNK N 10 15.33 2.50 9.79
C UNK N 10 15.57 3.84 9.11
N UNK N 11 14.53 4.38 8.46
CA UNK N 11 14.68 5.65 7.76
C UNK N 11 15.14 6.76 8.70
N UNK N 12 14.76 6.70 9.98
CA UNK N 12 15.15 7.73 10.92
C UNK N 12 16.65 7.74 11.21
N UNK N 13 17.40 6.76 10.72
CA UNK N 13 18.84 6.69 10.94
C UNK N 13 19.64 7.47 9.89
N UNK N 14 18.96 8.23 9.04
CA UNK N 14 19.62 9.01 8.00
C UNK N 14 20.57 8.14 7.16
N UNK N 15 20.02 7.06 6.62
CA UNK N 15 20.76 6.11 5.79
C UNK N 15 21.71 5.25 6.61
N UNK N 16 21.48 5.11 7.91
CA UNK N 16 22.33 4.29 8.75
C UNK N 16 22.16 2.81 8.41
N UNK N 17 22.95 1.97 9.09
CA UNK N 17 22.89 0.52 8.87
C UNK N 17 23.34 -0.15 10.16
N UNK N 18 22.43 -0.83 10.83
CA UNK N 18 22.71 -1.53 12.08
C UNK N 18 22.72 -3.04 11.84
N UNK N 19 23.06 -3.77 12.89
CA UNK N 19 23.13 -5.23 12.84
C UNK N 19 22.10 -5.82 13.79
N UNK N 20 21.71 -7.06 13.51
CA UNK N 20 20.73 -7.78 14.30
C UNK N 20 21.43 -8.68 15.32
N UNK N 21 20.64 -9.41 16.09
CA UNK N 21 21.17 -10.32 17.11
C UNK N 21 20.11 -11.40 17.36
N UNK N 22 20.39 -12.61 16.91
CA UNK N 22 19.46 -13.74 17.08
C UNK N 22 19.61 -14.35 18.48
N UNK N 23 19.42 -13.49 19.49
CA UNK N 23 19.51 -13.91 20.88
C UNK N 23 18.26 -14.71 21.24
N UNK N 24 18.37 -16.03 21.18
CA UNK N 24 17.26 -16.92 21.49
C UNK N 24 17.81 -18.10 22.29
N UNK N 25 16.96 -19.10 22.51
CA UNK N 25 17.34 -20.29 23.26
C UNK N 25 16.21 -20.75 24.18
N UNK O 1 12.48 -21.24 21.10
CA UNK O 1 12.26 -20.36 19.96
C UNK O 1 12.95 -19.01 20.16
N UNK O 2 13.59 -18.51 19.11
CA UNK O 2 14.28 -17.23 19.15
C UNK O 2 13.87 -16.39 17.96
N UNK O 3 13.84 -15.08 18.16
CA UNK O 3 13.47 -14.13 17.12
C UNK O 3 14.63 -13.18 16.86
N UNK O 4 14.63 -12.60 15.65
CA UNK O 4 15.67 -11.67 15.26
C UNK O 4 15.56 -10.37 16.05
N UNK O 5 16.51 -9.47 15.83
CA UNK O 5 16.53 -8.18 16.50
C UNK O 5 17.17 -7.16 15.57
N UNK O 6 17.50 -6.00 16.11
CA UNK O 6 18.12 -4.93 15.33
C UNK O 6 18.76 -3.94 16.29
N UNK O 7 20.03 -3.62 16.06
CA UNK O 7 20.78 -2.68 16.88
C UNK O 7 21.14 -1.47 16.01
N UNK O 8 20.49 -0.35 16.28
CA UNK O 8 20.74 0.88 15.52
C UNK O 8 21.77 1.75 16.26
N UNK O 9 23.00 1.25 16.25
CA UNK O 9 24.11 1.96 16.91
C UNK O 9 24.39 3.25 16.16
N UNK O 10 24.05 4.38 16.78
CA UNK O 10 24.29 5.67 16.15
C UNK O 10 25.77 6.02 16.17
N UNK O 11 26.21 6.72 15.13
CA UNK O 11 27.62 7.12 15.02
C UNK O 11 27.80 8.54 14.54
N UNK O 12 26.73 9.35 14.47
CA UNK O 12 26.82 10.73 14.03
C UNK O 12 26.02 11.64 14.96
N UNK O 13 26.10 11.39 16.26
CA UNK O 13 25.38 12.17 17.26
C UNK O 13 23.87 12.20 16.98
N UNK O 14 23.29 11.01 17.00
CA UNK O 14 21.87 10.82 16.74
C UNK O 14 21.16 10.40 18.03
N UNK O 15 19.86 10.14 17.91
CA UNK O 15 19.03 9.73 19.04
C UNK O 15 18.87 8.22 19.15
N UNK O 16 18.66 7.53 18.03
CA UNK O 16 18.49 6.08 18.01
C UNK O 16 17.32 5.64 18.90
N UNK O 17 16.13 6.13 18.54
CA UNK O 17 14.93 5.80 19.29
C UNK O 17 14.69 4.29 19.28
N UNK O 18 13.95 3.83 20.28
CA UNK O 18 13.63 2.41 20.42
C UNK O 18 12.58 2.04 19.37
N UNK O 19 13.04 1.53 18.23
CA UNK O 19 12.15 1.12 17.14
C UNK O 19 12.59 -0.27 16.69
N UNK O 20 11.81 -1.29 17.07
CA UNK O 20 12.11 -2.66 16.71
C UNK O 20 10.81 -3.40 16.42
N UNK O 21 10.94 -4.52 15.72
CA UNK O 21 9.81 -5.36 15.35
C UNK O 21 10.06 -6.79 15.83
N UNK O 22 9.11 -7.67 15.52
CA UNK O 22 9.18 -9.07 15.90
C UNK O 22 9.25 -9.94 14.65
N UNK O 23 9.86 -11.12 14.80
CA UNK O 23 10.01 -12.06 13.71
C UNK O 23 9.44 -13.41 14.11
N UNK O 24 8.88 -14.11 13.13
CA UNK O 24 8.29 -15.43 13.34
C UNK O 24 9.14 -16.50 12.67
N UNK O 25 9.23 -17.67 13.30
CA UNK O 25 10.00 -18.79 12.76
C UNK O 25 9.18 -19.45 11.65
N UNK O 26 9.21 -18.83 10.47
CA UNK O 26 8.48 -19.33 9.32
C UNK O 26 9.26 -20.49 8.70
N UNK O 27 8.70 -21.69 8.80
CA UNK O 27 9.32 -22.89 8.26
C UNK O 27 8.55 -23.31 7.01
N UNK O 28 9.13 -23.02 5.85
CA UNK O 28 8.48 -23.36 4.59
C UNK O 28 8.41 -24.88 4.42
N UNK O 29 7.74 -25.30 3.35
CA UNK O 29 7.59 -26.73 3.04
C UNK O 29 8.92 -27.26 2.54
N UNK O 30 9.65 -27.95 3.42
CA UNK O 30 10.94 -28.52 3.07
C UNK O 30 12.06 -27.51 3.28
N UNK P 1 19.20 -19.58 28.56
CA UNK P 1 19.18 -18.20 28.09
C UNK P 1 20.48 -17.85 27.38
N UNK P 2 20.72 -18.51 26.25
CA UNK P 2 21.93 -18.27 25.46
C UNK P 2 21.74 -17.02 24.60
N UNK P 3 22.68 -16.79 23.69
CA UNK P 3 22.63 -15.64 22.80
C UNK P 3 23.30 -16.01 21.47
N UNK P 4 23.57 -15.01 20.65
CA UNK P 4 24.22 -15.22 19.35
C UNK P 4 24.47 -13.85 18.75
N UNK P 5 25.18 -13.85 17.62
CA UNK P 5 25.52 -12.62 16.91
C UNK P 5 25.41 -12.88 15.41
N UNK P 6 25.62 -11.84 14.62
CA UNK P 6 25.55 -11.90 13.17
C UNK P 6 26.14 -10.62 12.61
N UNK P 7 26.07 -10.45 11.29
CA UNK P 7 26.59 -9.27 10.64
C UNK P 7 25.62 -8.11 10.80
N UNK P 8 25.89 -6.99 10.13
CA UNK P 8 25.06 -5.81 10.19
C UNK P 8 24.41 -5.54 8.84
N UNK P 9 23.22 -4.93 8.88
CA UNK P 9 22.49 -4.61 7.67
C UNK P 9 22.89 -3.22 7.15
N UNK P 10 22.19 -2.75 6.14
CA UNK P 10 22.47 -1.43 5.57
C UNK P 10 21.18 -0.89 4.96
N UNK P 11 20.76 0.29 5.41
CA UNK P 11 19.55 0.93 4.93
C UNK P 11 19.92 2.24 4.25
N UNK P 12 19.46 2.41 3.01
CA UNK P 12 19.73 3.60 2.22
C UNK P 12 18.77 3.61 1.04
N UNK P 13 18.96 4.55 0.12
CA UNK P 13 18.10 4.65 -1.06
C UNK P 13 18.38 3.46 -1.97
N UNK P 14 17.44 2.51 -2.01
CA UNK P 14 17.61 1.33 -2.85
C UNK P 14 17.28 1.63 -4.31
N UNK P 15 16.06 2.07 -4.57
CA UNK P 15 15.55 2.40 -5.90
C UNK P 15 15.33 1.19 -6.80
N UNK P 16 15.61 -0.02 -6.32
CA UNK P 16 15.42 -1.22 -7.13
C UNK P 16 15.47 -2.47 -6.27
N UNK P 17 14.48 -3.34 -6.43
CA UNK P 17 14.42 -4.58 -5.65
C UNK P 17 13.57 -5.63 -6.36
N UNK P 18 12.28 -8.34 -2.33
CA UNK P 18 10.88 -7.92 -2.21
C UNK P 18 10.25 -7.76 -3.59
N UNK P 19 10.99 -7.19 -4.53
CA UNK P 19 10.50 -6.99 -5.88
C UNK P 19 10.63 -8.29 -6.68
N UNK P 20 10.40 -8.21 -7.99
CA UNK P 20 10.49 -9.38 -8.86
C UNK P 20 9.43 -10.43 -8.53
N UNK P 21 8.20 -9.98 -8.32
CA UNK P 21 7.11 -10.88 -7.99
C UNK P 21 6.80 -11.79 -9.18
N UNK P 22 5.88 -12.73 -8.95
CA UNK P 22 5.47 -13.69 -9.97
C UNK P 22 6.65 -14.53 -10.47
N UNK P 23 7.28 -15.23 -9.53
CA UNK P 23 8.43 -16.08 -9.84
C UNK P 23 8.22 -17.49 -9.32
N UNK Q 1 4.13 -13.03 28.68
CA UNK Q 1 5.30 -13.88 28.48
C UNK Q 1 6.38 -13.56 29.51
N UNK Q 2 7.65 -13.62 29.08
CA UNK Q 2 8.79 -13.35 29.93
C UNK Q 2 9.70 -12.33 29.25
N UNK Q 3 10.27 -11.44 30.04
CA UNK Q 3 11.17 -10.42 29.52
C UNK Q 3 12.56 -11.00 29.30
N UNK Q 4 13.52 -10.15 28.95
CA UNK Q 4 14.89 -10.57 28.70
C UNK Q 4 15.80 -9.38 28.93
N UNK Q 5 17.06 -9.53 28.53
CA UNK Q 5 18.05 -8.47 28.70
C UNK Q 5 19.30 -8.82 27.90
N UNK Q 6 19.97 -7.81 27.40
CA UNK Q 6 21.19 -7.99 26.61
C UNK Q 6 21.85 -6.62 26.45
N UNK Q 7 22.95 -6.59 25.69
CA UNK Q 7 23.68 -5.37 25.45
C UNK Q 7 24.40 -5.48 24.12
N UNK Q 8 24.82 -4.32 23.59
CA UNK Q 8 25.53 -4.24 22.31
C UNK Q 8 26.69 -3.25 22.49
N UNK Q 9 27.86 -3.77 22.85
CA UNK Q 9 29.03 -2.94 23.05
C UNK Q 9 28.94 -2.17 24.37
N UNK R 1 30.66 -6.01 19.26
CA UNK R 1 29.86 -7.16 19.67
C UNK R 1 29.81 -7.29 21.19
N UNK R 2 30.17 -8.47 21.69
CA UNK R 2 30.17 -8.75 23.13
C UNK R 2 28.79 -8.52 23.74
N UNK R 3 27.81 -9.28 23.25
CA UNK R 3 26.44 -9.18 23.72
C UNK R 3 26.36 -9.80 25.12
N UNK R 4 26.35 -8.94 26.14
CA UNK R 4 26.27 -9.42 27.51
C UNK R 4 24.88 -9.99 27.80
N UNK R 5 24.85 -11.11 28.52
CA UNK R 5 23.60 -11.77 28.88
C UNK R 5 23.10 -11.18 30.19
N UNK R 6 22.20 -10.21 30.10
CA UNK R 6 21.65 -9.57 31.27
C UNK R 6 20.64 -10.49 31.97
N UNK R 7 20.02 -9.98 33.03
CA UNK R 7 19.04 -10.75 33.77
C UNK R 7 17.83 -11.05 32.89
N UNK R 8 16.99 -11.97 33.37
CA UNK R 8 15.79 -12.38 32.65
C UNK R 8 14.75 -12.79 33.67
N UNK R 9 13.78 -11.92 33.93
CA UNK R 9 12.70 -12.19 34.88
C UNK R 9 11.44 -12.50 34.09
N UNK R 10 11.09 -13.78 34.02
CA UNK R 10 9.92 -14.22 33.28
C UNK R 10 8.67 -13.73 33.99
N UNK R 11 7.97 -12.77 33.38
CA UNK R 11 6.75 -12.22 33.96
C UNK R 11 5.57 -13.14 33.65
N UNK R 12 4.36 -12.67 33.92
CA UNK R 12 3.17 -13.47 33.66
C UNK R 12 3.07 -13.78 32.17
N UNK R 13 2.60 -14.99 31.86
CA UNK R 13 2.44 -15.47 30.49
C UNK R 13 1.01 -15.93 30.32
N UNK R 14 0.12 -15.02 29.92
CA UNK R 14 -1.29 -15.33 29.72
C UNK R 14 -1.88 -14.28 28.80
N UNK R 15 -2.45 -14.71 27.69
CA UNK R 15 -3.06 -13.80 26.73
C UNK R 15 -2.13 -13.58 25.53
N UNK S 1 24.13 -19.15 12.09
CA UNK S 1 23.62 -18.53 10.88
C UNK S 1 24.11 -19.27 9.63
N UNK S 2 23.30 -19.26 8.59
CA UNK S 2 23.65 -19.92 7.34
C UNK S 2 23.62 -18.98 6.14
N UNK S 3 22.68 -18.03 6.10
CA UNK S 3 22.58 -17.10 4.99
C UNK S 3 21.65 -15.97 5.40
N UNK S 4 22.04 -14.74 5.08
CA UNK S 4 21.27 -13.54 5.40
C UNK S 4 20.82 -12.90 4.09
N UNK S 5 19.65 -13.31 3.61
CA UNK S 5 19.07 -12.79 2.37
C UNK S 5 17.75 -12.12 2.72
N UNK S 6 17.69 -10.80 2.56
CA UNK S 6 16.49 -10.03 2.87
C UNK S 6 16.21 -9.08 1.71
N UNK S 7 15.10 -9.32 1.01
CA UNK S 7 14.70 -8.46 -0.09
C UNK S 7 14.08 -7.17 0.43
N UNK S 8 13.67 -6.29 -0.50
CA UNK S 8 13.07 -5.00 -0.16
C UNK S 8 11.73 -4.89 -0.89
N UNK S 9 10.68 -5.41 -0.24
CA UNK S 9 9.33 -5.32 -0.79
C UNK S 9 8.27 -5.07 0.27
N UNK S 10 8.66 -4.78 1.51
CA UNK S 10 7.73 -4.56 2.60
C UNK S 10 8.43 -3.72 3.67
N UNK S 11 7.84 -3.66 4.86
CA UNK S 11 8.43 -2.92 5.96
C UNK S 11 9.90 -3.30 6.12
N UNK S 12 10.70 -2.32 6.55
CA UNK S 12 12.15 -2.53 6.69
C UNK S 12 12.47 -3.38 7.90
N UNK S 13 12.09 -4.66 7.86
CA UNK S 13 12.39 -5.58 8.94
C UNK S 13 13.76 -6.22 8.73
N UNK S 14 14.26 -6.88 9.78
CA UNK S 14 15.55 -7.53 9.75
C UNK S 14 15.38 -8.98 10.20
N UNK S 15 15.96 -9.91 9.43
CA UNK S 15 15.87 -11.32 9.74
C UNK S 15 16.75 -12.08 8.75
N UNK S 16 17.20 -13.26 9.18
CA UNK S 16 18.05 -14.09 8.35
C UNK S 16 17.91 -15.57 8.73
N UNK S 17 18.97 -21.06 11.99
CA UNK S 17 19.71 -21.58 10.84
C UNK S 17 19.00 -21.25 9.53
N UNK S 18 18.52 -20.02 9.41
CA UNK S 18 17.81 -19.58 8.22
C UNK S 18 18.79 -19.18 7.12
N UNK S 19 20.57 -26.09 10.58
CA UNK S 19 20.35 -27.53 10.71
C UNK S 19 20.44 -27.96 12.19
N UNK S 20 21.60 -28.46 12.58
CA UNK S 20 21.78 -28.90 13.96
C UNK S 20 21.61 -27.73 14.93
N UNK S 21 22.14 -26.57 14.58
CA UNK S 21 22.02 -25.40 15.46
C UNK S 21 20.57 -25.00 15.62
N UNK S 22 19.86 -24.82 14.51
CA UNK S 22 18.46 -24.43 14.58
C UNK S 22 17.63 -25.48 15.30
N UNK S 23 17.94 -26.76 15.10
CA UNK S 23 17.22 -27.85 15.74
C UNK S 23 17.57 -28.02 17.22
N UNK S 24 18.40 -27.13 17.77
CA UNK S 24 18.77 -27.25 19.18
C UNK S 24 17.54 -27.12 20.08
N UNK S 25 16.86 -25.97 20.02
CA UNK S 25 15.66 -25.65 20.77
C UNK S 25 15.95 -25.33 22.24
N UNK S 26 17.19 -25.42 22.69
CA UNK S 26 17.53 -25.12 24.08
C UNK S 26 18.77 -24.24 24.16
N UNK T 1 25.04 16.55 6.06
CA UNK T 1 24.22 17.56 6.69
C UNK T 1 22.73 17.31 6.43
N UNK T 2 22.41 16.93 5.19
CA UNK T 2 21.02 16.66 4.85
C UNK T 2 20.45 15.52 5.68
N UNK T 3 21.28 14.51 5.98
CA UNK T 3 20.81 13.39 6.78
C UNK T 3 20.37 13.84 8.16
N UNK T 4 21.06 14.83 8.73
CA UNK T 4 20.68 15.35 10.04
C UNK T 4 19.26 15.92 10.01
N UNK T 5 19.00 16.82 9.07
CA UNK T 5 17.66 17.41 8.97
C UNK T 5 16.61 16.36 8.64
N UNK T 6 16.98 15.37 7.82
CA UNK T 6 16.06 14.30 7.49
C UNK T 6 15.65 13.53 8.73
N UNK T 7 16.64 13.08 9.52
CA UNK T 7 16.33 12.33 10.74
C UNK T 7 15.63 13.21 11.77
N UNK T 8 15.85 14.51 11.73
CA UNK T 8 15.19 15.41 12.68
C UNK T 8 13.71 15.58 12.34
N UNK T 9 13.42 15.92 11.09
CA UNK T 9 12.03 16.13 10.68
C UNK T 9 11.22 14.85 10.85
N UNK T 10 11.61 13.78 10.16
CA UNK T 10 10.91 12.51 10.24
C UNK T 10 11.27 11.70 11.47
N UNK T 11 11.94 12.29 12.44
CA UNK T 11 12.36 11.61 13.66
C UNK T 11 11.65 12.24 14.85
N UNK T 12 11.99 11.76 16.04
CA UNK T 12 11.40 12.25 17.28
C UNK T 12 12.41 12.92 18.21
N UNK T 13 13.63 12.39 18.29
CA UNK T 13 14.68 12.97 19.14
C UNK T 13 14.23 13.01 20.61
N UNK T 14 13.96 11.83 21.14
CA UNK T 14 13.54 11.72 22.54
C UNK T 14 14.64 12.23 23.47
N UNK T 15 14.23 12.90 24.54
CA UNK T 15 15.18 13.44 25.51
C UNK T 15 15.45 12.46 26.65
N UNK T 16 14.39 12.04 27.35
CA UNK T 16 14.50 11.10 28.46
C UNK T 16 13.82 9.77 28.18
N UNK T 17 12.56 9.79 27.76
CA UNK T 17 11.82 8.58 27.48
C UNK T 17 11.30 7.93 28.76
N UNK U 1 13.22 -36.92 48.94
CA UNK U 1 13.81 -37.36 47.69
C UNK U 1 12.79 -37.32 46.55
N UNK U 2 11.61 -36.76 46.84
CA UNK U 2 10.54 -36.66 45.86
C UNK U 2 10.64 -35.40 45.00
N UNK U 3 11.80 -34.76 44.97
CA UNK U 3 11.97 -33.56 44.15
C UNK U 3 11.81 -33.89 42.66
N UNK U 4 12.34 -35.03 42.22
CA UNK U 4 12.20 -35.42 40.82
C UNK U 4 10.73 -35.65 40.47
N UNK U 5 9.99 -36.35 41.34
CA UNK U 5 8.57 -36.58 41.08
C UNK U 5 7.79 -35.27 41.07
N UNK U 6 8.11 -34.36 41.98
CA UNK U 6 7.43 -33.06 42.00
C UNK U 6 7.71 -32.28 40.73
N UNK U 7 8.96 -32.27 40.28
CA UNK U 7 9.29 -31.56 39.04
C UNK U 7 8.59 -32.19 37.84
N UNK U 8 8.55 -33.52 37.79
CA UNK U 8 7.85 -34.19 36.68
C UNK U 8 6.37 -33.86 36.69
N UNK U 9 5.74 -33.86 37.87
CA UNK U 9 4.32 -33.53 37.95
C UNK U 9 4.08 -32.08 37.54
N UNK U 10 4.95 -31.16 37.97
CA UNK U 10 4.79 -29.76 37.57
C UNK U 10 4.93 -29.60 36.06
N UNK U 11 5.92 -30.28 35.47
CA UNK U 11 6.10 -30.20 34.02
C UNK U 11 4.89 -30.77 33.28
N UNK U 12 4.36 -31.90 33.75
CA UNK U 12 3.19 -32.48 33.11
C UNK U 12 1.99 -31.55 33.22
N UNK U 13 1.80 -30.92 34.38
CA UNK U 13 0.69 -30.01 34.56
C UNK U 13 0.83 -28.80 33.64
N UNK U 14 2.04 -28.24 33.55
CA UNK U 14 2.28 -27.11 32.65
C UNK U 14 2.01 -27.48 31.20
N UNK U 15 2.46 -28.68 30.80
CA UNK U 15 2.21 -29.13 29.43
C UNK U 15 0.73 -29.29 29.16
N UNK U 16 0.00 -29.90 30.09
CA UNK U 16 -1.43 -30.07 29.92
C UNK U 16 -2.14 -28.72 29.83
N UNK U 17 -1.72 -27.76 30.66
CA UNK U 17 -2.33 -26.43 30.63
C UNK U 17 -2.06 -25.74 29.29
N UNK U 18 -0.82 -25.78 28.83
CA UNK U 18 -0.47 -25.12 27.57
C UNK U 18 -1.06 -25.82 26.35
N UNK U 19 -1.39 -27.11 26.48
CA UNK U 19 -1.95 -27.83 25.34
C UNK U 19 -3.41 -27.44 25.09
N UNK U 20 -4.20 -27.32 26.16
CA UNK U 20 -5.62 -27.00 26.00
C UNK U 20 -5.80 -25.58 25.47
N UNK U 21 -5.32 -24.59 26.20
CA UNK U 21 -5.46 -23.19 25.81
C UNK U 21 -4.54 -22.37 26.71
N UNK U 22 -4.62 -21.05 26.59
CA UNK U 22 -3.79 -20.16 27.38
C UNK U 22 -4.18 -20.26 28.86
N UNK U 23 -3.44 -19.55 29.70
CA UNK U 23 -3.68 -19.55 31.14
C UNK U 23 -5.13 -19.18 31.42
N UNK U 24 -5.84 -20.10 32.09
CA UNK U 24 -7.24 -19.89 32.46
C UNK U 24 -7.41 -20.28 33.92
N UNK U 25 -7.87 -19.33 34.74
CA UNK U 25 -8.06 -19.48 36.17
C UNK U 25 -6.77 -19.40 36.96
N UNK U 26 -5.66 -18.98 36.33
CA UNK U 26 -4.37 -18.87 37.01
C UNK U 26 -3.85 -20.21 37.51
N UNK U 27 -4.28 -21.30 36.86
CA UNK U 27 -3.82 -22.62 37.26
C UNK U 27 -2.31 -22.77 37.04
N UNK U 28 -1.85 -22.48 35.83
CA UNK U 28 -0.42 -22.56 35.55
C UNK U 28 0.36 -21.56 36.38
N UNK U 29 -0.22 -20.39 36.64
CA UNK U 29 0.44 -19.40 37.48
C UNK U 29 0.68 -19.96 38.88
N UNK U 30 -0.37 -20.49 39.51
CA UNK U 30 -0.22 -21.06 40.83
C UNK U 30 0.74 -22.24 40.83
N UNK U 31 0.70 -23.06 39.77
CA UNK U 31 1.60 -24.20 39.69
C UNK U 31 3.06 -23.75 39.64
N UNK U 32 3.35 -22.72 38.84
CA UNK U 32 4.72 -22.21 38.76
C UNK U 32 5.17 -21.66 40.11
N UNK U 33 4.32 -20.88 40.76
CA UNK U 33 4.67 -20.34 42.08
C UNK U 33 4.94 -21.45 43.08
N UNK U 34 4.13 -22.51 43.05
CA UNK U 34 4.34 -23.63 43.98
C UNK U 34 5.63 -24.37 43.66
N UNK U 35 5.95 -24.52 42.38
CA UNK U 35 7.16 -25.23 41.98
C UNK U 35 8.42 -24.39 42.16
N UNK U 36 8.28 -23.10 42.52
CA UNK U 36 9.46 -22.26 42.71
C UNK U 36 10.28 -22.67 43.92
N UNK U 37 9.72 -23.47 44.82
CA UNK U 37 10.44 -23.91 46.01
C UNK U 37 11.37 -25.07 45.69
N UNK V 1 0.14 -43.96 49.17
CA UNK V 1 0.78 -43.57 47.91
C UNK V 1 0.53 -44.61 46.82
N UNK V 2 0.65 -45.89 47.18
CA UNK V 2 0.41 -46.95 46.19
C UNK V 2 -1.04 -46.95 45.72
N UNK V 3 -1.98 -46.76 46.65
CA UNK V 3 -3.39 -46.72 46.25
C UNK V 3 -3.67 -45.53 45.34
N UNK V 4 -3.11 -44.37 45.66
CA UNK V 4 -3.31 -43.20 44.82
C UNK V 4 -2.72 -43.41 43.43
N UNK V 5 -1.51 -44.00 43.37
CA UNK V 5 -0.90 -44.27 42.07
C UNK V 5 -1.74 -45.25 41.27
N UNK V 6 -2.25 -46.31 41.91
CA UNK V 6 -3.09 -47.27 41.20
C UNK V 6 -4.37 -46.60 40.69
N UNK V 7 -4.99 -45.75 41.51
CA UNK V 7 -6.19 -45.06 41.08
C UNK V 7 -5.91 -44.14 39.90
N UNK V 8 -4.80 -43.40 39.96
CA UNK V 8 -4.44 -42.52 38.85
C UNK V 8 -4.18 -43.32 37.57
N UNK V 9 -3.50 -44.46 37.69
CA UNK V 9 -3.23 -45.28 36.51
C UNK V 9 -4.53 -45.83 35.93
N UNK V 10 -5.45 -46.27 36.79
CA UNK V 10 -6.73 -46.77 36.31
C UNK V 10 -7.52 -45.67 35.61
N UNK V 11 -7.53 -44.46 36.19
CA UNK V 11 -8.24 -43.35 35.56
C UNK V 11 -7.63 -43.01 34.20
N UNK V 12 -6.29 -42.99 34.12
CA UNK V 12 -5.64 -42.71 32.86
C UNK V 12 -5.97 -43.77 31.82
N UNK V 13 -5.95 -45.04 32.21
CA UNK V 13 -6.28 -46.12 31.28
C UNK V 13 -7.73 -46.00 30.81
N UNK V 14 -8.65 -45.67 31.72
CA UNK V 14 -10.05 -45.53 31.33
C UNK V 14 -10.25 -44.35 30.39
N UNK V 15 -9.56 -43.23 30.64
CA UNK V 15 -9.70 -42.05 29.79
C UNK V 15 -8.90 -42.16 28.49
N UNK V 16 -8.03 -43.16 28.37
CA UNK V 16 -7.24 -43.33 27.16
C UNK V 16 -8.13 -43.77 26.00
N UNK V 17 -7.61 -44.75 25.26
CA UNK V 17 -8.33 -45.29 24.11
C UNK V 17 -8.12 -44.41 22.88
N UNK W 1 -7.85 -27.88 15.99
CA UNK W 1 -8.96 -28.74 16.40
C UNK W 1 -8.46 -30.13 16.79
N UNK W 2 -8.52 -31.06 15.84
CA UNK W 2 -8.06 -32.42 16.12
C UNK W 2 -6.59 -32.44 16.50
N UNK W 3 -5.78 -31.57 15.89
CA UNK W 3 -4.36 -31.53 16.22
C UNK W 3 -4.14 -31.18 17.68
N UNK W 4 -4.78 -30.10 18.16
CA UNK W 4 -4.61 -29.71 19.55
C UNK W 4 -5.17 -30.77 20.49
N UNK W 5 -6.27 -31.42 20.11
CA UNK W 5 -6.84 -32.48 20.93
C UNK W 5 -5.85 -33.63 21.09
N UNK W 6 -5.27 -34.08 19.97
CA UNK W 6 -4.29 -35.16 20.03
C UNK W 6 -3.05 -34.75 20.82
N UNK W 7 -2.63 -33.49 20.67
CA UNK W 7 -1.48 -33.01 21.43
C UNK W 7 -1.76 -33.05 22.93
N UNK W 8 -2.93 -32.56 23.34
CA UNK W 8 -3.29 -32.58 24.76
C UNK W 8 -3.42 -34.02 25.27
N UNK W 9 -3.96 -34.91 24.45
CA UNK W 9 -4.07 -36.31 24.85
C UNK W 9 -2.70 -36.92 25.07
N UNK W 10 -1.78 -36.70 24.14
CA UNK W 10 -0.43 -37.22 24.28
C UNK W 10 0.27 -36.64 25.49
N UNK W 11 0.06 -35.34 25.75
CA UNK W 11 0.67 -34.71 26.92
C UNK W 11 0.13 -35.33 28.21
N UNK W 12 -1.18 -35.52 28.29
CA UNK W 12 -1.77 -36.14 29.48
C UNK W 12 -1.26 -37.57 29.65
N UNK W 13 -1.13 -38.31 28.56
CA UNK W 13 -0.63 -39.68 28.64
C UNK W 13 0.81 -39.70 29.16
N UNK W 14 1.65 -38.80 28.63
CA UNK W 14 3.04 -38.73 29.08
C UNK W 14 3.11 -38.34 30.56
N UNK W 15 2.26 -37.40 30.99
CA UNK W 15 2.26 -37.00 32.39
C UNK W 15 1.83 -38.15 33.28
N UNK W 16 0.79 -38.89 32.89
CA UNK W 16 0.37 -40.05 33.68
C UNK W 16 1.46 -41.10 33.74
N UNK W 17 2.13 -41.35 32.62
CA UNK W 17 3.22 -42.33 32.62
C UNK W 17 4.34 -41.90 33.54
N UNK W 18 4.72 -40.62 33.49
CA UNK W 18 5.77 -40.12 34.37
C UNK W 18 5.37 -40.25 35.84
N UNK W 19 4.12 -39.90 36.16
CA UNK W 19 3.66 -39.99 37.54
C UNK W 19 3.57 -41.43 38.02
N UNK W 20 3.31 -42.37 37.10
CA UNK W 20 3.22 -43.77 37.50
C UNK W 20 4.56 -44.32 37.97
N UNK W 21 5.67 -43.73 37.51
CA UNK W 21 6.99 -44.19 37.91
C UNK W 21 7.38 -43.62 39.27
N UNK X 1 -17.48 -34.47 21.49
CA UNK X 1 -17.36 -35.91 21.72
C UNK X 1 -16.02 -36.26 22.36
N UNK X 2 -15.03 -36.56 21.51
CA UNK X 2 -13.71 -36.89 22.01
C UNK X 2 -13.08 -35.72 22.75
N UNK X 3 -13.20 -34.52 22.20
CA UNK X 3 -12.63 -33.34 22.85
C UNK X 3 -13.32 -33.07 24.18
N UNK X 4 -14.65 -33.20 24.22
CA UNK X 4 -15.37 -32.99 25.47
C UNK X 4 -14.97 -34.01 26.53
N UNK X 5 -14.84 -35.29 26.12
CA UNK X 5 -14.43 -36.31 27.08
C UNK X 5 -13.02 -36.06 27.59
N UNK X 6 -12.11 -35.65 26.70
CA UNK X 6 -10.75 -35.35 27.13
C UNK X 6 -10.73 -34.17 28.10
N UNK X 7 -11.51 -33.12 27.81
CA UNK X 7 -11.57 -31.98 28.72
C UNK X 7 -12.14 -32.37 30.07
N UNK X 8 -13.19 -33.20 30.08
CA UNK X 8 -13.75 -33.65 31.34
C UNK X 8 -12.76 -34.48 32.14
N UNK X 9 -12.04 -35.38 31.46
CA UNK X 9 -11.03 -36.18 32.15
C UNK X 9 -9.92 -35.31 32.72
N UNK X 10 -9.47 -34.31 31.96
CA UNK X 10 -8.43 -33.42 32.45
C UNK X 10 -8.91 -32.61 33.65
N UNK X 11 -10.16 -32.13 33.60
CA UNK X 11 -10.71 -31.39 34.73
C UNK X 11 -10.81 -32.28 35.96
N UNK X 12 -11.26 -33.53 35.79
CA UNK X 12 -11.36 -34.44 36.92
C UNK X 12 -9.98 -34.73 37.50
N UNK X 13 -8.99 -34.95 36.65
CA UNK X 13 -7.63 -35.19 37.14
C UNK X 13 -7.09 -33.99 37.90
N UNK X 14 -7.31 -32.78 37.37
CA UNK X 14 -6.85 -31.58 38.07
C UNK X 14 -7.55 -31.42 39.42
N UNK X 15 -8.85 -31.70 39.48
CA UNK X 15 -9.58 -31.59 40.74
C UNK X 15 -9.08 -32.61 41.75
N UNK X 16 -8.83 -33.84 41.31
CA UNK X 16 -8.36 -34.89 42.20
C UNK X 16 -6.88 -34.77 42.55
N UNK X 17 -6.14 -33.91 41.85
CA UNK X 17 -4.72 -33.73 42.12
C UNK X 17 -4.51 -33.05 43.47
N UNK X 18 -4.58 -31.72 43.45
CA UNK X 18 -4.40 -30.94 44.66
C UNK X 18 -4.83 -29.48 44.43
N UNK Y 1 64.07 32.01 5.01
CA UNK Y 1 63.22 30.91 4.51
C UNK Y 1 63.28 29.70 5.43
N UNK Y 2 64.47 29.44 5.97
CA UNK Y 2 64.64 28.30 6.87
C UNK Y 2 63.82 28.47 8.14
N UNK Y 3 63.67 29.70 8.62
CA UNK Y 3 62.89 29.93 9.84
C UNK Y 3 61.43 29.55 9.62
N UNK Y 4 60.88 29.89 8.46
CA UNK Y 4 59.49 29.54 8.17
C UNK Y 4 59.31 28.03 8.10
N UNK Y 5 60.24 27.33 7.46
CA UNK Y 5 60.14 25.88 7.37
C UNK Y 5 60.26 25.24 8.76
N UNK Y 6 61.16 25.76 9.59
CA UNK Y 6 61.30 25.23 10.94
C UNK Y 6 60.03 25.47 11.76
N UNK Y 7 59.44 26.65 11.63
CA UNK Y 7 58.20 26.93 12.35
C UNK Y 7 57.07 26.03 11.88
N UNK Y 8 56.97 25.81 10.57
CA UNK Y 8 55.93 24.92 10.06
C UNK Y 8 56.14 23.49 10.55
N UNK Y 9 57.38 23.02 10.57
CA UNK Y 9 57.66 21.68 11.06
C UNK Y 9 57.32 21.56 12.54
N UNK Y 10 57.65 22.58 13.33
CA UNK Y 10 57.33 22.56 14.75
C UNK Y 10 55.82 22.55 14.96
N UNK Y 11 55.09 23.34 14.18
CA UNK Y 11 53.63 23.37 14.32
C UNK Y 11 53.04 22.02 13.94
N UNK Y 12 53.53 21.40 12.86
CA UNK Y 12 53.04 20.08 12.46
C UNK Y 12 53.33 19.05 13.54
N UNK Y 13 54.53 19.09 14.13
CA UNK Y 13 54.85 18.15 15.19
C UNK Y 13 53.97 18.34 16.42
N UNK Y 14 53.71 19.60 16.78
CA UNK Y 14 52.83 19.86 17.92
C UNK Y 14 51.43 19.38 17.65
N UNK Y 15 50.92 19.60 16.43
CA UNK Y 15 49.59 19.12 16.09
C UNK Y 15 49.53 17.60 16.13
N UNK Y 16 50.57 16.93 15.62
CA UNK Y 16 50.59 15.47 15.66
C UNK Y 16 50.64 14.96 17.09
N UNK Y 17 51.43 15.61 17.94
CA UNK Y 17 51.51 15.20 19.34
C UNK Y 17 50.17 15.39 20.03
N UNK Y 18 49.49 16.50 19.76
CA UNK Y 18 48.18 16.73 20.35
C UNK Y 18 47.16 15.70 19.88
N UNK Y 19 47.18 15.36 18.59
CA UNK Y 19 46.28 14.34 18.07
C UNK Y 19 46.56 12.99 18.71
N UNK Y 20 47.83 12.64 18.86
CA UNK Y 20 48.18 11.36 19.48
C UNK Y 20 47.74 11.33 20.94
N UNK Y 21 47.91 12.44 21.65
CA UNK Y 21 47.46 12.50 23.05
C UNK Y 21 45.96 12.36 23.15
N UNK Y 22 45.23 13.03 22.25
CA UNK Y 22 43.76 12.91 22.26
C UNK Y 22 43.33 11.48 21.95
N UNK Y 23 43.99 10.83 21.00
CA UNK Y 23 43.64 9.46 20.68
C UNK Y 23 43.94 8.53 21.85
N UNK Y 24 45.07 8.73 22.52
CA UNK Y 24 45.41 7.90 23.68
C UNK Y 24 44.39 8.11 24.80
N UNK Y 25 44.00 9.37 25.03
CA UNK Y 25 42.98 9.62 26.05
C UNK Y 25 41.65 8.98 25.72
N UNK Y 26 41.24 9.05 24.46
CA UNK Y 26 40.00 8.41 24.05
C UNK Y 26 40.07 6.91 24.22
N UNK Y 27 41.20 6.30 23.85
CA UNK Y 27 41.36 4.86 24.02
C UNK Y 27 41.32 4.47 25.49
N UNK Y 28 41.97 5.27 26.35
CA UNK Y 28 41.96 4.97 27.78
C UNK Y 28 40.54 5.09 28.34
N UNK Y 29 39.81 6.12 27.92
CA UNK Y 29 38.43 6.26 28.39
C UNK Y 29 37.56 5.10 27.92
N UNK Y 30 37.73 4.65 26.68
CA UNK Y 30 36.97 3.52 26.17
C UNK Y 30 37.31 2.26 26.95
N UNK Y 31 38.60 2.05 27.25
CA UNK Y 31 38.99 0.88 28.01
C UNK Y 31 38.41 0.92 29.41
N UNK Y 32 38.43 2.10 30.04
CA UNK Y 32 37.86 2.22 31.38
C UNK Y 32 36.36 1.96 31.37
N UNK Y 33 35.66 2.46 30.35
CA UNK Y 33 34.22 2.21 30.26
C UNK Y 33 33.94 0.73 30.04
N UNK Y 34 34.73 0.08 29.20
CA UNK Y 34 34.54 -1.36 28.98
C UNK Y 34 34.80 -2.15 30.26
N UNK Y 35 35.84 -1.77 31.00
CA UNK Y 35 36.12 -2.47 32.26
C UNK Y 35 35.00 -2.26 33.27
N UNK Y 36 34.48 -1.03 33.36
CA UNK Y 36 33.37 -0.77 34.27
C UNK Y 36 32.14 -1.57 33.88
N UNK Y 37 31.85 -1.64 32.58
CA UNK Y 37 30.70 -2.43 32.13
C UNK Y 37 30.88 -3.90 32.44
N UNK Y 38 32.09 -4.43 32.22
CA UNK Y 38 32.35 -5.83 32.53
C UNK Y 38 32.20 -6.10 34.03
N UNK Y 39 32.69 -5.18 34.87
CA UNK Y 39 32.56 -5.36 36.31
C UNK Y 39 31.10 -5.31 36.73
N UNK Y 40 30.32 -4.39 36.15
CA UNK Y 40 28.91 -4.29 36.50
C UNK Y 40 28.12 -5.50 36.01
N UNK Y 41 28.56 -6.12 34.91
CA UNK Y 41 27.86 -7.30 34.40
C UNK Y 41 27.81 -8.41 35.44
N UNK Y 42 28.91 -8.62 36.16
CA UNK Y 42 28.97 -9.66 37.18
C UNK Y 42 30.03 -9.34 38.23
N UNK Y 43 31.87 -12.13 37.02
CA UNK Y 43 31.26 -11.61 35.82
C UNK Y 43 30.46 -12.69 35.09
N UNK Y 44 30.73 -13.96 35.45
CA UNK Y 44 30.03 -15.07 34.81
C UNK Y 44 28.66 -15.28 35.44
N UNK Y 45 28.62 -15.55 36.75
CA UNK Y 45 27.37 -15.78 37.46
C UNK Y 45 27.53 -15.23 38.87
N UNK Y 46 26.95 -14.07 39.13
CA UNK Y 46 27.03 -13.42 40.43
C UNK Y 46 26.06 -12.25 40.43
N UNK Y 47 25.93 -11.60 41.59
CA UNK Y 47 25.03 -10.45 41.75
C UNK Y 47 25.68 -9.22 41.12
N UNK Y 48 25.69 -9.21 39.79
CA UNK Y 48 26.27 -8.09 39.05
C UNK Y 48 25.45 -6.82 39.29
N UNK Y 49 26.00 -5.71 38.81
CA UNK Y 49 25.35 -4.41 38.96
C UNK Y 49 24.41 -4.13 37.77
N UNK Y 50 23.39 -4.98 37.66
CA UNK Y 50 22.41 -4.86 36.59
C UNK Y 50 21.02 -5.09 37.21
N UNK Y 51 20.21 -4.04 37.23
CA UNK Y 51 18.86 -4.09 37.78
C UNK Y 51 17.85 -4.05 36.65
N UNK Y 52 16.94 -5.03 36.64
CA UNK Y 52 15.88 -5.13 35.63
C UNK Y 52 14.55 -5.29 36.35
N UNK Y 53 13.92 -4.16 36.67
CA UNK Y 53 12.63 -4.16 37.37
C UNK Y 53 11.52 -4.28 36.34
N UNK Y 54 11.31 -5.50 35.86
CA UNK Y 54 10.26 -5.78 34.87
C UNK Y 54 8.93 -5.92 35.60
N UNK Y 55 8.12 -4.87 35.55
CA UNK Y 55 6.81 -4.85 36.21
C UNK Y 55 5.81 -4.26 35.21
N UNK Y 56 5.09 -5.13 34.52
CA UNK Y 56 4.10 -4.69 33.55
C UNK Y 56 2.81 -4.25 34.25
N UNK Y 57 2.00 -3.48 33.53
CA UNK Y 57 0.75 -2.98 34.05
C UNK Y 57 -0.43 -3.74 33.44
N UNK Y 58 -1.61 -3.55 34.03
CA UNK Y 58 -2.82 -4.20 33.56
C UNK Y 58 -3.45 -3.37 32.45
N UNK Y 59 -4.67 -3.74 32.04
CA UNK Y 59 -5.37 -3.04 30.99
C UNK Y 59 -5.95 -1.73 31.52
N UNK Y 60 -6.30 -0.85 30.60
CA UNK Y 60 -6.88 0.46 30.93
C UNK Y 60 -8.31 0.61 30.43
N UNK Y 61 -8.58 0.27 29.18
CA UNK Y 61 -9.91 0.39 28.60
C UNK Y 61 -9.89 -0.32 27.25
N UNK Y 62 -11.06 -0.38 26.61
CA UNK Y 62 -11.16 -1.04 25.32
C UNK Y 62 -10.28 -0.35 24.29
N UNK Y 63 -10.58 0.91 23.98
CA UNK Y 63 -9.76 1.68 23.05
C UNK Y 63 -10.01 3.16 23.31
N UNK Y 64 -9.02 3.84 23.87
CA UNK Y 64 -9.09 5.28 24.12
C UNK Y 64 -10.33 5.68 24.92
N UNK Y 65 -10.92 4.74 25.65
CA UNK Y 65 -12.13 5.01 26.44
C UNK Y 65 -12.22 3.95 27.54
N UNK Y 66 -13.33 3.98 28.28
CA UNK Y 66 -13.57 3.05 29.36
C UNK Y 66 -15.06 2.70 29.38
N UNK Y 67 -15.50 2.08 30.46
CA UNK Y 67 -16.90 1.68 30.64
C UNK Y 67 -17.52 2.48 31.76
N UNK Y 68 -18.82 2.78 31.61
CA UNK Y 68 -19.58 3.54 32.59
C UNK Y 68 -20.73 2.70 33.12
N UNK Y 69 -21.25 3.12 34.27
CA UNK Y 69 -22.37 2.43 34.90
C UNK Y 69 -23.15 3.42 35.75
N UNK Y 70 -24.44 3.17 35.88
CA UNK Y 70 -25.33 4.03 36.65
C UNK Y 70 -26.53 3.21 37.09
N UNK Y 71 -27.54 3.89 37.65
CA UNK Y 71 -28.74 3.23 38.13
C UNK Y 71 -29.63 2.90 36.93
N UNK Y 72 -29.76 1.60 36.63
CA UNK Y 72 -30.59 1.14 35.52
C UNK Y 72 -30.07 1.67 34.18
N UNK Y 73 -28.81 1.36 33.90
CA UNK Y 73 -28.16 1.79 32.67
C UNK Y 73 -28.32 0.69 31.63
N UNK Y 74 -29.03 1.00 30.54
CA UNK Y 74 -29.26 0.02 29.49
C UNK Y 74 -27.96 -0.25 28.72
N UNK Y 75 -28.05 -1.14 27.74
CA UNK Y 75 -26.90 -1.51 26.91
C UNK Y 75 -26.65 -0.39 25.90
N UNK Y 76 -26.01 0.67 26.38
CA UNK Y 76 -25.69 1.83 25.55
C UNK Y 76 -24.50 1.47 24.67
N UNK Y 77 -24.77 1.17 23.40
CA UNK Y 77 -23.69 0.82 22.47
C UNK Y 77 -22.68 1.96 22.39
N UNK Y 78 -21.41 1.58 22.32
CA UNK Y 78 -20.33 2.55 22.26
C UNK Y 78 -20.18 3.10 20.84
N UNK Y 79 -19.72 4.34 20.74
CA UNK Y 79 -19.50 4.99 19.45
C UNK Y 79 -18.30 5.92 19.61
N UNK Y 80 -17.11 5.44 19.26
CA UNK Y 80 -15.90 6.22 19.42
C UNK Y 80 -15.72 7.18 18.25
N UNK Y 81 -15.39 8.43 18.57
CA UNK Y 81 -15.15 9.44 17.55
C UNK Y 81 -14.41 10.60 18.20
N UNK Y 82 -13.26 10.96 17.65
CA UNK Y 82 -12.44 12.06 18.18
C UNK Y 82 -11.39 12.40 17.13
N UNK Y 83 -10.45 13.26 17.51
CA UNK Y 83 -9.36 13.68 16.62
C UNK Y 83 -9.90 14.38 15.36
N UNK Y 84 -10.62 15.47 15.60
CA UNK Y 84 -11.16 16.26 14.51
C UNK Y 84 -10.04 16.87 13.66
N UNK Y 85 -9.93 16.45 12.41
CA UNK Y 85 -8.88 16.94 11.54
C UNK Y 85 -9.05 18.43 11.27
N UNK Y 86 -7.95 19.08 10.93
CA UNK Y 86 -7.93 20.51 10.63
C UNK Y 86 -8.01 20.72 9.12
N UNK Y 87 -7.82 21.96 8.69
CA UNK Y 87 -7.86 22.30 7.27
C UNK Y 87 -6.51 21.95 6.63
N UNK Y 88 -6.30 22.39 5.40
CA UNK Y 88 -5.07 22.13 4.68
C UNK Y 88 -4.12 23.32 4.63
N UNK Y 89 -4.65 24.54 4.56
CA UNK Y 89 -3.81 25.75 4.54
C UNK Y 89 -4.59 26.86 5.24
N UNK Y 90 -4.31 27.04 6.52
CA UNK Y 90 -4.95 28.07 7.34
C UNK Y 90 -4.24 28.12 8.67
N UNK Y 91 -4.74 28.98 9.56
CA UNK Y 91 -4.20 29.14 10.91
C UNK Y 91 -5.31 28.76 11.89
N UNK Y 92 -5.23 27.53 12.41
CA UNK Y 92 -6.21 27.00 13.34
C UNK Y 92 -5.53 26.65 14.66
N UNK Y 93 -6.36 26.35 15.66
CA UNK Y 93 -5.90 25.98 16.98
C UNK Y 93 -6.07 24.48 17.19
N UNK Y 94 -5.76 24.03 18.41
CA UNK Y 94 -5.88 22.62 18.73
C UNK Y 94 -7.33 22.18 18.67
N UNK Y 95 -7.54 20.93 18.29
CA UNK Y 95 -8.88 20.35 18.17
C UNK Y 95 -9.22 19.53 19.41
N UNK Y 96 -10.50 19.18 19.51
CA UNK Y 96 -11.01 18.40 20.63
C UNK Y 96 -11.88 17.27 20.10
N UNK Y 97 -11.92 16.17 20.85
CA UNK Y 97 -12.70 15.00 20.47
C UNK Y 97 -14.11 15.11 21.02
N UNK Y 98 -15.09 14.77 20.18
CA UNK Y 98 -16.50 14.81 20.54
C UNK Y 98 -17.10 13.45 20.23
N UNK Y 99 -17.04 12.54 21.21
CA UNK Y 99 -17.58 11.20 21.05
C UNK Y 99 -19.05 11.16 21.46
N UNK Y 100 -19.81 10.30 20.79
CA UNK Y 100 -21.24 10.14 21.05
C UNK Y 100 -21.59 8.68 20.86
N UNK Y 101 -22.11 8.05 21.91
CA UNK Y 101 -22.49 6.65 21.87
C UNK Y 101 -23.97 6.53 21.49
N UNK Y 102 -24.43 5.28 21.36
CA UNK Y 102 -25.81 4.99 21.01
C UNK Y 102 -26.64 4.73 22.26
N UNK Y 103 -27.95 4.81 22.11
CA UNK Y 103 -28.91 4.60 23.19
C UNK Y 103 -29.64 3.28 22.97
N UNK Y 104 -29.75 2.48 24.03
CA UNK Y 104 -30.44 1.21 23.94
C UNK Y 104 -31.34 0.93 25.14
N UNK Y 105 -31.49 1.87 26.06
CA UNK Y 105 -32.32 1.69 27.24
C UNK Y 105 -32.44 3.04 27.94
N UNK Y 106 -33.18 3.05 29.05
CA UNK Y 106 -33.38 4.27 29.83
C UNK Y 106 -33.57 3.90 31.29
N UNK Y 107 -33.52 4.92 32.15
CA UNK Y 107 -33.67 4.74 33.58
C UNK Y 107 -34.12 6.06 34.19
N UNK Y 108 -34.08 6.15 35.52
CA UNK Y 108 -34.48 7.36 36.21
C UNK Y 108 -33.33 8.28 36.54
N UNK Y 109 -32.09 7.76 36.58
CA UNK Y 109 -30.90 8.56 36.86
C UNK Y 109 -29.97 8.65 35.67
N UNK Y 110 -29.55 7.52 35.12
CA UNK Y 110 -28.65 7.47 33.97
C UNK Y 110 -27.38 8.28 34.23
N UNK Y 111 -26.69 7.94 35.31
CA UNK Y 111 -25.45 8.59 35.72
C UNK Y 111 -24.30 7.62 35.47
N UNK Y 112 -23.60 7.81 34.36
CA UNK Y 112 -22.47 6.95 34.01
C UNK Y 112 -21.51 7.78 33.17
N UNK Y 113 -20.44 8.25 33.80
CA UNK Y 113 -19.42 9.06 33.15
C UNK Y 113 -18.15 8.24 33.01
N UNK Y 114 -17.68 8.08 31.77
CA UNK Y 114 -16.46 7.32 31.48
C UNK Y 114 -15.66 8.11 30.45
N UNK Y 115 -14.74 8.94 30.95
CA UNK Y 115 -13.89 9.78 30.10
C UNK Y 115 -12.46 9.66 30.59
N UNK Y 116 -11.56 9.24 29.70
CA UNK Y 116 -10.15 9.09 30.03
C UNK Y 116 -9.32 9.57 28.84
N UNK Y 117 -8.01 9.37 28.93
CA UNK Y 117 -7.08 9.78 27.88
C UNK Y 117 -5.75 9.07 28.14
N UNK Y 118 -4.73 9.44 27.37
CA UNK Y 118 -3.41 8.85 27.52
C UNK Y 118 -2.39 9.75 26.82
N UNK Y 119 -1.23 9.89 27.44
CA UNK Y 119 -0.15 10.72 26.92
C UNK Y 119 0.94 9.83 26.34
N UNK Y 120 2.02 10.47 25.88
CA UNK Y 120 3.15 9.76 25.30
C UNK Y 120 4.47 10.47 25.60
N UNK Z 1 71.96 27.88 11.33
CA UNK Z 1 72.53 26.60 10.80
C UNK Z 1 72.37 25.47 11.82
N UNK Z 2 73.19 25.50 12.87
CA UNK Z 2 73.10 24.46 13.89
C UNK Z 2 71.75 24.49 14.60
N UNK Z 3 71.18 25.68 14.79
CA UNK Z 3 69.88 25.78 15.44
C UNK Z 3 68.80 25.06 14.65
N UNK Z 4 68.80 25.22 13.33
CA UNK Z 4 67.80 24.55 12.50
C UNK Z 4 67.94 23.03 12.58
N UNK Z 5 69.18 22.54 12.55
CA UNK Z 5 69.39 21.09 12.65
C UNK Z 5 68.95 20.56 14.01
N UNK Z 6 69.26 21.31 15.08
CA UNK Z 6 68.83 20.89 16.41
C UNK Z 6 67.31 20.87 16.52
N UNK Z 7 66.65 21.88 15.95
CA UNK Z 7 65.19 21.89 15.98
C UNK Z 7 64.59 20.75 15.18
N UNK Z 8 65.16 20.45 14.01
CA UNK Z 8 64.67 19.34 13.20
C UNK Z 8 64.85 18.02 13.96
N UNK Z 9 66.00 17.85 14.61
CA UNK Z 9 66.22 16.63 15.38
C UNK Z 9 65.26 16.50 16.55
N UNK Z 10 65.01 17.61 17.25
CA UNK Z 10 64.06 17.57 18.35
C UNK Z 10 62.66 17.25 17.86
N UNK Z 11 62.25 17.83 16.73
CA UNK Z 11 60.94 17.54 16.18
C UNK Z 11 60.83 16.07 15.76
N UNK Z 12 61.88 15.53 15.15
CA UNK Z 12 61.86 14.12 14.77
C UNK Z 12 61.78 13.21 15.99
N UNK Z 13 62.54 13.53 17.04
CA UNK Z 13 62.47 12.73 18.26
C UNK Z 13 61.09 12.80 18.89
N UNK Z 14 60.49 13.99 18.91
CA UNK Z 14 59.14 14.13 19.47
C UNK Z 14 58.13 13.34 18.65
N UNK Z 15 58.24 13.38 17.33
CA UNK Z 15 57.31 12.63 16.47
C UNK Z 15 57.48 11.14 16.70
N UNK Z 16 58.72 10.68 16.84
CA UNK Z 16 58.95 9.25 17.09
C UNK Z 16 58.37 8.83 18.44
N UNK Z 17 58.57 9.67 19.47
CA UNK Z 17 58.02 9.35 20.79
C UNK Z 17 56.50 9.32 20.74
N UNK Z 18 55.89 10.27 20.03
CA UNK Z 18 54.43 10.29 19.93
C UNK Z 18 53.91 9.06 19.19
N UNK Z 19 54.61 8.65 18.12
CA UNK Z 19 54.20 7.46 17.38
C UNK Z 19 54.32 6.21 18.26
N UNK Z 20 55.41 6.11 19.02
CA UNK Z 20 55.57 4.97 19.91
C UNK Z 20 54.49 4.94 20.98
N UNK Z 21 54.16 6.10 21.54
CA UNK Z 21 53.10 6.16 22.55
C UNK Z 21 51.76 5.77 21.96
N UNK Z 22 51.46 6.25 20.74
CA UNK Z 22 50.20 5.90 20.09
C UNK Z 22 50.13 4.40 19.82
N UNK Z 23 51.24 3.81 19.38
CA UNK Z 23 51.27 2.37 19.12
C UNK Z 23 51.05 1.59 20.42
N UNK Z 24 51.71 2.01 21.50
CA UNK Z 24 51.53 1.33 22.77
C UNK Z 24 50.09 1.45 23.26
N UNK Z 25 49.48 2.63 23.11
CA UNK Z 25 48.09 2.82 23.53
C UNK Z 25 47.16 1.94 22.70
N UNK Z 26 47.39 1.86 21.38
CA UNK Z 26 46.56 1.02 20.54
C UNK Z 26 46.70 -0.45 20.91
N UNK Z 27 47.93 -0.90 21.19
CA UNK Z 27 48.14 -2.28 21.60
C UNK Z 27 47.43 -2.57 22.93
N UNK Z 28 47.52 -1.63 23.88
CA UNK Z 28 46.85 -1.83 25.16
C UNK Z 28 45.33 -1.87 24.99
N UNK Z 29 44.79 -1.00 24.13
CA UNK Z 29 43.35 -1.00 23.90
C UNK Z 29 42.91 -2.30 23.23
N UNK Z 30 43.69 -2.80 22.27
CA UNK Z 30 43.36 -4.06 21.63
C UNK Z 30 43.40 -5.21 22.62
N UNK Z 31 44.41 -5.24 23.49
CA UNK Z 31 44.49 -6.29 24.50
C UNK Z 31 43.31 -6.22 25.45
N UNK Z 32 42.92 -5.01 25.88
CA UNK Z 32 41.79 -4.87 26.78
C UNK Z 32 40.50 -5.32 26.10
N UNK Z 33 40.32 -4.97 24.83
CA UNK Z 33 39.12 -5.40 24.11
C UNK Z 33 39.08 -6.91 23.97
N UNK Z 34 40.22 -7.53 23.67
CA UNK Z 34 40.27 -8.98 23.56
C UNK Z 34 39.95 -9.64 24.89
N UNK Z 35 40.49 -9.10 25.99
CA UNK Z 35 40.21 -9.66 27.30
C UNK Z 35 38.73 -9.53 27.64
N UNK Z 36 38.13 -8.38 27.32
CA UNK Z 36 36.71 -8.18 27.60
C UNK Z 36 35.87 -9.14 26.77
N UNK Z 37 36.22 -9.34 25.50
CA UNK Z 37 35.48 -10.27 24.67
C UNK Z 37 35.60 -11.69 25.19
N UNK Z 38 36.80 -12.09 25.63
CA UNK Z 38 36.98 -13.43 26.17
C UNK Z 38 36.17 -13.61 27.45
N UNK Z 39 36.14 -12.58 28.30
CA UNK Z 39 35.37 -12.67 29.54
C UNK Z 39 33.88 -12.76 29.24
N UNK Z 40 33.41 -11.99 28.26
CA UNK Z 40 31.99 -12.06 27.89
C UNK Z 40 31.63 -13.42 27.31
N UNK Z 41 32.51 -13.98 26.48
CA UNK Z 41 32.24 -15.30 25.90
C UNK Z 41 32.25 -16.38 26.98
N UNK Z 42 33.15 -16.29 27.95
CA UNK Z 42 33.22 -17.27 29.02
C UNK Z 42 31.95 -17.26 29.86
N UNK Z 43 31.40 -16.07 30.12
CA UNK Z 43 30.18 -15.94 30.90
C UNK Z 43 28.97 -15.66 30.01
N UNK AA 1 92.53 20.57 -13.41
CA UNK AA 1 91.30 21.08 -14.01
C UNK AA 1 91.57 21.60 -15.43
N UNK AA 2 91.36 20.74 -16.42
CA UNK AA 2 91.57 21.09 -17.81
C UNK AA 2 90.80 20.10 -18.68
N UNK AA 3 91.04 20.16 -19.99
CA UNK AA 3 90.37 19.26 -20.90
C UNK AA 3 90.78 17.81 -20.62
N UNK AA 4 90.06 16.88 -21.25
CA UNK AA 4 90.32 15.46 -21.07
C UNK AA 4 91.69 15.09 -21.61
N UNK AA 5 92.60 14.72 -20.72
CA UNK AA 5 93.95 14.35 -21.10
C UNK AA 5 94.06 12.83 -21.31
N UNK AA 6 95.22 12.40 -21.79
CA UNK AA 6 95.47 10.98 -22.02
C UNK AA 6 95.44 10.21 -20.71
N UNK AA 7 94.45 9.33 -20.55
CA UNK AA 7 94.29 8.53 -19.35
C UNK AA 7 95.01 7.20 -19.41
N UNK AA 8 96.05 7.09 -20.26
CA UNK AA 8 96.83 5.87 -20.42
C UNK AA 8 96.12 4.80 -21.23
N UNK AA 9 95.10 5.17 -21.99
CA UNK AA 9 94.36 4.20 -22.80
C UNK AA 9 95.30 3.44 -23.72
N UNK AA 10 95.15 2.12 -23.75
CA UNK AA 10 95.99 1.25 -24.57
C UNK AA 10 95.11 0.41 -25.48
N UNK AA 11 95.68 0.03 -26.63
CA UNK AA 11 94.95 -0.77 -27.59
C UNK AA 11 94.69 -2.18 -27.05
N UNK AA 12 94.03 -3.00 -27.85
CA UNK AA 12 93.69 -4.36 -27.48
C UNK AA 12 93.68 -5.23 -28.73
N UNK AA 13 93.10 -6.42 -28.61
CA UNK AA 13 93.04 -7.34 -29.74
C UNK AA 13 92.33 -6.67 -30.92
N UNK AA 14 92.84 -6.94 -32.12
CA UNK AA 14 92.30 -6.38 -33.36
C UNK AA 14 92.07 -7.48 -34.38
N UNK AA 15 91.44 -8.57 -33.95
CA UNK AA 15 91.16 -9.68 -34.84
C UNK AA 15 90.30 -9.22 -36.02
N UNK AA 16 90.37 -9.97 -37.10
CA UNK AA 16 89.66 -9.74 -38.35
C UNK AA 16 90.32 -8.64 -39.20
N UNK AA 17 91.42 -8.04 -38.75
CA UNK AA 17 92.14 -6.99 -39.44
C UNK AA 17 91.42 -5.66 -39.48
N UNK AA 18 90.21 -5.57 -38.94
CA UNK AA 18 89.38 -4.36 -38.90
C UNK AA 18 88.71 -4.04 -40.22
N UNK AA 19 88.92 -4.84 -41.26
CA UNK AA 19 88.32 -4.59 -42.58
C UNK AA 19 87.02 -5.40 -42.71
N UNK AA 20 86.01 -4.95 -41.97
CA UNK AA 20 84.71 -5.60 -41.98
C UNK AA 20 83.61 -4.61 -42.28
N UNK AA 21 82.35 -5.07 -42.22
CA UNK AA 21 81.23 -4.19 -42.54
C UNK AA 21 81.15 -3.03 -41.55
N UNK AA 22 80.94 -3.33 -40.27
CA UNK AA 22 80.84 -2.30 -39.24
C UNK AA 22 80.69 -2.92 -37.86
N UNK AA 23 80.73 -2.09 -36.82
CA UNK AA 23 80.59 -2.53 -35.43
C UNK AA 23 79.41 -1.77 -34.84
N UNK AA 24 78.21 -2.33 -34.96
CA UNK AA 24 76.98 -1.72 -34.46
C UNK AA 24 76.31 -2.60 -33.43
N UNK AA 25 77.09 -3.15 -32.50
CA UNK AA 25 76.58 -3.99 -31.42
C UNK AA 25 76.55 -3.13 -30.16
N UNK AA 26 75.43 -2.45 -29.94
CA UNK AA 26 75.29 -1.56 -28.79
C UNK AA 26 75.19 -2.37 -27.50
N UNK AA 27 75.94 -1.92 -26.49
CA UNK AA 27 75.92 -2.56 -25.18
C UNK AA 27 76.83 -1.80 -24.23
N UNK AA 28 76.54 -1.86 -22.92
CA UNK AA 28 77.37 -1.17 -21.94
C UNK AA 28 78.42 -2.11 -21.33
N UNK AA 29 77.98 -3.12 -20.60
CA UNK AA 29 78.89 -4.07 -19.98
C UNK AA 29 78.05 -5.08 -19.20
N UNK AA 30 78.72 -6.11 -18.68
CA UNK AA 30 78.10 -7.09 -17.79
C UNK AA 30 78.62 -6.93 -16.36
N UNK AA 31 79.93 -6.99 -16.17
CA UNK AA 31 80.55 -6.64 -14.89
C UNK AA 31 81.45 -5.42 -15.04
N UNK AA 32 82.45 -5.49 -15.92
CA UNK AA 32 83.25 -4.31 -16.27
C UNK AA 32 83.88 -4.61 -17.63
N UNK AA 33 83.27 -4.08 -18.70
CA UNK AA 33 83.77 -4.33 -20.04
C UNK AA 33 82.87 -3.57 -21.02
N UNK AA 34 83.30 -3.54 -22.28
CA UNK AA 34 82.53 -2.95 -23.35
C UNK AA 34 83.14 -3.36 -24.68
N UNK AA 35 82.30 -3.80 -25.60
CA UNK AA 35 82.75 -4.25 -26.92
C UNK AA 35 81.52 -4.63 -27.74
N UNK AA 36 81.77 -4.96 -29.00
CA UNK AA 36 80.70 -5.37 -29.92
C UNK AA 36 81.35 -5.91 -31.19
N UNK AA 37 80.54 -6.51 -32.05
CA UNK AA 37 81.02 -7.06 -33.30
C UNK AA 37 79.81 -7.36 -34.19
N UNK AA 38 80.10 -7.66 -35.45
CA UNK AA 38 79.05 -7.97 -36.42
C UNK AA 38 78.86 -9.48 -36.45
N UNK AA 39 77.90 -9.96 -35.67
CA UNK AA 39 77.61 -11.39 -35.60
C UNK AA 39 77.05 -11.90 -36.92
N UNK AA 40 76.51 -14.08 -32.75
CA UNK AA 40 77.01 -14.34 -34.08
C UNK AA 40 78.53 -14.21 -34.12
N UNK AA 41 79.07 -13.32 -33.30
CA UNK AA 41 80.50 -13.08 -33.23
C UNK AA 41 80.82 -12.48 -31.86
N UNK AA 42 82.05 -11.99 -31.70
CA UNK AA 42 82.47 -11.38 -30.45
C UNK AA 42 81.58 -10.19 -30.12
N UNK AA 43 80.84 -10.29 -29.01
CA UNK AA 43 79.93 -9.24 -28.58
C UNK AA 43 80.47 -8.44 -27.39
N UNK AA 44 81.69 -8.71 -26.97
CA UNK AA 44 82.29 -8.01 -25.84
C UNK AA 44 83.74 -8.46 -25.71
N UNK AA 45 84.48 -7.77 -24.85
CA UNK AA 45 85.89 -8.07 -24.61
C UNK AA 45 86.22 -8.34 -23.15
N UNK AA 46 85.23 -8.30 -22.26
CA UNK AA 46 85.37 -8.53 -20.83
C UNK AA 46 85.97 -7.33 -20.08
N UNK AA 47 86.36 -6.27 -20.78
CA UNK AA 47 86.92 -5.08 -20.15
C UNK AA 47 88.04 -5.43 -19.17
N UNK AA 48 89.01 -6.20 -19.67
CA UNK AA 48 90.13 -6.60 -18.83
C UNK AA 48 90.91 -5.38 -18.36
N UNK AA 49 91.61 -5.55 -17.24
CA UNK AA 49 92.40 -4.45 -16.68
C UNK AA 49 93.58 -4.06 -17.56
N UNK AA 50 94.05 -4.97 -18.41
CA UNK AA 50 95.17 -4.72 -19.30
C UNK AA 50 94.70 -4.80 -20.74
N UNK AA 51 95.16 -3.87 -21.56
CA UNK AA 51 94.79 -3.83 -22.97
C UNK AA 51 95.35 -5.05 -23.71
N UNK AA 52 92.59 -6.81 -25.15
CA UNK AA 52 91.48 -7.68 -25.55
C UNK AA 52 91.20 -8.74 -24.49
N UNK AA 53 90.06 -9.39 -24.60
CA UNK AA 53 89.67 -10.43 -23.65
C UNK AA 53 88.63 -11.32 -24.32
N UNK AA 54 88.93 -12.60 -24.47
CA UNK AA 54 88.00 -13.52 -25.09
C UNK AA 54 86.71 -13.60 -24.28
N UNK AA 55 85.62 -13.92 -24.97
CA UNK AA 55 84.31 -14.04 -24.33
C UNK AA 55 83.50 -15.08 -25.09
N UNK AA 56 82.20 -15.13 -24.82
CA UNK AA 56 81.29 -16.08 -25.47
C UNK AA 56 81.00 -15.58 -26.88
N UNK AA 57 81.96 -15.83 -27.78
CA UNK AA 57 81.84 -15.42 -29.18
C UNK AA 57 81.22 -16.57 -29.97
N UNK AA 58 79.90 -16.66 -29.90
CA UNK AA 58 79.17 -17.70 -30.60
C UNK AA 58 79.19 -17.43 -32.10
N UNK AA 59 78.56 -18.34 -32.87
CA UNK AA 59 78.48 -18.23 -34.32
C UNK AA 59 77.04 -18.54 -34.72
N UNK AA 60 76.24 -17.47 -34.89
CA UNK AA 60 74.85 -17.62 -35.27
C UNK AA 60 74.46 -16.60 -36.34
N UNK AA 61 71.59 -12.44 -40.70
CA UNK AA 61 70.21 -12.51 -40.24
C UNK AA 61 70.11 -13.20 -38.88
N UNK AA 62 70.21 -12.41 -37.81
CA UNK AA 62 70.13 -12.93 -36.46
C UNK AA 62 69.26 -12.07 -35.56
N UNK AA 63 68.30 -11.36 -36.14
CA UNK AA 63 67.38 -10.51 -35.39
C UNK AA 63 68.13 -9.42 -34.62
N UNK AA 64 68.86 -8.59 -35.37
CA UNK AA 64 69.61 -7.49 -34.78
C UNK AA 64 68.66 -6.31 -34.52
N UNK AA 65 69.24 -5.16 -34.15
CA UNK AA 65 68.45 -3.95 -33.87
C UNK AA 65 67.43 -4.21 -32.76
N UNK AA 66 67.94 -4.49 -31.57
CA UNK AA 66 67.10 -4.79 -30.42
C UNK AA 66 67.80 -4.28 -29.16
N UNK AA 67 67.34 -4.73 -28.01
CA UNK AA 67 67.87 -4.28 -26.73
C UNK AA 67 69.27 -4.87 -26.52
N UNK AA 68 69.85 -4.60 -25.36
CA UNK AA 68 71.19 -5.07 -25.01
C UNK AA 68 71.38 -4.87 -23.51
N UNK AA 69 72.61 -5.06 -23.04
CA UNK AA 69 72.91 -4.90 -21.63
C UNK AA 69 72.36 -6.05 -20.80
N UNK AA 70 72.25 -7.23 -21.41
CA UNK AA 70 71.79 -8.42 -20.71
C UNK AA 70 72.92 -9.38 -20.37
N UNK AA 71 74.14 -9.07 -20.78
CA UNK AA 71 75.30 -9.90 -20.46
C UNK AA 71 75.32 -11.17 -21.31
N UNK AA 72 74.27 -11.41 -22.08
CA UNK AA 72 74.20 -12.56 -22.97
C UNK AA 72 74.09 -12.17 -24.43
N UNK AA 73 73.11 -11.34 -24.79
CA UNK AA 73 72.90 -10.93 -26.17
C UNK AA 73 71.74 -9.92 -26.18
N UNK AA 74 71.48 -9.36 -27.36
CA UNK AA 74 70.40 -8.39 -27.54
C UNK AA 74 69.65 -8.76 -28.82
N UNK AA 75 68.64 -9.60 -28.68
CA UNK AA 75 67.79 -10.04 -29.80
C UNK AA 75 66.33 -9.98 -29.33
N UNK AA 76 65.70 -8.83 -29.52
CA UNK AA 76 64.31 -8.65 -29.13
C UNK AA 76 63.67 -7.61 -30.05
N UNK AA 77 62.41 -7.29 -29.76
CA UNK AA 77 61.67 -6.31 -30.55
C UNK AA 77 60.57 -5.72 -29.66
N UNK AA 78 59.66 -4.96 -30.27
CA UNK AA 78 58.56 -4.34 -29.55
C UNK AA 78 57.33 -5.24 -29.44
N UNK AA 79 57.48 -6.53 -29.71
CA UNK AA 79 56.36 -7.47 -29.63
C UNK AA 79 56.90 -8.83 -29.23
N UNK AA 80 56.07 -9.86 -29.38
CA UNK AA 80 56.46 -11.22 -29.02
C UNK AA 80 57.05 -11.94 -30.22
N UNK AA 81 58.36 -11.21 -33.68
CA UNK AA 81 59.77 -10.84 -33.70
C UNK AA 81 60.64 -11.99 -33.19
N UNK AA 82 61.89 -12.03 -33.66
CA UNK AA 82 62.81 -13.08 -33.25
C UNK AA 82 63.23 -12.87 -31.80
N UNK AA 83 63.97 -13.85 -31.26
CA UNK AA 83 64.45 -13.80 -29.89
C UNK AA 83 65.83 -14.46 -29.86
N UNK AA 84 66.87 -13.64 -29.93
CA UNK AA 84 68.25 -14.12 -29.92
C UNK AA 84 68.89 -13.64 -28.61
N UNK AA 85 68.85 -14.50 -27.60
CA UNK AA 85 69.41 -14.19 -26.27
C UNK AA 85 70.16 -15.44 -25.80
N UNK AA 86 71.47 -15.46 -26.05
CA UNK AA 86 72.32 -16.58 -25.66
C UNK AA 86 73.44 -16.03 -24.78
N UNK AA 87 73.55 -16.57 -23.57
CA UNK AA 87 74.56 -16.11 -22.62
C UNK AA 87 75.94 -16.63 -23.02
N UNK AA 88 76.93 -16.38 -22.16
CA UNK AA 88 78.29 -16.81 -22.43
C UNK AA 88 78.41 -18.33 -22.33
N UNK AA 89 78.08 -18.88 -21.16
CA UNK AA 89 78.15 -20.32 -20.93
C UNK AA 89 76.93 -21.02 -21.53
N UNK AA 90 76.78 -20.88 -22.84
CA UNK AA 90 75.69 -21.48 -23.60
C UNK AA 90 76.05 -21.41 -25.08
N UNK AA 91 75.09 -21.77 -25.93
CA UNK AA 91 75.27 -21.75 -27.38
C UNK AA 91 74.19 -20.89 -28.01
N UNK AA 92 74.28 -20.74 -29.33
CA UNK AA 92 73.31 -19.94 -30.06
C UNK AA 92 71.95 -20.61 -30.04
N UNK AA 93 70.94 -19.87 -30.49
CA UNK AA 93 69.54 -20.32 -30.56
C UNK AA 93 68.91 -20.54 -29.20
N UNK AA 94 69.59 -20.17 -28.11
CA UNK AA 94 69.04 -20.34 -26.77
C UNK AA 94 67.86 -19.40 -26.58
N UNK AA 95 66.65 -19.96 -26.57
CA UNK AA 95 65.44 -19.16 -26.39
C UNK AA 95 64.63 -19.11 -27.68
N UNK AA 96 60.74 -18.10 -22.45
CA UNK AA 96 60.57 -17.91 -23.88
C UNK AA 96 59.08 -17.90 -24.25
N UNK AA 97 58.47 -16.73 -24.16
CA UNK AA 97 57.06 -16.55 -24.48
C UNK AA 97 56.93 -15.51 -25.58
N UNK AA 98 56.20 -15.85 -26.63
CA UNK AA 98 56.00 -14.95 -27.77
C UNK AA 98 55.03 -13.83 -27.40
N UNK AA 99 54.20 -5.86 -24.83
CA UNK AA 99 55.20 -5.06 -24.15
C UNK AA 99 56.47 -5.87 -23.90
N UNK AA 100 57.50 -5.65 -24.73
CA UNK AA 100 58.76 -6.35 -24.60
C UNK AA 100 59.96 -5.42 -24.77
N UNK AA 101 59.77 -4.13 -24.46
CA UNK AA 101 60.84 -3.14 -24.59
C UNK AA 101 61.25 -2.56 -23.24
N UNK AA 102 61.00 -3.29 -22.15
CA UNK AA 102 61.35 -2.83 -20.82
C UNK AA 102 62.80 -3.20 -20.50
N UNK AA 103 63.22 -2.92 -19.27
CA UNK AA 103 64.57 -3.23 -18.83
C UNK AA 103 64.65 -3.03 -17.32
N UNK AA 104 65.47 -3.85 -16.68
CA UNK AA 104 65.67 -3.78 -15.23
C UNK AA 104 66.76 -4.77 -14.87
N UNK AA 105 67.27 -4.65 -13.64
CA UNK AA 105 68.32 -5.54 -13.16
C UNK AA 105 68.11 -6.00 -11.73
N UNK AA 106 66.95 -5.71 -11.12
CA UNK AA 106 66.66 -6.11 -9.75
C UNK AA 106 65.52 -7.10 -9.73
N UNK AA 107 65.51 -7.95 -8.71
CA UNK AA 107 64.50 -8.98 -8.47
C UNK AA 107 64.63 -10.19 -9.39
N UNK AA 108 65.57 -10.17 -10.34
CA UNK AA 108 65.75 -11.28 -11.25
C UNK AA 108 66.96 -10.98 -12.13
N UNK AA 109 67.52 -12.04 -12.72
CA UNK AA 109 68.68 -11.92 -13.59
C UNK AA 109 68.19 -11.60 -15.01
N UNK AA 110 68.42 -10.37 -15.45
CA UNK AA 110 68.02 -9.93 -16.79
C UNK AA 110 66.50 -10.09 -16.98
N UNK AA 111 65.74 -9.37 -16.14
CA UNK AA 111 64.29 -9.43 -16.23
C UNK AA 111 63.79 -9.07 -17.63
N UNK AA 112 64.46 -8.12 -18.28
CA UNK AA 112 64.09 -7.68 -19.63
C UNK AA 112 62.64 -7.18 -19.67
N UNK AA 113 62.39 -6.13 -18.89
CA UNK AA 113 61.06 -5.53 -18.81
C UNK AA 113 60.05 -6.44 -18.10
N UNK AA 114 60.54 -7.18 -17.11
CA UNK AA 114 59.69 -8.10 -16.36
C UNK AA 114 58.69 -7.33 -15.51
N UNK AA 115 50.97 -7.67 -19.62
CA UNK AA 115 51.99 -7.58 -18.59
C UNK AA 115 52.69 -8.91 -18.37
N UNK AA 116 53.95 -9.00 -18.81
CA UNK AA 116 54.73 -10.22 -18.66
C UNK AA 116 56.18 -9.91 -19.01
N UNK AA 117 57.06 -10.81 -18.62
CA UNK AA 117 58.49 -10.66 -18.89
C UNK AA 117 59.18 -11.99 -18.62
N UNK AA 118 60.35 -12.17 -19.23
CA UNK AA 118 61.13 -13.37 -19.09
C UNK AA 118 62.59 -13.00 -18.90
N UNK AA 119 63.30 -13.82 -18.12
CA UNK AA 119 64.71 -13.58 -17.85
C UNK AA 119 65.52 -14.86 -18.02
N UNK AA 120 66.81 -14.81 -17.67
CA UNK AA 120 67.67 -15.97 -17.78
C UNK AA 120 67.40 -17.04 -16.73
N UNK AA 121 66.44 -16.82 -15.83
CA UNK AA 121 66.12 -17.79 -14.80
C UNK AA 121 65.55 -19.09 -15.35
N UNK AA 122 65.25 -19.15 -16.65
CA UNK AA 122 64.69 -20.31 -17.34
C UNK AA 122 63.22 -20.53 -17.04
N UNK AA 123 62.59 -19.73 -16.18
CA UNK AA 123 61.18 -19.91 -15.86
C UNK AA 123 60.63 -18.54 -15.45
N UNK AA 124 59.83 -17.93 -16.33
CA UNK AA 124 59.25 -16.62 -16.04
C UNK AA 124 57.78 -16.52 -16.44
N UNK AA 125 57.16 -17.61 -16.90
CA UNK AA 125 55.76 -17.58 -17.30
C UNK AA 125 54.84 -17.52 -16.08
N UNK AA 126 51.98 -6.94 -13.22
CA UNK AA 126 52.24 -6.64 -11.81
C UNK AA 126 53.35 -5.60 -11.67
N UNK AA 127 53.91 -5.20 -12.79
CA UNK AA 127 54.98 -4.21 -12.80
C UNK AA 127 54.45 -2.79 -12.98
N UNK AA 128 53.66 -2.57 -14.02
CA UNK AA 128 53.09 -1.26 -14.30
C UNK AA 128 51.65 -1.42 -14.74
N UNK AA 129 50.90 -0.33 -14.67
CA UNK AA 129 49.50 -0.34 -15.08
C UNK AA 129 49.37 -0.88 -16.50
N UNK AA 130 48.24 -1.54 -16.76
CA UNK AA 130 47.97 -2.12 -18.08
C UNK AA 130 47.58 -1.02 -19.06
N UNK AA 131 48.57 -0.19 -19.39
CA UNK AA 131 48.40 0.92 -20.32
C UNK AA 131 49.54 0.85 -21.33
N UNK AA 132 49.30 0.21 -22.48
CA UNK AA 132 50.31 0.06 -23.53
C UNK AA 132 50.41 1.36 -24.32
N UNK AA 133 51.00 2.38 -23.68
CA UNK AA 133 51.19 3.67 -24.30
C UNK AA 133 52.57 4.25 -23.99
N UNK AA 134 53.54 3.39 -23.73
CA UNK AA 134 54.90 3.83 -23.42
C UNK AA 134 55.89 2.79 -23.94
N UNK AA 135 57.02 3.27 -24.45
CA UNK AA 135 58.07 2.41 -24.98
C UNK AA 135 59.41 2.74 -24.33
N UNK AA 136 59.40 3.02 -23.04
CA UNK AA 136 60.63 3.35 -22.32
C UNK AA 136 60.37 3.12 -20.84
N UNK AA 137 61.09 2.17 -20.24
CA UNK AA 137 60.96 1.85 -18.84
C UNK AA 137 62.25 2.19 -18.09
N UNK AA 138 62.11 2.40 -16.78
CA UNK AA 138 63.27 2.72 -15.94
C UNK AA 138 62.88 2.44 -14.50
N UNK AA 139 63.64 1.58 -13.83
CA UNK AA 139 63.38 1.24 -12.44
C UNK AA 139 64.02 2.27 -11.52
N UNK AA 140 63.32 2.58 -10.42
CA UNK AA 140 63.79 3.53 -9.43
C UNK AA 140 64.12 2.90 -8.10
N UNK AA 141 63.18 2.15 -7.51
CA UNK AA 141 63.40 1.50 -6.23
C UNK AA 141 63.01 0.03 -6.20
N UNK AA 142 62.16 -0.45 -7.12
CA UNK AA 142 61.76 -1.85 -7.14
C UNK AA 142 62.93 -2.69 -7.65
N UNK AA 143 63.64 -3.33 -6.72
CA UNK AA 143 64.78 -4.16 -7.09
C UNK AA 143 66.06 -3.65 -6.44
N UNK AA 144 56.55 -2.50 -10.61
CA UNK AA 144 57.59 -1.60 -11.11
C UNK AA 144 58.50 -1.13 -9.98
N UNK AA 145 57.94 -1.07 -8.77
CA UNK AA 145 58.68 -0.63 -7.58
C UNK AA 145 59.25 0.78 -7.76
N UNK AA 146 58.33 1.72 -7.96
CA UNK AA 146 58.69 3.13 -8.16
C UNK AA 146 59.59 3.30 -9.38
N UNK AA 147 59.06 2.89 -10.53
CA UNK AA 147 59.77 2.96 -11.80
C UNK AA 147 59.16 4.06 -12.67
N UNK AA 148 59.93 4.50 -13.66
CA UNK AA 148 59.52 5.54 -14.58
C UNK AA 148 59.10 4.94 -15.92
N UNK AA 149 58.39 5.74 -16.71
CA UNK AA 149 57.90 5.30 -18.00
C UNK AA 149 57.92 6.50 -18.95
N UNK AA 150 58.38 6.26 -20.18
CA UNK AA 150 58.46 7.31 -21.20
C UNK AA 150 57.23 7.19 -22.09
N UNK AA 151 56.32 8.15 -21.97
CA UNK AA 151 55.11 8.14 -22.78
C UNK AA 151 55.42 8.45 -24.23
N UNK AA 152 54.63 7.86 -25.13
CA UNK AA 152 54.81 8.05 -26.57
C UNK AA 152 54.33 9.40 -27.07
N UNK AA 153 53.91 10.31 -26.18
CA UNK AA 153 53.43 11.62 -26.59
C UNK AA 153 54.18 12.75 -25.89
N UNK AA 154 55.43 12.49 -25.51
CA UNK AA 154 56.25 13.48 -24.84
C UNK AA 154 55.85 13.62 -23.37
N UNK AA 155 54.83 12.87 -22.96
CA UNK AA 155 54.36 12.93 -21.58
C UNK AA 155 55.36 12.24 -20.65
N UNK AA 156 55.50 12.77 -19.44
CA UNK AA 156 56.39 12.24 -18.43
C UNK AA 156 55.52 11.63 -17.34
N UNK AA 157 55.18 10.36 -17.51
CA UNK AA 157 54.34 9.67 -16.54
C UNK AA 157 55.12 9.35 -15.27
N UNK AA 158 54.58 9.77 -14.12
CA UNK AA 158 55.22 9.49 -12.83
C UNK AA 158 54.72 8.15 -12.29
N UNK AA 159 55.25 7.09 -12.88
CA UNK AA 159 54.86 5.74 -12.52
C UNK AA 159 55.12 5.47 -11.04
N UNK AA 160 54.06 5.30 -10.26
CA UNK AA 160 54.19 5.00 -8.83
C UNK AA 160 54.38 3.50 -8.63
N UNK AA 161 54.30 3.05 -7.38
CA UNK AA 161 54.44 1.63 -7.05
C UNK AA 161 53.12 0.93 -7.43
N UNK AA 162 52.96 0.69 -8.72
CA UNK AA 162 51.79 0.07 -9.33
C UNK AA 162 50.60 1.02 -9.44
N UNK AA 163 50.69 2.24 -8.92
CA UNK AA 163 49.61 3.22 -8.99
C UNK AA 163 50.20 4.53 -9.50
N UNK AA 164 49.97 4.83 -10.77
CA UNK AA 164 50.48 6.06 -11.37
C UNK AA 164 49.72 7.25 -10.81
N UNK AA 165 50.44 8.15 -10.12
CA UNK AA 165 49.85 9.34 -9.52
C UNK AA 165 50.71 10.56 -9.78
N UNK AA 166 51.19 10.71 -11.01
CA UNK AA 166 52.03 11.85 -11.37
C UNK AA 166 52.19 11.87 -12.88
N UNK AA 167 52.42 13.06 -13.42
CA UNK AA 167 52.61 13.24 -14.85
C UNK AA 167 53.54 14.42 -15.09
N UNK AA 168 53.94 14.58 -16.34
CA UNK AA 168 54.84 15.67 -16.72
C UNK AA 168 54.84 15.79 -18.24
N UNK AA 169 54.94 17.02 -18.72
CA UNK AA 169 54.96 17.28 -20.16
C UNK AA 169 56.37 17.06 -20.70
N UNK AA 170 56.58 17.44 -21.95
CA UNK AA 170 57.88 17.29 -22.61
C UNK AA 170 57.95 18.28 -23.77
N UNK AA 171 59.01 18.16 -24.57
CA UNK AA 171 59.23 19.03 -25.72
C UNK AA 171 59.01 18.33 -27.06
N UNK AA 172 59.43 17.08 -27.19
CA UNK AA 172 59.28 16.34 -28.43
C UNK AA 172 59.11 14.86 -28.11
N UNK AA 173 59.06 14.05 -29.16
CA UNK AA 173 58.89 12.61 -28.97
C UNK AA 173 60.01 12.06 -28.10
N UNK AA 174 59.68 11.04 -27.30
CA UNK AA 174 60.63 10.42 -26.39
C UNK AA 174 61.35 9.29 -27.09
N UNK AA 175 62.67 9.22 -26.87
CA UNK AA 175 63.50 8.18 -27.46
C UNK AA 175 64.34 7.42 -26.45
N UNK AA 176 64.73 8.04 -25.35
CA UNK AA 176 65.54 7.37 -24.32
C UNK AA 176 65.31 8.07 -23.01
N UNK AA 177 64.91 7.32 -21.98
CA UNK AA 177 64.62 7.87 -20.65
C UNK AA 177 65.53 7.16 -19.65
N UNK AA 178 66.67 7.76 -19.36
CA UNK AA 178 67.62 7.20 -18.40
C UNK AA 178 67.07 7.35 -16.98
N UNK AA 179 67.86 6.89 -16.02
CA UNK AA 179 67.49 6.96 -14.60
C UNK AA 179 68.74 7.31 -13.80
N UNK AA 180 68.93 8.60 -13.53
CA UNK AA 180 70.07 9.09 -12.77
C UNK AA 180 69.65 9.35 -11.33
N UNK AA 181 70.50 8.93 -10.39
CA UNK AA 181 70.22 9.15 -8.98
C UNK AA 181 70.54 10.57 -8.54
N UNK AA 182 71.72 11.06 -8.91
CA UNK AA 182 72.14 12.40 -8.56
C UNK AA 182 72.39 12.52 -7.06
N UNK AA 183 73.13 15.31 -3.50
CA UNK AA 183 72.04 16.16 -3.97
C UNK AA 183 70.75 15.85 -3.23
N UNK AA 184 70.45 14.55 -3.08
CA UNK AA 184 69.26 14.04 -2.41
C UNK AA 184 68.00 14.15 -3.25
N UNK AA 185 68.10 14.50 -4.53
CA UNK AA 185 66.95 14.64 -5.41
C UNK AA 185 67.27 13.91 -6.71
N UNK AA 186 66.52 12.85 -7.00
CA UNK AA 186 66.75 12.09 -8.22
C UNK AA 186 66.51 12.97 -9.44
N UNK AA 187 67.10 12.56 -10.56
CA UNK AA 187 66.99 13.27 -11.82
C UNK AA 187 66.16 12.45 -12.81
N UNK AA 188 66.05 12.96 -14.03
CA UNK AA 188 65.28 12.29 -15.08
C UNK AA 188 65.93 12.63 -16.42
N UNK AA 189 66.75 11.71 -16.93
CA UNK AA 189 67.45 11.91 -18.20
C UNK AA 189 66.46 11.68 -19.35
N UNK AA 190 65.59 12.66 -19.53
CA UNK AA 190 64.57 12.62 -20.58
C UNK AA 190 65.23 12.95 -21.92
N UNK AA 191 65.82 11.91 -22.51
CA UNK AA 191 66.50 12.06 -23.80
C UNK AA 191 65.46 12.27 -24.90
N UNK AA 192 65.40 13.47 -25.43
CA UNK AA 192 64.42 13.79 -26.48
C UNK AA 192 64.81 13.08 -27.78
N UNK AA 193 63.98 13.27 -28.80
CA UNK AA 193 64.22 12.65 -30.10
C UNK AA 193 65.58 13.08 -30.67
N UNK AA 194 65.73 14.39 -30.90
CA UNK AA 194 66.98 14.94 -31.43
C UNK AA 194 67.26 16.26 -30.74
N UNK AA 195 68.41 16.34 -30.07
CA UNK AA 195 68.83 17.54 -29.35
C UNK AA 195 67.76 17.97 -28.32
N UNK AA 196 67.50 17.06 -27.38
CA UNK AA 196 66.53 17.32 -26.33
C UNK AA 196 66.97 16.60 -25.06
N UNK AA 197 66.69 17.23 -23.92
CA UNK AA 197 67.05 16.64 -22.63
C UNK AA 197 66.15 17.26 -21.57
N UNK AA 198 65.28 16.45 -20.99
CA UNK AA 198 64.35 16.91 -19.96
C UNK AA 198 64.98 16.74 -18.58
N UNK AA 199 64.20 16.95 -17.53
CA UNK AA 199 64.68 16.81 -16.17
C UNK AA 199 63.48 16.63 -15.24
N UNK AA 200 63.77 16.21 -14.02
CA UNK AA 200 62.73 16.00 -13.01
C UNK AA 200 63.41 15.78 -11.67
N UNK AA 201 62.80 16.30 -10.61
CA UNK AA 201 63.30 16.18 -9.24
C UNK AA 201 62.16 15.66 -8.36
N UNK AA 202 62.02 14.35 -8.29
CA UNK AA 202 60.98 13.70 -7.50
C UNK AA 202 59.60 14.26 -7.84
N UNK AA 203 59.24 14.14 -9.11
CA UNK AA 203 57.96 14.60 -9.63
C UNK AA 203 57.88 16.12 -9.75
N UNK AA 204 59.02 16.80 -9.85
CA UNK AA 204 59.06 18.25 -9.96
C UNK AA 204 59.30 18.60 -11.43
N UNK AA 205 58.22 18.92 -12.14
CA UNK AA 205 58.29 19.28 -13.56
C UNK AA 205 58.81 20.72 -13.68
N UNK AA 206 60.13 20.86 -13.54
CA UNK AA 206 60.76 22.16 -13.63
C UNK AA 206 60.80 22.62 -15.09
N UNK AA 207 61.42 23.78 -15.31
CA UNK AA 207 61.53 24.36 -16.64
C UNK AA 207 62.97 24.71 -17.01
N UNK AA 208 63.94 24.09 -16.35
CA UNK AA 208 65.35 24.34 -16.65
C UNK AA 208 65.84 23.40 -17.76
N UNK AA 209 65.12 23.45 -18.88
CA UNK AA 209 65.42 22.59 -20.03
C UNK AA 209 66.46 23.25 -20.93
N UNK AA 210 67.59 23.59 -20.34
CA UNK AA 210 68.71 24.17 -21.07
C UNK AA 210 69.60 23.07 -21.66
N UNK AA 211 68.98 22.29 -22.56
CA UNK AA 211 69.63 21.13 -23.18
C UNK AA 211 69.82 21.42 -24.66
N UNK AA 212 71.09 21.52 -25.08
CA UNK AA 212 71.42 21.72 -26.48
C UNK AA 212 71.27 20.40 -27.23
N UNK AA 213 71.84 20.33 -28.43
CA UNK AA 213 71.77 19.11 -29.24
C UNK AA 213 72.30 17.93 -28.44
N UNK AA 214 73.59 17.99 -28.08
CA UNK AA 214 74.22 16.99 -27.22
C UNK AA 214 73.84 15.56 -27.63
N UNK AA 215 74.21 15.21 -28.86
CA UNK AA 215 73.89 13.90 -29.38
C UNK AA 215 74.87 12.85 -28.88
N UNK AA 216 75.04 12.78 -27.55
CA UNK AA 216 75.91 11.78 -26.95
C UNK AA 216 75.43 11.59 -25.50
N UNK AA 217 74.73 10.48 -25.26
CA UNK AA 217 74.17 10.19 -23.94
C UNK AA 217 75.13 9.28 -23.19
N UNK AA 218 75.70 9.77 -22.10
CA UNK AA 218 76.61 9.00 -21.26
C UNK AA 218 75.92 8.52 -19.98
N UNK AA 219 75.46 9.46 -19.15
CA UNK AA 219 74.78 9.13 -17.90
C UNK AA 219 75.62 8.20 -17.02
N UNK AA 220 76.95 8.30 -17.15
CA UNK AA 220 77.87 7.45 -16.41
C UNK AA 220 78.56 8.18 -15.26
N UNK AA 221 77.85 9.12 -14.62
CA UNK AA 221 78.42 9.85 -13.49
C UNK AA 221 77.34 10.78 -12.94
N UNK AA 222 77.55 11.19 -11.68
CA UNK AA 222 76.60 12.11 -11.05
C UNK AA 222 76.56 13.45 -11.77
N UNK AA 223 77.73 14.02 -12.06
CA UNK AA 223 77.80 15.28 -12.79
C UNK AA 223 77.12 15.12 -14.14
N UNK AA 224 76.38 16.15 -14.54
CA UNK AA 224 75.64 16.14 -15.81
C UNK AA 224 76.58 16.38 -16.99
N UNK AA 225 77.53 15.46 -17.15
CA UNK AA 225 78.49 15.50 -18.24
C UNK AA 225 77.79 15.05 -19.51
N UNK AA 226 77.16 16.00 -20.21
CA UNK AA 226 76.41 15.67 -21.42
C UNK AA 226 77.28 14.91 -22.41
N UNK AA 227 78.42 15.50 -22.79
CA UNK AA 227 79.32 14.90 -23.77
C UNK AA 227 78.60 14.57 -25.07
N UNK AA 228 77.81 15.53 -25.54
CA UNK AA 228 77.03 15.39 -26.75
C UNK AA 228 77.73 16.11 -27.90
N UNK AA 229 77.05 16.20 -29.05
CA UNK AA 229 77.61 16.89 -30.20
C UNK AA 229 78.10 18.29 -29.84
N UNK AA 230 77.44 18.95 -28.90
CA UNK AA 230 77.85 20.25 -28.40
C UNK AA 230 78.32 20.12 -26.96
N UNK AA 231 79.06 21.13 -26.51
CA UNK AA 231 79.61 21.14 -25.16
C UNK AA 231 80.50 19.92 -24.93
N UNK AA 232 81.61 19.88 -25.67
CA UNK AA 232 82.53 18.74 -25.57
C UNK AA 232 82.85 18.37 -24.13
N UNK AA 233 82.88 19.36 -23.23
CA UNK AA 233 83.09 19.08 -21.81
C UNK AA 233 81.78 18.81 -21.09
N UNK AA 234 80.84 19.74 -21.17
CA UNK AA 234 79.52 19.58 -20.54
C UNK AA 234 79.62 19.22 -19.07
N UNK AA 235 80.66 19.72 -18.40
CA UNK AA 235 80.83 19.46 -16.98
C UNK AA 235 79.94 20.39 -16.16
N UNK AA 236 79.56 19.93 -14.97
CA UNK AA 236 78.72 20.72 -14.08
C UNK AA 236 78.54 19.95 -12.79
N UNK AA 237 78.17 20.67 -11.73
CA UNK AA 237 77.89 20.10 -10.43
C UNK AA 237 76.39 19.89 -10.27
N UNK AA 238 75.96 19.55 -9.06
CA UNK AA 238 74.53 19.37 -8.80
C UNK AA 238 73.74 20.61 -9.22
N UNK AA 239 74.24 21.79 -8.88
CA UNK AA 239 73.61 23.04 -9.27
C UNK AA 239 74.54 24.07 -9.89
N UNK AA 240 75.85 23.94 -9.70
CA UNK AA 240 76.82 24.89 -10.26
C UNK AA 240 78.04 24.11 -10.74
N UNK AA 241 78.34 24.21 -12.02
CA UNK AA 241 79.48 23.52 -12.62
C UNK AA 241 79.71 24.10 -14.01
N UNK AA 242 80.74 23.60 -14.68
CA UNK AA 242 81.10 24.05 -16.01
C UNK AA 242 82.08 23.06 -16.61
N UNK AA 243 82.31 23.20 -17.91
CA UNK AA 243 83.21 22.32 -18.65
C UNK AA 243 83.46 22.92 -20.02
N UNK AA 244 84.34 22.28 -20.77
CA UNK AA 244 84.70 22.75 -22.11
C UNK AA 244 85.39 21.62 -22.85
N UNK AA 245 85.07 21.47 -24.14
CA UNK AA 245 85.66 20.45 -24.97
C UNK AA 245 85.59 20.90 -26.43
N UNK AA 246 86.20 20.12 -27.31
CA UNK AA 246 86.24 20.41 -28.75
C UNK AA 246 85.60 19.23 -29.49
N UNK AA 247 84.27 19.30 -29.65
CA UNK AA 247 83.54 18.27 -30.38
C UNK AA 247 82.44 18.88 -31.23
N UNK AA 248 82.64 20.10 -31.72
CA UNK AA 248 81.59 20.78 -32.47
C UNK AA 248 81.30 20.09 -33.79
N UNK AA 249 82.33 19.87 -34.60
CA UNK AA 249 82.14 19.29 -35.94
C UNK AA 249 82.15 17.76 -35.90
N UNK AA 250 83.26 17.18 -35.47
CA UNK AA 250 83.38 15.72 -35.43
C UNK AA 250 84.69 15.36 -34.74
N UNK AA 251 84.69 14.20 -34.09
CA UNK AA 251 85.87 13.69 -33.39
C UNK AA 251 86.43 12.44 -34.05
N UNK AA 252 85.60 11.42 -34.28
CA UNK AA 252 86.05 10.19 -34.93
C UNK AA 252 84.82 9.35 -35.25
N UNK AA 253 84.85 8.69 -36.40
CA UNK AA 253 83.74 7.85 -36.81
C UNK AA 253 83.69 6.59 -35.95
N UNK AA 254 82.51 5.97 -35.92
CA UNK AA 254 82.28 4.76 -35.13
C UNK AA 254 82.51 4.98 -33.65
N UNK AA 255 82.34 6.22 -33.19
CA UNK AA 255 82.56 6.53 -31.78
C UNK AA 255 81.55 5.81 -30.91
N UNK AA 256 81.88 5.71 -29.62
CA UNK AA 256 81.02 5.05 -28.65
C UNK AA 256 81.28 5.68 -27.28
N UNK AA 257 80.76 5.05 -26.23
CA UNK AA 257 80.92 5.56 -24.87
C UNK AA 257 80.39 4.51 -23.91
N UNK AA 258 80.69 4.71 -22.63
CA UNK AA 258 80.27 3.81 -21.56
C UNK AA 258 80.47 4.56 -20.24
N UNK AA 259 80.30 3.83 -19.12
CA UNK AA 259 80.49 4.43 -17.80
C UNK AA 259 81.05 3.35 -16.89
N UNK AA 260 82.38 3.28 -16.80
CA UNK AA 260 83.06 2.35 -15.93
C UNK AA 260 83.89 3.05 -14.86
N UNK AA 261 84.77 3.98 -15.25
CA UNK AA 261 85.59 4.72 -14.30
C UNK AA 261 85.92 6.06 -14.95
N UNK AA 262 85.19 7.10 -14.55
CA UNK AA 262 85.33 8.46 -15.07
C UNK AA 262 84.70 8.64 -16.45
N UNK AA 263 83.95 7.66 -16.94
CA UNK AA 263 83.32 7.73 -18.25
C UNK AA 263 84.35 7.93 -19.37
N UNK AA 264 85.51 7.29 -19.21
CA UNK AA 264 86.57 7.37 -20.21
C UNK AA 264 86.51 6.26 -21.25
N UNK AA 265 85.62 5.28 -21.07
CA UNK AA 265 85.53 4.17 -22.02
C UNK AA 265 85.10 4.70 -23.39
N UNK AA 266 85.89 4.37 -24.41
CA UNK AA 266 85.60 4.77 -25.78
C UNK AA 266 85.93 3.62 -26.72
N UNK AA 267 85.78 3.87 -28.01
CA UNK AA 267 86.08 2.86 -29.02
C UNK AA 267 86.19 3.54 -30.37
N UNK AA 268 87.31 3.35 -31.05
CA UNK AA 268 87.52 3.93 -32.37
C UNK AA 268 87.89 2.90 -33.43
N UNK AA 269 88.65 1.86 -33.06
CA UNK AA 269 89.06 0.83 -34.00
C UNK AA 269 88.99 -0.51 -33.29
N UNK AA 270 89.54 -1.54 -33.92
CA UNK AA 270 89.55 -2.89 -33.34
C UNK AA 270 90.44 -2.89 -32.10
N UNK AA 271 89.83 -2.96 -30.92
CA UNK AA 271 90.54 -2.95 -29.65
C UNK AA 271 91.22 -1.61 -29.38
N UNK AA 272 90.65 -0.54 -29.90
CA UNK AA 272 91.16 0.81 -29.70
C UNK AA 272 90.28 1.56 -28.70
N UNK AA 273 90.54 2.86 -28.54
CA UNK AA 273 89.77 3.70 -27.65
C UNK AA 273 89.87 3.23 -26.20
N UNK AA 274 91.08 3.33 -25.65
CA UNK AA 274 91.33 2.94 -24.27
C UNK AA 274 90.57 3.84 -23.30
N UNK AA 275 90.64 3.52 -22.00
CA UNK AA 275 89.92 4.29 -21.00
C UNK AA 275 90.50 5.70 -20.87
N UNK AA 276 89.74 6.70 -21.32
CA UNK AA 276 90.18 8.09 -21.24
C UNK AA 276 89.65 8.76 -19.97
N UNK AA 277 90.12 8.25 -18.84
CA UNK AA 277 89.69 8.75 -17.53
C UNK AA 277 90.36 10.10 -17.30
N UNK AA 278 89.65 11.17 -17.60
CA UNK AA 278 90.17 12.52 -17.41
C UNK AA 278 89.00 13.50 -17.41
N UNK AA 279 89.10 14.52 -16.56
CA UNK AA 279 88.06 15.53 -16.45
C UNK AA 279 88.16 16.54 -17.60
N UNK BA 1 83.74 -30.31 1.99
CA UNK BA 1 85.17 -30.05 1.88
C UNK BA 1 85.46 -28.57 2.09
N UNK BA 2 85.35 -27.80 1.01
CA UNK BA 2 85.61 -26.37 1.06
C UNK BA 2 85.26 -25.78 -0.31
N UNK BA 3 85.07 -24.46 -0.33
CA UNK BA 3 84.73 -23.79 -1.58
C UNK BA 3 85.87 -23.92 -2.58
N UNK BA 4 85.50 -24.01 -3.86
CA UNK BA 4 86.46 -24.14 -4.95
C UNK BA 4 86.71 -22.81 -5.67
N UNK BA 5 86.65 -21.70 -4.95
CA UNK BA 5 86.88 -20.40 -5.56
C UNK BA 5 88.28 -20.33 -6.15
N UNK BA 6 88.36 -19.95 -7.43
CA UNK BA 6 89.66 -19.85 -8.09
C UNK BA 6 90.52 -18.80 -7.40
N UNK BA 7 91.79 -19.12 -7.22
CA UNK BA 7 92.75 -18.22 -6.57
C UNK BA 7 93.15 -17.11 -7.55
N UNK BA 8 92.22 -16.19 -7.78
CA UNK BA 8 92.43 -15.06 -8.68
C UNK BA 8 91.92 -13.77 -8.04
N UNK BA 9 92.20 -13.59 -6.75
CA UNK BA 9 91.77 -12.40 -6.03
C UNK BA 9 92.83 -11.30 -6.10
N UNK BA 10 93.11 -10.86 -7.33
CA UNK BA 10 94.09 -9.82 -7.59
C UNK BA 10 93.50 -8.79 -8.54
N UNK BA 11 94.02 -7.57 -8.45
CA UNK BA 11 93.57 -6.47 -9.29
C UNK BA 11 94.69 -5.47 -9.47
N UNK BA 12 94.64 -4.73 -10.57
CA UNK BA 12 95.66 -3.72 -10.87
C UNK BA 12 95.51 -2.45 -10.05
N UNK BA 13 94.50 -2.37 -9.18
CA UNK BA 13 94.27 -1.20 -8.34
C UNK BA 13 94.81 -1.37 -6.92
N UNK BA 14 95.90 -2.13 -6.77
CA UNK BA 14 96.50 -2.38 -5.46
C UNK BA 14 97.38 -1.20 -5.03
N UNK BA 15 96.76 -0.03 -4.97
CA UNK BA 15 97.43 1.20 -4.56
C UNK BA 15 96.58 1.99 -3.59
N UNK BA 16 95.85 1.28 -2.72
CA UNK BA 16 94.99 1.93 -1.73
C UNK BA 16 94.72 0.93 -0.62
N UNK BA 17 95.12 1.26 0.60
CA UNK BA 17 94.92 0.38 1.74
C UNK BA 17 94.88 1.24 3.00
N UNK BA 18 93.75 1.22 3.70
CA UNK BA 18 93.57 2.00 4.91
C UNK BA 18 92.61 1.25 5.83
N UNK BA 19 92.13 1.94 6.86
CA UNK BA 19 91.19 1.33 7.80
C UNK BA 19 89.88 1.01 7.09
N UNK BA 20 89.51 -0.27 7.07
CA UNK BA 20 88.28 -0.68 6.41
C UNK BA 20 87.05 -0.04 7.03
N UNK BA 21 87.13 0.39 8.29
CA UNK BA 21 86.00 1.01 8.96
C UNK BA 21 85.71 2.43 8.48
N UNK BA 22 86.47 2.94 7.50
CA UNK BA 22 86.24 4.28 7.00
C UNK BA 22 84.83 4.45 6.46
N UNK BA 23 84.24 3.39 5.93
CA UNK BA 23 82.89 3.43 5.38
C UNK BA 23 82.43 2.00 5.14
N UNK BA 24 81.18 1.86 4.69
CA UNK BA 24 80.60 0.56 4.41
C UNK BA 24 79.76 0.67 3.14
N UNK BA 25 78.96 -0.37 2.86
CA UNK BA 25 78.11 -0.40 1.68
C UNK BA 25 76.89 0.50 1.91
N UNK BA 26 77.15 1.79 1.94
CA UNK BA 26 76.09 2.78 2.14
C UNK BA 26 75.36 3.05 0.83
N UNK BA 27 74.26 3.80 0.93
CA UNK BA 27 73.46 4.15 -0.24
C UNK BA 27 74.13 5.25 -1.05
N UNK BA 28 73.94 1.36 -6.23
CA UNK BA 28 74.47 1.15 -4.89
C UNK BA 28 75.91 0.68 -4.95
N UNK BA 29 76.81 1.40 -4.26
CA UNK BA 29 78.23 1.07 -4.22
C UNK BA 29 78.65 0.94 -2.76
N UNK BA 30 79.39 -0.14 -2.46
CA UNK BA 30 79.87 -0.39 -1.10
C UNK BA 30 81.18 0.38 -0.91
N UNK BA 31 81.07 1.58 -0.38
CA UNK BA 31 82.24 2.42 -0.14
C UNK BA 31 83.02 1.90 1.06
N UNK BA 32 84.34 2.03 0.97
CA UNK BA 32 85.25 1.59 2.03
C UNK BA 32 86.36 2.63 2.15
N UNK BA 33 86.24 3.52 3.12
CA UNK BA 33 87.24 4.56 3.32
C UNK BA 33 88.56 3.94 3.78
N UNK BA 34 89.58 4.78 3.85
CA UNK BA 34 90.92 4.37 4.27
C UNK BA 34 91.33 5.15 5.52
N UNK BA 35 92.52 4.83 6.03
CA UNK BA 35 93.06 5.48 7.23
C UNK BA 35 94.41 6.12 6.96
N UNK BA 36 94.74 6.40 5.70
CA UNK BA 36 96.00 7.03 5.32
C UNK BA 36 95.84 8.52 5.03
N UNK BA 37 94.97 9.20 5.77
CA UNK BA 37 94.71 10.62 5.56
C UNK BA 37 94.12 10.89 4.18
N UNK BA 38 93.01 10.20 3.91
CA UNK BA 38 92.31 10.33 2.63
C UNK BA 38 90.94 9.68 2.78
N UNK BA 39 90.12 9.83 1.74
CA UNK BA 39 88.77 9.27 1.74
C UNK BA 39 88.43 8.91 0.30
N UNK BA 40 88.48 7.61 -0.01
CA UNK BA 40 88.18 7.12 -1.36
C UNK BA 40 87.58 5.73 -1.22
N UNK BA 41 86.25 5.65 -1.27
CA UNK BA 41 85.58 4.36 -1.17
C UNK BA 41 85.90 3.50 -2.39
N UNK BA 42 85.67 2.20 -2.24
CA UNK BA 42 85.93 1.22 -3.29
C UNK BA 42 84.58 0.64 -3.73
N UNK BA 43 83.94 1.29 -4.68
CA UNK BA 43 82.67 0.84 -5.24
C UNK BA 43 82.80 0.26 -6.64
N UNK BA 44 84.01 0.21 -7.18
CA UNK BA 44 84.25 -0.31 -8.53
C UNK BA 44 85.75 -0.53 -8.67
N UNK BA 45 86.20 -0.83 -9.89
CA UNK BA 45 87.61 -1.05 -10.13
C UNK BA 45 88.43 0.18 -9.77
N UNK BA 46 88.01 1.35 -10.24
CA UNK BA 46 88.69 2.60 -9.95
C UNK BA 46 88.16 3.19 -8.64
N UNK BA 47 88.67 4.37 -8.30
CA UNK BA 47 88.26 5.06 -7.09
C UNK BA 47 86.91 5.75 -7.31
N UNK BA 48 86.47 6.53 -6.33
CA UNK BA 48 85.20 7.25 -6.41
C UNK BA 48 85.40 8.76 -6.47
N UNK BA 49 86.11 9.33 -5.50
CA UNK BA 49 86.37 10.77 -5.46
C UNK BA 49 87.28 11.04 -4.27
N UNK BA 50 87.85 12.24 -4.25
CA UNK BA 50 88.72 12.65 -3.15
C UNK BA 50 87.90 12.91 -1.90
N UNK BA 51 88.32 12.34 -0.78
CA UNK BA 51 87.63 12.50 0.49
C UNK BA 51 88.66 12.65 1.61
N UNK BA 52 88.27 13.40 2.64
CA UNK BA 52 89.14 13.64 3.79
C UNK BA 52 88.76 12.70 4.94
N UNK BA 53 89.61 12.71 5.97
CA UNK BA 53 89.40 11.88 7.15
C UNK BA 53 89.70 12.73 8.37
N UNK BA 54 88.65 13.07 9.13
CA UNK BA 54 88.79 13.90 10.33
C UNK BA 54 88.86 13.08 11.60
N UNK BA 55 87.90 12.19 11.83
CA UNK BA 55 87.85 11.36 13.01
C UNK BA 55 87.88 9.88 12.62
N UNK BA 56 88.48 9.06 13.48
CA UNK BA 56 88.58 7.63 13.25
C UNK BA 56 87.29 6.97 13.72
N UNK BA 57 86.29 6.97 12.82
CA UNK BA 57 85.00 6.38 13.13
C UNK BA 57 85.16 4.88 13.39
N UNK BA 58 84.07 4.28 13.90
CA UNK BA 58 84.07 2.85 14.21
C UNK BA 58 83.58 2.02 13.02
N UNK BA 59 82.38 2.31 12.55
CA UNK BA 59 81.78 1.59 11.43
C UNK BA 59 80.59 2.41 10.93
N UNK BA 60 79.84 1.84 9.99
CA UNK BA 60 78.66 2.50 9.43
C UNK BA 60 77.89 1.49 8.60
N UNK BA 61 76.59 1.72 8.48
CA UNK BA 61 75.71 0.84 7.71
C UNK BA 61 74.47 1.65 7.30
N UNK BA 62 73.49 0.96 6.75
CA UNK BA 62 72.26 1.61 6.32
C UNK BA 62 71.37 1.90 7.51
N UNK BA 63 70.56 2.95 7.38
CA UNK BA 63 69.64 3.37 8.44
C UNK BA 63 68.40 3.95 7.77
N UNK BA 64 67.37 3.12 7.63
CA UNK BA 64 66.12 3.55 7.00
C UNK BA 64 65.40 4.57 7.86
N UNK BA 65 68.94 4.80 1.86
CA UNK BA 65 69.05 6.13 1.27
C UNK BA 65 70.35 6.82 1.72
N UNK BA 66 70.89 6.37 2.84
CA UNK BA 66 72.12 6.91 3.38
C UNK BA 66 72.55 6.04 4.57
N UNK BA 67 73.69 6.38 5.14
CA UNK BA 67 74.21 5.63 6.29
C UNK BA 67 75.13 6.57 7.07
N UNK BA 68 74.74 6.88 8.30
CA UNK BA 68 75.53 7.77 9.15
C UNK BA 68 76.91 7.17 9.42
N UNK BA 69 77.95 7.83 8.93
CA UNK BA 69 79.33 7.40 9.10
C UNK BA 69 80.10 8.54 9.77
N UNK BA 70 80.10 8.54 11.10
CA UNK BA 70 80.79 9.57 11.87
C UNK BA 70 81.27 8.97 13.17
N UNK BA 71 82.27 9.63 13.77
CA UNK BA 71 82.83 9.18 15.03
C UNK BA 71 83.89 10.16 15.54
N UNK BA 72 82.48 13.99 18.70
CA UNK BA 72 81.33 13.72 19.55
C UNK BA 72 80.11 13.33 18.71
N UNK BA 73 79.89 14.07 17.64
CA UNK BA 73 78.76 13.82 16.74
C UNK BA 73 79.25 13.11 15.48
N UNK BA 74 78.45 12.17 15.00
CA UNK BA 74 78.77 11.39 13.81
C UNK BA 74 77.87 11.87 12.67
N UNK BA 75 78.47 12.54 11.69
CA UNK BA 75 77.71 13.05 10.56
C UNK BA 75 77.47 11.94 9.55
N UNK BA 76 76.24 11.88 9.02
CA UNK BA 76 75.90 10.87 8.03
C UNK BA 76 76.71 11.07 6.75
N UNK BA 77 76.78 10.00 5.96
CA UNK BA 77 77.51 10.00 4.70
C UNK BA 77 76.60 9.50 3.59
N UNK BA 78 76.77 10.07 2.40
CA UNK BA 78 75.96 9.67 1.24
C UNK BA 78 76.76 10.00 -0.01
N UNK BA 79 77.24 8.96 -0.69
CA UNK BA 79 78.05 9.13 -1.91
C UNK BA 79 79.22 10.07 -1.67
N UNK BA 80 79.83 9.98 -0.49
CA UNK BA 80 80.97 10.77 -0.06
C UNK BA 80 80.64 12.25 0.13
N UNK BA 81 79.39 12.66 -0.04
CA UNK BA 81 78.98 14.05 0.12
C UNK BA 81 78.31 14.19 1.48
N UNK BA 82 79.11 14.53 2.50
CA UNK BA 82 78.61 14.71 3.86
C UNK BA 82 77.85 16.02 3.92
N UNK BA 83 76.53 15.96 3.75
CA UNK BA 83 75.70 17.17 3.80
C UNK BA 83 75.80 17.84 5.16
N UNK BA 84 75.36 17.15 6.21
CA UNK BA 84 75.38 17.68 7.56
C UNK BA 84 75.83 16.59 8.52
N UNK BA 85 76.08 17.00 9.77
CA UNK BA 85 76.52 16.09 10.84
C UNK BA 85 75.58 16.27 12.02
N UNK BA 86 74.50 15.50 12.03
CA UNK BA 86 73.52 15.58 13.11
C UNK BA 86 74.15 15.15 14.43
N UNK BA 87 73.43 15.42 15.52
CA UNK BA 87 73.90 15.06 16.85
C UNK BA 87 72.75 15.24 17.83
N UNK BA 88 72.67 14.35 18.81
CA UNK BA 88 71.62 14.42 19.81
C UNK BA 88 71.81 15.64 20.70
N UNK BA 89 70.84 15.87 21.59
CA UNK BA 89 70.91 16.99 22.51
C UNK BA 89 72.20 16.98 23.33
N UNK BA 90 72.59 15.80 23.82
CA UNK BA 90 73.81 15.68 24.60
C UNK BA 90 75.03 16.00 23.73
N UNK BA 91 76.18 16.10 24.39
CA UNK BA 91 77.44 16.40 23.71
C UNK BA 91 78.58 15.90 24.59
N UNK BA 92 79.80 16.30 24.24
CA UNK BA 92 80.98 15.89 25.00
C UNK BA 92 82.07 16.96 24.92
N UNK BA 93 84.39 10.99 24.65
CA UNK BA 93 84.67 12.05 23.69
C UNK BA 93 84.81 11.48 22.28
N UNK BA 94 85.76 10.57 22.09
CA UNK BA 94 86.02 9.93 20.80
C UNK BA 94 86.07 8.43 21.04
N UNK BA 95 84.92 7.78 20.94
CA UNK BA 95 84.84 6.34 21.15
C UNK BA 95 85.31 5.60 19.90
N UNK BA 96 85.63 4.32 20.09
CA UNK BA 96 86.11 3.46 19.02
C UNK BA 96 85.15 2.32 18.71
N UNK BA 97 84.75 1.56 19.73
CA UNK BA 97 83.84 0.44 19.51
C UNK BA 97 82.52 0.94 18.92
N UNK BA 98 82.09 0.28 17.84
CA UNK BA 98 80.85 0.63 17.16
C UNK BA 98 80.09 -0.64 16.84
N UNK BA 99 78.94 -0.48 16.20
CA UNK BA 99 78.09 -1.61 15.82
C UNK BA 99 76.94 -1.06 14.99
N UNK BA 100 76.15 -1.99 14.43
CA UNK BA 100 75.00 -1.62 13.60
C UNK BA 100 74.00 -2.77 13.69
N UNK BA 101 72.94 -2.56 14.48
CA UNK BA 101 71.90 -3.58 14.65
C UNK BA 101 71.60 -3.79 16.13
N UNK BA 102 64.47 -0.27 11.98
CA UNK BA 102 65.29 -0.27 10.77
C UNK BA 102 66.65 -0.88 11.04
N UNK BA 103 67.63 -0.04 11.32
CA UNK BA 103 69.00 -0.50 11.60
C UNK BA 103 69.65 0.54 12.51
N UNK BA 104 69.75 0.23 13.80
CA UNK BA 104 70.35 1.11 14.78
C UNK BA 104 71.58 0.44 15.38
N UNK BA 105 72.65 1.21 15.54
CA UNK BA 105 73.90 0.72 16.09
C UNK BA 105 74.33 1.60 17.24
N UNK BA 106 75.05 1.01 18.19
CA UNK BA 106 75.55 1.71 19.37
C UNK BA 106 77.07 1.78 19.30
N UNK BA 107 77.62 2.90 19.76
CA UNK BA 107 79.05 3.13 19.78
C UNK BA 107 79.50 3.39 21.21
N UNK BA 108 80.46 2.61 21.69
CA UNK BA 108 80.96 2.76 23.05
C UNK BA 108 81.84 3.99 23.14
N UNK BA 109 81.56 4.86 24.12
CA UNK BA 109 82.32 6.07 24.33
C UNK BA 109 83.64 5.78 25.06
N UNK BA 110 84.48 5.00 24.39
CA UNK BA 110 85.77 4.63 24.95
C UNK BA 110 86.85 5.66 24.59
N UNK BA 111 83.17 8.35 31.60
CA UNK BA 111 82.85 7.77 30.30
C UNK BA 111 81.43 7.22 30.28
N UNK BA 112 80.95 6.86 29.09
CA UNK BA 112 79.61 6.32 28.92
C UNK BA 112 79.45 5.93 27.45
N UNK BA 113 78.35 5.24 27.16
CA UNK BA 113 78.05 4.78 25.82
C UNK BA 113 76.69 5.32 25.38
N UNK BA 114 76.57 5.60 24.09
CA UNK BA 114 75.35 6.12 23.51
C UNK BA 114 74.70 5.07 22.60
N UNK BA 115 73.38 5.14 22.49
CA UNK BA 115 72.60 4.22 21.68
C UNK BA 115 72.09 4.99 20.46
N UNK BA 116 72.59 4.63 19.27
CA UNK BA 116 72.19 5.29 18.03
C UNK BA 116 71.04 4.50 17.43
N UNK BA 117 69.83 4.80 17.88
CA UNK BA 117 68.64 4.12 17.37
C UNK BA 117 68.46 4.41 15.89
N UNK BA 118 68.13 3.37 15.13
CA UNK BA 118 67.92 3.46 13.69
C UNK BA 118 66.63 2.76 13.29
N UNK BA 119 65.57 2.99 14.06
CA UNK BA 119 64.27 2.38 13.79
C UNK BA 119 63.54 3.12 12.67
N UNK BA 120 68.36 9.14 13.18
CA UNK BA 120 69.17 8.27 14.03
C UNK BA 120 69.96 9.09 15.05
N UNK BA 121 69.30 9.47 16.14
CA UNK BA 121 69.92 10.25 17.20
C UNK BA 121 69.88 9.46 18.50
N UNK BA 122 70.94 9.60 19.30
CA UNK BA 122 71.00 8.89 20.57
C UNK BA 122 69.96 9.43 21.54
N UNK BA 123 69.86 8.78 22.70
CA UNK BA 123 68.91 9.15 23.73
C UNK BA 123 69.58 9.70 24.98
N UNK BA 124 70.52 8.95 25.56
CA UNK BA 124 71.23 9.38 26.76
C UNK BA 124 72.40 8.43 26.98
N UNK BA 125 73.11 8.64 28.08
CA UNK BA 125 74.26 7.81 28.45
C UNK BA 125 74.26 7.64 29.96
N UNK BA 126 75.36 7.09 30.48
CA UNK BA 126 75.51 6.87 31.91
C UNK BA 126 76.92 6.35 32.16
N UNK BA 127 77.30 6.32 33.43
CA UNK BA 127 78.63 5.84 33.80
C UNK BA 127 78.76 4.35 33.53
N UNK BA 128 80.00 3.90 33.37
CA UNK BA 128 80.28 2.50 33.09
C UNK BA 128 81.28 1.94 34.10
N UNK BA 129 81.73 0.71 33.88
CA UNK BA 129 82.68 0.08 34.79
C UNK BA 129 84.11 0.60 34.54
N UNK BA 130 84.59 0.47 33.32
CA UNK BA 130 85.93 0.92 32.95
C UNK BA 130 85.96 1.17 31.45
N UNK BA 131 87.16 1.36 30.90
CA UNK BA 131 87.32 1.60 29.48
C UNK BA 131 87.31 0.29 28.71
N UNK BA 132 87.35 0.39 27.38
CA UNK BA 132 87.34 -0.77 26.51
C UNK BA 132 88.29 -0.53 25.34
N UNK BA 133 88.57 -1.60 24.61
CA UNK BA 133 89.47 -1.55 23.46
C UNK BA 133 88.75 -1.76 22.13
N UNK BA 134 87.98 -2.84 22.01
CA UNK BA 134 87.25 -3.13 20.79
C UNK BA 134 86.39 -4.37 21.03
N UNK BA 135 85.55 -4.68 20.04
CA UNK BA 135 84.67 -5.83 20.11
C UNK BA 135 84.11 -6.07 18.71
N UNK BA 136 83.31 -7.14 18.59
CA UNK BA 136 82.70 -7.49 17.30
C UNK BA 136 81.49 -8.36 17.58
N UNK BA 137 80.31 -7.89 17.19
CA UNK BA 137 79.08 -8.65 17.41
C UNK BA 137 78.07 -8.19 16.37
N UNK BA 138 77.66 -9.10 15.48
CA UNK BA 138 76.70 -8.79 14.44
C UNK BA 138 75.92 -10.05 14.10
N UNK BA 139 74.60 -9.93 14.04
CA UNK BA 139 73.72 -11.04 13.73
C UNK BA 139 72.86 -10.69 12.51
N UNK BA 140 71.92 -11.58 12.19
CA UNK BA 140 71.01 -11.39 11.06
C UNK BA 140 69.96 -10.35 11.45
N UNK BA 141 70.27 -9.09 11.20
CA UNK BA 141 69.36 -8.00 11.55
C UNK BA 141 68.03 -8.10 10.81
N UNK BA 142 67.94 -8.90 9.75
CA UNK BA 142 66.69 -9.05 9.01
C UNK BA 142 65.72 -10.02 9.66
N UNK BA 143 66.13 -10.70 10.73
CA UNK BA 143 65.27 -11.65 11.43
C UNK BA 143 65.00 -11.24 12.88
N UNK BA 144 66.04 -10.86 13.61
CA UNK BA 144 65.88 -10.46 15.01
C UNK BA 144 67.11 -9.65 15.41
N UNK BA 145 67.14 -9.24 16.68
CA UNK BA 145 68.24 -8.43 17.21
C UNK BA 145 69.43 -9.37 17.47
N UNK BA 146 70.16 -9.66 16.39
CA UNK BA 146 71.33 -10.54 16.45
C UNK BA 146 72.52 -9.70 16.88
N UNK BA 147 72.73 -9.60 18.19
CA UNK BA 147 73.83 -8.83 18.75
C UNK BA 147 74.62 -9.71 19.73
N UNK BA 148 75.87 -9.33 19.94
CA UNK BA 148 76.75 -10.05 20.84
C UNK BA 148 77.91 -9.14 21.23
N UNK BA 149 78.29 -9.19 22.50
CA UNK BA 149 79.37 -8.37 23.02
C UNK BA 149 80.68 -9.14 23.00
N UNK BA 150 81.79 -8.40 23.02
CA UNK BA 150 83.12 -9.00 23.01
C UNK BA 150 84.11 -7.96 23.50
N UNK BA 151 84.84 -8.28 24.56
CA UNK BA 151 85.82 -7.38 25.14
C UNK BA 151 87.19 -8.06 25.17
N UNK BA 152 88.22 -7.23 25.33
CA UNK BA 152 89.59 -7.73 25.37
C UNK BA 152 89.87 -8.59 26.61
N UNK BA 153 89.00 -8.57 27.61
CA UNK BA 153 89.18 -9.35 28.83
C UNK BA 153 88.07 -10.38 29.01
N UNK BA 154 87.45 -10.80 27.91
CA UNK BA 154 86.38 -11.79 27.89
C UNK BA 154 85.11 -11.32 28.59
N UNK BA 155 84.98 -10.03 28.87
CA UNK BA 155 83.81 -9.48 29.54
C UNK BA 155 82.90 -8.88 28.47
N UNK BA 156 82.00 -9.71 27.97
CA UNK BA 156 81.04 -9.32 26.93
C UNK BA 156 79.64 -9.23 27.51
N UNK BA 157 78.73 -8.66 26.73
CA UNK BA 157 77.35 -8.51 27.15
C UNK BA 157 76.46 -8.51 25.91
N UNK BA 158 75.16 -8.70 26.14
CA UNK BA 158 74.16 -8.73 25.09
C UNK BA 158 73.22 -7.54 25.26
N UNK BA 159 72.77 -6.99 24.13
CA UNK BA 159 71.85 -5.85 24.15
C UNK BA 159 71.01 -5.91 22.88
N UNK BA 160 69.72 -6.16 23.05
CA UNK BA 160 68.77 -6.24 21.95
C UNK BA 160 67.74 -5.12 22.08
N UNK BA 161 67.47 -4.44 20.97
CA UNK BA 161 66.52 -3.34 20.95
C UNK BA 161 66.96 -2.18 21.85
N UNK BA 162 68.26 -1.99 21.98
CA UNK BA 162 68.89 -0.95 22.79
C UNK BA 162 68.88 -1.26 24.29
N UNK BA 163 68.32 -2.39 24.71
CA UNK BA 163 68.27 -2.75 26.12
C UNK BA 163 69.67 -3.14 26.56
N UNK BA 164 70.34 -2.25 27.31
CA UNK BA 164 71.70 -2.50 27.80
C UNK BA 164 71.61 -3.44 29.00
N UNK BA 165 71.41 -4.72 28.70
CA UNK BA 165 71.29 -5.72 29.73
C UNK BA 165 72.65 -5.93 30.43
N UNK BA 166 72.65 -6.77 31.45
CA UNK BA 166 73.86 -7.09 32.22
C UNK BA 166 74.38 -8.49 32.00
N UNK BA 167 73.49 -9.47 31.83
CA UNK BA 167 73.90 -10.86 31.62
C UNK BA 167 74.61 -10.97 30.28
N UNK BA 168 75.93 -11.19 30.33
CA UNK BA 168 76.71 -11.32 29.11
C UNK BA 168 77.53 -12.60 29.12
N UNK BA 169 78.40 -12.77 28.14
CA UNK BA 169 79.25 -13.96 28.04
C UNK BA 169 80.56 -13.69 28.77
N UNK BA 170 80.88 -14.55 29.74
CA UNK BA 170 82.11 -14.41 30.51
C UNK BA 170 83.26 -15.08 29.76
N UNK BA 171 84.32 -14.32 29.51
CA UNK BA 171 85.47 -14.85 28.79
C UNK BA 171 86.25 -15.78 29.72
N UNK BA 172 86.17 -17.08 29.45
CA UNK BA 172 86.88 -18.09 30.23
C UNK BA 172 88.20 -18.51 29.62
N UNK BA 173 88.59 -17.90 28.50
CA UNK BA 173 89.85 -18.25 27.84
C UNK BA 173 90.33 -17.02 27.07
N UNK BA 174 91.36 -17.22 26.24
CA UNK BA 174 91.93 -16.15 25.43
C UNK BA 174 91.32 -16.21 24.04
N UNK BA 175 90.78 -15.08 23.59
CA UNK BA 175 90.15 -14.98 22.27
C UNK BA 175 90.93 -14.01 21.40
N UNK BA 176 90.94 -14.29 20.10
CA UNK BA 176 91.65 -13.44 19.14
C UNK BA 176 90.69 -13.00 18.03
N UNK BA 177 89.68 -13.81 17.75
CA UNK BA 177 88.69 -13.50 16.72
C UNK BA 177 87.39 -14.20 17.09
N UNK BA 178 86.44 -14.18 16.16
CA UNK BA 178 85.15 -14.82 16.39
C UNK BA 178 84.43 -14.96 15.06
N UNK BA 179 83.47 -15.90 15.03
CA UNK BA 179 82.66 -16.18 13.84
C UNK BA 179 81.20 -16.17 14.29
N UNK BA 180 80.57 -15.00 14.19
CA UNK BA 180 79.17 -14.84 14.60
C UNK BA 180 78.28 -15.49 13.54
N UNK BA 181 77.87 -16.74 13.78
CA UNK BA 181 77.02 -17.45 12.86
C UNK BA 181 75.57 -17.03 13.07
N UNK BA 182 74.63 -17.72 12.39
CA UNK BA 182 73.23 -17.39 12.51
C UNK BA 182 72.62 -18.02 13.76
N UNK BA 183 72.68 -19.35 13.86
CA UNK BA 183 72.13 -20.07 15.01
C UNK BA 183 73.09 -20.13 16.18
N UNK BA 184 74.36 -19.81 15.99
CA UNK BA 184 75.35 -19.85 17.06
C UNK BA 184 76.40 -18.77 16.80
N UNK BA 185 77.53 -18.86 17.51
CA UNK BA 185 78.60 -17.89 17.37
C UNK BA 185 79.91 -18.63 17.58
N UNK BA 186 80.69 -18.80 16.52
CA UNK BA 186 81.96 -19.52 16.58
C UNK BA 186 83.10 -18.53 16.88
N UNK BA 187 83.05 -17.99 18.11
CA UNK BA 187 84.06 -17.04 18.58
C UNK BA 187 85.33 -17.80 18.95
N UNK BA 188 86.03 -18.26 17.91
CA UNK BA 188 87.26 -19.01 18.10
C UNK BA 188 88.30 -18.15 18.81
N UNK BA 189 88.81 -18.65 19.94
CA UNK BA 189 89.82 -17.92 20.70
C UNK BA 189 91.13 -17.88 19.93
N UNK BA 190 92.07 -17.08 20.44
CA UNK BA 190 93.37 -16.95 19.79
C UNK BA 190 94.06 -18.31 19.68
N UNK BA 191 94.02 -19.10 20.75
CA UNK BA 191 94.65 -20.43 20.76
C UNK BA 191 93.66 -21.52 20.33
N UNK BA 192 93.04 -21.34 19.17
CA UNK BA 192 92.08 -22.31 18.64
C UNK BA 192 90.95 -22.61 19.63
N UNK BA 193 90.62 -21.63 20.48
CA UNK BA 193 89.57 -21.79 21.49
C UNK BA 193 88.22 -21.55 20.81
N UNK BA 194 87.67 -22.62 20.24
CA UNK BA 194 86.38 -22.56 19.57
C UNK BA 194 85.23 -22.63 20.58
N UNK BA 195 85.20 -21.64 21.47
CA UNK BA 195 84.17 -21.58 22.50
C UNK BA 195 82.82 -21.31 21.85
N UNK BA 196 81.95 -22.32 21.87
CA UNK BA 196 80.63 -22.16 21.28
C UNK BA 196 79.85 -21.07 22.01
N UNK BA 197 78.94 -20.43 21.29
CA UNK BA 197 78.10 -19.36 21.84
C UNK BA 197 76.73 -19.47 21.21
N UNK BA 198 75.79 -20.08 21.93
CA UNK BA 198 74.43 -20.26 21.45
C UNK BA 198 73.53 -19.15 22.01
N UNK BA 199 72.23 -19.25 21.70
CA UNK BA 199 71.28 -18.25 22.18
C UNK BA 199 71.18 -18.26 23.70
N UNK BA 200 71.48 -19.39 24.34
CA UNK BA 200 71.41 -19.50 25.79
C UNK BA 200 72.70 -19.07 26.49
N UNK BA 201 73.73 -18.72 25.73
CA UNK BA 201 75.03 -18.28 26.23
C UNK BA 201 75.85 -19.40 26.87
N UNK BA 202 75.35 -20.64 26.88
CA UNK BA 202 76.09 -21.75 27.47
C UNK BA 202 77.29 -22.11 26.60
N UNK BA 203 78.08 -23.07 27.08
CA UNK BA 203 79.27 -23.54 26.38
C UNK BA 203 79.39 -25.04 26.62
N UNK BA 204 78.95 -25.82 25.65
CA UNK BA 204 78.99 -27.28 25.73
C UNK BA 204 80.04 -27.91 24.82
N UNK BA 205 80.10 -27.48 23.56
CA UNK BA 205 81.06 -28.03 22.62
C UNK BA 205 82.46 -27.50 22.93
N UNK BA 206 83.45 -27.99 22.17
CA UNK BA 206 84.84 -27.59 22.34
C UNK BA 206 85.43 -27.39 20.95
N UNK BA 207 85.45 -26.14 20.49
CA UNK BA 207 85.99 -25.82 19.18
C UNK BA 207 87.50 -25.70 19.25
N UNK BA 208 88.20 -26.39 18.36
CA UNK BA 208 89.66 -26.37 18.29
C UNK BA 208 90.06 -26.11 16.85
N UNK BA 209 90.47 -24.87 16.56
CA UNK BA 209 90.87 -24.50 15.21
C UNK BA 209 92.23 -25.10 14.88
N UNK BA 210 92.68 -24.89 13.66
CA UNK BA 210 93.97 -25.40 13.21
C UNK BA 210 95.12 -24.62 13.82
N UNK BA 211 93.80 -12.30 10.51
CA UNK BA 211 94.13 -12.15 9.09
C UNK BA 211 92.96 -11.52 8.34
N UNK BA 212 91.82 -12.21 8.33
CA UNK BA 212 90.64 -11.72 7.62
C UNK BA 212 89.42 -12.42 8.22
N UNK BA 213 88.52 -11.66 8.83
CA UNK BA 213 87.31 -12.18 9.45
C UNK BA 213 86.13 -11.77 8.56
N UNK BA 214 85.81 -12.61 7.58
CA UNK BA 214 84.70 -12.35 6.66
C UNK BA 214 83.39 -12.80 7.30
N UNK BA 215 83.03 -12.12 8.39
CA UNK BA 215 81.81 -12.41 9.13
C UNK BA 215 80.59 -11.81 8.42
N UNK BA 216 80.34 -12.30 7.20
CA UNK BA 216 79.22 -11.83 6.40
C UNK BA 216 78.74 -12.97 5.52
N UNK BA 217 77.58 -12.76 4.90
CA UNK BA 217 77.01 -13.77 4.02
C UNK BA 217 77.94 -14.03 2.84
N UNK BA 218 77.85 -15.25 2.30
CA UNK BA 218 78.67 -15.66 1.17
C UNK BA 218 77.84 -15.98 -0.06
N UNK BA 219 76.77 -16.77 0.09
CA UNK BA 219 75.94 -17.12 -1.04
C UNK BA 219 74.46 -17.15 -0.63
N UNK BA 220 74.50 -25.70 5.61
CA UNK BA 220 74.83 -24.56 6.46
C UNK BA 220 75.26 -23.36 5.62
N UNK BA 221 74.29 -22.68 5.02
CA UNK BA 221 74.58 -21.52 4.20
C UNK BA 221 74.97 -20.34 5.09
N UNK BA 222 75.25 -19.20 4.43
CA UNK BA 222 75.65 -17.97 5.12
C UNK BA 222 76.94 -18.14 5.93
N UNK BA 223 77.79 -19.08 5.54
CA UNK BA 223 79.04 -19.30 6.27
C UNK BA 223 79.93 -18.09 6.16
N UNK BA 224 80.57 -17.72 7.27
CA UNK BA 224 81.46 -16.57 7.32
C UNK BA 224 82.88 -17.01 6.98
N UNK BA 225 83.84 -16.11 7.19
CA UNK BA 225 85.24 -16.37 6.90
C UNK BA 225 86.07 -15.93 8.10
N UNK BA 226 86.84 -16.85 8.68
CA UNK BA 226 87.69 -16.58 9.82
C UNK BA 226 89.15 -16.63 9.38
N UNK BA 227 89.91 -15.60 9.72
CA UNK BA 227 91.31 -15.51 9.36
C UNK BA 227 92.20 -15.78 10.57
N UNK BA 228 93.45 -16.15 10.29
CA UNK BA 228 94.43 -16.44 11.33
C UNK BA 228 95.78 -15.91 10.87
N UNK BA 229 96.84 -16.33 11.57
CA UNK BA 229 98.18 -15.91 11.19
C UNK BA 229 98.54 -16.32 9.76
N UNK BA 230 97.83 -17.30 9.20
CA UNK BA 230 98.07 -17.73 7.83
C UNK BA 230 97.15 -17.06 6.82
N UNK BA 231 96.05 -16.47 7.28
CA UNK BA 231 95.10 -15.78 6.40
C UNK BA 231 94.55 -16.72 5.33
N UNK BA 232 93.84 -17.76 5.79
CA UNK BA 232 93.26 -18.75 4.89
C UNK BA 232 91.99 -19.28 5.55
N UNK BA 233 90.84 -18.84 5.05
CA UNK BA 233 89.55 -19.25 5.57
C UNK BA 233 88.93 -20.32 4.67
N UNK BA 234 87.79 -20.86 5.10
CA UNK BA 234 87.09 -21.88 4.36
C UNK BA 234 85.61 -21.82 4.70
N UNK BA 235 84.80 -22.45 3.86
CA UNK BA 235 83.36 -22.45 4.06
C UNK BA 235 82.98 -23.50 5.10
N UNK BA 236 82.13 -23.09 6.04
CA UNK BA 236 81.67 -23.99 7.10
C UNK BA 236 80.74 -23.24 8.05
N UNK BA 237 79.92 -23.97 8.80
CA UNK BA 237 79.06 -23.36 9.82
C UNK BA 237 79.45 -23.99 11.16
N UNK BA 238 80.49 -23.42 11.77
CA UNK BA 238 80.97 -23.84 13.08
C UNK BA 238 81.65 -25.21 13.03
N UNK BA 239 81.56 -25.88 11.88
CA UNK BA 239 82.18 -27.20 11.74
C UNK BA 239 82.85 -27.44 10.40
N UNK BA 240 82.62 -26.61 9.38
CA UNK BA 240 83.09 -26.90 8.03
C UNK BA 240 84.44 -26.24 7.82
N UNK BA 241 85.51 -27.04 7.88
CA UNK BA 241 86.84 -26.56 7.51
C UNK BA 241 87.04 -26.80 6.02
N UNK BA 242 87.39 -25.74 5.29
CA UNK BA 242 87.50 -25.79 3.83
C UNK BA 242 88.95 -25.69 3.35
N UNK BA 243 89.66 -24.63 3.75
CA UNK BA 243 91.03 -24.45 3.29
C UNK BA 243 91.70 -23.26 3.96
N UNK BA 244 92.97 -23.02 3.64
CA UNK BA 244 93.72 -21.89 4.16
C UNK BA 244 94.61 -21.38 3.04
N UNK BA 245 94.20 -20.28 2.41
CA UNK BA 245 94.94 -19.73 1.28
C UNK BA 245 96.32 -19.23 1.73
N UNK BA 246 97.12 -18.81 0.77
CA UNK BA 246 98.47 -18.32 1.01
C UNK BA 246 98.43 -16.80 0.95
N UNK BA 247 98.46 -16.16 2.13
CA UNK BA 247 98.43 -14.70 2.21
C UNK BA 247 99.01 -14.29 3.55
N UNK BA 248 99.99 -13.40 3.53
CA UNK BA 248 100.68 -12.91 4.72
C UNK BA 248 100.77 -11.40 4.71
N UNK BA 249 99.65 -10.75 4.39
CA UNK BA 249 99.57 -9.29 4.34
C UNK BA 249 98.54 -8.79 5.34
N UNK BA 250 98.48 -7.47 5.48
CA UNK BA 250 97.55 -6.87 6.41
C UNK BA 250 96.12 -6.97 5.90
N UNK BA 251 95.17 -6.83 6.81
CA UNK BA 251 93.74 -6.87 6.50
C UNK BA 251 93.14 -5.54 6.93
N UNK BA 252 92.69 -4.75 5.94
CA UNK BA 252 92.11 -3.44 6.24
C UNK BA 252 90.69 -3.56 6.77
N UNK BA 253 89.80 -4.13 5.98
CA UNK BA 253 88.40 -4.31 6.35
C UNK BA 253 87.77 -5.29 5.37
N UNK BA 254 86.45 -5.46 5.48
CA UNK BA 254 85.71 -6.36 4.60
C UNK BA 254 84.36 -5.72 4.29
N UNK BA 255 83.46 -6.51 3.70
CA UNK BA 255 82.13 -6.03 3.35
C UNK BA 255 81.20 -7.21 3.30
N UNK BA 256 80.15 -7.18 4.13
CA UNK BA 256 79.16 -8.26 4.18
C UNK BA 256 78.11 -8.08 3.10
N UNK BA 257 78.57 -8.10 1.85
CA UNK BA 257 77.68 -7.94 0.70
C UNK BA 257 77.97 -9.00 -0.35
N UNK BA 258 78.69 -14.23 -3.02
CA UNK BA 258 79.33 -15.08 -4.03
C UNK BA 258 80.68 -14.51 -4.44
N UNK BA 259 81.41 -13.98 -3.48
CA UNK BA 259 82.73 -13.40 -3.72
C UNK BA 259 83.36 -13.05 -2.37
N UNK BA 260 84.59 -12.56 -2.42
CA UNK BA 260 85.33 -12.17 -1.22
C UNK BA 260 85.34 -10.65 -1.16
N UNK BA 261 84.44 -10.08 -0.35
CA UNK BA 261 84.34 -8.64 -0.19
C UNK BA 261 85.14 -8.19 1.03
N UNK BA 262 86.45 -8.30 0.89
CA UNK BA 262 87.37 -7.92 1.97
C UNK BA 262 88.69 -7.51 1.33
N UNK BA 263 88.95 -6.21 1.28
CA UNK BA 263 90.17 -5.71 0.68
C UNK BA 263 91.38 -6.03 1.56
N UNK BA 264 92.53 -6.16 0.93
CA UNK BA 264 93.77 -6.47 1.65
C UNK BA 264 94.32 -5.21 2.32
N UNK BA 265 94.77 -5.35 3.56
CA UNK BA 265 95.33 -4.22 4.29
C UNK BA 265 96.66 -3.74 3.74
N UNK BA 266 97.25 -4.46 2.78
CA UNK BA 266 98.51 -4.08 2.17
C UNK BA 266 98.33 -3.15 0.98
N UNK BA 267 97.18 -2.47 0.88
CA UNK BA 267 96.82 -1.55 -0.19
C UNK BA 267 96.38 -2.26 -1.47
N UNK BA 268 96.40 -3.59 -1.51
CA UNK BA 268 96.00 -4.32 -2.70
C UNK BA 268 94.51 -4.62 -2.64
N UNK BA 269 93.85 -4.49 -3.80
CA UNK BA 269 92.40 -4.74 -3.91
C UNK BA 269 92.20 -6.17 -4.37
N UNK BA 270 92.29 -7.10 -3.41
CA UNK BA 270 92.12 -8.52 -3.67
C UNK BA 270 90.97 -9.06 -2.84
N UNK BA 271 90.30 -10.08 -3.38
CA UNK BA 271 89.17 -10.71 -2.71
C UNK BA 271 89.26 -12.22 -2.95
N UNK BA 272 88.19 -12.93 -2.61
CA UNK BA 272 88.11 -14.38 -2.77
C UNK BA 272 86.95 -14.72 -3.69
N UNK BA 273 86.70 -16.03 -3.84
CA UNK BA 273 85.64 -16.54 -4.68
C UNK BA 273 84.58 -17.17 -3.79
N UNK BA 274 83.36 -16.64 -3.86
CA UNK BA 274 82.27 -17.17 -3.05
C UNK BA 274 82.00 -18.62 -3.43
N UNK BA 275 81.95 -19.49 -2.42
CA UNK BA 275 81.71 -20.91 -2.64
C UNK BA 275 80.20 -21.16 -2.76
N UNK BA 276 79.81 -22.44 -2.78
CA UNK BA 276 78.41 -22.80 -2.89
C UNK BA 276 77.77 -22.94 -1.52
N UNK CA 1 26.92 88.55 -32.14
CA UNK CA 1 26.20 89.68 -31.58
C UNK CA 1 27.15 90.61 -30.83
N UNK CA 2 28.42 90.61 -31.24
CA UNK CA 2 29.42 91.46 -30.61
C UNK CA 2 29.25 92.94 -30.92
N UNK CA 3 28.39 93.28 -31.90
CA UNK CA 3 28.19 94.68 -32.23
C UNK CA 3 27.61 95.46 -31.06
N UNK CA 4 26.67 94.86 -30.34
CA UNK CA 4 26.09 95.54 -29.18
C UNK CA 4 27.16 95.85 -28.14
N UNK CA 5 27.97 94.86 -27.78
CA UNK CA 5 29.03 95.09 -26.80
C UNK CA 5 30.08 96.06 -27.32
N UNK CA 6 30.25 96.14 -28.64
CA UNK CA 6 31.23 97.05 -29.22
C UNK CA 6 30.82 98.51 -29.13
N UNK CA 7 29.66 98.82 -28.56
CA UNK CA 7 29.19 100.19 -28.42
C UNK CA 7 29.12 100.63 -26.96
N UNK CA 8 28.49 99.83 -26.09
CA UNK CA 8 28.40 100.21 -24.69
C UNK CA 8 29.78 100.25 -24.05
N UNK CA 9 30.55 99.17 -24.18
CA UNK CA 9 31.90 99.12 -23.62
C UNK CA 9 32.89 99.99 -24.38
N UNK CA 10 32.46 100.66 -25.45
CA UNK CA 10 33.34 101.52 -26.23
C UNK CA 10 33.11 103.00 -25.96
N UNK CA 11 31.86 103.43 -25.93
CA UNK CA 11 31.56 104.83 -25.66
C UNK CA 11 32.00 105.26 -24.26
N UNK CA 12 32.17 104.31 -23.34
CA UNK CA 12 32.62 104.60 -21.99
C UNK CA 12 34.15 104.63 -21.86
N UNK CA 13 34.87 104.65 -22.97
CA UNK CA 13 36.33 104.66 -22.91
C UNK CA 13 36.81 105.86 -22.12
N UNK CA 14 37.74 105.63 -21.20
CA UNK CA 14 38.33 106.64 -20.32
C UNK CA 14 37.42 107.01 -19.15
N UNK CA 15 36.35 106.25 -18.90
CA UNK CA 15 35.42 106.58 -17.82
C UNK CA 15 34.92 105.25 -17.23
N UNK CA 16 35.54 104.82 -16.14
CA UNK CA 16 35.17 103.61 -15.42
C UNK CA 16 34.38 103.91 -14.14
N UNK CA 17 33.52 104.92 -14.17
CA UNK CA 17 32.81 105.35 -12.97
C UNK CA 17 32.04 104.20 -12.32
N UNK CA 18 31.50 103.28 -13.12
CA UNK CA 18 30.70 102.18 -12.59
C UNK CA 18 31.40 100.84 -12.75
N UNK CA 19 31.66 100.40 -13.97
CA UNK CA 19 32.30 99.10 -14.21
C UNK CA 19 33.67 99.24 -14.86
N UNK CA 20 33.76 99.92 -16.00
CA UNK CA 20 35.03 100.05 -16.72
C UNK CA 20 35.44 98.73 -17.35
N UNK CA 21 34.63 97.68 -17.16
CA UNK CA 21 34.93 96.36 -17.71
C UNK CA 21 33.72 95.66 -18.28
N UNK CA 22 32.57 96.32 -18.39
CA UNK CA 22 31.38 95.66 -18.92
C UNK CA 22 31.59 95.24 -20.37
N UNK CA 23 32.17 96.10 -21.19
CA UNK CA 23 32.41 95.74 -22.59
C UNK CA 23 33.38 94.57 -22.69
N UNK CA 24 34.45 94.59 -21.87
CA UNK CA 24 35.40 93.49 -21.90
C UNK CA 24 34.75 92.18 -21.48
N UNK CA 25 33.90 92.22 -20.45
CA UNK CA 25 33.22 91.00 -20.01
C UNK CA 25 32.27 90.49 -21.09
N UNK CA 26 31.55 91.41 -21.75
CA UNK CA 26 30.65 90.99 -22.83
C UNK CA 26 31.43 90.36 -23.97
N UNK CA 27 32.57 90.96 -24.34
CA UNK CA 27 33.37 90.39 -25.42
C UNK CA 27 33.92 89.03 -25.04
N UNK CA 28 34.37 88.87 -23.79
CA UNK CA 28 34.87 87.58 -23.34
C UNK CA 28 33.77 86.53 -23.36
N UNK CA 29 32.57 86.89 -22.92
CA UNK CA 29 31.46 85.94 -22.94
C UNK CA 29 31.10 85.55 -24.37
N UNK CA 30 31.07 86.53 -25.28
CA UNK CA 30 30.79 86.22 -26.68
C UNK CA 30 31.84 85.28 -27.25
N UNK CA 31 33.11 85.55 -26.98
CA UNK CA 31 34.18 84.67 -27.45
C UNK CA 31 34.02 83.27 -26.91
N UNK CA 32 33.78 83.15 -25.60
CA UNK CA 32 33.62 81.83 -24.99
C UNK CA 32 32.44 81.07 -25.59
N UNK CA 33 31.33 81.77 -25.85
CA UNK CA 33 30.15 81.12 -26.40
C UNK CA 33 30.26 80.87 -27.90
N UNK CA 34 31.21 81.50 -28.59
CA UNK CA 34 31.38 81.31 -30.02
C UNK CA 34 32.74 80.77 -30.42
N UNK CA 35 33.65 80.58 -29.46
CA UNK CA 35 34.99 80.05 -29.74
C UNK CA 35 35.73 80.94 -30.74
N UNK CA 36 35.96 82.19 -30.32
CA UNK CA 36 36.66 83.15 -31.17
C UNK CA 36 38.10 82.68 -31.41
N UNK CA 37 38.77 83.38 -32.33
CA UNK CA 37 40.14 83.09 -32.70
C UNK CA 37 41.16 83.98 -32.00
N UNK CA 38 40.99 85.29 -32.11
CA UNK CA 38 41.91 86.24 -31.49
C UNK CA 38 41.26 87.18 -30.49
N UNK CA 39 39.97 87.51 -30.66
CA UNK CA 39 39.31 88.41 -29.73
C UNK CA 39 39.31 87.86 -28.31
N UNK CA 40 39.34 86.54 -28.16
CA UNK CA 40 39.37 85.95 -26.82
C UNK CA 40 40.64 86.32 -26.08
N UNK CA 41 41.77 86.38 -26.78
CA UNK CA 41 43.02 86.77 -26.15
C UNK CA 41 42.94 88.21 -25.63
N UNK CA 42 42.43 89.12 -26.46
CA UNK CA 42 42.29 90.51 -26.03
C UNK CA 42 41.32 90.63 -24.86
N UNK CA 43 40.24 89.85 -24.89
CA UNK CA 43 39.28 89.88 -23.78
C UNK CA 43 39.92 89.41 -22.49
N UNK CA 44 40.67 88.30 -22.54
CA UNK CA 44 41.34 87.79 -21.36
C UNK CA 44 42.38 88.79 -20.85
N UNK CA 45 43.10 89.44 -21.76
CA UNK CA 45 44.07 90.44 -21.35
C UNK CA 45 43.40 91.61 -20.65
N UNK CA 46 42.33 92.14 -21.23
CA UNK CA 46 41.59 93.23 -20.61
C UNK CA 46 41.07 92.82 -19.24
N UNK CA 47 40.54 91.60 -19.12
CA UNK CA 47 40.05 91.12 -17.83
C UNK CA 47 41.16 91.08 -16.80
N UNK CA 48 42.27 90.42 -17.13
CA UNK CA 48 43.39 90.33 -16.20
C UNK CA 48 44.01 91.68 -15.89
N UNK CA 49 43.79 92.68 -16.75
CA UNK CA 49 44.34 94.02 -16.54
C UNK CA 49 43.35 94.96 -15.86
N UNK CA 50 42.29 94.43 -15.27
CA UNK CA 50 41.31 95.27 -14.60
C UNK CA 50 41.92 95.94 -13.38
N UNK CA 51 41.27 97.01 -12.93
CA UNK CA 51 41.74 97.75 -11.77
C UNK CA 51 41.50 96.94 -10.50
N UNK CA 52 42.56 96.75 -9.71
CA UNK CA 52 42.44 96.01 -8.47
C UNK CA 52 41.70 96.84 -7.42
N UNK CA 53 40.81 96.17 -6.69
CA UNK CA 53 40.01 96.82 -5.65
C UNK CA 53 39.40 95.72 -4.79
N UNK CA 54 38.49 96.11 -3.89
CA UNK CA 54 37.82 95.17 -3.00
C UNK CA 54 36.32 95.08 -3.24
N UNK CA 55 35.66 96.17 -3.62
CA UNK CA 55 34.23 96.11 -3.89
C UNK CA 55 33.95 95.62 -5.30
N UNK CA 56 34.80 95.99 -6.27
CA UNK CA 56 34.64 95.57 -7.65
C UNK CA 56 35.45 94.32 -7.99
N UNK CA 57 36.18 93.77 -7.02
CA UNK CA 57 36.98 92.57 -7.28
C UNK CA 57 36.13 91.41 -7.76
N UNK CA 58 34.81 91.44 -7.55
CA UNK CA 58 33.96 90.35 -8.02
C UNK CA 58 34.05 90.21 -9.53
N UNK CA 59 33.88 91.31 -10.26
CA UNK CA 59 33.95 91.25 -11.72
C UNK CA 59 35.34 90.85 -12.19
N UNK CA 60 36.39 91.34 -11.51
CA UNK CA 60 37.75 90.97 -11.87
C UNK CA 60 37.97 89.47 -11.74
N UNK CA 61 37.56 88.89 -10.62
CA UNK CA 61 37.71 87.45 -10.42
C UNK CA 61 36.89 86.67 -11.44
N UNK CA 62 35.69 87.14 -11.75
CA UNK CA 62 34.86 86.47 -12.75
C UNK CA 62 35.54 86.47 -14.12
N UNK CA 63 36.08 87.62 -14.52
CA UNK CA 63 36.77 87.69 -15.81
C UNK CA 63 38.02 86.81 -15.80
N UNK CA 64 38.73 86.76 -14.68
CA UNK CA 64 39.91 85.91 -14.59
C UNK CA 64 39.53 84.44 -14.73
N UNK CA 65 38.47 84.02 -14.06
CA UNK CA 65 38.03 82.64 -14.17
C UNK CA 65 37.56 82.32 -15.59
N UNK CA 66 36.87 83.27 -16.23
CA UNK CA 66 36.43 83.06 -17.61
C UNK CA 66 37.64 82.89 -18.53
N UNK CA 67 38.65 83.75 -18.37
CA UNK CA 67 39.85 83.63 -19.20
C UNK CA 67 40.57 82.31 -18.94
N UNK CA 68 40.63 81.88 -17.68
CA UNK CA 68 41.26 80.61 -17.36
C UNK CA 68 40.52 79.45 -18.01
N UNK CA 69 39.19 79.47 -17.95
CA UNK CA 69 38.41 78.41 -18.59
C UNK CA 69 38.61 78.42 -20.11
N UNK CA 70 38.63 79.61 -20.71
CA UNK CA 70 38.86 79.70 -22.15
C UNK CA 70 40.22 79.14 -22.53
N UNK CA 71 41.25 79.46 -21.73
CA UNK CA 71 42.58 78.94 -22.01
C UNK CA 71 42.63 77.42 -21.84
N UNK CA 72 41.95 76.90 -20.82
CA UNK CA 72 41.93 75.47 -20.59
C UNK CA 72 41.03 74.72 -21.58
N UNK CA 73 40.21 75.43 -22.34
CA UNK CA 73 39.35 74.82 -23.35
C UNK CA 73 39.79 75.15 -24.77
N UNK CA 74 40.93 75.82 -24.93
CA UNK CA 74 41.46 76.21 -26.23
C UNK CA 74 42.93 75.85 -26.35
N UNK CA 75 43.26 74.62 -25.96
CA UNK CA 75 44.64 74.12 -26.01
C UNK CA 75 45.57 74.97 -25.14
N UNK CA 76 45.24 75.00 -23.85
CA UNK CA 76 46.04 75.75 -22.87
C UNK CA 76 45.91 75.05 -21.54
N UNK CA 77 47.03 74.56 -21.01
CA UNK CA 77 47.05 73.82 -19.75
C UNK CA 77 47.75 74.56 -18.63
N UNK CA 78 48.97 75.05 -18.86
CA UNK CA 78 49.72 75.74 -17.81
C UNK CA 78 49.01 77.01 -17.38
N UNK CA 79 48.68 77.89 -18.32
CA UNK CA 79 48.00 79.13 -17.99
C UNK CA 79 46.63 78.87 -17.36
N UNK CA 80 45.91 77.87 -17.87
CA UNK CA 80 44.60 77.56 -17.31
C UNK CA 80 44.72 77.10 -15.87
N UNK CA 81 45.67 76.20 -15.58
CA UNK CA 81 45.86 75.74 -14.22
C UNK CA 81 46.31 76.89 -13.31
N UNK CA 82 47.16 77.77 -13.81
CA UNK CA 82 47.60 78.91 -13.01
C UNK CA 82 46.42 79.82 -12.66
N UNK CA 83 45.58 80.14 -13.66
CA UNK CA 83 44.43 80.98 -13.40
C UNK CA 83 43.46 80.30 -12.44
N UNK CA 84 43.27 78.99 -12.57
CA UNK CA 84 42.38 78.27 -11.65
C UNK CA 84 42.91 78.31 -10.23
N UNK CA 85 44.21 78.09 -10.05
CA UNK CA 85 44.80 78.14 -8.72
C UNK CA 85 44.69 79.55 -8.13
N UNK CA 86 44.90 80.57 -8.95
CA UNK CA 86 44.77 81.95 -8.48
C UNK CA 86 43.34 82.23 -8.03
N UNK CA 87 42.36 81.84 -8.85
CA UNK CA 87 40.97 82.06 -8.50
C UNK CA 87 40.59 81.31 -7.23
N UNK CA 88 41.11 80.09 -7.07
CA UNK CA 88 40.84 79.33 -5.85
C UNK CA 88 41.42 80.01 -4.62
N UNK CA 89 42.68 80.43 -4.71
CA UNK CA 89 43.30 81.13 -3.59
C UNK CA 89 42.54 82.40 -3.25
N UNK CA 90 42.03 83.11 -4.27
CA UNK CA 90 41.27 84.32 -4.03
C UNK CA 90 39.95 84.02 -3.34
N UNK CA 91 39.17 83.10 -3.89
CA UNK CA 91 37.84 82.80 -3.37
C UNK CA 91 37.86 81.91 -2.13
N UNK CA 92 39.05 81.49 -1.67
CA UNK CA 92 39.14 80.72 -0.43
C UNK CA 92 39.32 81.60 0.80
N UNK CA 93 38.86 82.84 0.75
CA UNK CA 93 38.92 83.77 1.88
C UNK CA 93 37.55 84.01 2.49
N UNK CA 94 36.71 82.97 2.52
CA UNK CA 94 35.35 83.08 3.05
C UNK CA 94 34.50 84.02 2.21
N UNK CA 95 34.57 83.86 0.89
CA UNK CA 95 33.83 84.68 -0.05
C UNK CA 95 32.87 83.80 -0.83
N UNK CA 96 31.68 84.34 -1.11
CA UNK CA 96 30.64 83.62 -1.85
C UNK CA 96 30.96 83.67 -3.35
N UNK CA 97 32.05 83.00 -3.70
CA UNK CA 97 32.54 82.92 -5.07
C UNK CA 97 32.70 81.46 -5.50
N UNK CA 98 31.68 80.65 -5.22
CA UNK CA 98 31.74 79.24 -5.57
C UNK CA 98 31.86 79.01 -7.07
N UNK CA 99 31.57 80.03 -7.89
CA UNK CA 99 31.69 79.88 -9.34
C UNK CA 99 33.13 79.62 -9.74
N UNK CA 100 34.08 80.25 -9.05
CA UNK CA 100 35.49 80.01 -9.35
C UNK CA 100 35.87 78.55 -9.12
N UNK CA 101 35.49 78.01 -7.95
CA UNK CA 101 35.78 76.61 -7.66
C UNK CA 101 35.06 75.68 -8.63
N UNK CA 102 33.82 76.03 -9.01
CA UNK CA 102 33.09 75.21 -9.96
C UNK CA 102 33.81 75.15 -11.30
N UNK CA 103 34.24 76.31 -11.81
CA UNK CA 103 34.96 76.34 -13.08
C UNK CA 103 36.29 75.61 -12.97
N UNK CA 104 36.97 75.73 -11.84
CA UNK CA 104 38.24 75.02 -11.66
C UNK CA 104 38.03 73.51 -11.69
N UNK CA 105 36.99 73.03 -11.00
CA UNK CA 105 36.70 71.60 -11.00
C UNK CA 105 36.30 71.13 -12.39
N UNK CA 106 35.51 71.92 -13.11
CA UNK CA 106 35.12 71.55 -14.46
C UNK CA 106 36.35 71.44 -15.37
N UNK CA 107 37.27 72.39 -15.25
CA UNK CA 107 38.50 72.35 -16.05
C UNK CA 107 39.32 71.12 -15.69
N UNK CA 108 39.53 70.87 -14.39
CA UNK CA 108 40.33 69.74 -13.95
C UNK CA 108 39.68 68.39 -14.22
N UNK CA 109 38.37 68.37 -14.52
CA UNK CA 109 37.68 67.12 -14.78
C UNK CA 109 38.24 66.36 -15.98
N UNK CA 110 39.02 67.02 -16.84
CA UNK CA 110 39.61 66.40 -18.01
C UNK CA 110 41.13 66.33 -17.91
N UNK CA 111 41.65 66.12 -16.69
CA UNK CA 111 43.08 66.07 -16.44
C UNK CA 111 43.63 64.65 -16.41
N UNK CA 112 42.99 63.76 -15.66
CA UNK CA 112 43.43 62.39 -15.46
C UNK CA 112 44.66 62.27 -14.56
N UNK CA 113 45.11 63.38 -13.98
CA UNK CA 113 46.25 63.42 -13.07
C UNK CA 113 45.91 64.24 -11.83
N UNK CA 114 44.75 63.96 -11.26
CA UNK CA 114 44.22 64.76 -10.15
C UNK CA 114 44.14 63.96 -8.86
N UNK CA 115 45.19 63.19 -8.55
CA UNK CA 115 45.24 62.46 -7.30
C UNK CA 115 44.89 63.36 -6.12
N UNK CA 116 45.61 64.47 -5.98
CA UNK CA 116 45.31 65.42 -4.91
C UNK CA 116 44.13 66.31 -5.28
N UNK CA 117 43.86 66.49 -6.58
CA UNK CA 117 42.71 67.30 -6.99
C UNK CA 117 41.40 66.69 -6.50
N UNK CA 118 41.36 65.37 -6.33
CA UNK CA 118 40.17 64.73 -5.79
C UNK CA 118 39.85 65.27 -4.40
N UNK CA 119 40.82 65.17 -3.49
CA UNK CA 119 40.63 65.70 -2.14
C UNK CA 119 40.42 67.21 -2.16
N UNK CA 120 41.08 67.92 -3.08
CA UNK CA 120 40.86 69.36 -3.18
C UNK CA 120 39.40 69.68 -3.47
N UNK CA 121 38.84 69.04 -4.51
CA UNK CA 121 37.43 69.26 -4.84
C UNK CA 121 36.52 68.80 -3.72
N UNK CA 122 36.88 67.70 -3.05
CA UNK CA 122 36.08 67.23 -1.93
C UNK CA 122 36.00 68.28 -0.83
N UNK CA 123 37.14 68.84 -0.45
CA UNK CA 123 37.15 69.90 0.57
C UNK CA 123 36.41 71.13 0.09
N UNK CA 124 36.54 71.46 -1.21
CA UNK CA 124 35.84 72.62 -1.74
C UNK CA 124 34.33 72.42 -1.69
N UNK CA 125 33.87 71.17 -1.83
CA UNK CA 125 32.44 70.89 -1.81
C UNK CA 125 31.78 71.33 -0.51
N UNK CA 126 32.55 71.54 0.56
CA UNK CA 126 31.97 71.97 1.82
C UNK CA 126 31.10 73.21 1.65
N UNK CA 127 31.44 74.08 0.69
CA UNK CA 127 30.64 75.27 0.45
C UNK CA 127 29.21 74.87 0.11
N UNK CA 128 28.25 75.65 0.62
CA UNK CA 128 26.83 75.40 0.43
C UNK CA 128 26.27 76.54 -0.42
N UNK CA 129 26.16 76.29 -1.73
CA UNK CA 129 25.65 77.29 -2.66
C UNK CA 129 24.34 76.89 -3.33
N UNK CA 130 24.01 75.61 -3.39
CA UNK CA 130 22.79 75.11 -4.01
C UNK CA 130 22.83 75.11 -5.53
N UNK CA 131 24.02 75.25 -6.12
CA UNK CA 131 24.14 75.26 -7.57
C UNK CA 131 23.79 73.91 -8.19
N UNK CA 132 23.72 72.86 -7.39
CA UNK CA 132 23.41 71.49 -7.80
C UNK CA 132 24.58 70.78 -8.46
N UNK CA 133 25.74 71.41 -8.58
CA UNK CA 133 26.90 70.80 -9.20
C UNK CA 133 27.92 70.29 -8.18
N UNK CA 134 28.03 70.94 -7.03
CA UNK CA 134 28.97 70.50 -6.01
C UNK CA 134 28.62 69.09 -5.52
N UNK CA 135 27.34 68.86 -5.24
CA UNK CA 135 26.91 67.53 -4.79
C UNK CA 135 27.14 66.48 -5.87
N UNK CA 136 26.85 66.83 -7.12
CA UNK CA 136 27.06 65.90 -8.22
C UNK CA 136 28.54 65.53 -8.34
N UNK CA 137 29.42 66.53 -8.24
CA UNK CA 137 30.85 66.26 -8.32
C UNK CA 137 31.32 65.41 -7.15
N UNK CA 138 30.82 65.70 -5.94
CA UNK CA 138 31.18 64.90 -4.78
C UNK CA 138 30.74 63.45 -4.95
N UNK CA 139 29.53 63.24 -5.46
CA UNK CA 139 29.05 61.88 -5.68
C UNK CA 139 29.89 61.17 -6.74
N UNK CA 140 30.20 61.86 -7.84
CA UNK CA 140 31.03 61.25 -8.87
C UNK CA 140 32.40 60.86 -8.32
N UNK CA 141 32.98 61.72 -7.47
CA UNK CA 141 34.28 61.41 -6.89
C UNK CA 141 34.19 60.22 -5.95
N UNK CA 142 33.18 60.22 -5.07
CA UNK CA 142 33.02 59.10 -4.14
C UNK CA 142 32.70 57.80 -4.85
N UNK CA 143 32.15 57.87 -6.06
CA UNK CA 143 31.88 56.66 -6.82
C UNK CA 143 33.13 56.16 -7.56
N UNK CA 144 33.87 57.09 -8.18
CA UNK CA 144 35.11 56.70 -8.86
C UNK CA 144 36.16 56.22 -7.87
N UNK CA 145 36.10 56.68 -6.63
CA UNK CA 145 37.04 56.27 -5.60
C UNK CA 145 36.53 55.12 -4.74
N UNK CA 146 35.38 54.52 -5.12
CA UNK CA 146 34.80 53.41 -4.37
C UNK CA 146 34.41 53.84 -2.95
N UNK CA 147 33.60 54.89 -2.88
CA UNK CA 147 33.14 55.38 -1.59
C UNK CA 147 32.28 54.33 -0.89
N UNK CA 148 32.25 54.40 0.44
CA UNK CA 148 31.50 53.45 1.25
C UNK CA 148 30.03 53.88 1.36
N UNK CA 149 29.40 54.03 0.19
CA UNK CA 149 28.01 54.41 0.03
C UNK CA 149 27.72 55.87 0.32
N UNK CA 150 28.73 56.66 0.69
CA UNK CA 150 28.50 58.07 0.97
C UNK CA 150 28.07 58.82 -0.28
N UNK CA 151 28.71 58.53 -1.42
CA UNK CA 151 28.33 59.19 -2.66
C UNK CA 151 26.89 58.85 -3.05
N UNK CA 152 26.49 57.59 -2.87
CA UNK CA 152 25.13 57.20 -3.18
C UNK CA 152 24.14 57.89 -2.24
N UNK CA 153 24.44 57.91 -0.95
CA UNK CA 153 23.56 58.58 0.01
C UNK CA 153 23.41 60.05 -0.34
N UNK CA 154 24.50 60.71 -0.74
CA UNK CA 154 24.42 62.11 -1.13
C UNK CA 154 23.57 62.28 -2.38
N UNK CA 155 23.86 61.51 -3.43
CA UNK CA 155 23.09 61.61 -4.66
C UNK CA 155 21.60 61.35 -4.41
N UNK CA 156 21.28 60.54 -3.41
CA UNK CA 156 19.88 60.27 -3.10
C UNK CA 156 19.25 61.41 -2.31
N UNK CA 157 19.91 61.86 -1.25
CA UNK CA 157 19.34 62.91 -0.41
C UNK CA 157 19.27 64.24 -1.15
N UNK CA 158 20.43 64.76 -1.58
CA UNK CA 158 20.45 66.05 -2.26
C UNK CA 158 19.69 66.03 -3.58
N UNK CA 159 19.31 64.86 -4.08
CA UNK CA 159 18.58 64.75 -5.35
C UNK CA 159 17.08 65.03 -5.13
N UNK CA 160 16.81 66.20 -4.57
CA UNK CA 160 15.45 66.67 -4.32
C UNK CA 160 15.03 67.77 -5.29
N UNK CA 161 15.48 67.69 -6.54
CA UNK CA 161 15.15 68.70 -7.53
C UNK CA 161 13.72 68.51 -8.03
N UNK CA 162 13.35 69.29 -9.04
CA UNK CA 162 12.01 69.24 -9.61
C UNK CA 162 12.15 68.98 -11.11
N UNK CA 163 11.53 67.90 -11.58
CA UNK CA 163 11.51 67.43 -12.96
C UNK CA 163 12.84 66.79 -13.38
N UNK CA 164 13.88 66.82 -12.54
CA UNK CA 164 15.18 66.22 -12.85
C UNK CA 164 15.58 65.33 -11.67
N UNK CA 165 15.14 64.08 -11.70
CA UNK CA 165 15.43 63.14 -10.62
C UNK CA 165 15.80 61.74 -11.11
N UNK CA 166 16.10 61.58 -12.39
CA UNK CA 166 16.43 60.26 -12.93
C UNK CA 166 17.89 59.90 -12.67
N UNK CA 167 18.32 60.02 -11.41
CA UNK CA 167 19.67 59.63 -11.02
C UNK CA 167 19.70 58.67 -9.84
N UNK CA 168 18.82 58.87 -8.86
CA UNK CA 168 18.77 57.96 -7.71
C UNK CA 168 18.41 56.54 -8.14
N UNK CA 169 17.63 56.40 -9.21
CA UNK CA 169 17.32 55.08 -9.73
C UNK CA 169 18.59 54.33 -10.11
N UNK CA 170 19.35 54.88 -11.07
CA UNK CA 170 20.59 54.24 -11.48
C UNK CA 170 21.60 54.15 -10.35
N UNK CA 171 21.50 55.04 -9.36
CA UNK CA 171 22.33 55.00 -8.16
C UNK CA 171 22.07 53.76 -7.32
N UNK CA 172 20.86 53.64 -6.76
CA UNK CA 172 20.46 52.41 -6.07
C UNK CA 172 20.64 51.20 -6.97
N UNK CA 173 20.71 51.44 -8.27
CA UNK CA 173 21.24 50.56 -9.29
C UNK CA 173 22.75 50.61 -9.16
N UNK CA 174 23.44 50.48 -10.28
CA UNK CA 174 24.90 50.33 -10.31
C UNK CA 174 25.62 51.21 -9.30
N UNK CA 175 25.14 52.44 -9.10
CA UNK CA 175 25.85 53.37 -8.23
C UNK CA 175 25.95 52.85 -6.79
N UNK CA 176 24.96 52.07 -6.36
CA UNK CA 176 24.96 51.50 -5.01
C UNK CA 176 24.58 50.03 -4.99
N UNK CA 177 24.42 49.39 -6.16
CA UNK CA 177 24.07 47.97 -6.18
C UNK CA 177 25.14 47.11 -5.53
N UNK CA 178 26.40 47.55 -5.58
CA UNK CA 178 27.50 46.77 -5.01
C UNK CA 178 27.41 46.67 -3.49
N UNK CA 179 26.49 47.38 -2.85
CA UNK CA 179 26.36 47.33 -1.40
C UNK CA 179 25.53 46.12 -0.98
N UNK CA 180 25.51 45.88 0.33
CA UNK CA 180 24.74 44.76 0.87
C UNK CA 180 23.23 44.97 0.80
N UNK CA 181 22.77 46.15 0.40
CA UNK CA 181 21.36 46.46 0.30
C UNK CA 181 20.75 46.05 -1.04
N UNK CA 182 21.40 45.14 -1.77
CA UNK CA 182 20.86 44.71 -3.05
C UNK CA 182 19.55 43.95 -2.88
N UNK CA 183 19.51 43.02 -1.92
CA UNK CA 183 18.30 42.23 -1.71
C UNK CA 183 17.10 43.08 -1.36
N UNK CA 184 17.32 44.32 -0.91
CA UNK CA 184 16.23 45.22 -0.55
C UNK CA 184 16.10 46.41 -1.50
N UNK CA 185 16.99 46.54 -2.47
CA UNK CA 185 16.93 47.63 -3.44
C UNK CA 185 16.63 47.19 -4.86
N UNK CA 186 16.86 45.91 -5.19
CA UNK CA 186 16.58 45.44 -6.54
C UNK CA 186 15.10 45.60 -6.89
N UNK CA 187 14.23 44.96 -6.09
CA UNK CA 187 12.80 45.06 -6.35
C UNK CA 187 12.34 46.52 -6.23
N UNK CA 188 11.48 46.93 -7.16
CA UNK CA 188 10.90 48.26 -7.24
C UNK CA 188 11.86 49.31 -7.77
N UNK CA 189 13.12 48.96 -8.07
CA UNK CA 189 14.06 49.94 -8.58
C UNK CA 189 13.74 50.32 -10.02
N UNK CA 190 13.54 49.33 -10.89
CA UNK CA 190 13.23 49.57 -12.29
C UNK CA 190 11.78 49.97 -12.51
N UNK CA 191 10.97 50.06 -11.46
CA UNK CA 191 9.57 50.43 -11.57
C UNK CA 191 9.34 51.93 -11.47
N UNK CA 192 10.34 52.75 -11.79
CA UNK CA 192 10.18 54.19 -11.69
C UNK CA 192 9.03 54.67 -12.57
N UNK CA 193 9.13 54.44 -13.88
CA UNK CA 193 8.09 54.85 -14.82
C UNK CA 193 7.85 56.36 -14.75
N UNK CA 194 8.93 57.12 -14.86
CA UNK CA 194 8.83 58.58 -14.79
C UNK CA 194 7.95 59.12 -15.91
N UNK CA 195 8.37 58.91 -17.16
CA UNK CA 195 7.61 59.41 -18.30
C UNK CA 195 7.49 58.40 -19.44
N UNK CA 196 7.81 57.14 -19.21
CA UNK CA 196 7.77 56.06 -20.19
C UNK CA 196 8.96 56.08 -21.14
N UNK CA 197 9.92 56.97 -20.96
CA UNK CA 197 11.11 57.05 -21.81
C UNK CA 197 12.36 56.52 -21.14
N UNK CA 198 12.56 56.80 -19.85
CA UNK CA 198 13.71 56.34 -19.10
C UNK CA 198 13.69 54.85 -18.80
N UNK CA 199 12.73 54.09 -19.35
CA UNK CA 199 12.66 52.66 -19.07
C UNK CA 199 13.95 51.94 -19.42
N UNK CA 200 14.79 52.51 -20.29
CA UNK CA 200 16.06 51.88 -20.62
C UNK CA 200 16.90 51.61 -19.38
N UNK CA 201 16.86 52.52 -18.41
CA UNK CA 201 17.60 52.34 -17.18
C UNK CA 201 17.12 51.15 -16.35
N UNK CA 202 15.98 50.54 -16.72
CA UNK CA 202 15.48 49.40 -15.97
C UNK CA 202 16.46 48.24 -15.94
N UNK CA 203 17.44 48.22 -16.85
CA UNK CA 203 18.42 47.15 -16.86
C UNK CA 203 19.18 47.02 -15.55
N UNK CA 204 19.20 48.09 -14.74
CA UNK CA 204 19.89 48.03 -13.45
C UNK CA 204 19.25 46.99 -12.53
N UNK CA 205 17.92 46.89 -12.57
CA UNK CA 205 17.24 45.89 -11.75
C UNK CA 205 17.64 44.47 -12.16
N UNK CA 206 17.63 44.20 -13.47
CA UNK CA 206 18.03 42.88 -13.95
C UNK CA 206 19.48 42.59 -13.61
N UNK CA 207 20.34 43.60 -13.69
CA UNK CA 207 21.75 43.42 -13.35
C UNK CA 207 21.91 43.07 -11.87
N UNK CA 208 21.24 43.82 -11.00
CA UNK CA 208 21.30 43.52 -9.57
C UNK CA 208 20.74 42.13 -9.26
N UNK CA 209 19.68 41.73 -9.97
CA UNK CA 209 19.13 40.40 -9.76
C UNK CA 209 20.13 39.33 -10.16
N UNK CA 210 20.71 39.45 -11.37
CA UNK CA 210 21.71 38.50 -11.81
C UNK CA 210 22.89 38.44 -10.84
N UNK CA 211 23.27 39.58 -10.28
CA UNK CA 211 24.38 39.62 -9.33
C UNK CA 211 24.03 39.01 -7.97
N UNK CA 212 22.81 38.50 -7.80
CA UNK CA 212 22.41 37.89 -6.54
C UNK CA 212 21.90 36.46 -6.77
N UNK CA 213 21.36 36.22 -7.96
CA UNK CA 213 20.84 34.90 -8.32
C UNK CA 213 20.70 34.85 -9.84
N UNK CA 214 20.18 33.73 -10.32
CA UNK CA 214 19.98 33.52 -11.75
C UNK CA 214 18.72 32.72 -11.98
N UNK CA 215 18.30 32.65 -13.24
CA UNK CA 215 17.11 31.93 -13.68
C UNK CA 215 15.81 32.58 -13.24
N UNK CA 216 15.84 33.83 -12.78
CA UNK CA 216 14.64 34.52 -12.33
C UNK CA 216 14.60 35.96 -12.81
N UNK CA 217 15.17 36.24 -13.97
CA UNK CA 217 15.21 37.58 -14.54
C UNK CA 217 14.78 37.57 -15.99
N UNK CA 218 13.80 36.71 -16.32
CA UNK CA 218 13.31 36.64 -17.69
C UNK CA 218 12.27 37.72 -17.99
N UNK CA 219 11.49 38.12 -16.98
CA UNK CA 219 10.47 39.15 -17.20
C UNK CA 219 11.13 40.46 -17.64
N UNK CA 220 12.15 40.91 -16.91
CA UNK CA 220 12.83 42.14 -17.27
C UNK CA 220 13.52 42.03 -18.62
N UNK CA 221 14.15 40.88 -18.88
CA UNK CA 221 14.80 40.66 -20.17
C UNK CA 221 13.80 40.81 -21.31
N UNK CA 222 12.62 40.20 -21.16
CA UNK CA 222 11.61 40.31 -22.21
C UNK CA 222 11.07 41.73 -22.34
N UNK CA 223 10.80 42.39 -21.21
CA UNK CA 223 10.29 43.75 -21.25
C UNK CA 223 11.30 44.72 -21.85
N UNK CA 224 12.60 44.40 -21.77
CA UNK CA 224 13.61 45.25 -22.39
C UNK CA 224 13.80 44.92 -23.86
N UNK CA 225 13.79 43.64 -24.22
CA UNK CA 225 13.88 43.27 -25.63
C UNK CA 225 12.69 43.77 -26.42
N UNK CA 226 11.53 43.88 -25.78
CA UNK CA 226 10.34 44.37 -26.47
C UNK CA 226 10.46 45.84 -26.83
N UNK CA 227 10.80 46.68 -25.84
CA UNK CA 227 10.87 48.12 -26.03
C UNK CA 227 12.29 48.62 -26.21
N UNK CA 228 13.19 47.78 -26.70
CA UNK CA 228 14.56 48.18 -27.00
C UNK CA 228 14.94 48.03 -28.46
N UNK CA 229 14.13 47.37 -29.28
CA UNK CA 229 14.45 47.20 -30.69
C UNK CA 229 13.19 46.87 -31.49
N UNK CA 230 19.46 50.09 -29.72
CA UNK CA 230 20.79 49.73 -29.22
C UNK CA 230 20.68 48.84 -27.98
N UNK CA 231 19.64 49.07 -27.18
CA UNK CA 231 19.44 48.28 -25.97
C UNK CA 231 19.09 46.83 -26.25
N UNK CA 232 18.73 46.50 -27.50
CA UNK CA 232 18.38 45.11 -27.83
C UNK CA 232 19.55 44.17 -27.60
N UNK CA 233 20.78 44.65 -27.81
CA UNK CA 233 21.95 43.80 -27.60
C UNK CA 233 22.05 43.36 -26.15
N UNK CA 234 22.19 44.32 -25.23
CA UNK CA 234 22.27 43.98 -23.81
C UNK CA 234 21.00 43.31 -23.31
N UNK CA 235 19.85 43.74 -23.82
CA UNK CA 235 18.59 43.11 -23.42
C UNK CA 235 18.57 41.64 -23.80
N UNK CA 236 18.83 41.33 -25.07
CA UNK CA 236 18.86 39.94 -25.50
C UNK CA 236 19.92 39.15 -24.75
N UNK CA 237 21.08 39.77 -24.48
CA UNK CA 237 22.13 39.08 -23.73
C UNK CA 237 21.63 38.69 -22.35
N UNK CA 238 21.14 39.66 -21.57
CA UNK CA 238 20.62 39.36 -20.24
C UNK CA 238 19.47 38.37 -20.28
N UNK CA 239 18.70 38.37 -21.37
CA UNK CA 239 17.60 37.43 -21.50
C UNK CA 239 18.09 36.00 -21.55
N UNK CA 240 19.07 35.72 -22.43
CA UNK CA 240 19.60 34.37 -22.54
C UNK CA 240 20.20 33.91 -21.22
N UNK CA 241 20.83 34.83 -20.48
CA UNK CA 241 21.42 34.46 -19.19
C UNK CA 241 20.38 33.87 -18.25
N UNK CA 242 19.19 34.48 -18.20
CA UNK CA 242 18.13 33.98 -17.32
C UNK CA 242 17.72 32.56 -17.71
N UNK CA 243 17.20 32.39 -18.92
CA UNK CA 243 16.74 31.09 -19.37
C UNK CA 243 17.90 30.24 -19.89
N UNK CA 244 18.57 30.70 -20.94
CA UNK CA 244 19.68 29.94 -21.52
C UNK CA 244 20.85 29.84 -20.54
N UNK CA 245 21.21 30.95 -19.91
CA UNK CA 245 22.29 30.92 -18.94
C UNK CA 245 21.94 30.06 -17.74
N UNK CA 246 20.68 30.12 -17.29
CA UNK CA 246 20.26 29.27 -16.17
C UNK CA 246 20.34 27.80 -16.54
N UNK CA 247 19.89 27.44 -17.74
CA UNK CA 247 19.97 26.05 -18.17
C UNK CA 247 21.43 25.59 -18.29
N UNK CA 248 22.30 26.46 -18.81
CA UNK CA 248 23.71 26.10 -18.92
C UNK CA 248 24.34 25.90 -17.55
N UNK CA 249 24.00 26.77 -16.59
CA UNK CA 249 24.54 26.62 -15.24
C UNK CA 249 24.01 25.34 -14.58
N UNK CA 250 22.73 25.03 -14.80
CA UNK CA 250 22.18 23.79 -14.24
C UNK CA 250 22.86 22.57 -14.84
N UNK CA 251 23.10 22.58 -16.16
CA UNK CA 251 23.79 21.46 -16.79
C UNK CA 251 25.22 21.33 -16.31
N UNK CA 252 25.90 22.46 -16.11
CA UNK CA 252 27.28 22.42 -15.62
C UNK CA 252 27.37 21.79 -14.25
N UNK CA 253 26.33 21.94 -13.43
CA UNK CA 253 26.35 21.34 -12.09
C UNK CA 253 26.52 19.83 -12.15
N UNK CA 254 26.07 19.20 -13.23
CA UNK CA 254 26.20 17.75 -13.37
C UNK CA 254 27.65 17.30 -13.31
N UNK CA 255 28.61 18.18 -13.61
CA UNK CA 255 30.02 17.79 -13.58
C UNK CA 255 30.40 17.23 -12.22
N UNK CA 256 29.89 17.83 -11.14
CA UNK CA 256 30.21 17.34 -9.81
C UNK CA 256 29.66 15.93 -9.60
N UNK CA 257 28.38 15.73 -9.89
CA UNK CA 257 27.75 14.42 -9.80
C UNK CA 257 27.78 13.64 -11.12
N UNK CA 258 28.69 14.00 -12.02
CA UNK CA 258 28.82 13.36 -13.33
C UNK CA 258 29.46 11.99 -13.28
N UNK CA 259 29.67 11.42 -12.10
CA UNK CA 259 30.30 10.10 -11.99
C UNK CA 259 29.63 9.10 -12.92
N UNK CA 260 28.35 8.84 -12.72
CA UNK CA 260 27.59 7.96 -13.58
C UNK CA 260 26.14 7.94 -13.11
N UNK CA 261 25.24 7.54 -14.02
CA UNK CA 261 23.82 7.41 -13.72
C UNK CA 261 23.27 8.65 -13.01
N UNK CA 262 23.49 9.81 -13.62
CA UNK CA 262 23.02 11.07 -13.04
C UNK CA 262 23.25 12.18 -14.04
N UNK CA 263 22.37 13.18 -14.00
CA UNK CA 263 22.47 14.37 -14.84
C UNK CA 263 22.45 14.02 -16.33
N UNK CA 264 21.50 13.15 -16.70
CA UNK CA 264 21.29 12.80 -18.10
C UNK CA 264 19.92 13.26 -18.60
N UNK CA 265 18.84 12.82 -17.96
CA UNK CA 265 17.51 13.24 -18.40
C UNK CA 265 17.25 14.69 -18.02
N UNK CA 266 17.64 15.09 -16.81
CA UNK CA 266 17.50 16.49 -16.42
C UNK CA 266 18.30 17.40 -17.35
N UNK CA 267 19.54 17.01 -17.65
CA UNK CA 267 20.36 17.81 -18.55
C UNK CA 267 19.77 17.87 -19.96
N UNK CA 268 19.23 16.74 -20.44
CA UNK CA 268 18.61 16.73 -21.76
C UNK CA 268 17.41 17.67 -21.80
N UNK CA 269 16.55 17.59 -20.78
CA UNK CA 269 15.38 18.48 -20.73
C UNK CA 269 15.81 19.94 -20.63
N UNK CA 270 16.85 20.23 -19.85
CA UNK CA 270 17.33 21.60 -19.73
C UNK CA 270 17.84 22.12 -21.07
N UNK CA 271 18.64 21.31 -21.77
CA UNK CA 271 19.14 21.71 -23.08
C UNK CA 271 18.00 21.93 -24.07
N UNK CA 272 16.99 21.05 -24.03
CA UNK CA 272 15.85 21.20 -24.93
C UNK CA 272 15.11 22.50 -24.65
N UNK CA 273 14.84 22.78 -23.37
CA UNK CA 273 14.14 24.01 -23.01
C UNK CA 273 14.96 25.24 -23.40
N UNK CA 274 16.28 25.18 -23.22
CA UNK CA 274 17.13 26.31 -23.59
C UNK CA 274 17.09 26.55 -25.10
N UNK CA 275 17.19 25.47 -25.88
CA UNK CA 275 17.11 25.61 -27.32
C UNK CA 275 15.75 26.17 -27.75
N UNK CA 276 14.67 25.70 -27.14
CA UNK CA 276 13.34 26.20 -27.47
C UNK CA 276 13.22 27.69 -27.15
N UNK CA 277 13.72 28.10 -25.99
CA UNK CA 277 13.68 29.51 -25.63
C UNK CA 277 14.52 30.36 -26.59
N UNK CA 278 15.71 29.88 -26.95
CA UNK CA 278 16.54 30.62 -27.89
C UNK CA 278 15.86 30.76 -29.24
N UNK CA 279 15.22 29.68 -29.73
CA UNK CA 279 14.50 29.75 -30.99
C UNK CA 279 13.35 30.75 -30.90
N UNK CA 280 12.56 30.68 -29.83
CA UNK CA 280 11.43 31.60 -29.69
C UNK CA 280 11.88 33.04 -29.55
N UNK CA 281 13.07 33.28 -29.01
CA UNK CA 281 13.56 34.64 -28.84
C UNK CA 281 14.22 35.17 -30.11
N UNK CA 282 14.80 34.29 -30.93
CA UNK CA 282 15.47 34.74 -32.15
C UNK CA 282 14.51 35.50 -33.06
N UNK CA 283 13.46 34.84 -33.53
CA UNK CA 283 12.53 35.48 -34.45
C UNK CA 283 11.50 36.32 -33.71
N UNK CA 284 10.70 35.69 -32.86
CA UNK CA 284 9.67 36.41 -32.10
C UNK CA 284 8.97 35.40 -31.20
N UNK CA 285 8.31 35.92 -30.17
CA UNK CA 285 7.59 35.08 -29.23
C UNK CA 285 6.68 35.92 -28.33
N UNK DA 1 17.02 16.90 -30.80
CA UNK DA 1 17.39 18.25 -31.22
C UNK DA 1 18.14 18.97 -30.10
N UNK DA 2 19.37 18.57 -29.86
CA UNK DA 2 20.21 19.18 -28.83
C UNK DA 2 21.42 19.90 -29.40
N UNK DA 3 22.20 19.23 -30.26
CA UNK DA 3 23.38 19.88 -30.83
C UNK DA 3 22.99 21.08 -31.69
N UNK DA 4 21.96 20.93 -32.52
CA UNK DA 4 21.52 22.04 -33.36
C UNK DA 4 21.01 23.20 -32.51
N UNK DA 5 20.25 22.91 -31.46
CA UNK DA 5 19.75 23.97 -30.60
C UNK DA 5 20.90 24.69 -29.90
N UNK DA 6 21.89 23.93 -29.41
CA UNK DA 6 23.04 24.56 -28.77
C UNK DA 6 23.82 25.42 -29.74
N UNK DA 7 24.03 24.94 -30.97
CA UNK DA 7 24.73 25.73 -31.96
C UNK DA 7 23.97 27.01 -32.29
N UNK DA 8 22.65 26.92 -32.44
CA UNK DA 8 21.86 28.11 -32.72
C UNK DA 8 21.93 29.10 -31.57
N UNK DA 9 21.85 28.62 -30.33
CA UNK DA 9 21.93 29.50 -29.17
C UNK DA 9 23.30 30.18 -29.11
N UNK DA 10 24.36 29.44 -29.41
CA UNK DA 10 25.70 30.02 -29.39
C UNK DA 10 25.87 31.06 -30.48
N UNK DA 11 25.37 30.78 -31.69
CA UNK DA 11 25.50 31.73 -32.78
C UNK DA 11 24.64 32.97 -32.56
N UNK DA 12 23.50 32.83 -31.91
CA UNK DA 12 22.63 33.98 -31.68
C UNK DA 12 23.33 35.04 -30.83
N UNK DA 13 23.95 34.62 -29.72
CA UNK DA 13 24.61 35.57 -28.84
C UNK DA 13 25.87 36.13 -29.49
N UNK DA 14 26.83 35.25 -29.81
CA UNK DA 14 28.11 35.59 -30.42
C UNK DA 14 29.09 36.27 -29.46
N UNK DA 15 28.69 36.51 -28.22
CA UNK DA 15 29.56 37.15 -27.24
C UNK DA 15 30.33 36.09 -26.46
N UNK DA 16 31.00 36.51 -25.38
CA UNK DA 16 31.76 35.57 -24.56
C UNK DA 16 30.91 34.42 -24.03
N UNK DA 17 29.59 34.60 -23.99
CA UNK DA 17 28.71 33.53 -23.52
C UNK DA 17 28.81 32.28 -24.37
N UNK DA 18 29.43 32.36 -25.55
CA UNK DA 18 29.58 31.18 -26.39
C UNK DA 18 30.43 30.12 -25.71
N UNK DA 19 31.42 30.55 -24.92
CA UNK DA 19 32.25 29.58 -24.19
C UNK DA 19 31.40 28.79 -23.21
N UNK DA 20 30.60 29.47 -22.40
CA UNK DA 20 29.74 28.78 -21.45
C UNK DA 20 28.71 27.90 -22.17
N UNK DA 21 28.19 28.38 -23.31
CA UNK DA 21 27.23 27.59 -24.07
C UNK DA 21 27.86 26.29 -24.54
N UNK DA 22 29.08 26.37 -25.10
CA UNK DA 22 29.77 25.16 -25.55
C UNK DA 22 30.08 24.25 -24.38
N UNK DA 23 30.50 24.82 -23.25
CA UNK DA 23 30.78 24.00 -22.08
C UNK DA 23 29.54 23.23 -21.64
N UNK DA 24 28.40 23.92 -21.59
CA UNK DA 24 27.15 23.25 -21.21
C UNK DA 24 26.78 22.16 -22.21
N UNK DA 25 26.83 22.49 -23.50
CA UNK DA 25 26.52 21.51 -24.53
C UNK DA 25 27.43 20.29 -24.44
N UNK DA 26 28.67 20.47 -24.00
CA UNK DA 26 29.59 19.35 -23.87
C UNK DA 26 29.01 18.22 -23.01
N UNK DA 27 28.14 18.56 -22.06
CA UNK DA 27 27.52 17.53 -21.24
C UNK DA 27 26.62 16.62 -22.06
N UNK DA 28 25.86 17.20 -22.99
CA UNK DA 28 25.01 16.38 -23.86
C UNK DA 28 25.85 15.41 -24.68
N UNK DA 29 26.98 15.87 -25.22
CA UNK DA 29 27.84 14.99 -25.99
C UNK DA 29 28.44 13.90 -25.11
N UNK DA 30 28.94 14.27 -23.92
CA UNK DA 30 29.52 13.28 -23.02
C UNK DA 30 28.50 12.25 -22.58
N UNK DA 31 27.22 12.63 -22.53
CA UNK DA 31 26.18 11.68 -22.16
C UNK DA 31 25.79 10.78 -23.33
N UNK DA 32 25.66 11.36 -24.53
CA UNK DA 32 25.32 10.56 -25.70
C UNK DA 32 26.37 9.50 -25.97
N UNK DA 33 27.65 9.88 -25.95
CA UNK DA 33 28.72 8.94 -26.20
C UNK DA 33 28.66 7.78 -25.21
N UNK DA 34 28.97 6.58 -25.70
CA UNK DA 34 28.95 5.33 -24.95
C UNK DA 34 27.55 4.83 -24.63
N UNK DA 35 26.51 5.58 -24.99
CA UNK DA 35 25.15 5.14 -24.74
C UNK DA 35 24.21 5.43 -25.90
N UNK DA 36 24.72 5.74 -27.08
CA UNK DA 36 23.90 6.07 -28.24
C UNK DA 36 24.71 5.78 -29.50
N UNK DA 37 24.22 6.27 -30.63
CA UNK DA 37 24.88 6.06 -31.92
C UNK DA 37 26.04 7.04 -32.07
N UNK DA 38 26.62 7.10 -33.27
CA UNK DA 38 27.74 7.98 -33.53
C UNK DA 38 27.49 8.84 -34.76
N UNK DA 39 28.52 9.56 -35.22
CA UNK DA 39 28.41 10.46 -36.37
C UNK DA 39 27.60 11.71 -36.05
N UNK DA 40 27.57 12.11 -34.77
CA UNK DA 40 26.87 13.31 -34.34
C UNK DA 40 27.77 14.53 -34.27
N UNK DA 41 28.83 14.56 -35.08
CA UNK DA 41 29.77 15.68 -35.05
C UNK DA 41 29.05 17.01 -35.25
N UNK DA 42 29.30 17.96 -34.36
CA UNK DA 42 28.72 19.28 -34.43
C UNK DA 42 29.75 20.29 -33.93
N UNK DA 43 29.35 21.57 -33.85
CA UNK DA 43 30.23 22.64 -33.43
C UNK DA 43 31.48 22.71 -34.32
N UNK DA 44 31.22 22.97 -35.60
CA UNK DA 44 32.27 22.95 -36.61
C UNK DA 44 33.16 24.18 -36.51
N UNK DA 45 33.95 24.27 -35.44
CA UNK DA 45 34.92 25.34 -35.29
C UNK DA 45 36.32 24.95 -35.71
N UNK DA 46 36.61 23.65 -35.81
CA UNK DA 46 37.91 23.15 -36.22
C UNK DA 46 37.78 21.67 -36.52
N UNK DA 47 38.44 21.22 -37.58
CA UNK DA 47 38.34 19.83 -38.02
C UNK DA 47 39.67 19.46 -38.70
N UNK DA 48 40.46 18.62 -38.02
CA UNK DA 48 41.73 18.17 -38.58
C UNK DA 48 41.95 16.68 -38.39
N UNK DA 49 40.90 15.91 -38.17
CA UNK DA 49 41.00 14.47 -37.99
C UNK DA 49 39.85 13.81 -38.75
N UNK DA 50 40.17 13.17 -39.86
CA UNK DA 50 39.18 12.50 -40.70
C UNK DA 50 39.21 10.98 -40.54
N UNK DA 51 39.78 10.48 -39.45
CA UNK DA 51 39.85 9.03 -39.25
C UNK DA 51 38.46 8.43 -39.15
N UNK DA 52 37.52 9.12 -38.50
CA UNK DA 52 36.14 8.68 -38.33
C UNK DA 52 35.98 7.57 -37.31
N UNK DA 53 37.03 7.24 -36.57
CA UNK DA 53 36.96 6.17 -35.58
C UNK DA 53 36.21 6.64 -34.35
N UNK DA 54 35.46 5.72 -33.73
CA UNK DA 54 34.69 6.06 -32.54
C UNK DA 54 35.58 6.64 -31.45
N UNK DA 55 36.56 5.85 -31.00
CA UNK DA 55 37.46 6.34 -29.95
C UNK DA 55 38.27 7.53 -30.44
N UNK DA 56 38.77 7.47 -31.67
CA UNK DA 56 39.55 8.58 -32.21
C UNK DA 56 38.71 9.85 -32.31
N UNK DA 57 37.48 9.72 -32.81
CA UNK DA 57 36.60 10.88 -32.91
C UNK DA 57 36.27 11.44 -31.54
N UNK DA 58 36.03 10.57 -30.56
CA UNK DA 58 35.74 11.04 -29.20
C UNK DA 58 36.93 11.79 -28.62
N UNK DA 59 38.14 11.25 -28.81
CA UNK DA 59 39.33 11.93 -28.31
C UNK DA 59 39.53 13.27 -29.00
N UNK DA 60 39.31 13.33 -30.31
CA UNK DA 60 39.45 14.59 -31.03
C UNK DA 60 38.44 15.62 -30.54
N UNK DA 61 37.20 15.20 -30.31
CA UNK DA 61 36.19 16.12 -29.80
C UNK DA 61 36.53 16.60 -28.40
N UNK DA 62 37.02 15.69 -27.55
CA UNK DA 62 37.42 16.09 -26.20
C UNK DA 62 38.56 17.10 -26.24
N UNK DA 63 39.54 16.87 -27.12
CA UNK DA 63 40.64 17.82 -27.25
C UNK DA 63 40.15 19.17 -27.75
N UNK DA 64 39.32 19.17 -28.78
CA UNK DA 64 38.76 20.42 -29.30
C UNK DA 64 38.01 21.18 -28.21
N UNK DA 65 37.24 20.47 -27.39
CA UNK DA 65 36.54 21.12 -26.29
C UNK DA 65 37.51 21.70 -25.28
N UNK DA 66 38.38 20.86 -24.72
CA UNK DA 66 39.36 21.33 -23.74
C UNK DA 66 40.24 22.46 -24.27
N UNK DA 67 40.31 22.64 -25.59
CA UNK DA 67 41.10 23.71 -26.18
C UNK DA 67 40.31 24.98 -26.44
N UNK DA 68 39.08 24.88 -26.93
CA UNK DA 68 38.31 26.04 -27.34
C UNK DA 68 37.11 26.35 -26.45
N UNK DA 69 37.04 25.75 -25.26
CA UNK DA 69 35.98 26.09 -24.32
C UNK DA 69 36.27 27.35 -23.53
N UNK DA 70 37.44 27.95 -23.69
CA UNK DA 70 37.81 29.17 -22.97
C UNK DA 70 38.45 30.18 -23.91
N UNK DA 71 37.88 30.34 -25.11
CA UNK DA 71 38.42 31.31 -26.06
C UNK DA 71 38.31 32.74 -25.53
N UNK DA 72 37.24 33.05 -24.81
CA UNK DA 72 37.05 34.37 -24.24
C UNK DA 72 37.63 34.43 -22.84
N UNK DA 73 37.35 35.50 -22.10
CA UNK DA 73 37.85 35.64 -20.75
C UNK DA 73 37.31 34.52 -19.86
N UNK DA 74 37.98 34.31 -18.74
CA UNK DA 74 37.60 33.27 -17.80
C UNK DA 74 38.36 33.47 -16.50
N UNK DA 75 37.78 32.98 -15.41
CA UNK DA 75 38.39 33.10 -14.09
C UNK DA 75 38.53 31.74 -13.43
N UNK DA 76 38.90 31.72 -12.15
CA UNK DA 76 39.06 30.46 -11.43
C UNK DA 76 37.78 29.63 -11.49
N UNK DA 77 36.62 30.28 -11.36
CA UNK DA 77 35.35 29.56 -11.42
C UNK DA 77 35.15 28.92 -12.78
N UNK DA 78 35.36 29.69 -13.85
CA UNK DA 78 35.20 29.15 -15.20
C UNK DA 78 36.20 28.03 -15.46
N UNK DA 79 37.44 28.20 -14.99
CA UNK DA 79 38.44 27.16 -15.18
C UNK DA 79 38.04 25.87 -14.47
N UNK DA 80 37.58 25.98 -13.22
CA UNK DA 80 37.14 24.80 -12.49
C UNK DA 80 35.94 24.15 -13.17
N UNK DA 81 35.01 24.95 -13.68
CA UNK DA 81 33.86 24.40 -14.38
C UNK DA 81 34.29 23.64 -15.64
N UNK DA 82 35.20 24.23 -16.41
CA UNK DA 82 35.69 23.57 -17.61
C UNK DA 82 36.43 22.27 -17.26
N UNK DA 83 37.20 22.28 -16.18
CA UNK DA 83 37.91 21.07 -15.77
C UNK DA 83 36.92 19.98 -15.35
N UNK DA 84 35.89 20.35 -14.58
CA UNK DA 84 34.88 19.39 -14.18
C UNK DA 84 34.15 18.82 -15.39
N UNK DA 85 33.84 19.67 -16.37
CA UNK DA 85 33.18 19.19 -17.57
C UNK DA 85 34.07 18.23 -18.35
N UNK DA 86 35.34 18.59 -18.53
CA UNK DA 86 36.27 17.70 -19.21
C UNK DA 86 36.38 16.35 -18.49
N UNK DA 87 36.41 16.38 -17.16
CA UNK DA 87 36.47 15.13 -16.41
C UNK DA 87 35.21 14.30 -16.61
N UNK DA 88 34.04 14.92 -16.43
CA UNK DA 88 32.78 14.19 -16.60
C UNK DA 88 32.58 13.70 -18.03
N UNK DA 89 33.28 14.28 -19.00
CA UNK DA 89 33.16 13.83 -20.38
C UNK DA 89 34.24 12.86 -20.80
N UNK DA 90 35.35 12.79 -20.08
CA UNK DA 90 36.44 11.88 -20.41
C UNK DA 90 36.42 10.60 -19.57
N UNK DA 91 36.28 10.72 -18.25
CA UNK DA 91 36.28 9.54 -17.39
C UNK DA 91 35.08 8.64 -17.62
N UNK DA 92 34.12 9.04 -18.45
CA UNK DA 92 32.95 8.22 -18.74
C UNK DA 92 32.87 7.82 -20.21
N UNK DA 93 33.95 7.99 -20.96
CA UNK DA 93 34.00 7.65 -22.38
C UNK DA 93 35.04 6.57 -22.65
N UNK DA 94 35.07 5.55 -21.80
CA UNK DA 94 36.05 4.47 -21.90
C UNK DA 94 35.63 3.47 -22.99
N UNK DA 95 35.47 3.99 -24.21
CA UNK DA 95 35.11 3.18 -25.37
C UNK DA 95 35.96 3.57 -26.56
N UNK DA 96 37.23 3.87 -26.33
CA UNK DA 96 38.16 4.28 -27.37
C UNK DA 96 39.55 3.82 -26.99
N UNK DA 97 40.56 4.38 -27.65
CA UNK DA 97 41.95 4.01 -27.38
C UNK DA 97 42.77 5.25 -27.03
N UNK DA 98 44.09 5.08 -26.92
CA UNK DA 98 44.99 6.17 -26.57
C UNK DA 98 44.64 6.76 -25.19
N UNK DA 99 44.71 5.89 -24.18
CA UNK DA 99 44.40 6.26 -22.81
C UNK DA 99 45.51 7.06 -22.13
N UNK DA 100 46.55 7.44 -22.86
CA UNK DA 100 47.64 8.20 -22.25
C UNK DA 100 47.20 9.63 -21.95
N UNK DA 101 46.61 10.31 -22.94
CA UNK DA 101 46.12 11.66 -22.71
C UNK DA 101 45.09 11.71 -21.60
N UNK DA 102 44.35 10.62 -21.41
CA UNK DA 102 43.35 10.58 -20.33
C UNK DA 102 44.00 10.79 -18.97
N UNK DA 103 45.22 10.30 -18.79
CA UNK DA 103 45.91 10.49 -17.52
C UNK DA 103 46.13 11.98 -17.23
N UNK DA 104 46.73 12.69 -18.19
CA UNK DA 104 46.94 14.12 -18.02
C UNK DA 104 45.63 14.88 -17.88
N UNK DA 105 44.58 14.43 -18.60
CA UNK DA 105 43.29 15.09 -18.48
C UNK DA 105 42.74 14.96 -17.07
N UNK DA 106 42.78 13.75 -16.51
CA UNK DA 106 42.30 13.54 -15.15
C UNK DA 106 43.15 14.31 -14.15
N UNK DA 107 44.47 14.37 -14.38
CA UNK DA 107 45.34 15.13 -13.49
C UNK DA 107 44.96 16.61 -13.49
N UNK DA 108 44.77 17.18 -14.68
CA UNK DA 108 44.36 18.58 -14.78
C UNK DA 108 43.01 18.81 -14.11
N UNK DA 109 42.06 17.90 -14.33
CA UNK DA 109 40.74 18.03 -13.72
C UNK DA 109 40.86 18.02 -12.19
N UNK DA 110 41.65 17.11 -11.65
CA UNK DA 110 41.81 17.04 -10.20
C UNK DA 110 42.49 18.29 -9.66
N UNK DA 111 43.51 18.79 -10.36
CA UNK DA 111 44.17 20.01 -9.92
C UNK DA 111 43.20 21.20 -9.93
N UNK DA 112 42.39 21.31 -10.97
CA UNK DA 112 41.41 22.40 -11.03
C UNK DA 112 40.38 22.27 -9.92
N UNK DA 113 39.91 21.04 -9.65
CA UNK DA 113 38.95 20.85 -8.57
C UNK DA 113 39.56 21.21 -7.22
N UNK DA 114 40.82 20.83 -7.00
CA UNK DA 114 41.48 21.18 -5.74
C UNK DA 114 41.63 22.70 -5.61
N UNK DA 115 42.05 23.36 -6.68
CA UNK DA 115 42.19 24.82 -6.64
C UNK DA 115 40.85 25.48 -6.36
N UNK DA 116 39.77 24.99 -6.98
CA UNK DA 116 38.45 25.55 -6.72
C UNK DA 116 38.05 25.36 -5.27
N UNK DA 117 38.15 24.12 -4.76
CA UNK DA 117 37.82 23.87 -3.37
C UNK DA 117 38.63 24.76 -2.43
N UNK DA 118 39.88 25.04 -2.79
CA UNK DA 118 40.72 25.89 -1.95
C UNK DA 118 40.26 27.34 -1.98
N UNK DA 119 40.10 27.91 -3.17
CA UNK DA 119 39.77 29.32 -3.34
C UNK DA 119 38.55 29.48 -4.24
N UNK DA 120 37.51 28.69 -3.97
CA UNK DA 120 36.26 28.75 -4.71
C UNK DA 120 35.11 29.06 -3.77
N UNK DA 121 33.99 29.47 -4.35
CA UNK DA 121 32.79 29.79 -3.57
C UNK DA 121 31.57 29.09 -4.14
N UNK DA 122 31.61 28.77 -5.43
CA UNK DA 122 30.50 28.10 -6.11
C UNK DA 122 30.93 27.80 -7.53
N UNK DA 123 30.09 27.05 -8.24
CA UNK DA 123 30.36 26.69 -9.62
C UNK DA 123 31.59 25.77 -9.71
N UNK DA 124 29.99 27.45 1.79
CA UNK DA 124 30.24 26.34 2.70
C UNK DA 124 29.90 25.01 2.04
N UNK DA 125 30.10 24.95 0.72
CA UNK DA 125 29.83 23.74 -0.05
C UNK DA 125 31.11 23.03 -0.49
N UNK DA 126 32.24 23.34 0.13
CA UNK DA 126 33.49 22.70 -0.25
C UNK DA 126 33.46 21.19 0.03
N UNK DA 127 32.65 20.76 1.00
CA UNK DA 127 32.56 19.34 1.30
C UNK DA 127 32.00 18.56 0.11
N UNK DA 128 30.95 19.08 -0.51
CA UNK DA 128 30.37 18.41 -1.67
C UNK DA 128 31.36 18.36 -2.83
N UNK DA 129 32.10 19.44 -3.05
CA UNK DA 129 33.09 19.45 -4.11
C UNK DA 129 34.19 18.43 -3.85
N UNK DA 130 34.67 18.35 -2.61
CA UNK DA 130 35.69 17.38 -2.26
C UNK DA 130 35.17 15.95 -2.44
N UNK DA 131 33.93 15.70 -2.03
CA UNK DA 131 33.36 14.36 -2.19
C UNK DA 131 33.24 14.00 -3.66
N UNK DA 132 32.79 14.95 -4.50
CA UNK DA 132 32.68 14.69 -5.93
C UNK DA 132 34.04 14.41 -6.54
N UNK DA 133 35.06 15.19 -6.15
CA UNK DA 133 36.41 14.96 -6.67
C UNK DA 133 36.94 13.60 -6.26
N UNK DA 134 36.71 13.21 -5.00
CA UNK DA 134 37.16 11.89 -4.55
C UNK DA 134 36.45 10.78 -5.30
N UNK DA 135 35.14 10.92 -5.52
CA UNK DA 135 34.39 9.91 -6.26
C UNK DA 135 34.89 9.80 -7.70
N UNK DA 136 35.17 10.94 -8.33
CA UNK DA 136 35.68 10.93 -9.70
C UNK DA 136 37.06 10.27 -9.76
N UNK DA 137 37.93 10.58 -8.80
CA UNK DA 137 39.25 9.96 -8.76
C UNK DA 137 39.14 8.45 -8.56
N UNK DA 138 38.23 8.02 -7.68
CA UNK DA 138 38.05 6.59 -7.45
C UNK DA 138 37.54 5.90 -8.71
N UNK DA 139 36.57 6.52 -9.39
CA UNK DA 139 36.05 5.95 -10.63
C UNK DA 139 37.14 5.84 -11.68
N UNK DA 140 37.97 6.89 -11.81
CA UNK DA 140 39.06 6.85 -12.77
C UNK DA 140 40.03 5.73 -12.45
N UNK DA 141 40.46 5.64 -11.19
CA UNK DA 141 41.38 4.58 -10.79
C UNK DA 141 40.79 3.20 -11.08
N UNK DA 142 39.49 3.02 -10.82
CA UNK DA 142 38.85 1.74 -11.08
C UNK DA 142 38.83 1.43 -12.58
N UNK DA 143 38.53 2.44 -13.40
CA UNK DA 143 38.47 2.26 -14.85
C UNK DA 143 39.84 2.25 -15.50
N UNK DA 144 40.93 2.29 -14.72
CA UNK DA 144 42.27 2.28 -15.30
C UNK DA 144 42.52 1.00 -16.08
N UNK DA 145 42.45 -0.14 -15.39
CA UNK DA 145 42.67 -1.44 -16.02
C UNK DA 145 41.40 -2.30 -15.97
N SER EA 1 36.20 1.61 44.85
CA SER EA 1 37.06 2.75 44.49
C SER EA 1 38.33 2.27 43.83
N LEU EA 2 38.58 0.96 43.88
CA LEU EA 2 39.78 0.40 43.28
C LEU EA 2 39.68 0.33 41.75
N LEU EA 3 38.47 0.27 41.21
CA LEU EA 3 38.28 0.21 39.77
C LEU EA 3 38.52 1.54 39.07
N ARG EA 4 38.60 2.64 39.82
CA ARG EA 4 38.83 3.96 39.24
C ARG EA 4 40.04 4.68 39.85
N GLN EA 5 40.83 3.99 40.67
CA GLN EA 5 42.01 4.62 41.28
C GLN EA 5 43.08 4.96 40.25
N CYS EA 6 43.07 4.32 39.09
CA CYS EA 6 44.05 4.57 38.05
C CYS EA 6 43.33 4.53 36.71
N PRO EA 7 43.49 5.55 35.86
CA PRO EA 7 42.80 5.54 34.56
C PRO EA 7 43.38 4.55 33.57
N LEU EA 8 44.38 3.77 33.94
CA LEU EA 8 45.00 2.79 33.06
C LEU EA 8 45.06 1.42 33.75
N LEU EA 9 43.94 1.03 34.34
CA LEU EA 9 43.82 -0.26 35.06
C LEU EA 9 42.68 -1.02 34.41
N LEU EA 10 42.98 -1.79 33.37
CA LEU EA 10 41.99 -2.58 32.66
C LEU EA 10 42.07 -4.04 33.09
N PRO EA 11 40.93 -4.75 33.14
CA PRO EA 11 40.94 -6.15 33.54
C PRO EA 11 41.64 -7.04 32.52
N GLN EA 12 42.79 -7.60 32.88
CA GLN EA 12 43.53 -8.45 31.95
C GLN EA 12 42.78 -9.73 31.66
N ASN EA 13 42.38 -10.45 32.72
CA ASN EA 13 41.67 -11.72 32.58
C ASN EA 13 40.41 -11.69 33.44
N ARG EA 14 39.40 -12.44 33.01
CA ARG EA 14 38.15 -12.51 33.76
C ARG EA 14 38.34 -13.12 35.14
N GLU EA 15 39.39 -13.90 35.35
CA GLU EA 15 39.64 -14.52 36.65
C GLU EA 15 40.16 -13.54 37.69
N GLY EA 16 40.27 -12.25 37.36
CA GLY EA 16 40.73 -11.26 38.32
C GLY EA 16 42.21 -10.98 38.21
N THR EA 17 42.70 -10.77 36.99
CA THR EA 17 44.11 -10.46 36.80
C THR EA 17 44.42 -9.02 37.17
N ALA EA 18 43.56 -8.08 36.79
CA ALA EA 18 43.73 -6.66 37.09
C ALA EA 18 45.05 -6.10 36.59
N TYR EA 19 45.65 -6.72 35.57
CA TYR EA 19 46.91 -6.28 35.00
C TYR EA 19 46.67 -5.96 33.52
N GLU EA 20 46.23 -4.74 33.26
CA GLU EA 20 45.99 -4.29 31.88
C GLU EA 20 45.88 -2.76 31.83
N GLY EA 21 46.67 -2.14 30.98
CA GLY EA 21 46.66 -0.70 30.83
C GLY EA 21 47.89 -0.05 31.48
N PHE EA 22 48.10 1.21 31.13
CA PHE EA 22 49.20 1.99 31.69
C PHE EA 22 48.93 2.23 33.17
N VAL EA 23 49.69 1.55 34.02
CA VAL EA 23 49.52 1.68 35.47
C VAL EA 23 50.69 2.44 36.06
N SER EA 24 51.32 3.28 35.24
CA SER EA 24 52.47 4.09 35.66
C SER EA 24 52.12 5.56 35.49
N ALA EA 25 52.26 6.32 36.56
CA ALA EA 25 51.97 7.76 36.56
C ALA EA 25 53.29 8.49 36.35
N GLN EA 26 53.48 9.01 35.13
CA GLN EA 26 54.72 9.72 34.78
C GLN EA 26 54.38 10.80 33.76
N GLY EA 27 55.40 11.34 33.11
CA GLY EA 27 55.23 12.37 32.12
C GLY EA 27 54.20 12.04 31.07
N ARG EA 28 54.37 10.91 30.39
CA ARG EA 28 53.48 10.47 29.33
C ARG EA 28 52.63 9.26 29.72
N ASP EA 29 53.26 8.19 30.18
CA ASP EA 29 52.54 6.99 30.58
C ASP EA 29 53.55 6.01 31.16
N PHE EA 30 53.04 4.90 31.70
CA PHE EA 30 53.87 3.85 32.30
C PHE EA 30 53.20 2.52 32.00
N HIS EA 31 53.67 1.84 30.95
CA HIS EA 31 53.10 0.55 30.54
C HIS EA 31 53.71 -0.55 31.39
N ILE EA 32 53.16 -0.71 32.59
CA ILE EA 32 53.61 -1.73 33.54
C ILE EA 32 52.41 -2.63 33.81
N ARG EA 33 52.33 -3.74 33.07
CA ARG EA 33 51.23 -4.70 33.20
C ARG EA 33 51.70 -5.81 34.13
N ILE EA 34 51.25 -5.74 35.39
CA ILE EA 34 51.60 -6.74 36.41
C ILE EA 34 50.41 -7.68 36.54
N LEU EA 35 50.61 -8.94 36.14
CA LEU EA 35 49.57 -9.96 36.20
C LEU EA 35 49.85 -10.85 37.40
N LEU EA 36 49.02 -10.74 38.44
CA LEU EA 36 49.18 -11.55 39.64
C LEU EA 36 48.42 -12.85 39.45
N PRO EA 37 49.11 -13.98 39.26
CA PRO EA 37 48.42 -15.26 39.06
C PRO EA 37 48.04 -16.00 40.34
N THR EA 38 48.23 -15.40 41.51
CA THR EA 38 47.89 -16.06 42.76
C THR EA 38 46.39 -15.95 43.02
N ASP EA 39 45.87 -16.91 43.78
CA ASP EA 39 44.46 -16.92 44.10
C ASP EA 39 44.07 -15.68 44.91
N SER EA 40 44.63 -15.53 46.11
CA SER EA 40 44.35 -14.39 46.95
C SER EA 40 45.57 -13.74 47.58
N GLN EA 41 46.73 -14.38 47.57
CA GLN EA 41 47.92 -13.80 48.17
C GLN EA 41 48.55 -12.80 47.22
N LEU EA 42 48.97 -11.66 47.78
CA LEU EA 42 49.60 -10.63 46.96
C LEU EA 42 51.03 -10.99 46.59
N LYS EA 43 51.79 -11.52 47.54
CA LYS EA 43 53.17 -11.92 47.27
C LYS EA 43 53.21 -13.07 46.28
N ASN EA 44 54.32 -13.16 45.55
CA ASN EA 44 54.59 -14.19 44.54
C ASN EA 44 53.89 -13.92 43.21
N ALA EA 45 53.12 -12.84 43.09
CA ALA EA 45 52.44 -12.53 41.84
C ALA EA 45 53.40 -11.87 40.86
N ARG EA 46 53.26 -12.23 39.59
CA ARG EA 46 54.13 -11.68 38.55
C ARG EA 46 53.81 -10.20 38.37
N ILE EA 47 54.71 -9.34 38.84
CA ILE EA 47 54.54 -7.90 38.74
C ILE EA 47 55.66 -7.31 37.89
N GLU EA 48 56.17 -8.11 36.94
CA GLU EA 48 57.26 -7.67 36.06
C GLU EA 48 56.69 -6.72 35.02
N CYS EA 49 56.46 -5.48 35.45
CA CYS EA 49 55.92 -4.43 34.57
C CYS EA 49 57.09 -3.82 33.81
N SER EA 50 57.42 -4.43 32.67
CA SER EA 50 58.50 -3.93 31.84
C SER EA 50 58.23 -2.50 31.40
N TRP EA 51 59.17 -1.60 31.69
CA TRP EA 51 59.02 -0.20 31.33
C TRP EA 51 60.41 0.43 31.26
N HIS EA 52 60.44 1.68 30.81
CA HIS EA 52 61.69 2.42 30.67
C HIS EA 52 62.60 1.80 29.63
N LEU EA 53 62.06 1.55 28.45
CA LEU EA 53 62.75 0.96 27.31
C LEU EA 53 63.00 -0.54 27.46
N LYS EA 54 62.45 -1.17 28.49
CA LYS EA 54 62.61 -2.59 28.73
C LYS EA 54 61.27 -3.28 28.51
N LYS EA 55 61.28 -4.40 27.79
CA LYS EA 55 60.06 -5.16 27.52
C LYS EA 55 59.84 -6.25 28.56
N ILE EA 56 60.80 -7.14 28.73
CA ILE EA 56 60.70 -8.22 29.69
C ILE EA 56 60.92 -7.65 31.09
N LEU EA 57 59.99 -7.93 31.99
CA LEU EA 57 60.07 -7.43 33.37
C LEU EA 57 60.72 -8.49 34.27
N HIS EA 58 60.98 -8.09 35.50
CA HIS EA 58 61.59 -8.94 36.51
C HIS EA 58 60.66 -9.06 37.72
N GLY EA 59 61.09 -9.86 38.69
CA GLY EA 59 60.30 -10.06 39.89
C GLY EA 59 60.21 -8.80 40.73
N TYR EA 60 59.62 -8.97 41.91
CA TYR EA 60 59.44 -7.86 42.83
C TYR EA 60 60.76 -7.53 43.52
N GLN EA 61 60.75 -6.44 44.29
CA GLN EA 61 61.92 -5.98 45.03
C GLN EA 61 63.01 -5.43 44.12
N HIS EA 62 62.63 -4.78 43.01
CA HIS EA 62 63.61 -4.22 42.11
C HIS EA 62 64.31 -3.01 42.72
N ILE EA 63 63.55 -2.13 43.37
CA ILE EA 63 64.10 -0.95 44.02
C ILE EA 63 64.47 -1.30 45.46
N LEU EA 64 65.28 -0.44 46.07
CA LEU EA 64 65.70 -0.66 47.45
C LEU EA 64 64.49 -0.84 48.37
N LYS EA 65 63.44 -0.03 48.16
CA LYS EA 65 62.21 -0.12 48.94
C LYS EA 65 61.01 -0.46 48.07
N GLN EA 66 61.25 -1.21 46.98
CA GLN EA 66 60.15 -1.58 46.09
C GLN EA 66 59.21 -2.58 46.75
N ARG EA 67 59.74 -3.72 47.16
CA ARG EA 67 58.93 -4.77 47.79
C ARG EA 67 58.90 -4.62 49.31
N LEU EA 68 58.50 -3.43 49.77
CA LEU EA 68 58.42 -3.13 51.19
C LEU EA 68 56.98 -3.09 51.71
N HIS EA 69 56.12 -2.30 51.06
CA HIS EA 69 54.73 -2.17 51.49
C HIS EA 69 53.86 -3.15 50.69
N SER EA 70 54.07 -4.43 50.97
CA SER EA 70 53.33 -5.52 50.34
C SER EA 70 52.34 -6.17 51.30
N CYS EA 71 51.91 -5.45 52.33
CA CYS EA 71 50.98 -5.97 53.32
C CYS EA 71 49.57 -5.94 52.77
N PRO EA 72 49.15 -4.85 52.13
CA PRO EA 72 47.79 -4.75 51.61
C PRO EA 72 47.64 -5.53 50.31
N ASP EA 73 46.42 -5.54 49.80
CA ASP EA 73 46.10 -6.26 48.57
C ASP EA 73 46.52 -5.42 47.36
N LEU EA 74 46.10 -5.85 46.17
CA LEU EA 74 46.45 -5.13 44.95
C LEU EA 74 45.96 -3.68 44.97
N VAL EA 75 44.92 -3.38 45.74
CA VAL EA 75 44.42 -2.00 45.82
C VAL EA 75 45.50 -1.08 46.38
N SER EA 76 45.97 -1.38 47.59
CA SER EA 76 47.03 -0.57 48.19
C SER EA 76 48.32 -0.67 47.38
N PHE EA 77 48.62 -1.86 46.85
CA PHE EA 77 49.82 -2.01 46.04
C PHE EA 77 49.74 -1.20 44.76
N VAL EA 78 48.55 -1.14 44.16
CA VAL EA 78 48.38 -0.33 42.94
C VAL EA 78 48.43 1.15 43.26
N VAL EA 79 47.90 1.55 44.42
CA VAL EA 79 47.93 2.95 44.81
C VAL EA 79 49.36 3.39 45.11
N GLU EA 80 50.17 2.51 45.70
CA GLU EA 80 51.55 2.83 46.00
C GLU EA 80 52.43 2.86 44.76
N LEU EA 81 51.92 2.44 43.60
CA LEU EA 81 52.72 2.47 42.38
C LEU EA 81 53.16 3.88 42.04
N LYS EA 82 52.25 4.85 42.12
CA LYS EA 82 52.61 6.23 41.82
C LYS EA 82 53.59 6.79 42.84
N THR EA 83 53.39 6.48 44.12
CA THR EA 83 54.31 6.97 45.15
C THR EA 83 55.70 6.36 44.98
N ILE EA 84 55.78 5.14 44.46
CA ILE EA 84 57.09 4.51 44.22
C ILE EA 84 57.74 5.07 42.97
N LEU EA 85 56.94 5.33 41.93
CA LEU EA 85 57.49 5.90 40.71
C LEU EA 85 57.96 7.34 40.89
N GLU EA 86 57.30 8.08 41.79
CA GLU EA 86 57.70 9.47 42.03
C GLU EA 86 59.08 9.57 42.65
N ILE EA 87 59.54 8.52 43.34
CA ILE EA 87 60.87 8.57 43.95
C ILE EA 87 61.96 8.57 42.88
N ALA EA 88 61.69 7.98 41.72
CA ALA EA 88 62.64 7.94 40.62
C ALA EA 88 62.33 8.93 39.51
N LEU EA 89 61.11 9.50 39.49
CA LEU EA 89 60.77 10.45 38.45
C LEU EA 89 61.49 11.78 38.60
N LYS EA 90 61.99 12.08 39.80
CA LYS EA 90 62.72 13.32 40.06
C LYS EA 90 64.23 13.17 39.94
N ALA EA 91 64.70 12.21 39.13
CA ALA EA 91 66.12 11.99 38.95
C ALA EA 91 66.46 11.77 37.48
N UNK FA 1 -64.61 -30.66 4.07
CA UNK FA 1 -63.66 -29.71 3.43
C UNK FA 1 -63.81 -28.31 4.03
N UNK FA 2 -65.05 -27.93 4.32
CA UNK FA 2 -65.29 -26.61 4.91
C UNK FA 2 -64.63 -26.47 6.27
N UNK FA 3 -64.58 -27.55 7.05
CA UNK FA 3 -63.96 -27.48 8.37
C UNK FA 3 -62.47 -27.16 8.25
N UNK FA 4 -61.79 -27.77 7.27
CA UNK FA 4 -60.37 -27.49 7.08
C UNK FA 4 -60.14 -26.04 6.69
N UNK FA 5 -60.96 -25.52 5.78
CA UNK FA 5 -60.82 -24.13 5.37
C UNK FA 5 -61.08 -23.18 6.54
N UNK FA 6 -62.09 -23.48 7.36
CA UNK FA 6 -62.37 -22.64 8.52
C UNK FA 6 -61.22 -22.68 9.52
N UNK FA 7 -60.65 -23.86 9.75
CA UNK FA 7 -59.52 -23.96 10.65
C UNK FA 7 -58.31 -23.19 10.12
N UNK FA 8 -58.05 -23.29 8.82
CA UNK FA 8 -56.94 -22.55 8.24
C UNK FA 8 -57.15 -21.04 8.35
N UNK FA 9 -58.39 -20.59 8.11
CA UNK FA 9 -58.68 -19.16 8.24
C UNK FA 9 -58.51 -18.70 9.67
N UNK FA 10 -58.97 -19.50 10.64
CA UNK FA 10 -58.82 -19.14 12.04
C UNK FA 10 -57.34 -19.08 12.43
N UNK FA 11 -56.54 -20.03 11.95
CA UNK FA 11 -55.11 -20.02 12.26
C UNK FA 11 -54.44 -18.80 11.64
N UNK FA 12 -54.79 -18.46 10.40
CA UNK FA 12 -54.22 -17.28 9.77
C UNK FA 12 -54.60 -16.01 10.52
N UNK FA 13 -55.86 -15.92 10.95
CA UNK FA 13 -56.28 -14.76 11.72
C UNK FA 13 -55.57 -14.64 13.05
N UNK FA 14 -55.38 -15.78 13.73
CA UNK FA 14 -54.66 -15.77 15.00
C UNK FA 14 -53.20 -15.35 14.80
N UNK FA 15 -52.57 -15.85 13.74
CA UNK FA 15 -51.19 -15.47 13.45
C UNK FA 15 -51.10 -13.98 13.13
N UNK FA 16 -52.05 -13.45 12.36
CA UNK FA 16 -52.04 -12.03 12.05
C UNK FA 16 -52.25 -11.19 13.30
N UNK FA 17 -53.15 -11.62 14.19
CA UNK FA 17 -53.38 -10.88 15.43
C UNK FA 17 -52.13 -10.90 16.30
N UNK FA 18 -51.45 -12.05 16.38
CA UNK FA 18 -50.23 -12.13 17.16
C UNK FA 18 -49.14 -11.23 16.58
N UNK FA 19 -49.01 -11.22 15.25
CA UNK FA 19 -48.02 -10.35 14.64
C UNK FA 19 -48.33 -8.88 14.88
N UNK FA 20 -49.60 -8.50 14.80
CA UNK FA 20 -49.99 -7.13 15.05
C UNK FA 20 -49.72 -6.74 16.50
N UNK FA 21 -50.00 -7.65 17.44
CA UNK FA 21 -49.74 -7.38 18.84
C UNK FA 21 -48.25 -7.22 19.10
N UNK FA 22 -47.43 -8.08 18.48
CA UNK FA 22 -45.98 -7.96 18.63
C UNK FA 22 -45.47 -6.64 18.06
N UNK FA 23 -45.99 -6.24 16.90
CA UNK FA 23 -45.58 -4.98 16.30
C UNK FA 23 -45.98 -3.79 17.18
N UNK FA 24 -47.19 -3.84 17.74
CA UNK FA 24 -47.64 -2.76 18.62
C UNK FA 24 -46.77 -2.70 19.88
N UNK FA 25 -46.43 -3.85 20.44
CA UNK FA 25 -45.56 -3.85 21.61
C UNK FA 25 -44.18 -3.30 21.30
N UNK FA 26 -43.62 -3.68 20.15
CA UNK FA 26 -42.32 -3.16 19.76
C UNK FA 26 -42.37 -1.65 19.55
N UNK FA 27 -43.44 -1.16 18.91
CA UNK FA 27 -43.58 0.29 18.72
C UNK FA 27 -43.71 1.01 20.05
N UNK FA 28 -44.47 0.45 20.98
CA UNK FA 28 -44.62 1.07 22.30
C UNK FA 28 -43.29 1.09 23.04
N UNK FA 29 -42.52 0.00 22.96
CA UNK FA 29 -41.22 -0.04 23.61
C UNK FA 29 -40.27 0.99 23.00
N UNK FA 30 -40.30 1.12 21.67
CA UNK FA 30 -39.44 2.11 21.01
C UNK FA 30 -39.84 3.52 21.42
N UNK FA 31 -41.14 3.79 21.51
CA UNK FA 31 -41.60 5.12 21.91
C UNK FA 31 -41.19 5.41 23.34
N UNK FA 32 -41.31 4.42 24.23
CA UNK FA 32 -40.90 4.61 25.61
C UNK FA 32 -39.41 4.87 25.72
N UNK FA 33 -38.60 4.13 24.95
CA UNK FA 33 -37.16 4.35 24.97
C UNK FA 33 -36.81 5.74 24.45
N UNK FA 34 -37.48 6.18 23.38
CA UNK FA 34 -37.23 7.52 22.85
C UNK FA 34 -37.61 8.59 23.87
N UNK FA 35 -38.75 8.41 24.55
CA UNK FA 35 -39.16 9.38 25.56
C UNK FA 35 -38.17 9.41 26.72
N UNK FA 36 -37.70 8.25 27.16
CA UNK FA 36 -36.72 8.20 28.24
C UNK FA 36 -35.42 8.89 27.82
N UNK FA 37 -34.97 8.67 26.59
CA UNK FA 37 -33.76 9.31 26.11
C UNK FA 37 -33.94 10.82 26.03
N UNK FA 38 -35.09 11.28 25.55
CA UNK FA 38 -35.34 12.72 25.49
C UNK FA 38 -35.38 13.33 26.88
N UNK FA 39 -35.98 12.64 27.85
CA UNK FA 39 -36.02 13.15 29.21
C UNK FA 39 -34.63 13.21 29.81
N UNK FA 40 -33.81 12.18 29.57
CA UNK FA 40 -32.45 12.17 30.10
C UNK FA 40 -31.58 13.23 29.44
N UNK FA 41 -31.87 13.57 28.17
CA UNK FA 41 -31.08 14.59 27.48
C UNK FA 41 -31.13 15.92 28.22
N UNK FA 42 -32.29 16.30 28.74
CA UNK FA 42 -32.44 17.55 29.47
C UNK FA 42 -33.62 17.48 30.43
N UNK FA 43 -35.24 19.92 28.38
CA UNK FA 43 -34.50 19.11 27.42
C UNK FA 43 -33.59 19.99 26.56
N UNK FA 44 -33.87 21.30 26.56
CA UNK FA 44 -33.07 22.23 25.78
C UNK FA 44 -31.78 22.60 26.50
N UNK FA 45 -31.89 23.16 27.70
CA UNK FA 45 -30.72 23.56 28.48
C UNK FA 45 -31.07 23.36 29.95
N UNK FA 46 -30.54 22.30 30.54
CA UNK FA 46 -30.79 21.98 31.95
C UNK FA 46 -29.86 20.84 32.34
N UNK FA 47 -29.89 20.49 33.63
CA UNK FA 47 -29.05 19.42 34.17
C UNK FA 47 -29.65 18.07 33.77
N UNK FA 48 -29.51 17.74 32.49
CA UNK FA 48 -30.02 16.48 31.98
C UNK FA 48 -29.28 15.30 32.60
N UNK FA 49 -29.79 14.10 32.34
CA UNK FA 49 -29.21 12.87 32.87
C UNK FA 49 -28.14 12.33 31.90
N UNK FA 50 -27.09 13.12 31.72
CA UNK FA 50 -25.99 12.76 30.84
C UNK FA 50 -24.69 13.13 31.55
N UNK FA 51 -23.90 12.12 31.92
CA UNK FA 51 -22.64 12.31 32.61
C UNK FA 51 -21.49 11.99 31.65
N UNK FA 52 -20.57 12.94 31.51
CA UNK FA 52 -19.40 12.80 30.63
C UNK FA 52 -18.16 13.13 31.46
N UNK FA 53 -17.59 12.11 32.10
CA UNK FA 53 -16.39 12.29 32.94
C UNK FA 53 -15.16 12.15 32.05
N UNK FA 54 -14.86 13.22 31.33
CA UNK FA 54 -13.71 13.26 30.44
C UNK FA 54 -12.47 13.58 31.27
N UNK FA 55 -11.68 12.54 31.57
CA UNK FA 55 -10.46 12.68 32.37
C UNK FA 55 -9.37 11.88 31.68
N UNK FA 56 -8.54 12.56 30.89
CA UNK FA 56 -7.46 11.90 30.18
C UNK FA 56 -6.28 11.65 31.11
N UNK FA 57 -5.42 10.72 30.70
CA UNK FA 57 -4.24 10.36 31.47
C UNK FA 57 -2.98 10.95 30.84
N UNK FA 58 -1.89 10.91 31.60
CA UNK FA 58 -0.61 11.44 31.15
C UNK FA 58 0.13 10.36 30.35
N UNK FA 59 1.39 10.64 30.02
CA UNK FA 59 2.20 9.70 29.26
C UNK FA 59 2.67 8.56 30.16
N UNK FA 60 3.11 7.48 29.51
CA UNK FA 60 3.60 6.29 30.21
C UNK FA 60 5.08 6.03 29.94
N UNK FA 61 5.50 6.06 28.69
CA UNK FA 61 6.89 5.81 28.32
C UNK FA 61 7.05 6.18 26.85
N UNK FA 62 8.29 6.09 26.36
CA UNK FA 62 8.57 6.42 24.96
C UNK FA 62 7.80 5.50 24.02
N UNK FA 63 8.09 4.20 24.07
CA UNK FA 63 7.36 3.23 23.25
C UNK FA 63 7.55 1.86 23.89
N UNK FA 64 6.47 1.32 24.46
CA UNK FA 64 6.48 -0.01 25.06
C UNK FA 64 7.60 -0.21 26.07
N UNK FA 65 8.13 0.88 26.63
CA UNK FA 65 9.22 0.82 27.59
C UNK FA 65 9.21 2.10 28.41
N UNK FA 66 10.22 2.25 29.27
CA UNK FA 66 10.36 3.42 30.12
C UNK FA 66 11.84 3.76 30.24
N UNK FA 67 12.17 4.63 31.19
CA UNK FA 67 13.54 5.05 31.42
C UNK FA 67 14.02 4.55 32.78
N UNK FA 68 15.31 4.23 32.86
CA UNK FA 68 15.93 3.71 34.07
C UNK FA 68 17.03 4.66 34.53
N UNK FA 69 17.40 4.53 35.80
CA UNK FA 69 18.45 5.36 36.38
C UNK FA 69 19.10 4.59 37.53
N UNK FA 70 20.37 4.87 37.75
CA UNK FA 70 21.14 4.21 38.81
C UNK FA 70 22.31 5.12 39.19
N UNK FA 71 23.21 4.59 40.01
CA UNK FA 71 24.37 5.35 40.47
C UNK FA 71 25.40 5.40 39.34
N UNK FA 72 25.60 6.58 38.75
CA UNK FA 72 26.57 6.77 37.68
C UNK FA 72 26.21 5.94 36.45
N UNK FA 73 24.99 6.16 35.96
CA UNK FA 73 24.48 5.46 34.79
C UNK FA 73 24.80 6.28 33.55
N UNK FA 74 25.62 5.72 32.65
CA UNK FA 74 26.00 6.42 31.44
C UNK FA 74 24.82 6.49 30.48
N UNK FA 75 25.05 7.12 29.33
CA UNK FA 75 24.01 7.27 28.30
C UNK FA 75 23.85 5.96 27.57
N UNK FA 76 23.12 5.03 28.20
CA UNK FA 76 22.88 3.71 27.63
C UNK FA 76 21.80 3.85 26.55
N UNK FA 77 22.23 3.84 25.29
CA UNK FA 77 21.29 3.95 24.18
C UNK FA 77 20.26 2.84 24.25
N UNK FA 78 19.01 3.18 23.94
CA UNK FA 78 17.93 2.21 23.98
C UNK FA 78 17.93 1.35 22.72
N UNK FA 79 17.45 0.11 22.87
CA UNK FA 79 17.36 -0.82 21.75
C UNK FA 79 16.13 -1.70 21.99
N UNK FA 80 15.01 -1.31 21.38
CA UNK FA 80 13.76 -2.04 21.57
C UNK FA 80 13.71 -3.24 20.66
N UNK FA 81 13.30 -4.38 21.21
CA UNK FA 81 13.16 -5.61 20.44
C UNK FA 81 12.32 -6.58 21.25
N UNK FA 82 11.23 -7.07 20.68
CA UNK FA 82 10.32 -8.01 21.34
C UNK FA 82 9.39 -8.59 20.28
N UNK FA 83 8.39 -9.33 20.74
CA UNK FA 83 7.40 -9.95 19.85
C UNK FA 83 8.06 -10.93 18.87
N UNK FA 84 8.72 -11.94 19.44
CA UNK FA 84 9.37 -12.97 18.64
C UNK FA 84 8.33 -13.75 17.84
N UNK FA 85 8.40 -13.64 16.51
CA UNK FA 85 7.43 -14.33 15.67
C UNK FA 85 7.61 -15.84 15.79
N UNK FA 86 6.53 -16.57 15.48
CA UNK FA 86 6.50 -18.02 15.53
C UNK FA 86 6.75 -18.59 14.13
N UNK FA 87 6.59 -19.89 13.98
CA UNK FA 87 6.78 -20.56 12.71
C UNK FA 87 5.53 -20.38 11.84
N UNK FA 88 5.47 -21.11 10.72
CA UNK FA 88 4.33 -21.02 9.82
C UNK FA 88 3.36 -22.19 9.95
N UNK FA 89 3.86 -23.39 10.23
CA UNK FA 89 3.00 -24.56 10.39
C UNK FA 89 3.66 -25.48 11.42
N UNK FA 90 3.22 -25.35 12.67
CA UNK FA 90 3.73 -26.15 13.77
C UNK FA 90 2.86 -25.89 14.99
N UNK FA 91 3.23 -26.51 16.11
CA UNK FA 91 2.54 -26.34 17.38
C UNK FA 91 3.53 -25.73 18.37
N UNK FA 92 3.43 -24.42 18.58
CA UNK FA 92 4.30 -23.69 19.46
C UNK FA 92 3.48 -23.02 20.57
N UNK FA 93 4.19 -22.50 21.57
CA UNK FA 93 3.58 -21.83 22.70
C UNK FA 93 3.77 -20.31 22.56
N UNK FA 94 3.32 -19.58 23.59
CA UNK FA 94 3.45 -18.14 23.57
C UNK FA 94 4.92 -17.73 23.59
N UNK FA 95 5.21 -16.60 22.95
CA UNK FA 95 6.56 -16.07 22.86
C UNK FA 95 6.78 -14.98 23.91
N UNK FA 96 8.05 -14.61 24.09
CA UNK FA 96 8.44 -13.57 25.03
C UNK FA 96 9.39 -12.60 24.36
N UNK FA 97 9.37 -11.36 24.83
CA UNK FA 97 10.21 -10.31 24.28
C UNK FA 97 11.56 -10.29 25.01
N UNK FA 98 12.63 -10.15 24.23
CA UNK FA 98 14.00 -10.11 24.77
C UNK FA 98 14.67 -8.86 24.22
N UNK FA 99 14.51 -7.75 24.94
CA UNK FA 99 15.10 -6.48 24.53
C UNK FA 99 16.51 -6.34 25.10
N UNK FA 100 17.37 -5.66 24.34
CA UNK FA 100 18.75 -5.44 24.73
C UNK FA 100 19.18 -4.06 24.24
N UNK FA 101 19.58 -3.20 25.17
CA UNK FA 101 20.01 -1.86 24.85
C UNK FA 101 21.52 -1.83 24.62
N UNK FA 102 22.03 -0.65 24.27
CA UNK FA 102 23.45 -0.44 24.03
C UNK FA 102 24.13 0.11 25.27
N UNK FA 103 25.45 0.00 25.30
CA UNK FA 103 26.27 0.46 26.41
C UNK FA 103 27.06 1.68 25.97
N UNK FA 104 27.06 2.72 26.82
CA UNK FA 104 27.80 3.94 26.51
C UNK FA 104 28.56 4.50 27.71
N UNK FA 105 28.57 3.80 28.84
CA UNK FA 105 29.26 4.26 30.04
C UNK FA 105 29.26 3.12 31.05
N UNK FA 106 29.86 3.37 32.21
CA UNK FA 106 29.93 2.37 33.27
C UNK FA 106 29.95 3.09 34.62
N UNK FA 107 29.77 2.30 35.67
CA UNK FA 107 29.77 2.82 37.03
C UNK FA 107 30.11 1.68 37.99
N UNK FA 108 29.91 1.91 39.29
CA UNK FA 108 30.19 0.90 40.30
C UNK FA 108 28.97 0.07 40.68
N UNK FA 109 27.76 0.59 40.45
CA UNK FA 109 26.53 -0.12 40.76
C UNK FA 109 25.74 -0.50 39.52
N UNK FA 110 25.42 0.48 38.68
CA UNK FA 110 24.66 0.24 37.45
C UNK FA 110 23.35 -0.50 37.74
N UNK FA 111 22.54 0.11 38.61
CA UNK FA 111 21.25 -0.44 39.01
C UNK FA 111 20.17 0.45 38.41
N UNK FA 112 19.59 0.00 37.29
CA UNK FA 112 18.54 0.76 36.61
C UNK FA 112 17.66 -0.27 35.89
N UNK FA 113 16.50 -0.57 36.47
CA UNK FA 113 15.55 -1.52 35.91
C UNK FA 113 14.33 -0.75 35.43
N UNK FA 114 14.01 -0.89 34.14
CA UNK FA 114 12.86 -0.22 33.52
C UNK FA 114 12.16 -1.25 32.63
N UNK FA 115 11.17 -1.93 33.19
CA UNK FA 115 10.40 -2.95 32.46
C UNK FA 115 8.93 -2.70 32.73
N UNK FA 116 8.15 -2.53 31.67
CA UNK FA 116 6.71 -2.30 31.78
C UNK FA 116 6.02 -3.05 30.66
N UNK FA 117 4.72 -2.84 30.53
CA UNK FA 117 3.91 -3.49 29.50
C UNK FA 117 2.58 -2.74 29.42
N UNK FA 118 1.64 -3.28 28.64
CA UNK FA 118 0.33 -2.68 28.49
C UNK FA 118 -0.61 -3.72 27.91
N UNK FA 119 -1.85 -3.71 28.40
CA UNK FA 119 -2.88 -4.64 27.95
C UNK FA 119 -3.87 -3.92 27.05
N UNK FA 120 -4.91 -4.65 26.64
CA UNK FA 120 -5.93 -4.10 25.76
C UNK FA 120 -7.30 -4.73 26.07
N UNK GA 1 -73.08 -25.14 8.22
CA UNK GA 1 -73.55 -24.04 7.34
C UNK GA 1 -73.47 -22.70 8.07
N UNK GA 2 -74.41 -22.47 8.99
CA UNK GA 2 -74.42 -21.22 9.74
C UNK GA 2 -73.16 -21.07 10.59
N UNK GA 3 -72.65 -22.18 11.12
CA UNK GA 3 -71.45 -22.11 11.95
C UNK GA 3 -70.25 -21.61 11.14
N UNK GA 4 -70.11 -22.08 9.90
CA UNK GA 4 -69.00 -21.62 9.06
C UNK GA 4 -69.11 -20.14 8.77
N UNK GA 5 -70.31 -19.67 8.47
CA UNK GA 5 -70.50 -18.24 8.20
C UNK GA 5 -70.21 -17.41 9.43
N UNK GA 6 -70.66 -17.87 10.61
CA UNK GA 6 -70.38 -17.14 11.84
C UNK GA 6 -68.88 -17.09 12.12
N UNK GA 7 -68.18 -18.21 11.90
CA UNK GA 7 -66.74 -18.22 12.10
C UNK GA 7 -66.02 -17.29 11.14
N UNK GA 8 -66.44 -17.28 9.87
CA UNK GA 8 -65.82 -16.39 8.89
C UNK GA 8 -66.06 -14.94 9.28
N UNK GA 9 -67.27 -14.62 9.72
CA UNK GA 9 -67.55 -13.25 10.15
C UNK GA 9 -66.73 -12.84 11.36
N UNK GA 10 -66.59 -13.75 12.33
CA UNK GA 10 -65.79 -13.45 13.51
C UNK GA 10 -64.32 -13.25 13.12
N UNK GA 11 -63.81 -14.08 12.22
CA UNK GA 11 -62.43 -13.92 11.78
C UNK GA 11 -62.23 -12.61 11.04
N UNK GA 12 -63.19 -12.22 10.20
CA UNK GA 12 -63.09 -10.95 9.50
C UNK GA 12 -63.11 -9.78 10.47
N UNK GA 13 -64.01 -9.84 11.47
CA UNK GA 13 -64.07 -8.77 12.46
C UNK GA 13 -62.77 -8.68 13.25
N UNK GA 14 -62.20 -9.84 13.63
CA UNK GA 14 -60.94 -9.83 14.36
C UNK GA 14 -59.81 -9.27 13.51
N UNK GA 15 -59.77 -9.62 12.23
CA UNK GA 15 -58.73 -9.10 11.35
C UNK GA 15 -58.88 -7.59 11.19
N UNK GA 16 -60.11 -7.10 11.06
CA UNK GA 16 -60.34 -5.66 10.94
C UNK GA 16 -59.91 -4.94 12.21
N UNK GA 17 -60.25 -5.50 13.38
CA UNK GA 17 -59.85 -4.87 14.63
C UNK GA 17 -58.33 -4.86 14.78
N UNK GA 18 -57.66 -5.94 14.38
CA UNK GA 18 -56.21 -5.98 14.46
C UNK GA 18 -55.58 -4.96 13.53
N UNK GA 19 -56.13 -4.83 12.32
CA UNK GA 19 -55.60 -3.85 11.37
C UNK GA 19 -55.80 -2.43 11.91
N UNK GA 20 -56.97 -2.15 12.49
CA UNK GA 20 -57.20 -0.82 13.06
C UNK GA 20 -56.25 -0.54 14.21
N UNK GA 21 -56.02 -1.53 15.07
CA UNK GA 21 -55.09 -1.35 16.18
C UNK GA 21 -53.67 -1.11 15.68
N UNK GA 22 -53.26 -1.86 14.65
CA UNK GA 22 -51.92 -1.68 14.10
C UNK GA 22 -51.77 -0.29 13.50
N UNK GA 23 -52.81 0.18 12.79
CA UNK GA 23 -52.76 1.51 12.21
C UNK GA 23 -52.69 2.59 13.28
N UNK GA 24 -53.48 2.43 14.35
CA UNK GA 24 -53.42 3.40 15.45
C UNK GA 24 -52.06 3.40 16.12
N UNK GA 25 -51.47 2.22 16.32
CA UNK GA 25 -50.15 2.15 16.94
C UNK GA 25 -49.09 2.79 16.04
N UNK GA 26 -49.18 2.56 14.73
CA UNK GA 26 -48.22 3.18 13.81
C UNK GA 26 -48.37 4.69 13.81
N UNK GA 27 -49.61 5.19 13.83
CA UNK GA 27 -49.82 6.63 13.88
C UNK GA 27 -49.27 7.23 15.17
N UNK GA 28 -49.49 6.55 16.29
CA UNK GA 28 -48.98 7.05 17.56
C UNK GA 28 -47.46 7.04 17.57
N UNK GA 29 -46.84 5.99 17.03
CA UNK GA 29 -45.37 5.94 16.96
C UNK GA 29 -44.83 7.05 16.08
N UNK GA 30 -45.48 7.30 14.94
CA UNK GA 30 -45.03 8.37 14.05
C UNK GA 30 -45.16 9.73 14.74
N UNK GA 31 -46.27 9.96 15.45
CA UNK GA 31 -46.43 11.22 16.15
C UNK GA 31 -45.38 11.38 17.24
N UNK GA 32 -45.08 10.31 17.98
CA UNK GA 32 -44.07 10.39 19.02
C UNK GA 32 -42.69 10.67 18.42
N UNK GA 33 -42.37 10.03 17.29
CA UNK GA 33 -41.08 10.27 16.65
C UNK GA 33 -40.98 11.71 16.15
N UNK GA 34 -42.07 12.23 15.58
CA UNK GA 34 -42.06 13.62 15.13
C UNK GA 34 -41.89 14.58 16.30
N UNK GA 35 -42.57 14.31 17.41
CA UNK GA 35 -42.43 15.17 18.58
C UNK GA 35 -41.00 15.12 19.12
N UNK GA 36 -40.40 13.93 19.17
CA UNK GA 36 -39.04 13.81 19.64
C UNK GA 36 -38.06 14.55 18.72
N UNK GA 37 -38.27 14.44 17.40
CA UNK GA 37 -37.40 15.14 16.47
C UNK GA 37 -37.55 16.65 16.62
N UNK GA 38 -38.78 17.14 16.81
CA UNK GA 38 -38.98 18.57 16.99
C UNK GA 38 -38.32 19.05 18.27
N UNK GA 39 -38.44 18.26 19.35
CA UNK GA 39 -37.80 18.64 20.61
C UNK GA 39 -36.29 18.66 20.48
N UNK GA 40 -35.72 17.68 19.77
CA UNK GA 40 -34.27 17.66 19.58
C UNK GA 40 -33.82 18.85 18.74
N UNK GA 41 -34.57 19.19 17.69
CA UNK GA 41 -34.20 20.33 16.87
C UNK GA 41 -34.30 21.64 17.64
N UNK GA 42 -35.32 21.77 18.49
CA UNK GA 42 -35.48 22.98 19.29
C UNK GA 42 -34.32 23.18 20.25
N UNK GA 43 -33.84 22.08 20.84
CA UNK GA 43 -32.73 22.16 21.79
C UNK GA 43 -31.43 21.65 21.14
N UNK HA 1 -90.36 -24.00 -19.85
CA UNK HA 1 -89.09 -24.63 -20.17
C UNK HA 1 -89.19 -25.47 -21.44
N UNK HA 2 -88.84 -24.87 -22.57
CA UNK HA 2 -88.89 -25.55 -23.87
C UNK HA 2 -88.01 -24.79 -24.84
N UNK HA 3 -88.08 -25.16 -26.12
CA UNK HA 3 -87.29 -24.50 -27.14
C UNK HA 3 -87.68 -23.02 -27.25
N UNK HA 4 -86.87 -22.27 -27.99
CA UNK HA 4 -87.11 -20.85 -28.19
C UNK HA 4 -88.40 -20.63 -28.96
N UNK HA 5 -89.40 -20.05 -28.30
CA UNK HA 5 -90.69 -19.79 -28.93
C UNK HA 5 -90.72 -18.37 -29.49
N UNK HA 6 -91.81 -18.06 -30.20
CA UNK HA 6 -91.98 -16.74 -30.80
C UNK HA 6 -92.10 -15.67 -29.72
N UNK HA 7 -91.11 -14.79 -29.64
CA UNK HA 7 -91.07 -13.73 -28.65
C UNK HA 7 -91.75 -12.44 -29.12
N UNK HA 8 -92.66 -12.54 -30.08
CA UNK HA 8 -93.39 -11.40 -30.63
C UNK HA 8 -92.56 -10.54 -31.57
N UNK HA 9 -91.46 -11.08 -32.11
CA UNK HA 9 -90.61 -10.32 -33.02
C UNK HA 9 -91.42 -9.82 -34.20
N UNK HA 10 -91.24 -8.54 -34.52
CA UNK HA 10 -91.94 -7.89 -35.62
C UNK HA 10 -90.94 -7.30 -36.60
N UNK HA 11 -91.36 -7.19 -37.86
CA UNK HA 11 -90.49 -6.65 -38.89
C UNK HA 11 -90.27 -5.15 -38.67
N UNK HA 12 -89.48 -4.55 -39.56
CA UNK HA 12 -89.16 -3.13 -39.47
C UNK HA 12 -88.98 -2.59 -40.89
N UNK HA 13 -88.39 -1.41 -40.99
CA UNK HA 13 -88.15 -0.79 -42.28
C UNK HA 13 -87.35 -1.72 -43.18
N UNK HA 14 -87.69 -1.74 -44.46
CA UNK HA 14 -87.04 -2.58 -45.46
C UNK HA 14 -86.65 -1.75 -46.67
N UNK HA 15 -86.05 -0.59 -46.44
CA UNK HA 15 -85.63 0.28 -47.52
C UNK HA 15 -84.65 -0.45 -48.44
N UNK HA 16 -84.56 0.03 -49.67
CA UNK HA 16 -83.72 -0.50 -50.74
C UNK HA 16 -84.31 -1.76 -51.38
N UNK HA 17 -85.46 -2.25 -50.93
CA UNK HA 17 -86.13 -3.43 -51.44
C UNK HA 17 -85.43 -4.74 -51.08
N UNK HA 18 -84.30 -4.69 -50.39
CA UNK HA 18 -83.52 -5.85 -49.95
C UNK HA 18 -82.72 -6.48 -51.08
N UNK HA 19 -82.77 -5.95 -52.30
CA UNK HA 19 -82.03 -6.51 -53.43
C UNK HA 19 -80.71 -5.75 -53.59
N UNK HA 20 -79.81 -6.00 -52.64
CA UNK HA 20 -78.49 -5.37 -52.65
C UNK HA 20 -77.38 -6.41 -52.58
N UNK HA 21 -76.14 -5.95 -52.48
CA UNK HA 21 -75.01 -6.87 -52.42
C UNK HA 21 -75.08 -7.76 -51.19
N UNK HA 22 -75.00 -7.16 -50.00
CA UNK HA 22 -75.07 -7.92 -48.76
C UNK HA 22 -75.07 -6.98 -47.56
N UNK HA 23 -75.25 -7.54 -46.37
CA UNK HA 23 -75.25 -6.79 -45.12
C UNK HA 23 -74.18 -7.39 -44.21
N UNK HA 24 -72.96 -6.87 -44.32
CA UNK HA 24 -71.82 -7.33 -43.55
C UNK HA 24 -71.25 -6.22 -42.67
N UNK HA 25 -72.12 -5.48 -42.00
CA UNK HA 25 -71.72 -4.40 -41.09
C UNK HA 25 -71.86 -4.94 -39.67
N UNK HA 26 -70.79 -5.54 -39.17
CA UNK HA 26 -70.82 -6.14 -37.84
C UNK HA 26 -70.85 -5.04 -36.77
N UNK HA 27 -71.73 -5.23 -35.79
CA UNK HA 27 -71.84 -4.31 -34.67
C UNK HA 27 -72.88 -4.82 -33.68
N UNK HA 28 -72.74 -4.44 -32.40
CA UNK HA 28 -73.70 -4.88 -31.39
C UNK HA 28 -74.79 -3.83 -31.16
N UNK HA 29 -74.41 -2.67 -30.64
CA UNK HA 29 -75.37 -1.60 -30.37
C UNK HA 29 -74.60 -0.43 -29.76
N UNK HA 30 -75.30 0.70 -29.59
CA UNK HA 30 -74.76 1.85 -28.89
C UNK HA 30 -75.44 2.04 -27.53
N UNK HA 31 -76.77 2.15 -27.52
CA UNK HA 31 -77.54 2.09 -26.29
C UNK HA 31 -78.45 0.88 -26.25
N UNK HA 32 -79.36 0.73 -27.23
CA UNK HA 32 -80.13 -0.49 -27.39
C UNK HA 32 -80.59 -0.53 -28.84
N UNK HA 33 -79.87 -1.28 -29.67
CA UNK HA 33 -80.20 -1.38 -31.09
C UNK HA 33 -79.22 -2.34 -31.75
N UNK HA 34 -79.49 -2.67 -33.01
CA UNK HA 34 -78.61 -3.51 -33.81
C UNK HA 34 -79.05 -3.42 -35.26
N UNK HA 35 -78.08 -3.22 -36.15
CA UNK HA 35 -78.37 -3.09 -37.58
C UNK HA 35 -77.04 -2.91 -38.31
N UNK HA 36 -77.12 -2.89 -39.63
CA UNK HA 36 -75.95 -2.72 -40.49
C UNK HA 36 -76.44 -2.50 -41.91
N UNK HA 37 -75.51 -2.12 -42.79
CA UNK HA 37 -75.82 -1.88 -44.19
C UNK HA 37 -74.51 -1.80 -44.96
N UNK HA 38 -74.63 -1.81 -46.28
CA UNK HA 38 -73.47 -1.74 -47.17
C UNK HA 38 -73.24 -0.27 -47.53
N UNK HA 39 -72.36 0.37 -46.77
CA UNK HA 39 -72.04 1.78 -47.01
C UNK HA 39 -71.32 1.96 -48.33
N UNK HA 40 -71.21 5.06 -44.77
CA UNK HA 40 -71.56 5.01 -46.18
C UNK HA 40 -73.06 4.87 -46.37
N UNK HA 41 -73.71 4.20 -45.42
CA UNK HA 41 -75.15 3.98 -45.48
C UNK HA 41 -75.64 3.72 -44.05
N UNK HA 42 -76.89 3.28 -43.93
CA UNK HA 42 -77.47 3.00 -42.63
C UNK HA 42 -76.65 1.92 -41.93
N UNK HA 43 -76.05 2.28 -40.79
CA UNK HA 43 -75.24 1.36 -40.02
C UNK HA 43 -75.93 0.87 -38.75
N UNK HA 44 -77.20 1.24 -38.56
CA UNK HA 44 -77.94 0.81 -37.37
C UNK HA 44 -79.38 1.29 -37.53
N UNK HA 45 -80.24 0.82 -36.63
CA UNK HA 45 -81.66 1.16 -36.63
C UNK HA 45 -82.15 1.77 -35.33
N UNK HA 46 -81.27 1.96 -34.34
CA UNK HA 46 -81.58 2.51 -33.03
C UNK HA 46 -82.28 1.53 -32.11
N UNK HA 47 -82.62 0.33 -32.58
CA UNK HA 47 -83.29 -0.68 -31.76
C UNK HA 47 -84.51 -0.11 -31.03
N UNK HA 48 -85.39 0.52 -31.80
CA UNK HA 48 -86.60 1.11 -31.24
C UNK HA 48 -87.45 0.03 -30.58
N UNK HA 49 -88.28 0.46 -29.63
CA UNK HA 49 -89.16 -0.47 -28.93
C UNK HA 49 -90.24 -1.06 -29.82
N UNK HA 50 -90.57 -0.38 -30.92
CA UNK HA 50 -91.59 -0.84 -31.86
C UNK HA 50 -90.95 -1.10 -33.21
N UNK HA 51 -91.33 -2.21 -33.84
CA UNK HA 51 -90.80 -2.58 -35.14
C UNK HA 51 -91.23 -1.58 -36.20
N UNK HA 52 -88.28 -0.19 -37.68
CA UNK HA 52 -87.11 0.54 -38.13
C UNK HA 52 -86.93 1.83 -37.33
N UNK HA 53 -85.76 2.44 -37.45
CA UNK HA 53 -85.45 3.68 -36.73
C UNK HA 53 -84.31 4.37 -37.46
N UNK HA 54 -84.57 5.59 -37.95
CA UNK HA 54 -83.55 6.34 -38.65
C UNK HA 54 -82.36 6.62 -37.74
N UNK HA 55 -81.18 6.76 -38.34
CA UNK HA 55 -79.96 7.03 -37.59
C UNK HA 55 -79.03 7.87 -38.48
N UNK HA 56 -77.77 7.97 -38.05
CA UNK HA 56 -76.76 8.74 -38.80
C UNK HA 56 -76.32 7.92 -40.01
N UNK HA 57 -77.16 7.95 -41.05
CA UNK HA 57 -76.89 7.22 -42.29
C UNK HA 57 -76.14 8.14 -43.25
N UNK HA 58 -74.84 8.25 -43.04
CA UNK HA 58 -74.00 9.10 -43.88
C UNK HA 58 -73.86 8.48 -45.26
N UNK HA 59 -73.11 9.17 -46.14
CA UNK HA 59 -72.87 8.74 -47.51
C UNK HA 59 -71.38 8.93 -47.79
N UNK HA 60 -70.61 7.86 -47.60
CA UNK HA 60 -69.17 7.91 -47.83
C UNK HA 60 -68.69 6.67 -48.58
N UNK HA 61 -65.44 1.60 -51.44
CA UNK HA 61 -64.11 1.77 -50.84
C UNK HA 61 -64.16 2.77 -49.69
N UNK HA 62 -64.41 2.25 -48.48
CA UNK HA 62 -64.48 3.09 -47.29
C UNK HA 62 -63.74 2.46 -46.11
N UNK HA 63 -62.74 1.63 -46.39
CA UNK HA 63 -61.94 0.99 -45.35
C UNK HA 63 -62.80 0.12 -44.44
N UNK HA 64 -63.46 -0.86 -45.05
CA UNK HA 64 -64.30 -1.80 -44.32
C UNK HA 64 -63.43 -2.88 -43.68
N UNK HA 65 -64.07 -3.90 -43.12
CA UNK HA 65 -63.37 -5.01 -42.47
C UNK HA 65 -62.47 -4.50 -41.34
N UNK HA 66 -63.11 -3.94 -40.32
CA UNK HA 66 -62.42 -3.37 -39.17
C UNK HA 66 -63.26 -3.58 -37.93
N UNK HA 67 -62.93 -2.86 -36.86
CA UNK HA 67 -63.63 -2.99 -35.59
C UNK HA 67 -65.01 -2.37 -35.70
N UNK HA 68 -65.74 -2.35 -34.59
CA UNK HA 68 -67.10 -1.83 -34.53
C UNK HA 68 -67.47 -1.65 -33.06
N UNK HA 69 -68.74 -1.36 -32.79
CA UNK HA 69 -69.22 -1.18 -31.43
C UNK HA 69 -68.72 0.13 -30.84
N UNK HA 70 -68.51 1.14 -31.69
CA UNK HA 70 -68.10 2.46 -31.26
C UNK HA 70 -69.24 3.47 -31.28
N UNK HA 71 -70.43 3.07 -31.75
CA UNK HA 71 -71.58 3.95 -31.78
C UNK HA 71 -71.48 4.98 -32.90
N UNK HA 72 -70.33 5.02 -33.58
CA UNK HA 72 -70.12 5.94 -34.70
C UNK HA 72 -69.85 5.20 -36.01
N UNK HA 73 -68.86 4.32 -36.03
CA UNK HA 73 -68.49 3.59 -37.24
C UNK HA 73 -67.37 2.62 -36.87
N UNK HA 74 -66.98 1.79 -37.83
CA UNK HA 74 -65.92 0.81 -37.65
C UNK HA 74 -65.03 0.86 -38.89
N UNK HA 75 -63.99 1.71 -38.83
CA UNK HA 75 -63.02 1.87 -39.91
C UNK HA 75 -61.63 1.93 -39.26
N UNK HA 76 -61.01 0.77 -39.11
CA UNK HA 76 -59.68 0.68 -38.51
C UNK HA 76 -58.97 -0.55 -39.06
N UNK HA 77 -57.76 -0.78 -38.56
CA UNK HA 77 -56.96 -1.92 -38.99
C UNK HA 77 -56.00 -2.27 -37.87
N UNK HA 78 -55.03 -3.15 -38.17
CA UNK HA 78 -54.04 -3.59 -37.19
C UNK HA 78 -52.82 -2.70 -37.15
N UNK HA 79 -52.89 -1.50 -37.73
CA UNK HA 79 -51.77 -0.57 -37.75
C UNK HA 79 -52.31 0.85 -37.74
N UNK HA 80 -51.44 1.81 -38.02
CA UNK HA 80 -51.84 3.22 -38.05
C UNK HA 80 -52.26 3.63 -39.45
N UNK HA 81 -53.17 2.10 -42.78
CA UNK HA 81 -54.58 1.74 -42.88
C UNK HA 81 -55.46 2.97 -42.77
N UNK HA 82 -56.65 2.90 -43.38
CA UNK HA 82 -57.58 4.01 -43.34
C UNK HA 82 -58.18 4.16 -41.95
N UNK HA 83 -58.94 5.24 -41.76
CA UNK HA 83 -59.59 5.51 -40.47
C UNK HA 83 -60.94 6.16 -40.77
N UNK HA 84 -61.99 5.34 -40.78
CA UNK HA 84 -63.36 5.80 -41.05
C UNK HA 84 -64.15 5.64 -39.75
N UNK HA 85 -64.21 6.73 -38.96
CA UNK HA 85 -64.94 6.74 -37.69
C UNK HA 85 -65.70 8.06 -37.62
N UNK HA 86 -66.96 8.03 -38.03
CA UNK HA 86 -67.83 9.20 -38.01
C UNK HA 86 -69.06 8.87 -37.17
N UNK HA 87 -69.30 9.69 -36.15
CA UNK HA 87 -70.42 9.46 -35.25
C UNK HA 87 -71.73 9.88 -35.92
N UNK HA 88 -72.82 9.82 -35.15
CA UNK HA 88 -74.13 10.19 -35.69
C UNK HA 88 -74.21 11.68 -35.96
N UNK HA 89 -74.02 12.50 -34.92
CA UNK HA 89 -74.08 13.95 -35.06
C UNK HA 89 -72.77 14.49 -35.65
N UNK HA 90 -72.47 14.04 -36.87
CA UNK HA 90 -71.28 14.44 -37.60
C UNK HA 90 -71.46 14.02 -39.05
N UNK HA 91 -70.40 14.17 -39.84
CA UNK HA 91 -70.41 13.82 -41.25
C UNK HA 91 -69.29 12.83 -41.54
N UNK HA 92 -69.23 12.36 -42.78
CA UNK HA 92 -68.20 11.41 -43.18
C UNK HA 92 -66.82 12.08 -43.15
N UNK HA 93 -65.79 11.25 -43.28
CA UNK HA 93 -64.40 11.67 -43.28
C UNK HA 93 -63.91 12.21 -41.95
N UNK HA 94 -64.73 12.10 -40.89
CA UNK HA 94 -64.34 12.60 -39.57
C UNK HA 94 -63.21 11.73 -39.03
N UNK HA 95 -62.00 12.28 -39.00
CA UNK HA 95 -60.85 11.55 -38.49
C UNK HA 95 -59.89 11.20 -39.62
N UNK HA 96 -56.67 11.46 -33.86
CA UNK HA 96 -56.33 10.94 -35.19
C UNK HA 96 -54.82 10.85 -35.37
N UNK HA 97 -54.26 9.73 -34.92
CA UNK HA 97 -52.82 9.48 -35.01
C UNK HA 97 -52.60 8.20 -35.82
N UNK HA 98 -51.73 8.29 -36.82
CA UNK HA 98 -51.42 7.14 -37.66
C UNK HA 98 -50.53 6.15 -36.94
N UNK HA 99 -50.24 -0.98 -32.48
CA UNK HA 99 -51.34 -1.60 -31.75
C UNK HA 99 -52.60 -0.75 -31.85
N UNK HA 100 -53.52 -1.17 -32.72
CA UNK HA 100 -54.77 -0.45 -32.92
C UNK HA 100 -55.96 -1.41 -33.01
N UNK HA 101 -55.86 -2.57 -32.39
CA UNK HA 101 -56.93 -3.57 -32.39
C UNK HA 101 -57.51 -3.81 -31.02
N UNK HA 102 -57.37 -2.85 -30.10
CA UNK HA 102 -57.90 -2.98 -28.75
C UNK HA 102 -59.36 -2.54 -28.71
N UNK HA 103 -59.93 -2.53 -27.51
CA UNK HA 103 -61.32 -2.13 -27.32
C UNK HA 103 -61.58 -1.95 -25.84
N UNK HA 104 -62.45 -1.01 -25.51
CA UNK HA 104 -62.82 -0.73 -24.12
C UNK HA 104 -63.92 0.33 -24.14
N UNK HA 105 -64.56 0.49 -22.99
CA UNK HA 105 -65.64 1.47 -22.87
C UNK HA 105 -65.59 2.26 -21.56
N UNK HA 106 -64.52 2.13 -20.77
CA UNK HA 106 -64.39 2.83 -19.51
C UNK HA 106 -63.22 3.81 -19.58
N UNK HA 107 -63.31 4.88 -18.79
CA UNK HA 107 -62.31 5.93 -18.70
C UNK HA 107 -62.30 6.88 -19.89
N UNK HA 108 -63.12 6.64 -20.91
CA UNK HA 108 -63.17 7.51 -22.08
C UNK HA 108 -64.27 7.00 -23.00
N UNK HA 109 -64.72 7.88 -23.88
CA UNK HA 109 -65.78 7.56 -24.84
C UNK HA 109 -65.13 6.92 -26.06
N UNK HA 110 -65.34 5.62 -26.23
CA UNK HA 110 -64.79 4.87 -27.36
C UNK HA 110 -63.25 4.98 -27.40
N UNK HA 111 -62.63 4.48 -26.34
CA UNK HA 111 -61.17 4.52 -26.26
C UNK HA 111 -60.53 3.85 -27.45
N UNK HA 112 -61.13 2.76 -27.94
CA UNK HA 112 -60.62 2.01 -29.08
C UNK HA 112 -59.19 1.52 -28.83
N UNK HA 113 -59.06 0.68 -27.80
CA UNK HA 113 -57.77 0.12 -27.42
C UNK HA 113 -56.84 1.18 -26.83
N UNK HA 114 -57.40 2.14 -26.11
CA UNK HA 114 -56.63 3.21 -25.51
C UNK HA 114 -55.75 2.67 -24.37
N UNK HA 115 -47.60 2.04 -27.49
CA UNK HA 115 -48.74 2.18 -26.59
C UNK HA 115 -49.42 3.53 -26.79
N UNK HA 116 -50.61 3.51 -27.38
CA UNK HA 116 -51.37 4.72 -27.62
C UNK HA 116 -52.77 4.34 -28.06
N UNK HA 117 -53.68 5.31 -28.02
CA UNK HA 117 -55.07 5.10 -28.40
C UNK HA 117 -55.74 6.45 -28.55
N UNK HA 118 -56.82 6.46 -29.31
CA UNK HA 118 -57.58 7.68 -29.56
C UNK HA 118 -59.08 7.36 -29.47
N UNK HA 119 -59.84 8.33 -28.99
CA UNK HA 119 -61.29 8.16 -28.86
C UNK HA 119 -62.03 9.36 -29.41
N UNK HA 120 -63.35 9.40 -29.22
CA UNK HA 120 -64.17 10.50 -29.72
C UNK HA 120 -63.99 11.79 -28.92
N UNK HA 121 -63.15 11.78 -27.89
CA UNK HA 121 -62.94 12.98 -27.07
C UNK HA 121 -62.26 14.11 -27.85
N UNK HA 122 -61.81 13.85 -29.07
CA UNK HA 122 -61.14 14.82 -29.95
C UNK HA 122 -59.71 15.12 -29.54
N UNK HA 123 -59.21 14.54 -28.44
CA UNK HA 123 -57.84 14.78 -28.00
C UNK HA 123 -57.38 13.56 -27.21
N UNK HA 124 -56.50 12.77 -27.82
CA UNK HA 124 -55.99 11.57 -27.17
C UNK HA 124 -54.49 11.37 -27.35
N UNK HA 125 -53.80 12.32 -27.97
CA UNK HA 125 -52.35 12.20 -28.18
C UNK HA 125 -51.59 12.43 -26.88
N UNK HA 126 -49.38 2.85 -21.26
CA UNK HA 126 -49.80 2.89 -19.86
C UNK HA 126 -50.96 1.91 -19.62
N UNK HA 127 -51.40 1.25 -20.67
CA UNK HA 127 -52.49 0.29 -20.57
C UNK HA 127 -51.98 -1.14 -20.35
N UNK HA 128 -51.07 -1.59 -21.21
CA UNK HA 128 -50.51 -2.94 -21.09
C UNK HA 128 -49.01 -2.87 -21.39
N UNK HA 129 -48.31 -3.93 -20.96
CA UNK HA 129 -46.87 -4.01 -21.20
C UNK HA 129 -46.57 -3.82 -22.67
N UNK HA 130 -45.39 -3.24 -22.95
CA UNK HA 130 -44.95 -2.98 -24.32
C UNK HA 130 -44.49 -4.30 -24.96
N UNK HA 131 -45.45 -5.18 -25.19
CA UNK HA 131 -45.21 -6.47 -25.81
C UNK HA 131 -46.21 -6.65 -26.95
N UNK HA 132 -45.81 -6.31 -28.17
CA UNK HA 132 -46.68 -6.42 -29.34
C UNK HA 132 -46.73 -7.87 -29.80
N UNK HA 133 -47.42 -8.70 -29.02
CA UNK HA 133 -47.57 -10.11 -29.33
C UNK HA 133 -48.99 -10.59 -29.06
N UNK HA 134 -49.97 -9.69 -29.14
CA UNK HA 134 -51.36 -10.05 -28.90
C UNK HA 134 -52.25 -9.17 -29.76
N UNK HA 135 -53.33 -9.76 -30.28
CA UNK HA 135 -54.29 -9.06 -31.12
C UNK HA 135 -55.70 -9.22 -30.59
N UNK HA 136 -55.85 -9.19 -29.27
CA UNK HA 136 -57.17 -9.33 -28.64
C UNK HA 136 -57.08 -8.75 -27.24
N UNK HA 137 -57.84 -7.70 -26.98
CA UNK HA 137 -57.86 -7.05 -25.68
C UNK HA 137 -59.23 -7.20 -25.04
N UNK HA 138 -59.27 -7.09 -23.72
CA UNK HA 138 -60.52 -7.21 -22.97
C UNK HA 138 -60.29 -6.59 -21.60
N UNK HA 139 -61.12 -5.60 -21.25
CA UNK HA 139 -61.01 -4.93 -19.96
C UNK HA 139 -61.78 -5.72 -18.91
N UNK HA 140 -61.24 -5.75 -17.70
CA UNK HA 140 -61.84 -6.45 -16.57
C UNK HA 140 -62.31 -5.51 -15.47
N UNK HA 141 -61.42 -4.64 -14.98
CA UNK HA 141 -61.77 -3.71 -13.92
C UNK HA 141 -61.35 -2.27 -14.19
N UNK HA 142 -60.39 -2.02 -15.08
CA UNK HA 142 -59.95 -0.66 -15.39
C UNK HA 142 -61.02 0.02 -16.22
N UNK HA 143 -61.81 0.87 -15.57
CA UNK HA 143 -62.88 1.59 -16.26
C UNK HA 143 -64.25 1.24 -15.67
N UNK HA 144 -54.35 -0.86 -18.25
CA UNK HA 144 -55.34 -1.84 -18.65
C UNK HA 144 -56.39 -2.04 -17.56
N UNK HA 145 -55.99 -1.80 -16.31
CA UNK HA 145 -56.87 -1.94 -15.15
C UNK HA 145 -57.45 -3.36 -15.07
N UNK HA 146 -56.55 -4.32 -14.92
CA UNK HA 146 -56.91 -5.73 -14.82
C UNK HA 146 -57.67 -6.20 -16.07
N UNK HA 147 -56.99 -6.07 -17.21
CA UNK HA 147 -57.55 -6.45 -18.49
C UNK HA 147 -56.87 -7.73 -19.00
N UNK HA 148 -57.53 -8.38 -19.95
CA UNK HA 148 -57.04 -9.62 -20.53
C UNK HA 148 -56.46 -9.35 -21.91
N UNK HA 149 -55.68 -10.31 -22.40
CA UNK HA 149 -55.03 -10.20 -23.70
C UNK HA 149 -54.96 -11.59 -24.33
N UNK HA 150 -55.27 -11.65 -25.62
CA UNK HA 150 -55.26 -12.91 -26.37
C UNK HA 150 -53.93 -13.00 -27.11
N UNK HA 151 -53.07 -13.91 -26.66
CA UNK HA 151 -51.76 -14.09 -27.28
C UNK HA 151 -51.91 -14.73 -28.65
N UNK HA 152 -51.00 -14.37 -29.55
CA UNK HA 152 -51.02 -14.90 -30.92
C UNK HA 152 -50.52 -16.33 -31.02
N UNK HA 153 -50.23 -17.01 -29.91
CA UNK HA 153 -49.74 -18.37 -29.93
C UNK HA 153 -50.61 -19.31 -29.08
N UNK HA 154 -51.88 -18.96 -28.93
CA UNK HA 154 -52.80 -19.77 -28.14
C UNK HA 154 -52.58 -19.55 -26.65
N UNK HA 155 -51.59 -18.73 -26.31
CA UNK HA 155 -51.30 -18.45 -24.91
C UNK HA 155 -52.39 -17.57 -24.30
N UNK HA 156 -52.67 -17.80 -23.02
CA UNK HA 156 -53.66 -17.03 -22.27
C UNK HA 156 -52.91 -16.18 -21.26
N UNK HA 157 -52.52 -14.98 -21.69
CA UNK HA 157 -51.78 -14.08 -20.81
C UNK HA 157 -52.70 -13.47 -19.77
N UNK HA 158 -52.32 -13.60 -18.50
CA UNK HA 158 -53.09 -13.04 -17.39
C UNK HA 158 -52.62 -11.60 -17.13
N UNK HA 159 -53.05 -10.70 -18.02
CA UNK HA 159 -52.67 -9.30 -17.93
C UNK HA 159 -53.10 -8.69 -16.61
N UNK HA 160 -52.13 -8.34 -15.76
CA UNK HA 160 -52.42 -7.72 -14.48
C UNK HA 160 -52.59 -6.21 -14.67
N UNK HA 161 -52.65 -5.47 -13.56
CA UNK HA 161 -52.78 -4.01 -13.59
C UNK HA 161 -51.42 -3.42 -13.96
N UNK HA 162 -51.09 -3.50 -15.24
CA UNK HA 162 -49.84 -3.03 -15.83
C UNK HA 162 -48.67 -3.98 -15.56
N UNK HA 163 -48.86 -5.05 -14.79
CA UNK HA 163 -47.81 -6.01 -14.49
C UNK HA 163 -48.37 -7.40 -14.74
N UNK HA 164 -48.00 -8.00 -15.88
CA UNK HA 164 -48.47 -9.33 -16.21
C UNK HA 164 -47.81 -10.36 -15.30
N UNK HA 165 -48.63 -11.07 -14.52
CA UNK HA 165 -48.15 -12.07 -13.58
C UNK HA 165 -49.00 -13.33 -13.64
N UNK HA 166 -49.34 -13.77 -14.85
CA UNK HA 166 -50.15 -14.97 -15.03
C UNK HA 166 -50.14 -15.34 -16.51
N UNK HA 167 -50.34 -16.63 -16.77
CA UNK HA 167 -50.36 -17.14 -18.13
C UNK HA 167 -51.29 -18.34 -18.19
N UNK HA 168 -51.55 -18.80 -19.41
CA UNK HA 168 -52.43 -19.95 -19.63
C UNK HA 168 -52.25 -20.43 -21.07
N UNK HA 169 -52.32 -21.74 -21.26
CA UNK HA 169 -52.18 -22.35 -22.57
C UNK HA 169 -53.50 -22.26 -23.32
N UNK HA 170 -53.59 -22.92 -24.47
CA UNK HA 170 -54.79 -22.94 -25.29
C UNK HA 170 -54.75 -24.17 -26.18
N UNK HA 171 -55.70 -24.25 -27.12
CA UNK HA 171 -55.81 -25.37 -28.04
C UNK HA 171 -55.41 -25.02 -29.47
N UNK HA 172 -55.77 -23.82 -29.94
CA UNK HA 172 -55.46 -23.41 -31.30
C UNK HA 172 -55.29 -21.89 -31.31
N UNK HA 173 -55.09 -21.35 -32.51
CA UNK HA 173 -54.91 -19.92 -32.65
C UNK HA 173 -56.11 -19.17 -32.08
N UNK HA 174 -55.84 -17.99 -31.51
CA UNK HA 174 -56.88 -17.17 -30.90
C UNK HA 174 -57.48 -16.24 -31.93
N UNK HA 175 -58.81 -16.12 -31.90
CA UNK HA 175 -59.55 -15.26 -32.81
C UNK HA 175 -60.47 -14.28 -32.12
N UNK HA 176 -61.02 -14.62 -30.95
CA UNK HA 176 -61.91 -13.72 -30.23
C UNK HA 176 -61.86 -14.09 -28.76
N UNK HA 177 -61.56 -13.12 -27.90
CA UNK HA 177 -61.45 -13.33 -26.46
C UNK HA 177 -62.45 -12.40 -25.77
N UNK HA 178 -63.64 -12.93 -25.49
CA UNK HA 178 -64.67 -12.15 -24.81
C UNK HA 178 -64.30 -11.96 -23.35
N UNK HA 179 -65.18 -11.28 -22.61
CA UNK HA 179 -64.99 -11.02 -21.19
C UNK HA 179 -66.34 -11.17 -20.50
N UNK HA 180 -66.58 -12.35 -19.94
CA UNK HA 180 -67.83 -12.64 -19.23
C UNK HA 180 -67.59 -12.56 -17.73
N UNK HA 181 -68.54 -11.93 -17.03
CA UNK HA 181 -68.42 -11.80 -15.59
C UNK HA 181 -68.84 -13.08 -14.87
N UNK HA 182 -69.98 -13.64 -15.26
CA UNK HA 182 -70.48 -14.87 -14.64
C UNK HA 182 -70.90 -14.62 -13.20
N UNK HA 183 -72.13 -16.49 -9.20
CA UNK HA 183 -71.01 -17.42 -9.31
C UNK HA 183 -69.81 -16.93 -8.52
N UNK HA 184 -69.50 -15.64 -8.65
CA UNK HA 184 -68.38 -14.98 -7.98
C UNK HA 184 -67.03 -15.29 -8.60
N UNK HA 185 -67.00 -15.94 -9.76
CA UNK HA 185 -65.76 -16.28 -10.44
C UNK HA 185 -65.90 -15.88 -11.91
N UNK HA 186 -65.09 -14.91 -12.35
CA UNK HA 186 -65.15 -14.47 -13.73
C UNK HA 186 -64.79 -15.62 -14.67
N UNK HA 187 -65.24 -15.48 -15.92
CA UNK HA 187 -65.00 -16.47 -16.96
C UNK HA 187 -64.04 -15.91 -18.00
N UNK HA 188 -63.79 -16.70 -19.05
CA UNK HA 188 -62.88 -16.30 -20.12
C UNK HA 188 -63.38 -16.95 -21.41
N UNK HA 189 -64.11 -16.18 -22.22
CA UNK HA 189 -64.66 -16.67 -23.48
C UNK HA 189 -63.54 -16.73 -24.53
N UNK HA 190 -62.67 -17.73 -24.36
CA UNK HA 190 -61.53 -17.93 -25.26
C UNK HA 190 -62.04 -18.56 -26.55
N UNK HA 191 -62.54 -17.71 -27.44
CA UNK HA 191 -63.06 -18.16 -28.72
C UNK HA 191 -61.90 -18.62 -29.61
N UNK HA 192 -61.80 -19.92 -29.84
CA UNK HA 192 -60.73 -20.47 -30.65
C UNK HA 192 -60.93 -20.09 -32.12
N UNK HA 193 -60.00 -20.52 -32.96
CA UNK HA 193 -60.07 -20.22 -34.38
C UNK HA 193 -61.36 -20.80 -34.98
N UNK HA 194 -61.52 -22.11 -34.92
CA UNK HA 194 -62.70 -22.77 -35.46
C UNK HA 194 -63.10 -23.89 -34.51
N UNK HA 195 -64.32 -23.81 -33.99
CA UNK HA 195 -64.85 -24.80 -33.06
C UNK HA 195 -63.94 -24.97 -31.84
N UNK HA 196 -63.77 -23.87 -31.12
CA UNK HA 196 -62.94 -23.86 -29.92
C UNK HA 196 -63.51 -22.87 -28.93
N UNK HA 197 -63.37 -23.20 -27.64
CA UNK HA 197 -63.88 -22.33 -26.58
C UNK HA 197 -63.11 -22.68 -25.31
N UNK HA 198 -62.29 -21.75 -24.83
CA UNK HA 198 -61.51 -21.95 -23.62
C UNK HA 198 -62.29 -21.45 -22.41
N UNK HA 199 -61.64 -21.41 -21.25
CA UNK HA 199 -62.28 -20.95 -20.03
C UNK HA 199 -61.20 -20.55 -19.03
N UNK HA 200 -61.61 -19.85 -17.98
CA UNK HA 200 -60.70 -19.40 -16.94
C UNK HA 200 -61.53 -18.87 -15.78
N UNK HA 201 -61.06 -19.13 -14.56
CA UNK HA 201 -61.73 -18.68 -13.33
C UNK HA 201 -60.68 -17.98 -12.47
N UNK HA 202 -60.52 -16.67 -12.69
CA UNK HA 202 -59.56 -15.85 -11.95
C UNK HA 202 -58.17 -16.47 -11.98
N UNK HA 203 -57.65 -16.65 -13.20
CA UNK HA 203 -56.34 -17.23 -13.44
C UNK HA 203 -56.28 -18.73 -13.18
N UNK HA 204 -57.41 -19.42 -13.25
CA UNK HA 204 -57.49 -20.86 -13.01
C UNK HA 204 -57.55 -21.55 -14.37
N UNK HA 205 -56.41 -22.03 -14.85
CA UNK HA 205 -56.32 -22.71 -16.15
C UNK HA 205 -56.86 -24.13 -15.98
N UNK HA 206 -58.19 -24.24 -15.97
CA UNK HA 206 -58.84 -25.52 -15.84
C UNK HA 206 -58.71 -26.33 -17.13
N UNK HA 207 -59.34 -27.50 -17.14
CA UNK HA 207 -59.31 -28.38 -18.31
C UNK HA 207 -60.70 -28.82 -18.75
N UNK HA 208 -61.73 -28.06 -18.38
CA UNK HA 208 -63.10 -28.37 -18.78
C UNK HA 208 -63.43 -27.73 -20.13
N UNK HA 209 -62.58 -28.04 -21.12
CA UNK HA 209 -62.72 -27.49 -22.46
C UNK HA 209 -63.66 -28.34 -23.31
N UNK HA 210 -64.87 -28.53 -22.79
CA UNK HA 210 -65.91 -29.27 -23.50
C UNK HA 210 -66.69 -28.34 -24.44
N UNK HA 211 -65.95 -27.79 -25.41
CA UNK HA 211 -66.48 -26.82 -26.35
C UNK HA 211 -66.51 -27.46 -27.74
N UNK HA 212 -67.71 -27.66 -28.27
CA UNK HA 212 -67.89 -28.19 -29.61
C UNK HA 212 -67.62 -27.09 -30.63
N UNK HA 213 -68.03 -27.31 -31.88
CA UNK HA 213 -67.82 -26.31 -32.93
C UNK HA 213 -68.43 -24.98 -32.52
N UNK HA 214 -69.75 -24.95 -32.30
CA UNK HA 214 -70.45 -23.77 -31.80
C UNK HA 214 -69.98 -22.49 -32.48
N UNK HA 215 -70.19 -22.44 -33.79
CA UNK HA 215 -69.77 -21.29 -34.57
C UNK HA 215 -70.78 -20.16 -34.45
N UNK HA 216 -71.10 -19.77 -33.21
CA UNK HA 216 -72.02 -18.66 -32.97
C UNK HA 216 -71.70 -18.12 -31.57
N UNK HA 217 -71.01 -17.00 -31.51
CA UNK HA 217 -70.60 -16.39 -30.24
C UNK HA 217 -71.61 -15.32 -29.85
N UNK HA 218 -72.33 -15.55 -28.75
CA UNK HA 218 -73.31 -14.59 -28.24
C UNK HA 218 -72.78 -13.83 -27.03
N UNK HA 219 -72.43 -14.54 -25.95
CA UNK HA 219 -71.89 -13.92 -24.74
C UNK HA 219 -72.81 -12.81 -24.22
N UNK HA 220 -74.11 -12.93 -24.48
CA UNK HA 220 -75.09 -11.93 -24.08
C UNK HA 220 -75.92 -12.37 -22.88
N UNK HA 221 -75.34 -13.13 -21.95
CA UNK HA 221 -76.05 -13.58 -20.77
C UNK HA 221 -75.07 -14.34 -19.88
N UNK HA 222 -75.44 -14.45 -18.60
CA UNK HA 222 -74.59 -15.18 -17.66
C UNK HA 222 -74.51 -16.65 -18.03
N UNK HA 223 -75.65 -17.27 -18.31
CA UNK HA 223 -75.66 -18.67 -18.73
C UNK HA 223 -74.84 -18.85 -19.99
N UNK HA 224 -74.07 -19.94 -20.03
CA UNK HA 224 -73.19 -20.23 -21.17
C UNK HA 224 -73.98 -20.74 -22.37
N UNK HA 225 -74.89 -19.89 -22.85
CA UNK HA 225 -75.72 -20.20 -24.01
C UNK HA 225 -74.85 -20.05 -25.26
N UNK HA 226 -74.17 -21.13 -25.63
CA UNK HA 226 -73.28 -21.11 -26.78
C UNK HA 226 -74.01 -20.61 -28.03
N UNK HA 227 -75.10 -21.28 -28.40
CA UNK HA 227 -75.87 -20.93 -29.58
C UNK HA 227 -74.99 -20.92 -30.83
N UNK HA 228 -74.17 -21.95 -30.96
CA UNK HA 228 -73.26 -22.11 -32.07
C UNK HA 228 -73.83 -23.09 -33.10
N UNK HA 229 -73.01 -23.44 -34.10
CA UNK HA 229 -73.46 -24.39 -35.11
C UNK HA 229 -74.02 -25.67 -34.49
N UNK HA 230 -73.49 -26.08 -33.34
CA UNK HA 230 -74.00 -27.23 -32.60
C UNK HA 230 -74.63 -26.76 -31.30
N UNK HA 231 -75.45 -27.64 -30.72
CA UNK HA 231 -76.16 -27.32 -29.48
C UNK HA 231 -77.04 -26.08 -29.65
N UNK HA 232 -78.06 -26.21 -30.51
CA UNK HA 232 -78.95 -25.10 -30.81
C UNK HA 232 -79.42 -24.39 -29.54
N UNK HA 233 -79.58 -25.13 -28.44
CA UNK HA 233 -79.96 -24.53 -27.17
C UNK HA 233 -78.73 -24.08 -26.37
N UNK HA 234 -77.80 -25.01 -26.11
CA UNK HA 234 -76.57 -24.71 -25.39
C UNK HA 234 -76.83 -24.00 -24.07
N UNK HA 235 -77.95 -24.33 -23.43
CA UNK HA 235 -78.29 -23.74 -22.14
C UNK HA 235 -77.52 -24.45 -21.03
N UNK HA 236 -77.27 -23.71 -19.94
CA UNK HA 236 -76.58 -24.27 -18.80
C UNK HA 236 -76.53 -23.21 -17.70
N UNK HA 237 -76.30 -23.67 -16.48
CA UNK HA 237 -76.17 -22.79 -15.33
C UNK HA 237 -74.69 -22.55 -15.04
N UNK HA 238 -74.40 -21.94 -13.90
CA UNK HA 238 -73.01 -21.70 -13.51
C UNK HA 238 -72.21 -22.99 -13.52
N UNK HA 239 -72.78 -24.07 -12.98
CA UNK HA 239 -72.13 -25.37 -12.98
C UNK HA 239 -73.01 -26.51 -13.45
N UNK HA 240 -74.34 -26.35 -13.46
CA UNK HA 240 -75.26 -27.40 -13.89
C UNK HA 240 -76.39 -26.76 -14.69
N UNK HA 241 -76.54 -27.17 -15.93
CA UNK HA 241 -77.58 -26.64 -16.81
C UNK HA 241 -77.66 -27.54 -18.04
N UNK HA 242 -78.59 -27.21 -18.93
CA UNK HA 242 -78.80 -27.98 -20.16
C UNK HA 242 -79.67 -27.15 -21.10
N UNK HA 243 -79.76 -27.60 -22.34
CA UNK HA 243 -80.53 -26.92 -23.36
C UNK HA 243 -80.63 -27.83 -24.58
N UNK HA 244 -81.41 -27.40 -25.56
CA UNK HA 244 -81.61 -28.17 -26.78
C UNK HA 244 -82.18 -27.24 -27.85
N UNK HA 245 -81.71 -27.41 -29.08
CA UNK HA 245 -82.16 -26.61 -30.21
C UNK HA 245 -81.93 -27.40 -31.49
N UNK HA 246 -82.41 -26.86 -32.60
CA UNK HA 246 -82.29 -27.47 -33.91
C UNK HA 246 -81.53 -26.51 -34.83
N UNK HA 247 -80.20 -26.61 -34.81
CA UNK HA 247 -79.36 -25.79 -35.67
C UNK HA 247 -78.18 -26.57 -36.21
N UNK HA 248 -78.35 -27.88 -36.42
CA UNK HA 248 -77.24 -28.73 -36.85
C UNK HA 248 -76.78 -28.36 -38.25
N UNK HA 249 -77.70 -28.34 -39.22
CA UNK HA 249 -77.34 -28.10 -40.61
C UNK HA 249 -77.31 -26.61 -40.94
N UNK HA 250 -78.45 -25.94 -40.81
CA UNK HA 250 -78.53 -24.52 -41.13
C UNK HA 250 -79.90 -24.01 -40.71
N UNK HA 251 -79.95 -22.73 -40.35
CA UNK HA 251 -81.19 -22.06 -39.95
C UNK HA 251 -81.63 -21.01 -40.95
N UNK HA 252 -80.75 -20.07 -41.31
CA UNK HA 252 -81.08 -19.03 -42.27
C UNK HA 252 -79.81 -18.29 -42.63
N UNK HA 253 -79.68 -17.93 -43.90
CA UNK HA 253 -78.51 -17.20 -44.36
C UNK HA 253 -78.52 -15.78 -43.82
N UNK HA 254 -77.34 -15.16 -43.79
CA UNK HA 254 -77.18 -13.79 -43.30
C UNK HA 254 -77.58 -13.65 -41.84
N UNK HA 255 -77.51 -14.75 -41.08
CA UNK HA 255 -77.90 -14.72 -39.68
C UNK HA 255 -76.97 -13.81 -38.89
N UNK HA 256 -77.45 -13.41 -37.72
CA UNK HA 256 -76.69 -12.53 -36.83
C UNK HA 256 -77.14 -12.82 -35.39
N UNK HA 257 -76.72 -11.96 -34.47
CA UNK HA 257 -77.07 -12.12 -33.07
C UNK HA 257 -76.62 -10.87 -32.31
N UNK HA 258 -77.08 -10.77 -31.07
CA UNK HA 258 -76.76 -9.64 -30.20
C UNK HA 258 -77.13 -10.04 -28.78
N UNK HA 259 -77.09 -9.08 -27.85
CA UNK HA 259 -77.44 -9.35 -26.46
C UNK HA 259 -78.08 -8.07 -25.90
N UNK HA 260 -79.41 -7.99 -26.00
CA UNK HA 260 -80.17 -6.87 -25.46
C UNK HA 260 -81.14 -7.30 -24.36
N UNK HA 261 -81.98 -8.30 -24.63
CA UNK HA 261 -82.92 -8.79 -23.63
C UNK HA 261 -83.22 -10.25 -23.98
N UNK HA 262 -82.56 -11.17 -23.27
CA UNK HA 262 -82.68 -12.61 -23.46
C UNK HA 262 -81.90 -13.11 -24.67
N UNK HA 263 -81.06 -12.28 -25.27
CA UNK HA 263 -80.29 -12.67 -26.45
C UNK HA 263 -81.19 -13.12 -27.61
N UNK HA 264 -82.34 -12.46 -27.75
CA UNK HA 264 -83.28 -12.78 -28.82
C UNK HA 264 -83.06 -11.95 -30.07
N UNK HA 265 -82.17 -10.96 -30.03
CA UNK HA 265 -81.94 -10.11 -31.19
C UNK HA 265 -81.36 -10.94 -32.33
N UNK HA 266 -82.02 -10.87 -33.49
CA UNK HA 266 -81.59 -11.59 -34.69
C UNK HA 266 -81.78 -10.69 -35.90
N UNK HA 267 -81.47 -11.24 -37.07
CA UNK HA 267 -81.62 -10.50 -38.32
C UNK HA 267 -81.59 -11.49 -39.47
N UNK HA 268 -82.61 -11.46 -40.31
CA UNK HA 268 -82.69 -12.34 -41.47
C UNK HA 268 -82.90 -11.59 -42.78
N UNK HA 269 -83.67 -10.51 -42.77
CA UNK HA 269 -83.94 -9.73 -43.96
C UNK HA 269 -83.90 -8.25 -43.59
N UNK HA 270 -84.36 -7.40 -44.50
CA UNK HA 270 -84.40 -5.96 -44.27
C UNK HA 270 -85.43 -5.66 -43.18
N UNK HA 271 -84.95 -5.31 -41.99
CA UNK HA 271 -85.81 -5.02 -40.85
C UNK HA 271 -86.55 -6.26 -40.35
N UNK HA 272 -85.95 -7.42 -40.53
CA UNK HA 272 -86.53 -8.68 -40.08
C UNK HA 272 -85.80 -9.17 -38.83
N UNK HA 273 -86.11 -10.39 -38.40
CA UNK HA 273 -85.47 -11.01 -37.24
C UNK HA 273 -85.72 -10.19 -35.97
N UNK HA 274 -86.99 -10.17 -35.57
CA UNK HA 274 -87.39 -9.45 -34.36
C UNK HA 274 -86.78 -10.09 -33.11
N UNK HA 275 -86.99 -9.48 -31.96
CA UNK HA 275 -86.43 -9.99 -30.71
C UNK HA 275 -87.06 -11.33 -30.33
N UNK HA 276 -86.28 -12.40 -30.44
CA UNK HA 276 -86.75 -13.74 -30.09
C UNK HA 276 -86.40 -14.08 -28.64
N UNK HA 277 -86.98 -13.31 -27.73
CA UNK HA 277 -86.74 -13.49 -26.29
C UNK HA 277 -87.46 -14.74 -25.83
N UNK HA 278 -86.74 -15.86 -25.77
CA UNK HA 278 -87.32 -17.12 -25.33
C UNK HA 278 -86.19 -18.07 -24.96
N UNK HA 279 -86.41 -18.86 -23.92
CA UNK HA 279 -85.42 -19.81 -23.45
C UNK HA 279 -85.42 -21.06 -24.32
N UNK IA 1 -82.06 29.12 -16.01
CA UNK IA 1 -83.48 28.84 -16.23
C UNK IA 1 -83.83 27.44 -15.72
N UNK IA 2 -83.62 26.44 -16.55
CA UNK IA 2 -83.92 25.05 -16.20
C UNK IA 2 -83.43 24.16 -17.34
N UNK IA 3 -83.27 22.88 -17.03
CA UNK IA 3 -82.81 21.93 -18.03
C UNK IA 3 -83.81 21.82 -19.16
N UNK IA 4 -83.30 21.59 -20.37
CA UNK IA 4 -84.11 21.46 -21.57
C UNK IA 4 -84.32 20.00 -21.98
N UNK IA 5 -84.37 19.09 -21.00
CA UNK IA 5 -84.56 17.68 -21.32
C UNK IA 5 -85.88 17.47 -22.04
N UNK IA 6 -85.82 16.80 -23.19
CA UNK IA 6 -87.03 16.53 -23.97
C UNK IA 6 -87.99 15.68 -23.16
N UNK IA 7 -89.28 16.03 -23.22
CA UNK IA 7 -90.32 15.30 -22.49
C UNK IA 7 -90.63 14.00 -23.23
N UNK IA 8 -89.70 13.06 -23.11
CA UNK IA 8 -89.84 11.74 -23.74
C UNK IA 8 -89.44 10.65 -22.76
N UNK IA 9 -89.88 10.77 -21.51
CA UNK IA 9 -89.58 9.79 -20.47
C UNK IA 9 -90.65 8.71 -20.41
N UNK IA 10 -90.80 7.98 -21.52
CA UNK IA 10 -91.77 6.91 -21.64
C UNK IA 10 -91.10 5.68 -22.24
N UNK IA 11 -91.66 4.52 -21.94
CA UNK IA 11 -91.13 3.25 -22.44
C UNK IA 11 -92.26 2.24 -22.50
N UNK IA 12 -92.09 1.25 -23.38
CA UNK IA 12 -93.09 0.21 -23.56
C UNK IA 12 -93.08 -0.83 -22.44
N UNK IA 13 -92.19 -0.70 -21.46
CA UNK IA 13 -92.10 -1.64 -20.35
C UNK IA 13 -92.80 -1.13 -19.09
N UNK IA 14 -93.87 -0.36 -19.25
CA UNK IA 14 -94.61 0.20 -18.12
C UNK IA 14 -95.57 -0.85 -17.54
N UNK IA 15 -94.99 -1.97 -17.12
CA UNK IA 15 -95.74 -3.08 -16.52
C UNK IA 15 -95.03 -3.60 -15.29
N UNK IA 16 -94.39 -2.71 -14.54
CA UNK IA 16 -93.68 -3.10 -13.32
C UNK IA 16 -93.51 -1.86 -12.46
N UNK IA 17 -94.07 -1.90 -11.25
CA UNK IA 17 -93.98 -0.77 -10.33
C UNK IA 17 -94.11 -1.30 -8.91
N UNK IA 18 -93.06 -1.12 -8.10
CA UNK IA 18 -93.06 -1.58 -6.72
C UNK IA 18 -92.19 -0.64 -5.91
N UNK IA 19 -91.85 -1.06 -4.69
CA UNK IA 19 -91.02 -0.25 -3.81
C UNK IA 19 -89.63 -0.10 -4.42
N UNK IA 20 -89.22 1.14 -4.69
CA UNK IA 20 -87.90 1.38 -5.27
C UNK IA 20 -86.78 0.91 -4.37
N UNK IA 21 -87.02 0.80 -3.06
CA UNK IA 21 -85.99 0.35 -2.14
C UNK IA 21 -85.69 -1.14 -2.24
N UNK IA 22 -86.34 -1.87 -3.15
CA UNK IA 22 -86.10 -3.30 -3.28
C UNK IA 22 -84.63 -3.58 -3.59
N UNK IA 23 -83.95 -2.68 -4.29
CA UNK IA 23 -82.55 -2.84 -4.64
C UNK IA 23 -82.02 -1.52 -5.16
N UNK IA 24 -80.74 -1.48 -5.48
CA UNK IA 24 -80.08 -0.28 -5.99
C UNK IA 24 -79.10 -0.69 -7.08
N UNK IA 25 -78.25 0.25 -7.49
CA UNK IA 25 -77.26 0.00 -8.54
C UNK IA 25 -76.10 -0.81 -7.96
N UNK IA 26 -76.39 -2.07 -7.64
CA UNK IA 26 -75.40 -2.97 -7.09
C UNK IA 26 -74.53 -3.55 -8.20
N UNK IA 27 -73.47 -4.24 -7.79
CA UNK IA 27 -72.55 -4.86 -8.74
C UNK IA 27 -73.14 -6.13 -9.34
N UNK IA 28 -72.23 -3.59 -15.23
CA UNK IA 28 -72.91 -3.06 -14.05
C UNK IA 28 -74.33 -2.62 -14.40
N UNK IA 29 -75.30 -3.15 -13.68
CA UNK IA 29 -76.71 -2.84 -13.88
C UNK IA 29 -77.31 -2.36 -12.56
N UNK IA 30 -78.05 -1.25 -12.61
CA UNK IA 30 -78.68 -0.68 -11.42
C UNK IA 30 -80.02 -1.37 -11.22
N UNK IA 31 -80.01 -2.42 -10.41
CA UNK IA 31 -81.21 -3.17 -10.13
C UNK IA 31 -82.12 -2.39 -9.19
N UNK IA 32 -83.43 -2.53 -9.40
CA UNK IA 32 -84.44 -1.86 -8.59
C UNK IA 32 -85.59 -2.83 -8.36
N UNK IA 33 -85.60 -3.48 -7.20
CA UNK IA 33 -86.65 -4.43 -6.89
C UNK IA 33 -88.00 -3.72 -6.75
N UNK IA 34 -89.05 -4.53 -6.61
CA UNK IA 34 -90.42 -4.03 -6.47
C UNK IA 34 -90.99 -4.49 -5.13
N UNK IA 35 -92.23 -4.06 -4.85
CA UNK IA 35 -92.92 -4.40 -3.62
C UNK IA 35 -94.25 -5.10 -3.88
N UNK IA 36 -94.43 -5.67 -5.08
CA UNK IA 36 -95.64 -6.38 -5.44
C UNK IA 36 -95.50 -7.89 -5.35
N UNK IA 37 -94.74 -8.37 -4.37
CA UNK IA 37 -94.50 -9.81 -4.20
C UNK IA 37 -93.75 -10.39 -5.40
N UNK IA 38 -92.60 -9.78 -5.69
CA UNK IA 38 -91.76 -10.21 -6.81
C UNK IA 38 -90.40 -9.54 -6.65
N UNK IA 39 -89.47 -9.94 -7.51
CA UNK IA 39 -88.11 -9.39 -7.48
C UNK IA 39 -87.59 -9.38 -8.91
N UNK IA 40 -87.57 -8.20 -9.53
CA UNK IA 40 -87.10 -8.05 -10.90
C UNK IA 40 -86.49 -6.65 -11.03
N UNK IA 41 -85.16 -6.59 -10.94
CA UNK IA 41 -84.47 -5.32 -11.06
C UNK IA 41 -84.61 -4.77 -12.48
N UNK IA 42 -84.36 -3.47 -12.62
CA UNK IA 42 -84.47 -2.76 -13.89
C UNK IA 42 -83.08 -2.30 -14.28
N UNK IA 43 -82.34 -3.17 -14.97
CA UNK IA 43 -81.01 -2.85 -15.46
C UNK IA 43 -80.95 -2.64 -16.96
N UNK IA 44 -82.08 -2.72 -17.65
CA UNK IA 44 -82.14 -2.54 -19.10
C UNK IA 44 -83.62 -2.35 -19.47
N UNK IA 45 -83.90 -2.36 -20.77
CA UNK IA 45 -85.28 -2.20 -21.23
C UNK IA 45 -86.16 -3.32 -20.68
N UNK IA 46 -85.71 -4.56 -20.82
CA UNK IA 46 -86.47 -5.71 -20.32
C UNK IA 46 -86.12 -5.97 -18.86
N UNK IA 47 -86.69 -7.03 -18.31
CA UNK IA 47 -86.44 -7.42 -16.93
C UNK IA 47 -85.10 -8.13 -16.82
N UNK IA 48 -84.79 -8.65 -15.62
CA UNK IA 48 -83.55 -9.37 -15.39
C UNK IA 48 -83.78 -10.84 -15.10
N UNK IA 49 -84.63 -11.17 -14.12
CA UNK IA 49 -84.92 -12.56 -13.78
C UNK IA 49 -85.97 -12.55 -12.67
N UNK IA 50 -86.57 -13.71 -12.44
CA UNK IA 50 -87.58 -13.84 -11.39
C UNK IA 50 -86.91 -13.80 -10.03
N UNK IA 51 -87.45 -12.98 -9.13
CA UNK IA 51 -86.93 -12.83 -7.78
C UNK IA 51 -88.08 -12.71 -6.80
N UNK IA 52 -87.84 -13.18 -5.57
CA UNK IA 52 -88.84 -13.15 -4.52
C UNK IA 52 -88.58 -11.97 -3.59
N UNK IA 53 -89.54 -11.73 -2.69
CA UNK IA 53 -89.45 -10.63 -1.72
C UNK IA 53 -89.92 -11.17 -0.38
N UNK IA 54 -88.98 -11.33 0.56
CA UNK IA 54 -89.28 -11.84 1.89
C UNK IA 54 -89.48 -10.73 2.92
N UNK IA 55 -88.53 -9.82 3.03
CA UNK IA 55 -88.60 -8.73 3.99
C UNK IA 55 -88.53 -7.39 3.25
N UNK IA 56 -89.21 -6.39 3.83
CA UNK IA 56 -89.24 -5.05 3.25
C UNK IA 56 -88.00 -4.30 3.70
N UNK IA 57 -86.91 -4.52 2.96
CA UNK IA 57 -85.65 -3.87 3.27
C UNK IA 57 -85.79 -2.35 3.15
N UNK IA 58 -84.76 -1.64 3.62
CA UNK IA 58 -84.75 -0.18 3.59
C UNK IA 58 -84.09 0.34 2.31
N UNK IA 59 -82.85 -0.04 2.06
CA UNK IA 59 -82.12 0.39 0.88
C UNK IA 59 -80.89 -0.52 0.74
N UNK IA 60 -80.02 -0.18 -0.21
CA UNK IA 60 -78.81 -0.97 -0.44
C UNK IA 60 -77.91 -0.19 -1.40
N UNK IA 61 -76.62 -0.43 -1.29
CA UNK IA 61 -75.63 0.23 -2.13
C UNK IA 61 -74.38 -0.63 -2.19
N UNK IA 62 -73.31 -0.10 -2.76
CA UNK IA 62 -72.06 -0.83 -2.88
C UNK IA 62 -71.32 -0.83 -1.54
N UNK IA 63 -70.54 -1.89 -1.33
CA UNK IA 63 -69.76 -2.03 -0.09
C UNK IA 63 -68.47 -2.75 -0.45
N UNK IA 64 -67.40 -1.98 -0.67
CA UNK IA 64 -66.10 -2.54 -1.01
C UNK IA 64 -65.51 -3.33 0.15
N UNK IA 65 -68.32 -4.99 -6.01
CA UNK IA 65 -68.40 -6.43 -6.28
C UNK IA 65 -69.75 -6.98 -5.84
N UNK IA 66 -70.42 -6.28 -4.94
CA UNK IA 66 -71.72 -6.68 -4.43
C UNK IA 66 -72.26 -5.56 -3.55
N UNK IA 67 -73.48 -5.75 -3.05
CA UNK IA 67 -74.11 -4.75 -2.19
C UNK IA 67 -75.14 -5.47 -1.32
N UNK IA 68 -74.90 -5.49 -0.02
CA UNK IA 68 -75.81 -6.14 0.92
C UNK IA 68 -77.19 -5.51 0.87
N UNK IA 69 -78.19 -6.27 0.42
CA UNK IA 69 -79.57 -5.81 0.32
C UNK IA 69 -80.44 -6.75 1.14
N UNK IA 70 -80.59 -6.44 2.43
CA UNK IA 70 -81.40 -7.26 3.32
C UNK IA 70 -82.02 -6.37 4.39
N UNK IA 71 -83.09 -6.86 4.99
CA UNK IA 71 -83.80 -6.12 6.03
C UNK IA 71 -84.93 -6.96 6.62
N UNK IA 72 -84.01 -9.92 10.75
CA UNK IA 72 -82.96 -9.45 11.65
C UNK IA 72 -81.65 -9.28 10.90
N UNK IA 73 -81.31 -10.25 10.06
CA UNK IA 73 -80.09 -10.22 9.27
C UNK IA 73 -80.40 -9.83 7.83
N UNK IA 74 -79.53 -9.03 7.24
CA UNK IA 74 -79.68 -8.55 5.87
C UNK IA 74 -78.66 -9.29 5.00
N UNK IA 75 -79.16 -10.17 4.14
CA UNK IA 75 -78.28 -10.94 3.26
C UNK IA 75 -77.89 -10.10 2.05
N UNK IA 76 -76.62 -10.17 1.68
CA UNK IA 76 -76.13 -9.42 0.53
C UNK IA 76 -76.78 -9.91 -0.75
N UNK IA 77 -76.73 -9.07 -1.78
CA UNK IA 77 -77.30 -9.38 -3.08
C UNK IA 77 -76.26 -9.16 -4.17
N UNK IA 78 -76.30 -9.99 -5.20
CA UNK IA 78 -75.35 -9.88 -6.30
C UNK IA 78 -76.01 -10.49 -7.53
N UNK IA 79 -76.38 -9.65 -8.50
CA UNK IA 79 -77.04 -10.11 -9.73
C UNK IA 79 -78.25 -10.97 -9.42
N UNK IA 80 -78.99 -10.59 -8.38
CA UNK IA 80 -80.20 -11.27 -7.92
C UNK IA 80 -79.94 -12.66 -7.34
N UNK IA 81 -78.68 -13.09 -7.25
CA UNK IA 81 -78.34 -14.41 -6.72
C UNK IA 81 -77.84 -14.21 -5.28
N UNK IA 82 -78.75 -14.30 -4.33
CA UNK IA 82 -78.42 -14.15 -2.92
C UNK IA 82 -77.71 -15.41 -2.44
N UNK IA 83 -76.39 -15.39 -2.46
CA UNK IA 83 -75.61 -16.55 -2.04
C UNK IA 83 -75.87 -16.88 -0.58
N UNK IA 84 -75.55 -15.96 0.32
CA UNK IA 84 -75.75 -16.15 1.75
C UNK IA 84 -76.28 -14.86 2.36
N UNK IA 85 -76.68 -14.96 3.63
CA UNK IA 85 -77.22 -13.83 4.39
C UNK IA 85 -76.43 -13.72 5.69
N UNK IA 86 -75.33 -12.96 5.65
CA UNK IA 86 -74.50 -12.79 6.82
C UNK IA 86 -75.27 -12.05 7.92
N UNK IA 87 -74.69 -12.04 9.12
CA UNK IA 87 -75.30 -11.38 10.27
C UNK IA 87 -74.29 -11.33 11.39
N UNK IA 88 -74.30 -10.23 12.15
CA UNK IA 88 -73.38 -10.05 13.25
C UNK IA 88 -73.70 -11.03 14.38
N UNK IA 89 -72.86 -11.03 15.41
CA UNK IA 89 -73.07 -11.91 16.54
C UNK IA 89 -74.44 -11.70 17.17
N UNK IA 90 -74.85 -10.44 17.32
CA UNK IA 90 -76.15 -10.14 17.89
C UNK IA 90 -77.27 -10.65 16.99
N UNK IA 91 -78.49 -10.60 17.50
CA UNK IA 91 -79.67 -11.06 16.77
C UNK IA 91 -80.89 -10.37 17.35
N UNK IA 92 -82.08 -10.83 16.96
CA UNK IA 92 -83.32 -10.26 17.45
C UNK IA 92 -84.42 -11.31 17.50
N UNK IA 93 -86.53 -5.58 15.54
CA UNK IA 93 -86.73 -6.84 14.83
C UNK IA 93 -86.67 -6.63 13.33
N UNK IA 94 -87.58 -5.80 12.81
CA UNK IA 94 -87.67 -5.49 11.38
C UNK IA 94 -87.71 -3.97 11.24
N UNK IA 95 -86.53 -3.35 11.14
CA UNK IA 95 -86.44 -1.92 11.01
C UNK IA 95 -86.73 -1.49 9.57
N UNK IA 96 -87.04 -0.21 9.42
CA UNK IA 96 -87.36 0.37 8.12
C UNK IA 96 -86.35 1.42 7.67
N UNK IA 97 -86.04 2.39 8.52
CA UNK IA 97 -85.08 3.43 8.16
C UNK IA 97 -83.72 2.81 7.86
N UNK IA 98 -83.15 3.19 6.71
CA UNK IA 98 -81.85 2.68 6.29
C UNK IA 98 -81.01 3.85 5.79
N UNK IA 99 -79.80 3.55 5.34
CA UNK IA 99 -78.89 4.55 4.81
C UNK IA 99 -77.65 3.83 4.28
N UNK IA 100 -76.79 4.59 3.62
CA UNK IA 100 -75.56 4.04 3.05
C UNK IA 100 -74.54 5.17 2.98
N UNK IA 101 -73.59 5.16 3.92
CA UNK IA 101 -72.55 6.18 3.97
C UNK IA 101 -72.42 6.75 5.38
N UNK IA 102 -64.93 2.35 3.08
CA UNK IA 102 -65.62 2.06 1.82
C UNK IA 102 -66.99 2.72 1.76
N UNK IA 103 -68.02 1.97 2.12
CA UNK IA 103 -69.39 2.48 2.11
C UNK IA 103 -70.18 1.69 3.16
N UNK IA 104 -70.41 2.29 4.31
CA UNK IA 104 -71.15 1.67 5.40
C UNK IA 104 -72.43 2.47 5.66
N UNK IA 105 -73.53 1.75 5.87
CA UNK IA 105 -74.82 2.36 6.13
C UNK IA 105 -75.42 1.78 7.40
N UNK IA 106 -76.22 2.58 8.09
CA UNK IA 106 -76.87 2.18 9.32
C UNK IA 106 -78.38 2.09 9.10
N UNK IA 107 -79.01 1.11 9.74
CA UNK IA 107 -80.44 0.88 9.63
C UNK IA 107 -81.05 0.98 11.03
N UNK IA 108 -82.05 1.85 11.18
CA UNK IA 108 -82.71 2.03 12.47
C UNK IA 108 -83.63 0.85 12.74
N UNK IA 109 -83.49 0.25 13.92
CA UNK IA 109 -84.31 -0.89 14.32
C UNK IA 109 -85.69 -0.43 14.80
N UNK IA 110 -86.43 0.16 13.87
CA UNK IA 110 -87.77 0.65 14.15
C UNK IA 110 -88.82 -0.43 13.92
N UNK IA 111 -86.07 -1.37 21.76
CA UNK IA 111 -85.58 -1.12 20.41
C UNK IA 111 -84.16 -0.58 20.43
N UNK IA 112 -83.53 -0.52 19.26
CA UNK IA 112 -82.16 -0.04 19.13
C UNK IA 112 -81.82 0.01 17.64
N UNK IA 113 -80.68 0.60 17.33
CA UNK IA 113 -80.20 0.74 15.97
C UNK IA 113 -78.82 0.10 15.84
N UNK IA 114 -78.55 -0.47 14.68
CA UNK IA 114 -77.28 -1.12 14.38
C UNK IA 114 -76.51 -0.32 13.35
N UNK IA 115 -75.18 -0.41 13.42
CA UNK IA 115 -74.29 0.29 12.50
C UNK IA 115 -73.67 -0.74 11.57
N UNK IA 116 -74.01 -0.67 10.29
CA UNK IA 116 -73.49 -1.61 9.29
C UNK IA 116 -72.25 -0.99 8.67
N UNK IA 117 -71.10 -1.17 9.32
CA UNK IA 117 -69.85 -0.63 8.82
C UNK IA 117 -69.51 -1.27 7.48
N UNK IA 118 -69.05 -0.44 6.54
CA UNK IA 118 -68.67 -0.87 5.19
C UNK IA 118 -67.33 -0.28 4.81
N UNK IA 119 -66.37 -0.32 5.73
CA UNK IA 119 -65.04 0.22 5.48
C UNK IA 119 -64.20 -0.77 4.67
N UNK IA 120 -69.20 -6.50 6.00
CA UNK IA 120 -70.08 -5.46 6.52
C UNK IA 120 -71.02 -6.01 7.58
N UNK IA 121 -70.51 -6.12 8.81
CA UNK IA 121 -71.26 -6.63 9.95
C UNK IA 121 -71.35 -5.56 11.02
N UNK IA 122 -72.50 -5.49 11.69
CA UNK IA 122 -72.70 -4.50 12.73
C UNK IA 122 -71.79 -4.79 13.92
N UNK IA 123 -71.82 -3.89 14.90
CA UNK IA 123 -71.01 -4.00 16.10
C UNK IA 123 -71.83 -4.23 17.36
N UNK IA 124 -72.83 -3.37 17.62
CA UNK IA 124 -73.68 -3.50 18.79
C UNK IA 124 -74.83 -2.52 18.64
N UNK IA 125 -75.68 -2.47 19.66
CA UNK IA 125 -76.84 -1.58 19.68
C UNK IA 125 -77.02 -1.05 21.10
N UNK IA 126 -78.15 -0.40 21.34
CA UNK IA 126 -78.46 0.15 22.65
C UNK IA 126 -79.88 0.72 22.59
N UNK IA 127 -80.41 1.06 23.76
CA UNK IA 127 -81.76 1.61 23.85
C UNK IA 127 -81.81 2.99 23.21
N UNK IA 128 -83.02 3.38 22.81
CA UNK IA 128 -83.22 4.68 22.17
C UNK IA 128 -84.32 5.45 22.88
N UNK IA 129 -84.70 6.60 22.32
CA UNK IA 129 -85.74 7.42 22.94
C UNK IA 129 -87.14 6.86 22.65
N UNK IA 130 -87.47 6.69 21.37
CA UNK IA 130 -88.76 6.17 20.97
C UNK IA 130 -88.62 5.57 19.57
N UNK IA 131 -89.75 5.26 18.95
CA UNK IA 131 -89.76 4.68 17.62
C UNK IA 131 -89.61 5.76 16.56
N UNK IA 132 -89.50 5.35 15.30
CA UNK IA 132 -89.35 6.27 14.19
C UNK IA 132 -90.16 5.75 13.01
N UNK IA 133 -90.33 6.62 12.00
CA UNK IA 133 -91.09 6.30 10.80
C UNK IA 133 -90.21 6.18 9.57
N UNK IA 134 -89.40 7.20 9.28
CA UNK IA 134 -88.52 7.19 8.12
C UNK IA 134 -87.66 8.46 8.16
N UNK IA 135 -86.71 8.52 7.25
CA UNK IA 135 -85.79 9.66 7.14
C UNK IA 135 -85.08 9.56 5.80
N UNK IA 136 -84.24 10.56 5.53
CA UNK IA 136 -83.48 10.60 4.28
C UNK IA 136 -82.29 11.52 4.49
N UNK IA 137 -81.07 10.97 4.37
CA UNK IA 137 -79.87 11.76 4.55
C UNK IA 137 -78.74 11.07 3.78
N UNK IA 138 -78.22 11.75 2.76
CA UNK IA 138 -77.15 11.20 1.95
C UNK IA 138 -76.30 12.35 1.42
N UNK IA 139 -74.99 12.22 1.55
CA UNK IA 139 -74.03 13.22 1.09
C UNK IA 139 -73.05 12.59 0.11
N UNK IA 140 -72.05 13.37 -0.30
CA UNK IA 140 -71.02 12.92 -1.23
C UNK IA 140 -70.07 12.02 -0.48
N UNK IA 141 -70.37 10.72 -0.46
CA UNK IA 141 -69.53 9.75 0.24
C UNK IA 141 -68.12 9.68 -0.33
N UNK IA 142 -67.89 10.20 -1.53
CA UNK IA 142 -66.56 10.17 -2.13
C UNK IA 142 -65.64 11.27 -1.61
N UNK IA 143 -66.16 12.19 -0.79
CA UNK IA 143 -65.36 13.27 -0.24
C UNK IA 143 -65.28 13.23 1.28
N UNK IA 144 -66.41 13.03 1.96
CA UNK IA 144 -66.43 12.97 3.42
C UNK IA 144 -67.72 12.27 3.85
N UNK IA 145 -67.91 12.18 5.16
CA UNK IA 145 -69.09 11.53 5.73
C UNK IA 145 -70.27 12.49 5.62
N UNK IA 146 -70.85 12.53 4.41
CA UNK IA 146 -72.00 13.38 4.13
C UNK IA 146 -73.27 12.66 4.60
N UNK IA 147 -73.64 12.89 5.85
CA UNK IA 147 -74.81 12.27 6.45
C UNK IA 147 -75.68 13.35 7.08
N UNK IA 148 -76.96 13.03 7.22
CA UNK IA 148 -77.92 13.95 7.82
C UNK IA 148 -79.14 13.15 8.26
N UNK IA 149 -79.67 13.50 9.43
CA UNK IA 149 -80.83 12.82 9.99
C UNK IA 149 -82.10 13.57 9.63
N UNK IA 150 -83.22 12.86 9.69
CA UNK IA 150 -84.53 13.43 9.38
C UNK IA 150 -85.60 12.53 9.98
N UNK IA 151 -86.44 13.10 10.83
CA UNK IA 151 -87.51 12.37 11.48
C UNK IA 151 -88.85 13.01 11.18
N UNK IA 152 -89.92 12.26 11.41
CA UNK IA 152 -91.27 12.76 11.17
C UNK IA 152 -91.67 13.88 12.12
N UNK IA 153 -90.92 14.10 13.19
CA UNK IA 153 -91.22 15.15 14.16
C UNK IA 153 -90.12 16.20 14.22
N UNK IA 154 -89.35 16.35 13.14
CA UNK IA 154 -88.26 17.31 13.03
C UNK IA 154 -87.10 17.01 13.96
N UNK IA 155 -87.05 15.83 14.56
CA UNK IA 155 -85.98 15.45 15.48
C UNK IA 155 -84.96 14.63 14.69
N UNK IA 156 -83.97 15.31 14.11
CA UNK IA 156 -82.92 14.68 13.33
C UNK IA 156 -81.61 14.74 14.09
N UNK IA 157 -80.62 14.00 13.57
CA UNK IA 157 -79.31 13.95 14.19
C UNK IA 157 -78.27 13.66 13.10
N UNK IA 158 -77.00 13.90 13.44
CA UNK IA 158 -75.89 13.68 12.54
C UNK IA 158 -75.01 12.58 13.09
N UNK IA 159 -74.44 11.77 12.19
CA UNK IA 159 -73.57 10.67 12.59
C UNK IA 159 -72.58 10.43 11.46
N UNK IA 160 -71.31 10.71 11.72
CA UNK IA 160 -70.24 10.53 10.75
C UNK IA 160 -69.27 9.48 11.27
N UNK IA 161 -68.87 8.54 10.40
CA UNK IA 161 -67.96 7.47 10.76
C UNK IA 161 -68.53 6.56 11.84
N UNK IA 162 -69.85 6.41 11.85
CA UNK IA 162 -70.59 5.59 12.80
C UNK IA 162 -70.76 6.24 14.17
N UNK IA 163 -70.22 7.44 14.38
CA UNK IA 163 -70.33 8.13 15.66
C UNK IA 163 -71.77 8.61 15.83
N UNK IA 164 -72.54 7.93 16.67
CA UNK IA 164 -73.93 8.28 16.93
C UNK IA 164 -73.97 9.48 17.86
N UNK IA 165 -73.70 10.65 17.30
CA UNK IA 165 -73.68 11.88 18.07
C UNK IA 165 -75.09 12.24 18.53
N UNK IA 166 -75.20 13.31 19.31
CA UNK IA 166 -76.47 13.78 19.83
C UNK IA 166 -76.93 15.11 19.22
N UNK IA 167 -75.99 16.01 18.94
CA UNK IA 167 -76.34 17.31 18.36
C UNK IA 167 -76.89 17.10 16.95
N UNK IA 168 -78.19 17.31 16.78
CA UNK IA 168 -78.83 17.15 15.48
C UNK IA 168 -79.61 18.40 15.10
N UNK IA 169 -80.36 18.33 14.00
CA UNK IA 169 -81.15 19.45 13.52
C UNK IA 169 -82.54 19.37 14.13
N UNK IA 170 -82.95 20.43 14.82
CA UNK IA 170 -84.26 20.48 15.45
C UNK IA 170 -85.29 20.95 14.43
N UNK IA 171 -86.34 20.15 14.23
CA UNK IA 171 -87.39 20.49 13.28
C UNK IA 171 -88.25 21.62 13.85
N UNK IA 172 -88.10 22.81 13.29
CA UNK IA 172 -88.86 23.98 13.73
C UNK IA 172 -90.09 24.24 12.87
N UNK IA 173 -90.37 23.39 11.90
CA UNK IA 173 -91.53 23.56 11.02
C UNK IA 173 -91.94 22.18 10.51
N UNK IA 174 -92.86 22.17 9.55
CA UNK IA 174 -93.36 20.94 8.95
C UNK IA 174 -92.59 20.66 7.67
N UNK IA 175 -92.03 19.46 7.55
CA UNK IA 175 -91.25 19.05 6.40
C UNK IA 175 -91.96 17.91 5.69
N UNK IA 176 -91.81 17.86 4.36
CA UNK IA 176 -92.41 16.81 3.56
C UNK IA 176 -91.35 16.12 2.71
N UNK IA 177 -90.29 16.84 2.36
CA UNK IA 177 -89.19 16.30 1.57
C UNK IA 177 -87.92 17.06 1.92
N UNK IA 178 -86.86 16.83 1.15
CA UNK IA 178 -85.59 17.50 1.37
C UNK IA 178 -84.72 17.33 0.14
N UNK IA 179 -83.74 18.23 0.01
CA UNK IA 179 -82.79 18.22 -1.10
C UNK IA 179 -81.39 18.32 -0.50
N UNK IA 180 -80.78 17.17 -0.23
CA UNK IA 180 -79.44 17.11 0.36
C UNK IA 180 -78.42 17.49 -0.70
N UNK IA 181 -78.01 18.75 -0.71
CA UNK IA 181 -77.03 19.24 -1.67
C UNK IA 181 -75.62 18.88 -1.20
N UNK IA 182 -74.61 19.37 -1.89
CA UNK IA 182 -73.23 19.09 -1.52
C UNK IA 182 -72.77 20.01 -0.39
N UNK IA 183 -72.79 21.32 -0.63
CA UNK IA 183 -72.37 22.29 0.38
C UNK IA 183 -73.46 22.63 1.38
N UNK IA 184 -74.71 22.26 1.11
CA UNK IA 184 -75.82 22.56 2.01
C UNK IA 184 -76.85 21.45 1.89
N UNK IA 185 -78.05 21.71 2.43
CA UNK IA 185 -79.13 20.73 2.38
C UNK IA 185 -80.44 21.50 2.26
N UNK IA 186 -81.07 21.40 1.09
CA UNK IA 186 -82.32 22.12 0.83
C UNK IA 186 -83.51 21.23 1.22
N UNK IA 187 -83.63 21.00 2.53
CA UNK IA 187 -84.71 20.19 3.09
C UNK IA 187 -86.00 21.01 3.11
N UNK IA 188 -86.56 21.20 1.91
CA UNK IA 188 -87.79 21.97 1.77
C UNK IA 188 -88.92 21.31 2.54
N UNK IA 189 -89.54 22.06 3.44
CA UNK IA 189 -90.65 21.54 4.22
C UNK IA 189 -91.87 21.32 3.33
N UNK IA 190 -92.88 20.65 3.90
CA UNK IA 190 -94.11 20.37 3.15
C UNK IA 190 -94.74 21.66 2.64
N UNK IA 191 -94.80 22.69 3.47
CA UNK IA 191 -95.39 23.97 3.09
C UNK IA 191 -94.33 24.94 2.54
N UNK IA 192 -93.58 24.48 1.55
CA UNK IA 192 -92.53 25.29 0.93
C UNK IA 192 -91.53 25.82 1.95
N UNK IA 193 -91.33 25.08 3.03
CA UNK IA 193 -90.40 25.48 4.09
C UNK IA 193 -88.99 25.09 3.66
N UNK IA 194 -88.34 26.00 2.93
CA UNK IA 194 -86.97 25.78 2.45
C UNK IA 194 -85.96 26.09 3.55
N UNK IA 195 -86.06 25.34 4.65
CA UNK IA 195 -85.17 25.53 5.78
C UNK IA 195 -83.76 25.11 5.38
N UNK IA 196 -82.87 26.09 5.25
CA UNK IA 196 -81.49 25.80 4.90
C UNK IA 196 -80.83 24.92 5.96
N UNK IA 197 -79.86 24.13 5.53
CA UNK IA 197 -79.13 23.23 6.41
C UNK IA 197 -77.68 23.18 5.94
N UNK IA 198 -76.81 23.95 6.60
CA UNK IA 198 -75.41 24.01 6.26
C UNK IA 198 -74.61 23.07 7.17
N UNK IA 199 -73.29 23.10 7.01
CA UNK IA 199 -72.43 22.24 7.82
C UNK IA 199 -72.51 22.61 9.30
N UNK IA 200 -72.85 23.86 9.61
CA UNK IA 200 -72.95 24.32 10.98
C UNK IA 200 -74.32 24.07 11.60
N UNK IA 201 -75.27 23.53 10.83
CA UNK IA 201 -76.63 23.24 11.28
C UNK IA 201 -77.49 24.47 11.52
N UNK IA 202 -76.96 25.67 11.30
CA UNK IA 202 -77.72 26.89 11.51
C UNK IA 202 -78.81 27.02 10.44
N UNK IA 203 -79.61 28.08 10.59
CA UNK IA 203 -80.70 28.36 9.65
C UNK IA 203 -80.81 29.87 9.51
N UNK IA 204 -80.24 30.41 8.43
CA UNK IA 204 -80.25 31.84 8.17
C UNK IA 204 -81.16 32.23 7.01
N UNK IA 205 -81.09 31.51 5.90
CA UNK IA 205 -81.92 31.82 4.74
C UNK IA 205 -83.36 31.38 5.00
N UNK IA 206 -84.23 31.68 4.03
CA UNK IA 206 -85.64 31.32 4.12
C UNK IA 206 -86.07 30.79 2.75
N UNK IA 207 -86.07 29.47 2.60
CA UNK IA 207 -86.46 28.85 1.35
C UNK IA 207 -87.97 28.75 1.27
N UNK IA 208 -88.54 29.20 0.14
CA UNK IA 208 -89.98 29.17 -0.09
C UNK IA 208 -90.21 28.56 -1.47
N UNK IA 209 -90.62 27.30 -1.50
CA UNK IA 209 -90.88 26.61 -2.76
C UNK IA 209 -92.18 27.12 -3.38
N UNK IA 210 -92.48 26.61 -4.57
CA UNK IA 210 -93.69 27.01 -5.28
C UNK IA 210 -94.92 26.39 -4.65
N UNK IA 211 -93.56 13.63 -4.75
CA UNK IA 211 -93.72 13.15 -6.12
C UNK IA 211 -92.48 12.36 -6.57
N UNK IA 212 -91.33 13.04 -6.60
CA UNK IA 212 -90.09 12.40 -7.01
C UNK IA 212 -88.94 13.23 -6.45
N UNK IA 213 -88.13 12.62 -5.58
CA UNK IA 213 -86.99 13.28 -4.96
C UNK IA 213 -85.73 12.67 -5.57
N UNK IA 214 -85.28 13.25 -6.67
CA UNK IA 214 -84.07 12.78 -7.36
C UNK IA 214 -82.83 13.37 -6.70
N UNK IA 215 -82.62 12.97 -5.45
CA UNK IA 215 -81.49 13.44 -4.65
C UNK IA 215 -80.21 12.68 -5.05
N UNK IA 216 -79.81 12.87 -6.30
CA UNK IA 216 -78.62 12.23 -6.83
C UNK IA 216 -77.99 13.12 -7.90
N UNK IA 217 -76.78 12.77 -8.30
CA UNK IA 217 -76.08 13.55 -9.31
C UNK IA 217 -76.86 13.52 -10.62
N UNK IA 218 -76.68 14.57 -11.43
CA UNK IA 218 -77.34 14.70 -12.71
C UNK IA 218 -76.37 14.72 -13.87
N UNK IA 219 -75.30 15.51 -13.79
CA UNK IA 219 -74.31 15.60 -14.86
C UNK IA 219 -72.90 15.71 -14.29
N UNK IA 220 -73.45 25.52 -10.29
CA UNK IA 220 -73.91 24.61 -9.25
C UNK IA 220 -74.27 23.24 -9.83
N UNK IA 221 -73.26 22.45 -10.12
CA UNK IA 221 -73.47 21.12 -10.67
C UNK IA 221 -74.02 20.18 -9.60
N UNK IA 222 -74.24 18.92 -9.99
CA UNK IA 222 -74.75 17.89 -9.08
C UNK IA 222 -76.12 18.24 -8.50
N UNK IA 223 -76.88 19.07 -9.21
CA UNK IA 223 -78.20 19.45 -8.71
C UNK IA 223 -79.11 18.24 -8.64
N UNK IA 224 -79.89 18.16 -7.55
CA UNK IA 224 -80.81 17.05 -7.34
C UNK IA 224 -82.18 17.38 -7.94
N UNK IA 225 -83.17 16.56 -7.65
CA UNK IA 225 -84.53 16.75 -8.16
C UNK IA 225 -85.50 16.60 -6.99
N UNK IA 226 -86.30 17.62 -6.75
CA UNK IA 226 -87.29 17.63 -5.68
C UNK IA 226 -88.68 17.59 -6.31
N UNK IA 227 -89.52 16.67 -5.82
CA UNK IA 227 -90.87 16.48 -6.33
C UNK IA 227 -91.87 17.04 -5.32
N UNK IA 228 -93.07 17.33 -5.83
CA UNK IA 228 -94.16 17.85 -5.01
C UNK IA 228 -95.47 17.22 -5.50
N UNK IA 229 -96.59 17.79 -5.06
CA UNK IA 229 -97.89 17.29 -5.49
C UNK IA 229 -98.07 17.36 -7.00
N UNK IA 230 -97.27 18.17 -7.69
CA UNK IA 230 -97.33 18.26 -9.14
C UNK IA 230 -96.31 17.37 -9.84
N UNK IA 231 -95.29 16.90 -9.12
CA UNK IA 231 -94.26 16.03 -9.70
C UNK IA 231 -93.56 16.69 -10.89
N UNK IA 232 -92.90 17.81 -10.61
CA UNK IA 232 -92.17 18.56 -11.64
C UNK IA 232 -90.98 19.23 -10.97
N UNK IA 233 -89.79 18.69 -11.20
CA UNK IA 233 -88.56 19.22 -10.64
C UNK IA 233 -87.82 20.04 -11.69
N UNK IA 234 -86.72 20.66 -11.26
CA UNK IA 234 -85.90 21.48 -12.14
C UNK IA 234 -84.48 21.51 -11.61
N UNK IA 235 -83.56 21.92 -12.48
CA UNK IA 235 -82.15 21.97 -12.11
C UNK IA 235 -81.86 23.24 -11.31
N UNK IA 236 -81.15 23.08 -10.19
CA UNK IA 236 -80.79 24.20 -9.33
C UNK IA 236 -80.01 23.70 -8.13
N UNK IA 237 -79.25 24.58 -7.48
CA UNK IA 237 -78.54 24.25 -6.25
C UNK IA 237 -79.07 25.16 -5.14
N UNK IA 238 -80.19 24.76 -4.55
CA UNK IA 238 -80.82 25.48 -3.45
C UNK IA 238 -81.44 26.79 -3.91
N UNK IA 239 -81.20 27.18 -5.16
CA UNK IA 239 -81.76 28.41 -5.68
C UNK IA 239 -82.26 28.33 -7.11
N UNK IA 240 -81.93 27.29 -7.87
CA UNK IA 240 -82.22 27.24 -9.30
C UNK IA 240 -83.57 26.54 -9.51
N UNK IA 241 -84.61 27.33 -9.78
CA UNK IA 241 -85.90 26.79 -10.18
C UNK IA 241 -85.92 26.66 -11.70
N UNK IA 242 -86.21 25.45 -12.19
CA UNK IA 242 -86.14 25.16 -13.62
C UNK IA 242 -87.52 24.94 -14.23
N UNK IA 243 -88.31 24.01 -13.68
CA UNK IA 243 -89.62 23.72 -14.26
C UNK IA 243 -90.39 22.72 -13.40
N UNK IA 244 -91.62 22.41 -13.82
CA UNK IA 244 -92.46 21.44 -13.13
C UNK IA 244 -93.23 20.67 -14.21
N UNK IA 245 -92.78 19.46 -14.50
CA UNK IA 245 -93.39 18.65 -15.55
C UNK IA 245 -94.82 18.28 -15.16
N UNK IA 246 -95.52 17.62 -16.09
CA UNK IA 246 -96.90 17.21 -15.89
C UNK IA 246 -96.90 15.71 -15.59
N UNK IA 247 -97.08 15.37 -14.31
CA UNK IA 247 -97.10 13.99 -13.88
C UNK IA 247 -97.85 13.91 -12.56
N UNK IA 248 -98.85 13.03 -12.50
CA UNK IA 248 -99.68 12.84 -11.32
C UNK IA 248 -99.81 11.36 -10.98
N UNK IA 249 -98.68 10.66 -10.99
CA UNK IA 249 -98.64 9.24 -10.69
C UNK IA 249 -97.75 8.99 -9.48
N UNK IA 250 -97.74 7.74 -9.02
CA UNK IA 250 -96.94 7.38 -7.87
C UNK IA 250 -95.46 7.36 -8.22
N UNK IA 251 -94.62 7.43 -7.19
CA UNK IA 251 -93.17 7.41 -7.32
C UNK IA 251 -92.65 6.21 -6.53
N UNK IA 252 -92.12 5.21 -7.23
CA UNK IA 252 -91.62 4.02 -6.56
C UNK IA 252 -90.27 4.26 -5.91
N UNK IA 253 -89.27 4.64 -6.71
CA UNK IA 253 -87.92 4.89 -6.21
C UNK IA 253 -87.15 5.62 -7.31
N UNK IA 254 -85.86 5.81 -7.09
CA UNK IA 254 -84.99 6.48 -8.05
C UNK IA 254 -83.63 5.78 -8.04
N UNK IA 255 -82.65 6.40 -8.69
CA UNK IA 255 -81.30 5.85 -8.75
C UNK IA 255 -80.32 7.00 -8.97
N UNK IA 256 -79.39 7.17 -8.03
CA UNK IA 256 -78.38 8.24 -8.11
C UNK IA 256 -77.21 7.80 -8.99
N UNK IA 257 -77.52 7.52 -10.25
CA UNK IA 257 -76.52 7.09 -11.21
C UNK IA 257 -76.64 7.86 -12.51
N UNK IA 258 -76.91 12.30 -16.42
CA UNK IA 258 -77.40 12.89 -17.67
C UNK IA 258 -78.70 12.24 -18.10
N UNK IA 259 -79.56 11.95 -17.12
CA UNK IA 259 -80.86 11.33 -17.39
C UNK IA 259 -81.63 11.31 -16.08
N UNK IA 260 -82.87 10.82 -16.15
CA UNK IA 260 -83.76 10.73 -14.99
C UNK IA 260 -83.83 9.26 -14.57
N UNK IA 261 -83.04 8.91 -13.56
CA UNK IA 261 -82.99 7.55 -13.06
C UNK IA 261 -83.94 7.40 -11.87
N UNK IA 262 -85.24 7.47 -12.17
CA UNK IA 262 -86.28 7.36 -11.16
C UNK IA 262 -87.52 6.80 -11.85
N UNK IA 263 -87.81 5.53 -11.62
CA UNK IA 263 -88.98 4.90 -12.23
C UNK IA 263 -90.26 5.42 -11.60
N UNK IA 264 -91.34 5.39 -12.38
CA UNK IA 264 -92.63 5.85 -11.90
C UNK IA 264 -93.29 4.78 -11.03
N UNK IA 265 -93.88 5.22 -9.93
CA UNK IA 265 -94.55 4.30 -9.02
C UNK IA 265 -95.82 3.71 -9.60
N UNK IA 266 -96.27 4.17 -10.76
CA UNK IA 266 -97.46 3.65 -11.42
C UNK IA 266 -97.17 2.46 -12.32
N UNK IA 267 -96.04 1.79 -12.11
CA UNK IA 267 -95.57 0.64 -12.89
C UNK IA 267 -94.98 1.02 -14.23
N UNK IA 268 -94.95 2.30 -14.59
CA UNK IA 268 -94.39 2.74 -15.86
C UNK IA 268 -92.91 3.04 -15.70
N UNK IA 269 -92.12 2.63 -16.69
CA UNK IA 269 -90.67 2.86 -16.68
C UNK IA 269 -90.37 4.14 -17.44
N UNK IA 270 -90.54 5.26 -16.75
CA UNK IA 270 -90.31 6.58 -17.31
C UNK IA 270 -89.25 7.31 -16.50
N UNK IA 271 -88.51 8.17 -17.18
CA UNK IA 271 -87.44 8.96 -16.55
C UNK IA 271 -87.46 10.36 -17.15
N UNK IA 272 -86.41 11.13 -16.87
CA UNK IA 272 -86.28 12.50 -17.35
C UNK IA 272 -85.01 12.62 -18.17
N UNK IA 273 -84.72 13.84 -18.60
CA UNK IA 273 -83.54 14.15 -19.42
C UNK IA 273 -82.57 14.97 -18.57
N UNK IA 274 -81.37 14.45 -18.36
CA UNK IA 274 -80.37 15.16 -17.57
C UNK IA 274 -80.01 16.48 -18.25
N UNK IA 275 -80.07 17.56 -17.48
CA UNK IA 275 -79.75 18.89 -18.00
C UNK IA 275 -78.24 19.11 -17.99
N UNK IA 276 -77.83 20.34 -18.26
CA UNK IA 276 -76.41 20.67 -18.29
C UNK IA 276 -75.92 21.13 -16.91
N UNK JA 1 -24.88 -94.36 -13.83
CA UNK JA 1 -24.27 -95.32 -12.92
C UNK JA 1 -25.32 -96.06 -12.10
N UNK JA 2 -26.53 -96.15 -12.65
CA UNK JA 2 -27.62 -96.83 -11.96
C UNK JA 2 -27.44 -98.33 -11.89
N UNK JA 3 -26.49 -98.89 -12.64
CA UNK JA 3 -26.29 -100.34 -12.62
C UNK JA 3 -25.88 -100.81 -11.23
N UNK JA 4 -25.00 -100.06 -10.56
CA UNK JA 4 -24.59 -100.43 -9.21
C UNK JA 4 -25.78 -100.50 -8.26
N UNK JA 5 -26.60 -99.45 -8.25
CA UNK JA 5 -27.78 -99.44 -7.38
C UNK JA 5 -28.78 -100.51 -7.78
N UNK JA 6 -28.80 -100.90 -9.06
CA UNK JA 6 -29.73 -101.93 -9.53
C UNK JA 6 -29.38 -103.32 -9.04
N UNK JA 7 -28.30 -103.48 -8.27
CA UNK JA 7 -27.89 -104.78 -7.75
C UNK JA 7 -28.00 -104.87 -6.24
N UNK JA 8 -27.46 -103.88 -5.51
CA UNK JA 8 -27.55 -103.90 -4.05
C UNK JA 8 -28.99 -103.80 -3.60
N UNK JA 9 -29.71 -102.78 -4.07
CA UNK JA 9 -31.12 -102.59 -3.71
C UNK JA 9 -32.04 -103.62 -4.36
N UNK JA 10 -31.51 -104.53 -5.18
CA UNK JA 10 -32.31 -105.55 -5.84
C UNK JA 10 -32.15 -106.93 -5.19
N UNK JA 11 -30.91 -107.35 -4.91
CA UNK JA 11 -30.70 -108.63 -4.27
C UNK JA 11 -31.30 -108.71 -2.88
N UNK JA 12 -31.57 -107.58 -2.24
CA UNK JA 12 -32.19 -107.53 -0.93
C UNK JA 12 -33.71 -107.53 -0.98
N UNK JA 13 -34.30 -107.82 -2.13
CA UNK JA 13 -35.75 -107.83 -2.26
C UNK JA 13 -36.36 -108.81 -1.26
N UNK JA 14 -37.38 -108.34 -0.55
CA UNK JA 14 -38.09 -109.11 0.47
C UNK JA 14 -37.34 -109.21 1.79
N UNK JA 15 -36.29 -108.41 1.99
CA UNK JA 15 -35.50 -108.46 3.23
C UNK JA 15 -35.03 -107.04 3.53
N UNK JA 16 -35.78 -106.36 4.42
CA UNK JA 16 -35.45 -105.01 4.86
C UNK JA 16 -34.84 -105.00 6.26
N UNK JA 17 -33.99 -105.98 6.57
CA UNK JA 17 -33.46 -106.11 7.92
C UNK JA 17 -32.74 -104.84 8.37
N UNK JA 18 -32.08 -104.14 7.45
CA UNK JA 18 -31.32 -102.94 7.78
C UNK JA 18 -31.95 -101.67 7.24
N UNK JA 19 -32.06 -101.54 5.92
CA UNK JA 19 -32.63 -100.35 5.31
C UNK JA 19 -33.92 -100.63 4.55
N UNK JA 20 -33.89 -101.56 3.60
CA UNK JA 20 -35.07 -101.87 2.79
C UNK JA 20 -35.36 -100.74 1.80
N UNK JA 21 -34.56 -99.67 1.84
CA UNK JA 21 -34.75 -98.52 0.96
C UNK JA 21 -33.46 -97.96 0.40
N UNK JA 22 -32.33 -98.64 0.59
CA UNK JA 22 -31.06 -98.13 0.07
C UNK JA 22 -31.09 -98.05 -1.46
N UNK JA 23 -31.58 -99.09 -2.12
CA UNK JA 23 -31.66 -99.08 -3.58
C UNK JA 23 -32.58 -97.96 -4.07
N UNK JA 24 -33.73 -97.79 -3.42
CA UNK JA 24 -34.65 -96.73 -3.81
C UNK JA 24 -34.01 -95.36 -3.64
N UNK JA 25 -33.30 -95.15 -2.53
CA UNK JA 25 -32.64 -93.86 -2.31
C UNK JA 25 -31.54 -93.62 -3.36
N UNK JA 26 -30.78 -94.66 -3.69
CA UNK JA 26 -29.75 -94.51 -4.71
C UNK JA 26 -30.37 -94.18 -6.06
N UNK JA 27 -31.47 -94.84 -6.42
CA UNK JA 27 -32.14 -94.56 -7.69
C UNK JA 27 -32.68 -93.14 -7.72
N UNK JA 28 -33.27 -92.69 -6.60
CA UNK JA 28 -33.79 -91.33 -6.54
C UNK JA 28 -32.67 -90.31 -6.68
N UNK JA 29 -31.54 -90.56 -6.01
CA UNK JA 29 -30.41 -89.64 -6.12
C UNK JA 29 -29.86 -89.60 -7.55
N UNK JA 30 -29.75 -90.77 -8.19
CA UNK JA 30 -29.30 -90.80 -9.58
C UNK JA 30 -30.24 -90.02 -10.48
N UNK JA 31 -31.56 -90.23 -10.31
CA UNK JA 31 -32.53 -89.50 -11.11
C UNK JA 31 -32.39 -87.99 -10.89
N UNK JA 32 -32.31 -87.57 -9.63
CA UNK JA 32 -32.19 -86.14 -9.33
C UNK JA 32 -30.93 -85.55 -9.96
N UNK JA 33 -29.82 -86.28 -9.90
CA UNK JA 33 -28.56 -85.79 -10.44
C UNK JA 33 -28.47 -85.89 -11.96
N UNK JA 34 -29.36 -86.66 -12.59
CA UNK JA 34 -29.35 -86.84 -14.03
C UNK JA 34 -30.64 -86.40 -14.71
N UNK JA 35 -31.66 -85.98 -13.94
CA UNK JA 35 -32.94 -85.55 -14.50
C UNK JA 35 -33.58 -86.65 -15.34
N UNK JA 36 -33.89 -87.77 -14.67
CA UNK JA 36 -34.51 -88.89 -15.35
C UNK JA 36 -35.89 -88.51 -15.87
N UNK JA 37 -36.47 -89.41 -16.67
CA UNK JA 37 -37.79 -89.21 -17.26
C UNK JA 37 -38.90 -89.91 -16.49
N UNK JA 38 -38.76 -91.21 -16.27
CA UNK JA 38 -39.77 -91.99 -15.57
C UNK JA 38 -39.26 -92.67 -14.29
N UNK JA 39 -37.97 -93.02 -14.23
CA UNK JA 39 -37.45 -93.67 -13.04
C UNK JA 39 -37.61 -92.80 -11.80
N UNK JA 40 -37.63 -91.47 -11.98
CA UNK JA 40 -37.79 -90.59 -10.84
C UNK JA 40 -39.15 -90.77 -10.17
N UNK JA 41 -40.19 -91.00 -10.98
CA UNK JA 41 -41.52 -91.23 -10.42
C UNK JA 41 -41.54 -92.50 -9.57
N UNK JA 42 -40.96 -93.59 -10.09
CA UNK JA 42 -40.92 -94.83 -9.33
C UNK JA 42 -40.09 -94.66 -8.06
N UNK JA 43 -38.99 -93.91 -8.14
CA UNK JA 43 -38.17 -93.68 -6.96
C UNK JA 43 -38.95 -92.91 -5.89
N UNK JA 44 -39.65 -91.85 -6.31
CA UNK JA 44 -40.45 -91.08 -5.36
C UNK JA 44 -41.57 -91.93 -4.76
N UNK JA 45 -42.19 -92.78 -5.57
CA UNK JA 45 -43.24 -93.66 -5.07
C UNK JA 45 -42.68 -94.62 -4.02
N UNK JA 46 -41.55 -95.26 -4.33
CA UNK JA 46 -40.94 -96.18 -3.38
C UNK JA 46 -40.57 -95.45 -2.09
N UNK JA 47 -40.03 -94.24 -2.20
CA UNK JA 47 -39.67 -93.48 -1.02
C UNK JA 47 -40.90 -93.18 -0.17
N UNK JA 48 -41.95 -92.63 -0.78
CA UNK JA 48 -43.16 -92.31 -0.05
C UNK JA 48 -43.86 -93.56 0.50
N UNK JA 49 -43.56 -94.73 -0.05
CA UNK JA 49 -44.16 -95.97 0.38
C UNK JA 49 -43.29 -96.73 1.38
N UNK JA 50 -42.30 -96.07 1.97
CA UNK JA 50 -41.42 -96.72 2.93
C UNK JA 50 -42.19 -97.08 4.19
N UNK JA 51 -41.63 -98.02 4.96
CA UNK JA 51 -42.26 -98.46 6.19
C UNK JA 51 -42.14 -97.37 7.25
N UNK JA 52 -43.28 -97.01 7.84
CA UNK JA 52 -43.29 -95.98 8.87
C UNK JA 52 -42.70 -96.53 10.16
N UNK JA 53 -41.89 -95.72 10.83
CA UNK JA 53 -41.23 -96.09 12.08
C UNK JA 53 -40.70 -94.82 12.73
N UNK JA 54 -39.93 -94.98 13.80
CA UNK JA 54 -39.33 -93.86 14.50
C UNK JA 54 -37.82 -93.82 14.44
N UNK JA 55 -37.14 -94.97 14.41
CA UNK JA 55 -35.69 -94.99 14.31
C UNK JA 55 -35.23 -94.83 12.87
N UNK JA 56 -35.96 -95.43 11.93
CA UNK JA 56 -35.64 -95.35 10.51
C UNK JA 56 -36.36 -94.22 9.79
N UNK JA 57 -37.19 -93.45 10.50
CA UNK JA 57 -37.92 -92.35 9.87
C UNK JA 57 -36.99 -91.33 9.22
N UNK JA 58 -35.71 -91.31 9.60
CA UNK JA 58 -34.78 -90.37 9.00
C UNK JA 58 -34.68 -90.59 7.50
N UNK JA 59 -34.45 -91.83 7.07
CA UNK JA 59 -34.36 -92.13 5.65
C UNK JA 59 -35.67 -91.85 4.93
N UNK JA 60 -36.79 -92.16 5.58
CA UNK JA 60 -38.10 -91.90 4.97
C UNK JA 60 -38.29 -90.41 4.71
N UNK JA 61 -37.99 -89.57 5.71
CA UNK JA 61 -38.13 -88.13 5.54
C UNK JA 61 -37.17 -87.61 4.48
N UNK JA 62 -35.96 -88.15 4.43
CA UNK JA 62 -35.00 -87.73 3.41
C UNK JA 62 -35.51 -88.05 2.01
N UNK JA 63 -36.03 -89.27 1.82
CA UNK JA 63 -36.57 -89.64 0.53
C UNK JA 63 -37.78 -88.80 0.16
N UNK JA 64 -38.62 -88.49 1.15
CA UNK JA 64 -39.78 -87.64 0.89
C UNK JA 64 -39.36 -86.25 0.45
N UNK JA 65 -38.36 -85.67 1.13
CA UNK JA 65 -37.87 -84.35 0.75
C UNK JA 65 -37.22 -84.38 -0.63
N UNK JA 66 -36.50 -85.46 -0.95
CA UNK JA 66 -35.89 -85.58 -2.27
C UNK JA 66 -36.97 -85.64 -3.35
N UNK JA 67 -38.02 -86.43 -3.12
CA UNK JA 67 -39.11 -86.52 -4.08
C UNK JA 67 -39.82 -85.17 -4.23
N UNK JA 68 -40.02 -84.46 -3.12
CA UNK JA 68 -40.64 -83.15 -3.20
C UNK JA 68 -39.80 -82.18 -4.02
N UNK JA 69 -38.49 -82.18 -3.79
CA UNK JA 69 -37.61 -81.30 -4.57
C UNK JA 69 -37.63 -81.67 -6.04
N UNK JA 70 -37.60 -82.97 -6.34
CA UNK JA 70 -37.67 -83.40 -7.74
C UNK JA 70 -38.96 -82.95 -8.41
N UNK JA 71 -40.08 -83.07 -7.70
CA UNK JA 71 -41.36 -82.64 -8.24
C UNK JA 71 -41.38 -81.13 -8.45
N UNK JA 72 -40.83 -80.37 -7.50
CA UNK JA 72 -40.78 -78.92 -7.62
C UNK JA 72 -39.76 -78.43 -8.63
N UNK JA 73 -38.87 -79.30 -9.09
CA UNK JA 73 -37.89 -78.96 -10.11
C UNK JA 73 -38.16 -79.61 -11.46
N UNK JA 74 -39.29 -80.31 -11.59
CA UNK JA 74 -39.66 -81.00 -12.83
C UNK JA 74 -41.11 -80.68 -13.19
N UNK JA 75 -41.46 -79.39 -13.16
CA UNK JA 75 -42.80 -78.92 -13.50
C UNK JA 75 -43.84 -79.53 -12.57
N UNK JA 76 -43.69 -79.26 -11.27
CA UNK JA 76 -44.60 -79.75 -10.25
C UNK JA 76 -44.61 -78.74 -9.11
N UNK JA 77 -45.77 -78.15 -8.85
CA UNK JA 77 -45.92 -77.14 -7.82
C UNK JA 77 -46.77 -77.59 -6.64
N UNK JA 78 -47.97 -78.12 -6.92
CA UNK JA 78 -48.86 -78.54 -5.83
C UNK JA 78 -48.23 -79.67 -5.01
N UNK JA 79 -47.82 -80.74 -5.68
CA UNK JA 79 -47.22 -81.87 -4.97
C UNK JA 79 -45.93 -81.47 -4.27
N UNK JA 80 -45.13 -80.62 -4.91
CA UNK JA 80 -43.88 -80.17 -4.29
C UNK JA 80 -44.15 -79.39 -3.01
N UNK JA 81 -45.11 -78.45 -3.07
CA UNK JA 81 -45.45 -77.68 -1.89
C UNK JA 81 -46.03 -78.57 -0.79
N UNK JA 82 -46.84 -79.56 -1.17
CA UNK JA 82 -47.41 -80.48 -0.18
C UNK JA 82 -46.30 -81.27 0.51
N UNK JA 83 -45.37 -81.81 -0.27
CA UNK JA 83 -44.26 -82.57 0.32
C UNK JA 83 -43.40 -81.68 1.20
N UNK JA 84 -43.17 -80.43 0.78
CA UNK JA 84 -42.38 -79.51 1.60
C UNK JA 84 -43.07 -79.22 2.93
N UNK JA 85 -44.37 -78.96 2.88
CA UNK JA 85 -45.12 -78.71 4.11
C UNK JA 85 -45.12 -79.92 5.03
N UNK JA 86 -45.26 -81.12 4.45
CA UNK JA 86 -45.22 -82.33 5.25
C UNK JA 86 -43.86 -82.51 5.91
N UNK JA 87 -42.78 -82.31 5.16
CA UNK JA 87 -41.44 -82.44 5.72
C UNK JA 87 -41.20 -81.41 6.81
N UNK JA 88 -41.70 -80.19 6.62
CA UNK JA 88 -41.55 -79.16 7.64
C UNK JA 88 -42.30 -79.53 8.91
N UNK JA 89 -43.55 -79.95 8.77
CA UNK JA 89 -44.32 -80.37 9.94
C UNK JA 89 -43.63 -81.53 10.66
N UNK JA 90 -43.03 -82.44 9.91
CA UNK JA 90 -42.34 -83.57 10.53
C UNK JA 90 -41.10 -83.11 11.28
N UNK JA 91 -40.23 -82.36 10.62
CA UNK JA 91 -38.96 -81.93 11.22
C UNK JA 91 -39.11 -80.78 12.20
N UNK JA 92 -40.33 -80.25 12.40
CA UNK JA 92 -40.56 -79.21 13.39
C UNK JA 92 -40.90 -79.77 14.77
N UNK JA 93 -40.46 -80.99 15.07
CA UNK JA 93 -40.69 -81.62 16.37
C UNK JA 93 -39.41 -81.71 17.19
N UNK JA 94 -38.55 -80.69 17.08
CA UNK JA 94 -37.27 -80.66 17.78
C UNK JA 94 -36.35 -81.78 17.30
N UNK JA 95 -36.26 -81.93 15.98
CA UNK JA 95 -35.43 -82.96 15.35
C UNK JA 95 -34.36 -82.30 14.51
N UNK JA 96 -33.17 -82.88 14.52
CA UNK JA 96 -32.02 -82.36 13.75
C UNK JA 96 -32.17 -82.76 12.29
N UNK JA 97 -33.20 -82.18 11.65
CA UNK JA 97 -33.51 -82.44 10.25
C UNK JA 97 -33.58 -81.13 9.47
N UNK JA 98 -32.58 -80.27 9.68
CA UNK JA 98 -32.55 -78.98 9.00
C UNK JA 98 -32.49 -79.13 7.49
N UNK JA 99 -32.13 -80.31 6.98
CA UNK JA 99 -32.07 -80.50 5.53
C UNK JA 99 -33.46 -80.34 4.89
N UNK JA 100 -34.49 -80.80 5.59
CA UNK JA 100 -35.86 -80.64 5.08
C UNK JA 100 -36.21 -79.17 4.91
N UNK JA 101 -35.96 -78.37 5.95
CA UNK JA 101 -36.24 -76.94 5.86
C UNK JA 101 -35.39 -76.27 4.80
N UNK JA 102 -34.14 -76.69 4.66
CA UNK JA 102 -33.27 -76.13 3.64
C UNK JA 102 -33.82 -76.39 2.25
N UNK JA 103 -34.21 -77.64 1.98
CA UNK JA 103 -34.78 -77.97 0.68
C UNK JA 103 -36.10 -77.23 0.44
N UNK JA 104 -36.92 -77.09 1.49
CA UNK JA 104 -38.17 -76.35 1.34
C UNK JA 104 -37.92 -74.90 0.97
N UNK JA 105 -36.95 -74.26 1.65
CA UNK JA 105 -36.62 -72.88 1.34
C UNK JA 105 -36.06 -72.74 -0.06
N UNK JA 106 -35.20 -73.69 -0.46
CA UNK JA 106 -34.65 -73.65 -1.81
C UNK JA 106 -35.75 -73.76 -2.86
N UNK JA 107 -36.71 -74.66 -2.64
CA UNK JA 107 -37.83 -74.80 -3.56
C UNK JA 107 -38.66 -73.52 -3.60
N UNK JA 108 -39.02 -72.98 -2.43
CA UNK JA 108 -39.84 -71.78 -2.38
C UNK JA 108 -39.11 -70.54 -2.88
N UNK JA 109 -37.78 -70.58 -3.01
CA UNK JA 109 -37.04 -69.42 -3.48
C UNK JA 109 -37.43 -68.98 -4.88
N UNK JA 110 -38.10 -69.82 -5.65
CA UNK JA 110 -38.53 -69.50 -7.00
C UNK JA 110 -40.06 -69.41 -7.10
N UNK JA 111 -40.71 -68.92 -6.05
CA UNK JA 111 -42.16 -68.82 -5.99
C UNK JA 111 -42.67 -67.43 -6.35
N UNK JA 112 -42.11 -66.38 -5.77
CA UNK JA 112 -42.53 -64.99 -5.95
C UNK JA 112 -43.85 -64.68 -5.26
N UNK JA 113 -44.40 -65.62 -4.50
CA UNK JA 113 -45.63 -65.44 -3.75
C UNK JA 113 -45.46 -65.94 -2.32
N UNK JA 114 -44.37 -65.53 -1.69
CA UNK JA 114 -44.00 -66.05 -0.37
C UNK JA 114 -44.06 -64.96 0.69
N UNK JA 115 -45.11 -64.15 0.68
CA UNK JA 115 -45.29 -63.13 1.71
C UNK JA 115 -45.11 -63.72 3.10
N UNK JA 116 -45.88 -64.76 3.42
CA UNK JA 116 -45.72 -65.44 4.70
C UNK JA 116 -44.53 -66.38 4.70
N UNK JA 117 -44.12 -66.87 3.53
CA UNK JA 117 -42.96 -67.75 3.46
C UNK JA 117 -41.70 -67.05 3.96
N UNK JA 118 -41.63 -65.72 3.80
CA UNK JA 118 -40.50 -64.97 4.32
C UNK JA 118 -40.37 -65.15 5.82
N UNK JA 119 -41.44 -64.85 6.56
CA UNK JA 119 -41.41 -65.04 8.01
C UNK JA 119 -41.24 -66.50 8.38
N UNK JA 120 -41.81 -67.41 7.57
CA UNK JA 120 -41.63 -68.83 7.84
C UNK JA 120 -40.15 -69.21 7.81
N UNK JA 121 -39.46 -68.84 6.74
CA UNK JA 121 -38.03 -69.14 6.64
C UNK JA 121 -37.23 -68.42 7.72
N UNK JA 122 -37.65 -67.19 8.06
CA UNK JA 122 -36.97 -66.46 9.13
C UNK JA 122 -37.05 -67.22 10.45
N UNK JA 123 -38.25 -67.68 10.81
CA UNK JA 123 -38.40 -68.45 12.03
C UNK JA 123 -37.64 -69.77 11.96
N UNK JA 124 -37.62 -70.41 10.78
CA UNK JA 124 -36.90 -71.65 10.62
C UNK JA 124 -35.40 -71.44 10.81
N UNK JA 125 -34.89 -70.27 10.43
CA UNK JA 125 -33.47 -69.98 10.56
C UNK JA 125 -32.97 -70.11 11.99
N UNK JA 126 -33.88 -70.05 12.98
CA UNK JA 126 -33.46 -70.17 14.38
C UNK JA 126 -32.61 -71.42 14.60
N UNK JA 127 -32.86 -72.48 13.85
CA UNK JA 127 -32.07 -73.69 13.99
C UNK JA 127 -30.59 -73.39 13.75
N UNK JA 128 -29.73 -74.02 14.54
CA UNK JA 128 -28.29 -73.82 14.46
C UNK JA 128 -27.67 -75.13 13.98
N UNK JA 129 -27.39 -75.20 12.68
CA UNK JA 129 -26.80 -76.39 12.08
C UNK JA 129 -25.41 -76.16 11.50
N UNK JA 130 -25.04 -74.92 11.18
CA UNK JA 130 -23.74 -74.58 10.61
C UNK JA 130 -23.61 -74.95 9.14
N UNK JA 131 -24.72 -75.23 8.46
CA UNK JA 131 -24.66 -75.59 7.04
C UNK JA 131 -24.20 -74.42 6.18
N UNK JA 132 -24.20 -73.20 6.71
CA UNK JA 132 -23.81 -71.98 6.02
C UNK JA 132 -24.87 -71.45 5.07
N UNK JA 133 -26.02 -72.11 4.96
CA UNK JA 133 -27.10 -71.65 4.08
C UNK JA 133 -28.20 -70.92 4.82
N UNK JA 134 -28.47 -71.28 6.08
CA UNK JA 134 -29.51 -70.60 6.84
C UNK JA 134 -29.19 -69.12 7.01
N UNK JA 135 -27.94 -68.82 7.39
CA UNK JA 135 -27.54 -67.43 7.57
C UNK JA 135 -27.59 -66.66 6.25
N UNK JA 136 -27.18 -67.31 5.15
CA UNK JA 136 -27.24 -66.65 3.85
C UNK JA 136 -28.67 -66.33 3.46
N UNK JA 137 -29.59 -67.27 3.69
CA UNK JA 137 -31.00 -67.03 3.37
C UNK JA 137 -31.57 -65.93 4.25
N UNK JA 138 -31.22 -65.93 5.54
CA UNK JA 138 -31.70 -64.88 6.43
C UNK JA 138 -31.21 -63.51 5.98
N UNK JA 139 -29.94 -63.42 5.59
CA UNK JA 139 -29.40 -62.15 5.10
C UNK JA 139 -30.08 -61.71 3.81
N UNK JA 140 -30.27 -62.65 2.87
CA UNK JA 140 -30.97 -62.31 1.64
C UNK JA 140 -32.38 -61.80 1.91
N UNK JA 141 -33.08 -62.43 2.86
CA UNK JA 141 -34.44 -62.00 3.19
C UNK JA 141 -34.42 -60.61 3.83
N UNK JA 142 -33.53 -60.39 4.79
CA UNK JA 142 -33.44 -59.09 5.45
C UNK JA 142 -33.01 -58.00 4.49
N UNK JA 143 -32.31 -58.36 3.40
CA UNK JA 143 -31.93 -57.35 2.41
C UNK JA 143 -33.07 -57.06 1.44
N UNK JA 144 -33.76 -58.10 0.97
CA UNK JA 144 -34.89 -57.90 0.08
C UNK JA 144 -36.04 -57.19 0.78
N UNK JA 145 -36.14 -57.34 2.10
CA UNK JA 145 -37.18 -56.70 2.88
C UNK JA 145 -36.74 -55.38 3.50
N UNK JA 146 -35.55 -54.88 3.13
CA UNK JA 146 -35.02 -53.63 3.66
C UNK JA 146 -34.82 -53.70 5.18
N UNK JA 147 -34.05 -54.70 5.59
CA UNK JA 147 -33.76 -54.87 7.01
C UNK JA 147 -32.96 -53.69 7.54
N UNK JA 148 -33.10 -53.44 8.83
CA UNK JA 148 -32.42 -52.33 9.49
C UNK JA 148 -30.98 -52.71 9.86
N UNK JA 149 -30.22 -53.13 8.85
CA UNK JA 149 -28.83 -53.52 8.96
C UNK JA 149 -28.62 -54.88 9.62
N UNK JA 150 -29.69 -55.56 10.05
CA UNK JA 150 -29.53 -56.87 10.68
C UNK JA 150 -28.98 -57.89 9.70
N UNK JA 151 -29.47 -57.89 8.46
CA UNK JA 151 -28.96 -58.82 7.46
C UNK JA 151 -27.49 -58.58 7.19
N UNK JA 152 -27.08 -57.31 7.11
CA UNK JA 152 -25.67 -57.00 6.89
C UNK JA 152 -24.82 -57.44 8.06
N UNK JA 153 -25.27 -57.16 9.29
CA UNK JA 153 -24.54 -57.58 10.47
C UNK JA 153 -24.38 -59.09 10.51
N UNK JA 154 -25.44 -59.82 10.14
CA UNK JA 154 -25.35 -61.28 10.11
C UNK JA 154 -24.37 -61.75 9.05
N UNK JA 155 -24.51 -61.24 7.82
CA UNK JA 155 -23.59 -61.64 6.75
C UNK JA 155 -22.14 -61.32 7.10
N UNK JA 156 -21.92 -60.29 7.92
CA UNK JA 156 -20.56 -59.96 8.33
C UNK JA 156 -20.05 -60.88 9.43
N UNK JA 157 -20.85 -61.06 10.49
CA UNK JA 157 -20.41 -61.88 11.62
C UNK JA 157 -20.29 -63.34 11.22
N UNK JA 158 -21.40 -63.96 10.80
CA UNK JA 158 -21.37 -65.36 10.44
C UNK JA 158 -20.47 -65.67 9.25
N UNK JA 159 -19.99 -64.65 8.54
CA UNK JA 159 -19.12 -64.84 7.39
C UNK JA 159 -17.67 -65.06 7.83
N UNK JA 160 -17.51 -66.07 8.69
CA UNK JA 160 -16.19 -66.45 9.21
C UNK JA 160 -15.68 -67.75 8.58
N UNK JA 161 -15.98 -67.98 7.31
CA UNK JA 161 -15.57 -69.19 6.62
C UNK JA 161 -14.09 -69.13 6.29
N UNK JA 162 -13.62 -70.12 5.53
CA UNK JA 162 -12.22 -70.22 5.13
C UNK JA 162 -12.17 -70.31 3.61
N UNK JA 163 -11.47 -69.38 2.98
CA UNK JA 163 -11.28 -69.25 1.54
C UNK JA 163 -12.53 -68.73 0.82
N UNK JA 164 -13.66 -68.57 1.51
CA UNK JA 164 -14.89 -68.05 0.90
C UNK JA 164 -15.40 -66.91 1.78
N UNK JA 165 -14.94 -65.69 1.51
CA UNK JA 165 -15.33 -64.53 2.29
C UNK JA 165 -15.60 -63.30 1.45
N UNK JA 166 -15.75 -63.44 0.13
CA UNK JA 166 -15.97 -62.28 -0.73
C UNK JA 166 -17.44 -61.88 -0.74
N UNK JA 167 -18.01 -61.70 0.44
CA UNK JA 167 -19.39 -61.22 0.55
C UNK JA 167 -19.53 -60.01 1.47
N UNK JA 168 -18.79 -59.96 2.57
CA UNK JA 168 -18.85 -58.81 3.46
C UNK JA 168 -18.40 -57.54 2.77
N UNK JA 169 -17.50 -57.66 1.79
CA UNK JA 169 -17.09 -56.50 1.01
C UNK JA 169 -18.28 -55.86 0.31
N UNK JA 170 -18.94 -56.63 -0.56
CA UNK JA 170 -20.11 -56.10 -1.28
C UNK JA 170 -21.23 -55.74 -0.32
N UNK JA 171 -21.28 -56.37 0.86
CA UNK JA 171 -22.25 -56.05 1.90
C UNK JA 171 -22.05 -54.64 2.45
N UNK JA 172 -20.91 -54.39 3.11
CA UNK JA 172 -20.57 -53.03 3.53
C UNK JA 172 -20.61 -52.08 2.35
N UNK JA 173 -20.53 -52.61 1.15
CA UNK JA 173 -20.91 -52.00 -0.11
C UNK JA 173 -22.43 -52.02 -0.15
N UNK JA 174 -22.97 -52.17 -1.35
CA UNK JA 174 -24.41 -52.03 -1.59
C UNK JA 174 -25.27 -52.66 -0.49
N UNK JA 175 -24.85 -53.79 0.05
CA UNK JA 175 -25.69 -54.49 1.02
C UNK JA 175 -25.94 -53.65 2.27
N UNK JA 176 -24.99 -52.77 2.62
CA UNK JA 176 -25.13 -51.90 3.78
C UNK JA 176 -24.72 -50.46 3.50
N UNK JA 177 -24.40 -50.13 2.25
CA UNK JA 177 -24.01 -48.76 1.94
C UNK JA 177 -25.13 -47.76 2.22
N UNK JA 178 -26.39 -48.20 2.12
CA UNK JA 178 -27.51 -47.31 2.37
C UNK JA 178 -27.62 -46.85 3.81
N UNK JA 179 -26.80 -47.39 4.71
CA UNK JA 179 -26.84 -46.99 6.11
C UNK JA 179 -26.02 -45.72 6.33
N UNK JA 180 -26.15 -45.17 7.53
CA UNK JA 180 -25.43 -43.95 7.88
C UNK JA 180 -23.94 -44.18 8.06
N UNK JA 181 -23.46 -45.42 7.99
CA UNK JA 181 -22.06 -45.74 8.15
C UNK JA 181 -21.28 -45.66 6.84
N UNK JA 182 -21.81 -44.94 5.84
CA UNK JA 182 -21.11 -44.83 4.56
C UNK JA 182 -19.82 -44.06 4.70
N UNK JA 183 -19.86 -42.92 5.41
CA UNK JA 183 -18.67 -42.09 5.58
C UNK JA 183 -17.54 -42.85 6.27
N UNK JA 184 -17.84 -43.94 6.97
CA UNK JA 184 -16.82 -44.73 7.66
C UNK JA 184 -16.61 -46.11 7.04
N UNK JA 185 -17.38 -46.47 6.03
CA UNK JA 185 -17.24 -47.76 5.36
C UNK JA 185 -16.77 -47.67 3.92
N UNK JA 186 -16.91 -46.51 3.28
CA UNK JA 186 -16.47 -46.37 1.89
C UNK JA 186 -14.96 -46.60 1.77
N UNK JA 187 -14.18 -45.81 2.49
CA UNK JA 187 -12.73 -45.96 2.45
C UNK JA 187 -12.32 -47.33 2.96
N UNK JA 188 -11.37 -47.96 2.27
CA UNK JA 188 -10.83 -49.27 2.58
C UNK JA 188 -11.75 -50.41 2.20
N UNK JA 189 -12.94 -50.15 1.67
CA UNK JA 189 -13.85 -51.23 1.30
C UNK JA 189 -13.37 -51.93 0.04
N UNK JA 190 -13.05 -51.17 -1.00
CA UNK JA 190 -12.57 -51.74 -2.25
C UNK JA 190 -11.12 -52.18 -2.21
N UNK JA 191 -10.44 -52.02 -1.07
CA UNK JA 191 -9.05 -52.40 -0.93
C UNK JA 191 -8.87 -53.83 -0.43
N UNK JA 192 -9.85 -54.71 -0.67
CA UNK JA 192 -9.74 -56.09 -0.21
C UNK JA 192 -8.51 -56.77 -0.81
N UNK JA 193 -8.44 -56.84 -2.14
CA UNK JA 193 -7.31 -57.47 -2.82
C UNK JA 193 -7.12 -58.92 -2.37
N UNK JA 194 -8.21 -59.69 -2.42
CA UNK JA 194 -8.15 -61.08 -2.00
C UNK JA 194 -7.17 -61.88 -2.84
N UNK JA 195 -7.42 -61.97 -4.15
CA UNK JA 195 -6.56 -62.73 -5.03
C UNK JA 195 -6.27 -62.02 -6.36
N UNK JA 196 -6.58 -60.74 -6.47
CA UNK JA 196 -6.39 -59.92 -7.67
C UNK JA 196 -7.46 -60.17 -8.73
N UNK JA 197 -8.47 -61.00 -8.46
CA UNK JA 197 -9.55 -61.28 -9.40
C UNK JA 197 -10.85 -60.61 -9.04
N UNK JA 198 -11.20 -60.56 -7.75
CA UNK JA 198 -12.44 -59.94 -7.28
C UNK JA 198 -12.40 -58.42 -7.33
N UNK JA 199 -11.37 -57.82 -7.93
CA UNK JA 199 -11.29 -56.36 -8.00
C UNK JA 199 -12.51 -55.74 -8.66
N UNK JA 200 -13.25 -56.52 -9.46
CA UNK JA 200 -14.45 -55.97 -10.09
C UNK JA 200 -15.42 -55.42 -9.05
N UNK JA 201 -15.52 -56.08 -7.90
CA UNK JA 201 -16.41 -55.61 -6.83
C UNK JA 201 -16.00 -54.25 -6.28
N UNK JA 202 -14.80 -53.76 -6.63
CA UNK JA 202 -14.36 -52.46 -6.13
C UNK JA 202 -15.31 -51.33 -6.49
N UNK JA 203 -16.18 -51.53 -7.49
CA UNK JA 203 -17.11 -50.49 -7.87
C UNK JA 203 -18.02 -50.07 -6.73
N UNK JA 204 -18.18 -50.90 -5.70
CA UNK JA 204 -19.01 -50.53 -4.55
C UNK JA 204 -18.45 -49.31 -3.84
N UNK JA 205 -17.12 -49.22 -3.74
CA UNK JA 205 -16.51 -48.05 -3.10
C UNK JA 205 -16.83 -46.78 -3.88
N UNK JA 206 -16.66 -46.82 -5.21
CA UNK JA 206 -16.96 -45.65 -6.02
C UNK JA 206 -18.43 -45.29 -5.94
N UNK JA 207 -19.31 -46.30 -5.89
CA UNK JA 207 -20.74 -46.03 -5.78
C UNK JA 207 -21.06 -45.34 -4.45
N UNK JA 208 -20.52 -45.86 -3.36
CA UNK JA 208 -20.74 -45.24 -2.05
C UNK JA 208 -20.18 -43.82 -2.02
N UNK JA 209 -19.04 -43.60 -2.66
CA UNK JA 209 -18.47 -42.25 -2.71
C UNK JA 209 -19.39 -41.30 -3.49
N UNK JA 210 -19.83 -41.72 -4.67
CA UNK JA 210 -20.75 -40.89 -5.45
C UNK JA 210 -22.03 -40.61 -4.68
N UNK JA 211 -22.51 -41.58 -3.91
CA UNK JA 211 -23.72 -41.40 -3.12
C UNK JA 211 -23.51 -40.48 -1.91
N UNK JA 212 -22.32 -39.94 -1.72
CA UNK JA 212 -22.05 -39.04 -0.61
C UNK JA 212 -21.48 -37.72 -1.10
N UNK JA 213 -20.79 -37.77 -2.24
CA UNK JA 213 -20.19 -36.57 -2.83
C UNK JA 213 -19.87 -36.88 -4.29
N UNK JA 214 -19.27 -35.91 -4.97
CA UNK JA 214 -18.91 -36.04 -6.37
C UNK JA 214 -17.60 -35.31 -6.62
N UNK JA 215 -17.02 -35.56 -7.80
CA UNK JA 215 -15.77 -34.97 -8.25
C UNK JA 215 -14.55 -35.48 -7.51
N UNK JA 216 -14.68 -36.59 -6.77
CA UNK JA 216 -13.55 -37.14 -6.03
C UNK JA 216 -13.50 -38.66 -6.15
N UNK JA 217 -13.95 -39.21 -7.28
CA UNK JA 217 -13.95 -40.65 -7.51
C UNK JA 217 -13.34 -40.98 -8.86
N UNK JA 218 -12.31 -40.22 -9.26
CA UNK JA 218 -11.65 -40.48 -10.54
C UNK JA 218 -10.63 -41.59 -10.44
N UNK JA 219 -9.98 -41.75 -9.29
CA UNK JA 219 -8.97 -42.80 -9.12
C UNK JA 219 -9.60 -44.17 -9.32
N UNK JA 220 -10.72 -44.43 -8.63
CA UNK JA 220 -11.38 -45.73 -8.77
C UNK JA 220 -11.91 -45.93 -10.18
N UNK JA 221 -12.47 -44.88 -10.79
CA UNK JA 221 -12.95 -44.98 -12.16
C UNK JA 221 -11.83 -45.39 -13.10
N UNK JA 222 -10.66 -44.77 -12.96
CA UNK JA 222 -9.53 -45.11 -13.82
C UNK JA 222 -9.03 -46.53 -13.54
N UNK JA 223 -8.91 -46.89 -12.26
CA UNK JA 223 -8.43 -48.23 -11.91
C UNK JA 223 -9.39 -49.31 -12.38
N UNK JA 224 -10.67 -48.99 -12.54
CA UNK JA 224 -11.64 -49.95 -13.06
C UNK JA 224 -11.64 -50.00 -14.58
N UNK JA 225 -11.55 -48.83 -15.23
CA UNK JA 225 -11.46 -48.81 -16.69
C UNK JA 225 -10.20 -49.49 -17.19
N UNK JA 226 -9.12 -49.44 -16.40
CA UNK JA 226 -7.87 -50.07 -16.81
C UNK JA 226 -8.00 -51.60 -16.82
N UNK JA 227 -8.46 -52.17 -15.71
CA UNK JA 227 -8.56 -53.62 -15.56
C UNK JA 227 -9.96 -54.15 -15.79
N UNK JA 228 -10.78 -53.44 -16.57
CA UNK JA 228 -12.11 -53.91 -16.93
C UNK JA 228 -12.32 -54.12 -18.41
N UNK JA 229 -11.40 -53.67 -19.26
CA UNK JA 229 -11.54 -53.83 -20.70
C UNK JA 229 -10.19 -53.70 -21.40
N UNK JA 230 -16.71 -56.41 -19.70
CA UNK JA 230 -18.07 -55.95 -19.46
C UNK JA 230 -18.09 -54.79 -18.47
N UNK JA 231 -17.16 -54.82 -17.50
CA UNK JA 231 -17.08 -53.77 -16.51
C UNK JA 231 -16.65 -52.43 -17.08
N UNK JA 232 -16.14 -52.40 -18.32
CA UNK JA 232 -15.72 -51.14 -18.92
C UNK JA 232 -16.89 -50.17 -19.06
N UNK JA 233 -18.09 -50.68 -19.30
CA UNK JA 233 -19.25 -49.81 -19.45
C UNK JA 233 -19.51 -49.03 -18.15
N UNK JA 234 -19.79 -49.75 -17.07
CA UNK JA 234 -20.04 -49.08 -15.79
C UNK JA 234 -18.81 -48.32 -15.31
N UNK JA 235 -17.61 -48.85 -15.56
CA UNK JA 235 -16.39 -48.14 -15.17
C UNK JA 235 -16.29 -46.80 -15.89
N UNK JA 236 -16.39 -46.81 -17.22
CA UNK JA 236 -16.34 -45.56 -17.97
C UNK JA 236 -17.45 -44.61 -17.54
N UNK JA 237 -18.65 -45.15 -17.29
CA UNK JA 237 -19.76 -44.31 -16.86
C UNK JA 237 -19.42 -43.59 -15.55
N UNK JA 238 -19.06 -44.35 -14.51
CA UNK JA 238 -18.69 -43.74 -13.24
C UNK JA 238 -17.51 -42.80 -13.38
N UNK JA 239 -16.62 -43.05 -14.34
CA UNK JA 239 -15.48 -42.16 -14.54
C UNK JA 239 -15.93 -40.78 -15.00
N UNK JA 240 -16.78 -40.73 -16.03
CA UNK JA 240 -17.27 -39.44 -16.51
C UNK JA 240 -18.01 -38.68 -15.42
N UNK JA 241 -18.74 -39.40 -14.57
CA UNK JA 241 -19.48 -38.74 -13.48
C UNK JA 241 -18.53 -37.94 -12.59
N UNK JA 242 -17.37 -38.51 -12.25
CA UNK JA 242 -16.42 -37.81 -11.40
C UNK JA 242 -15.93 -36.53 -12.06
N UNK JA 243 -15.26 -36.66 -13.21
CA UNK JA 243 -14.71 -35.49 -13.89
C UNK JA 243 -15.78 -34.79 -14.73
N UNK JA 244 -16.34 -35.50 -15.72
CA UNK JA 244 -17.34 -34.89 -16.59
C UNK JA 244 -18.61 -34.56 -15.82
N UNK JA 245 -19.08 -35.49 -14.98
CA UNK JA 245 -20.27 -35.24 -14.19
C UNK JA 245 -20.04 -34.12 -13.20
N UNK JA 246 -18.85 -34.07 -12.60
CA UNK JA 246 -18.53 -32.98 -11.67
C UNK JA 246 -18.53 -31.63 -12.38
N UNK JA 247 -17.93 -31.57 -13.57
CA UNK JA 247 -17.93 -30.32 -14.33
C UNK JA 247 -19.34 -29.91 -14.72
N UNK JA 248 -20.17 -30.87 -15.13
CA UNK JA 248 -21.55 -30.56 -15.49
C UNK JA 248 -22.32 -30.03 -14.29
N UNK JA 249 -22.13 -30.65 -13.13
CA UNK JA 249 -22.82 -30.18 -11.93
C UNK JA 249 -22.35 -28.79 -11.53
N UNK JA 250 -21.05 -28.53 -11.65
CA UNK JA 250 -20.52 -27.20 -11.34
C UNK JA 250 -21.10 -26.16 -12.28
N UNK JA 251 -21.18 -26.48 -13.58
CA UNK JA 251 -21.74 -25.54 -14.54
C UNK JA 251 -23.23 -25.30 -14.28
N UNK JA 252 -23.96 -26.35 -13.90
CA UNK JA 252 -25.38 -26.19 -13.62
C UNK JA 252 -25.62 -25.25 -12.45
N UNK JA 253 -24.69 -25.20 -11.49
CA UNK JA 253 -24.84 -24.31 -10.35
C UNK JA 253 -24.97 -22.85 -10.79
N UNK JA 254 -24.37 -22.50 -11.93
CA UNK JA 254 -24.45 -21.13 -12.43
C UNK JA 254 -25.88 -20.67 -12.66
N UNK JA 255 -26.82 -21.61 -12.85
CA UNK JA 255 -28.21 -21.22 -13.08
C UNK JA 255 -28.75 -20.36 -11.94
N UNK JA 256 -28.38 -20.68 -10.70
CA UNK JA 256 -28.84 -19.88 -9.57
C UNK JA 256 -28.28 -18.46 -9.65
N UNK JA 257 -26.97 -18.33 -9.82
CA UNK JA 257 -26.32 -17.04 -9.96
C UNK JA 257 -26.18 -16.61 -11.42
N UNK JA 258 -26.98 -17.17 -12.31
CA UNK JA 258 -26.93 -16.86 -13.74
C UNK JA 258 -27.54 -15.52 -14.10
N UNK JA 259 -27.87 -14.68 -13.11
CA UNK JA 259 -28.48 -13.38 -13.41
C UNK JA 259 -27.68 -12.63 -14.47
N UNK JA 260 -26.41 -12.33 -14.17
CA UNK JA 260 -25.53 -11.66 -15.11
C UNK JA 260 -24.15 -11.54 -14.49
N UNK JA 261 -23.14 -11.37 -15.35
CA UNK JA 261 -21.76 -11.17 -14.91
C UNK JA 261 -21.34 -12.20 -13.87
N UNK JA 262 -21.52 -13.47 -14.21
CA UNK JA 262 -21.15 -14.54 -13.30
C UNK JA 262 -21.29 -15.87 -14.02
N UNK JA 263 -20.45 -16.83 -13.63
CA UNK JA 263 -20.48 -18.19 -14.18
C UNK JA 263 -20.27 -18.20 -15.70
N UNK JA 264 -19.27 -17.45 -16.15
CA UNK JA 264 -18.88 -17.43 -17.55
C UNK JA 264 -17.47 -18.00 -17.76
N UNK JA 265 -16.46 -17.42 -17.12
CA UNK JA 265 -15.11 -17.92 -17.28
C UNK JA 265 -14.92 -19.24 -16.55
N UNK JA 266 -15.48 -19.35 -15.32
CA UNK JA 266 -15.42 -20.61 -14.60
C UNK JA 266 -16.13 -21.72 -15.38
N UNK JA 267 -17.30 -21.42 -15.92
CA UNK JA 267 -18.04 -22.42 -16.69
C UNK JA 267 -17.29 -22.79 -17.96
N UNK JA 268 -16.66 -21.82 -18.62
CA UNK JA 268 -15.89 -22.13 -19.82
C UNK JA 268 -14.72 -23.04 -19.49
N UNK JA 269 -13.99 -22.73 -18.42
CA UNK JA 269 -12.86 -23.57 -18.03
C UNK JA 269 -13.32 -24.97 -17.64
N UNK JA 270 -14.47 -25.06 -16.94
CA UNK JA 270 -14.99 -26.37 -16.56
C UNK JA 270 -15.36 -27.19 -17.79
N UNK JA 271 -16.05 -26.57 -18.76
CA UNK JA 271 -16.40 -27.28 -19.98
C UNK JA 271 -15.16 -27.72 -20.74
N UNK JA 272 -14.14 -26.86 -20.80
CA UNK JA 272 -12.90 -27.22 -21.49
C UNK JA 272 -12.23 -28.41 -20.81
N UNK JA 273 -12.12 -28.38 -19.49
CA UNK JA 273 -11.50 -29.49 -18.76
C UNK JA 273 -12.31 -30.77 -18.95
N UNK JA 274 -13.64 -30.67 -18.94
CA UNK JA 274 -14.46 -31.86 -19.14
C UNK JA 274 -14.26 -32.45 -20.53
N UNK JA 275 -14.23 -31.59 -21.54
CA UNK JA 275 -13.98 -32.07 -22.90
C UNK JA 275 -12.61 -32.72 -23.02
N UNK JA 276 -11.60 -32.11 -22.39
CA UNK JA 276 -10.24 -32.68 -22.44
C UNK JA 276 -10.21 -34.04 -21.78
N UNK JA 277 -10.85 -34.17 -20.62
CA UNK JA 277 -10.89 -35.45 -19.93
C UNK JA 277 -11.63 -36.50 -20.75
N UNK JA 278 -12.76 -36.12 -21.36
CA UNK JA 278 -13.49 -37.07 -22.19
C UNK JA 278 -12.65 -37.53 -23.37
N UNK JA 279 -11.94 -36.60 -24.02
CA UNK JA 279 -11.07 -36.97 -25.13
C UNK JA 279 -9.97 -37.92 -24.67
N UNK JA 280 -9.30 -37.59 -23.55
CA UNK JA 280 -8.23 -38.43 -23.06
C UNK JA 280 -8.73 -39.81 -22.66
N UNK JA 281 -9.99 -39.91 -22.22
CA UNK JA 281 -10.53 -41.20 -21.80
C UNK JA 281 -11.04 -42.02 -22.97
N UNK JA 282 -11.51 -41.37 -24.04
CA UNK JA 282 -12.04 -42.09 -25.18
C UNK JA 282 -10.99 -43.05 -25.77
N UNK JA 283 -9.88 -42.50 -26.25
CA UNK JA 283 -8.86 -43.35 -26.88
C UNK JA 283 -7.96 -43.99 -25.83
N UNK JA 284 -7.24 -43.18 -25.07
CA UNK JA 284 -6.33 -43.69 -24.04
C UNK JA 284 -5.72 -42.49 -23.33
N UNK JA 285 -5.20 -42.74 -22.12
CA UNK JA 285 -4.57 -41.70 -21.33
C UNK JA 285 -3.79 -42.30 -20.16
N UNK KA 1 -13.25 -24.44 -28.30
CA UNK KA 1 -13.60 -25.85 -28.44
C UNK KA 1 -14.49 -26.30 -27.27
N UNK KA 2 -15.74 -25.85 -27.30
CA UNK KA 2 -16.71 -26.19 -26.26
C UNK KA 2 -17.86 -27.02 -26.78
N UNK KA 3 -18.52 -26.59 -27.86
CA UNK KA 3 -19.63 -27.36 -28.41
C UNK KA 3 -19.18 -28.71 -28.90
N UNK KA 4 -18.05 -28.78 -29.62
CA UNK KA 4 -17.55 -30.06 -30.10
C UNK KA 4 -17.18 -30.98 -28.95
N UNK KA 5 -16.53 -30.45 -27.91
CA UNK KA 5 -16.18 -31.27 -26.76
C UNK KA 5 -17.42 -31.80 -26.06
N UNK KA 6 -18.44 -30.95 -25.89
CA UNK KA 6 -19.67 -31.39 -25.26
C UNK KA 6 -20.36 -32.48 -26.09
N UNK KA 7 -20.39 -32.30 -27.41
CA UNK KA 7 -21.00 -33.31 -28.27
C UNK KA 7 -20.25 -34.63 -28.20
N UNK KA 8 -18.92 -34.57 -28.20
CA UNK KA 8 -18.13 -35.80 -28.08
C UNK KA 8 -18.36 -36.49 -26.75
N UNK KA 9 -18.41 -35.72 -25.66
CA UNK KA 9 -18.66 -36.30 -24.35
C UNK KA 9 -20.04 -36.95 -24.29
N UNK KA 10 -21.05 -36.30 -24.88
CA UNK KA 10 -22.38 -36.86 -24.88
C UNK KA 10 -22.45 -38.14 -25.72
N UNK KA 11 -21.80 -38.15 -26.89
CA UNK KA 11 -21.83 -39.34 -27.73
C UNK KA 11 -21.05 -40.48 -27.12
N UNK KA 12 -19.97 -40.19 -26.38
CA UNK KA 12 -19.18 -41.25 -25.78
C UNK KA 12 -20.00 -42.08 -24.80
N UNK KA 13 -20.73 -41.41 -23.91
CA UNK KA 13 -21.52 -42.12 -22.91
C UNK KA 13 -22.71 -42.82 -23.57
N UNK KA 14 -23.60 -42.04 -24.19
CA UNK KA 14 -24.81 -42.53 -24.86
C UNK KA 14 -25.90 -42.94 -23.89
N UNK KA 15 -25.67 -42.90 -22.58
CA UNK KA 15 -26.66 -43.28 -21.60
C UNK KA 15 -27.50 -42.06 -21.19
N UNK KA 16 -28.31 -42.21 -20.13
CA UNK KA 16 -29.13 -41.11 -19.66
C UNK KA 16 -28.32 -39.87 -19.31
N UNK KA 17 -27.01 -40.02 -19.08
CA UNK KA 17 -26.17 -38.88 -18.76
C UNK KA 17 -26.13 -37.85 -19.90
N UNK KA 18 -26.60 -38.23 -21.09
CA UNK KA 18 -26.63 -37.29 -22.20
C UNK KA 18 -27.52 -36.09 -21.89
N UNK KA 19 -28.62 -36.32 -21.16
CA UNK KA 19 -29.49 -35.21 -20.78
C UNK KA 19 -28.75 -34.19 -19.92
N UNK KA 20 -28.07 -34.66 -18.89
CA UNK KA 20 -27.30 -33.76 -18.02
C UNK KA 20 -26.18 -33.09 -18.81
N UNK KA 21 -25.54 -33.82 -19.72
CA UNK KA 21 -24.47 -33.24 -20.52
C UNK KA 21 -25.01 -32.09 -21.37
N UNK KA 22 -26.15 -32.30 -22.04
CA UNK KA 22 -26.74 -31.24 -22.84
C UNK KA 22 -27.18 -30.06 -21.97
N UNK KA 23 -27.74 -30.35 -20.80
CA UNK KA 23 -28.14 -29.27 -19.89
C UNK KA 23 -26.94 -28.43 -19.49
N UNK KA 24 -25.82 -29.07 -19.14
CA UNK KA 24 -24.61 -28.34 -18.78
C UNK KA 24 -24.10 -27.52 -19.96
N UNK KA 25 -24.01 -28.15 -21.14
CA UNK KA 25 -23.54 -27.43 -22.32
C UNK KA 25 -24.42 -26.23 -22.64
N UNK KA 26 -25.71 -26.30 -22.32
CA UNK KA 26 -26.61 -25.19 -22.58
C UNK KA 26 -26.11 -23.89 -21.95
N UNK KA 27 -25.37 -23.99 -20.84
CA UNK KA 27 -24.82 -22.79 -20.22
C UNK KA 27 -23.81 -22.11 -21.12
N UNK KA 28 -22.95 -22.89 -21.78
CA UNK KA 28 -21.99 -22.31 -22.71
C UNK KA 28 -22.69 -21.55 -23.83
N UNK KA 29 -23.76 -22.13 -24.38
CA UNK KA 29 -24.50 -21.45 -25.44
C UNK KA 29 -25.17 -20.19 -24.92
N UNK KA 30 -25.82 -20.27 -23.75
CA UNK KA 30 -26.48 -19.10 -23.18
C UNK KA 30 -25.48 -17.99 -22.87
N UNK KA 31 -24.23 -18.34 -22.59
CA UNK KA 31 -23.22 -17.32 -22.33
C UNK KA 31 -22.66 -16.74 -23.62
N UNK KA 32 -22.42 -17.58 -24.63
CA UNK KA 32 -21.91 -17.09 -25.90
C UNK KA 32 -22.90 -16.11 -26.54
N UNK KA 33 -24.18 -16.49 -26.58
CA UNK KA 33 -25.19 -15.63 -27.18
C UNK KA 33 -25.21 -14.27 -26.51
N UNK KA 34 -25.43 -13.22 -27.30
CA UNK KA 34 -25.47 -11.83 -26.86
C UNK KA 34 -24.10 -11.27 -26.50
N UNK KA 35 -23.04 -12.07 -26.54
CA UNK KA 35 -21.70 -11.59 -26.24
C UNK KA 35 -20.65 -12.14 -27.18
N UNK KA 36 -21.02 -12.73 -28.30
CA UNK KA 36 -20.08 -13.32 -29.24
C UNK KA 36 -20.73 -13.35 -30.62
N UNK KA 37 -20.12 -14.09 -31.54
CA UNK KA 37 -20.62 -14.19 -32.91
C UNK KA 37 -21.78 -15.18 -32.96
N UNK KA 38 -22.21 -15.53 -34.18
CA UNK KA 38 -23.32 -16.45 -34.36
C UNK KA 38 -22.95 -17.58 -35.31
N UNK KA 39 -23.94 -18.39 -35.71
CA UNK KA 39 -23.71 -19.53 -36.59
C UNK KA 39 -22.98 -20.68 -35.89
N UNK KA 40 -23.12 -20.76 -34.56
CA UNK KA 40 -22.50 -21.81 -33.76
C UNK KA 40 -23.44 -22.99 -33.52
N UNK KA 41 -24.40 -23.21 -34.42
CA UNK KA 41 -25.37 -24.30 -34.24
C UNK KA 41 -24.65 -25.63 -34.03
N UNK KA 42 -25.05 -26.34 -32.98
CA UNK KA 42 -24.49 -27.64 -32.66
C UNK KA 42 -25.61 -28.50 -32.07
N UNK KA 43 -25.25 -29.72 -31.64
CA UNK KA 43 -26.20 -30.67 -31.08
C UNK KA 43 -27.34 -30.94 -32.08
N UNK KA 44 -26.94 -31.49 -33.22
CA UNK KA 44 -27.86 -31.73 -34.33
C UNK KA 44 -28.79 -32.90 -34.05
N UNK KA 45 -29.70 -32.74 -33.10
CA UNK KA 45 -30.71 -33.75 -32.81
C UNK KA 45 -32.05 -33.46 -33.48
N UNK KA 46 -32.28 -32.22 -33.91
CA UNK KA 46 -33.51 -31.85 -34.59
C UNK KA 46 -33.29 -30.47 -35.22
N UNK KA 47 -33.82 -30.29 -36.43
CA UNK KA 47 -33.64 -29.05 -37.16
C UNK KA 47 -34.86 -28.86 -38.06
N UNK KA 48 -35.71 -27.88 -37.71
CA UNK KA 48 -36.89 -27.59 -38.51
C UNK KA 48 -37.09 -26.08 -38.71
N UNK KA 49 -36.04 -25.28 -38.54
CA UNK KA 49 -36.12 -23.83 -38.73
C UNK KA 49 -34.88 -23.38 -39.47
N UNK KA 50 -35.05 -23.01 -40.74
CA UNK KA 50 -33.95 -22.57 -41.59
C UNK KA 50 -33.96 -21.06 -41.80
N UNK KA 51 -34.64 -20.31 -40.93
CA UNK KA 51 -34.69 -18.86 -41.08
C UNK KA 51 -33.30 -18.25 -40.98
N UNK KA 52 -32.47 -18.77 -40.07
CA UNK KA 52 -31.11 -18.30 -39.84
C UNK KA 52 -31.05 -16.97 -39.10
N UNK KA 53 -32.17 -16.47 -38.59
CA UNK KA 53 -32.19 -15.19 -37.88
C UNK KA 53 -31.59 -15.36 -36.49
N UNK KA 54 -30.90 -14.32 -36.03
CA UNK KA 54 -30.27 -14.36 -34.70
C UNK KA 54 -31.31 -14.66 -33.62
N UNK KA 55 -32.32 -13.80 -33.49
CA UNK KA 55 -33.35 -14.02 -32.48
C UNK KA 55 -34.13 -15.29 -32.76
N UNK KA 56 -34.48 -15.53 -34.03
CA UNK KA 56 -35.22 -16.74 -34.37
C UNK KA 56 -34.40 -17.99 -34.07
N UNK KA 57 -33.11 -17.98 -34.43
CA UNK KA 57 -32.27 -19.13 -34.15
C UNK KA 57 -32.12 -19.35 -32.65
N UNK KA 58 -31.96 -18.27 -31.89
CA UNK KA 58 -31.86 -18.40 -30.44
C UNK KA 58 -33.13 -18.99 -29.84
N UNK KA 59 -34.29 -18.52 -30.30
CA UNK KA 59 -35.55 -19.06 -29.80
C UNK KA 59 -35.71 -20.53 -30.17
N UNK KA 60 -35.33 -20.90 -31.39
CA UNK KA 60 -35.41 -22.29 -31.80
C UNK KA 60 -34.51 -23.17 -30.96
N UNK KA 61 -33.28 -22.71 -30.69
CA UNK KA 61 -32.37 -23.48 -29.86
C UNK KA 61 -32.89 -23.61 -28.44
N UNK KA 62 -33.45 -22.53 -27.88
CA UNK KA 62 -34.02 -22.59 -26.55
C UNK KA 62 -35.18 -23.58 -26.48
N UNK KA 63 -36.04 -23.58 -27.50
CA UNK KA 63 -37.14 -24.53 -27.53
C UNK KA 63 -36.63 -25.96 -27.63
N UNK KA 64 -35.67 -26.20 -28.54
CA UNK KA 64 -35.10 -27.54 -28.67
C UNK KA 64 -34.51 -28.02 -27.35
N UNK KA 65 -33.82 -27.13 -26.64
CA UNK KA 65 -33.27 -27.49 -25.34
C UNK KA 65 -34.38 -27.83 -24.34
N UNK KA 66 -35.28 -26.87 -24.12
CA UNK KA 66 -36.38 -27.10 -23.17
C UNK KA 66 -37.21 -28.32 -23.53
N UNK KA 67 -37.14 -28.81 -24.76
CA UNK KA 67 -37.89 -30.00 -25.17
C UNK KA 67 -37.10 -31.30 -25.02
N UNK KA 68 -35.82 -31.31 -25.37
CA UNK KA 68 -35.04 -32.53 -25.40
C UNK KA 68 -33.97 -32.62 -24.32
N UNK KA 69 -34.02 -31.75 -23.30
CA UNK KA 69 -33.09 -31.86 -22.20
C UNK KA 69 -33.50 -32.89 -21.16
N UNK KA 70 -34.66 -33.52 -21.31
CA UNK KA 70 -35.15 -34.53 -20.38
C UNK KA 70 -35.70 -35.73 -21.12
N UNK KA 71 -34.99 -36.17 -22.17
CA UNK KA 71 -35.44 -37.34 -22.93
C UNK KA 71 -35.44 -38.59 -22.06
N UNK KA 72 -34.47 -38.73 -21.17
CA UNK KA 72 -34.39 -39.88 -20.28
C UNK KA 72 -35.13 -39.59 -18.98
N UNK KA 73 -34.97 -40.47 -17.99
CA UNK KA 73 -35.62 -40.29 -16.71
C UNK KA 73 -35.16 -38.98 -16.06
N UNK KA 74 -35.95 -38.51 -15.11
CA UNK KA 74 -35.66 -37.27 -14.40
C UNK KA 74 -36.58 -37.15 -13.19
N UNK KA 75 -36.12 -36.42 -12.19
CA UNK KA 75 -36.88 -36.23 -10.97
C UNK KA 75 -37.06 -34.75 -10.66
N UNK KA 76 -37.58 -34.43 -9.48
CA UNK KA 76 -37.78 -33.03 -9.10
C UNK KA 76 -36.49 -32.24 -9.20
N UNK KA 77 -35.37 -32.83 -8.78
CA UNK KA 77 -34.09 -32.13 -8.85
C UNK KA 77 -33.71 -31.84 -10.30
N UNK KA 78 -33.81 -32.85 -11.17
CA UNK KA 78 -33.47 -32.64 -12.57
C UNK KA 78 -34.41 -31.63 -13.21
N UNK KA 79 -35.70 -31.67 -12.87
CA UNK KA 79 -36.65 -30.71 -13.42
C UNK KA 79 -36.29 -29.29 -13.00
N UNK KA 80 -35.98 -29.10 -11.71
CA UNK KA 80 -35.60 -27.77 -11.24
C UNK KA 80 -34.32 -27.30 -11.89
N UNK KA 81 -33.36 -28.21 -12.08
CA UNK KA 81 -32.12 -27.83 -12.75
C UNK KA 81 -32.37 -27.40 -14.19
N UNK KA 82 -33.21 -28.16 -14.91
CA UNK KA 82 -33.53 -27.79 -16.28
C UNK KA 82 -34.26 -26.46 -16.34
N UNK KA 83 -35.16 -26.22 -15.39
CA UNK KA 83 -35.87 -24.95 -15.36
C UNK KA 83 -34.92 -23.79 -15.11
N UNK KA 84 -34.00 -23.96 -14.15
CA UNK KA 84 -33.02 -22.92 -13.87
C UNK KA 84 -32.13 -22.67 -15.08
N UNK KA 85 -31.74 -23.72 -15.79
CA UNK KA 85 -30.91 -23.55 -16.98
C UNK KA 85 -31.68 -22.79 -18.06
N UNK KA 86 -32.94 -23.19 -18.30
CA UNK KA 86 -33.76 -22.48 -19.28
C UNK KA 86 -33.90 -21.02 -18.93
N UNK KA 87 -34.09 -20.71 -17.63
CA UNK KA 87 -34.21 -19.32 -17.22
C UNK KA 87 -32.92 -18.57 -17.46
N UNK KA 88 -31.79 -19.12 -17.00
CA UNK KA 88 -30.51 -18.45 -17.18
C UNK KA 88 -30.12 -18.31 -18.65
N UNK KA 89 -30.70 -19.11 -19.53
CA UNK KA 89 -30.41 -19.01 -20.95
C UNK KA 89 -31.41 -18.16 -21.73
N UNK KA 90 -32.60 -17.93 -21.18
CA UNK KA 90 -33.62 -17.12 -21.84
C UNK KA 90 -33.66 -15.68 -21.34
N UNK KA 91 -33.68 -15.48 -20.02
CA UNK KA 91 -33.75 -14.13 -19.46
C UNK KA 91 -32.52 -13.30 -19.75
N UNK KA 92 -31.46 -13.89 -20.34
CA UNK KA 92 -30.25 -13.17 -20.68
C UNK KA 92 -29.99 -13.12 -22.18
N UNK KA 93 -30.97 -13.48 -23.01
CA UNK KA 93 -30.85 -13.49 -24.45
C UNK KA 93 -31.82 -12.50 -25.09
N UNK KA 94 -31.92 -11.30 -24.52
CA UNK KA 94 -32.85 -10.28 -24.99
C UNK KA 94 -32.29 -9.56 -26.23
N UNK KA 95 -31.98 -10.37 -27.25
CA UNK KA 95 -31.47 -9.86 -28.52
C UNK KA 95 -32.18 -10.53 -29.69
N UNK KA 96 -33.48 -10.75 -29.53
CA UNK KA 96 -34.28 -11.41 -30.57
C UNK KA 96 -35.70 -10.87 -30.48
N UNK KA 97 -36.65 -11.58 -31.11
CA UNK KA 97 -38.04 -11.16 -31.10
C UNK KA 97 -38.94 -12.28 -30.57
N UNK KA 98 -40.26 -12.09 -30.66
CA UNK KA 98 -41.22 -13.06 -30.17
C UNK KA 98 -41.06 -13.30 -28.67
N UNK KA 99 -41.21 -12.22 -27.90
CA UNK KA 99 -41.07 -12.26 -26.45
C UNK KA 99 -42.28 -12.86 -25.74
N UNK KA 100 -43.24 -13.41 -26.49
CA UNK KA 100 -44.42 -14.01 -25.85
C UNK KA 100 -44.06 -15.33 -25.17
N UNK KA 101 -43.37 -16.21 -25.89
CA UNK KA 101 -42.95 -17.48 -25.29
C UNK KA 101 -42.05 -17.26 -24.08
N UNK KA 102 -41.31 -16.14 -24.06
CA UNK KA 102 -40.45 -15.85 -22.92
C UNK KA 102 -41.26 -15.74 -21.64
N UNK KA 103 -42.48 -15.21 -21.72
CA UNK KA 103 -43.32 -15.10 -20.53
C UNK KA 103 -43.62 -16.47 -19.94
N UNK KA 104 -44.11 -17.40 -20.77
CA UNK KA 104 -44.39 -18.74 -20.29
C UNK KA 104 -43.11 -19.45 -19.82
N UNK KA 105 -41.99 -19.19 -20.48
CA UNK KA 105 -40.73 -19.80 -20.06
C UNK KA 105 -40.35 -19.33 -18.65
N UNK KA 106 -40.42 -18.02 -18.42
CA UNK KA 106 -40.11 -17.49 -17.09
C UNK KA 106 -41.10 -18.00 -16.04
N UNK KA 107 -42.37 -18.12 -16.41
CA UNK KA 107 -43.36 -18.65 -15.48
C UNK KA 107 -43.02 -20.07 -15.09
N UNK KA 108 -42.71 -20.92 -16.07
CA UNK KA 108 -42.33 -22.30 -15.79
C UNK KA 108 -41.08 -22.36 -14.93
N UNK KA 109 -40.08 -21.53 -15.25
CA UNK KA 109 -38.86 -21.50 -14.46
C UNK KA 109 -39.14 -21.14 -13.00
N UNK KA 110 -39.97 -20.11 -12.80
CA UNK KA 110 -40.31 -19.71 -11.43
C UNK KA 110 -41.08 -20.79 -10.70
N UNK KA 111 -42.01 -21.45 -11.39
CA UNK KA 111 -42.76 -22.53 -10.75
C UNK KA 111 -41.83 -23.68 -10.36
N UNK KA 112 -40.89 -24.04 -11.24
CA UNK KA 112 -39.95 -25.11 -10.91
C UNK KA 112 -39.06 -24.71 -9.74
N UNK KA 113 -38.59 -23.47 -9.72
CA UNK KA 113 -37.76 -23.01 -8.61
C UNK KA 113 -38.53 -23.05 -7.30
N UNK KA 114 -39.79 -22.63 -7.32
CA UNK KA 114 -40.61 -22.67 -6.11
C UNK KA 114 -40.82 -24.10 -5.65
N UNK KA 115 -41.13 -25.01 -6.58
CA UNK KA 115 -41.30 -26.41 -6.21
C UNK KA 115 -40.03 -26.99 -5.62
N UNK KA 116 -38.88 -26.65 -6.19
CA UNK KA 116 -37.61 -27.12 -5.65
C UNK KA 116 -37.38 -26.60 -4.25
N UNK KA 117 -37.50 -25.28 -4.06
CA UNK KA 117 -37.33 -24.69 -2.74
C UNK KA 117 -38.27 -25.34 -1.72
N UNK KA 118 -39.47 -25.71 -2.16
CA UNK KA 118 -40.44 -26.32 -1.25
C UNK KA 118 -40.02 -27.75 -0.88
N UNK KA 119 -39.74 -28.58 -1.87
CA UNK KA 119 -39.42 -30.00 -1.66
C UNK KA 119 -38.11 -30.36 -2.34
N UNK KA 120 -37.09 -29.53 -2.14
CA UNK KA 120 -35.76 -29.76 -2.69
C UNK KA 120 -34.74 -29.82 -1.57
N UNK KA 121 -33.57 -30.37 -1.90
CA UNK KA 121 -32.49 -30.50 -0.92
C UNK KA 121 -31.18 -29.95 -1.49
N UNK KA 122 -31.06 -29.94 -2.82
CA UNK KA 122 -29.86 -29.45 -3.49
C UNK KA 122 -30.12 -29.50 -4.99
N UNK KA 123 -29.18 -28.95 -5.74
CA UNK KA 123 -29.28 -28.93 -7.20
C UNK KA 123 -30.44 -28.05 -7.65
N UNK KA 124 -30.28 -26.94 4.04
CA UNK KA 124 -30.60 -25.64 4.61
C UNK KA 124 -30.15 -24.51 3.70
N UNK KA 125 -30.19 -24.76 2.39
CA UNK KA 125 -29.79 -23.77 1.40
C UNK KA 125 -30.99 -23.19 0.64
N UNK KA 126 -32.20 -23.34 1.18
CA UNK KA 126 -33.38 -22.80 0.52
C UNK KA 126 -33.34 -21.29 0.43
N UNK KA 127 -32.64 -20.64 1.35
CA UNK KA 127 -32.55 -19.18 1.33
C UNK KA 127 -31.83 -18.70 0.06
N UNK KA 128 -30.72 -19.36 -0.29
CA UNK KA 128 -29.99 -18.98 -1.49
C UNK KA 128 -30.84 -19.20 -2.74
N UNK KA 129 -31.57 -20.32 -2.79
CA UNK KA 129 -32.43 -20.58 -3.94
C UNK KA 129 -33.52 -19.52 -4.06
N UNK KA 130 -34.14 -19.16 -2.93
CA UNK KA 130 -35.18 -18.13 -2.96
C UNK KA 130 -34.61 -16.79 -3.40
N UNK KA 131 -33.42 -16.43 -2.92
CA UNK KA 131 -32.79 -15.18 -3.32
C UNK KA 131 -32.49 -15.18 -4.82
N UNK KA 132 -31.97 -16.30 -5.33
CA UNK KA 132 -31.68 -16.39 -6.77
C UNK KA 132 -32.96 -16.27 -7.59
N UNK KA 133 -34.03 -16.94 -7.15
CA UNK KA 133 -35.30 -16.84 -7.87
C UNK KA 133 -35.83 -15.41 -7.86
N UNK KA 134 -35.75 -14.73 -6.71
CA UNK KA 134 -36.21 -13.35 -6.64
C UNK KA 134 -35.38 -12.45 -7.55
N UNK KA 135 -34.06 -12.64 -7.56
CA UNK KA 135 -33.21 -11.83 -8.43
C UNK KA 135 -33.53 -12.07 -9.89
N UNK KA 136 -33.77 -13.33 -10.27
CA UNK KA 136 -34.12 -13.64 -11.65
C UNK KA 136 -35.45 -13.02 -12.03
N UNK KA 137 -36.43 -13.09 -11.14
CA UNK KA 137 -37.73 -12.48 -11.42
C UNK KA 137 -37.60 -10.97 -11.57
N UNK KA 138 -36.80 -10.33 -10.71
CA UNK KA 138 -36.61 -8.89 -10.80
C UNK KA 138 -35.93 -8.53 -12.12
N UNK KA 139 -34.90 -9.29 -12.51
CA UNK KA 139 -34.23 -9.02 -13.78
C UNK KA 139 -35.18 -9.18 -14.95
N UNK KA 140 -36.01 -10.23 -14.93
CA UNK KA 140 -36.98 -10.43 -16.00
C UNK KA 140 -37.96 -9.25 -16.06
N UNK KA 141 -38.53 -8.87 -14.92
CA UNK KA 141 -39.45 -7.75 -14.90
C UNK KA 141 -38.80 -6.47 -15.43
N UNK KA 142 -37.54 -6.24 -15.07
CA UNK KA 142 -36.84 -5.05 -15.55
C UNK KA 142 -36.62 -5.11 -17.06
N UNK KA 143 -36.26 -6.28 -17.58
CA UNK KA 143 -36.03 -6.45 -19.00
C UNK KA 143 -37.32 -6.61 -19.81
N UNK KA 144 -38.48 -6.46 -19.18
CA UNK KA 144 -39.74 -6.59 -19.90
C UNK KA 144 -39.86 -5.52 -20.98
N UNK KA 145 -39.84 -4.26 -20.59
CA UNK KA 145 -39.95 -3.15 -21.53
C UNK KA 145 -38.69 -2.30 -21.53
N SER LA 1 -40.84 8.41 38.65
CA SER LA 1 -41.68 7.24 38.47
C SER LA 1 -42.86 7.53 37.56
N LEU LA 2 -43.07 8.82 37.27
CA LEU LA 2 -44.17 9.22 36.41
C LEU LA 2 -43.89 8.92 34.94
N LEU LA 3 -42.62 8.84 34.55
CA LEU LA 3 -42.26 8.56 33.17
C LEU LA 3 -42.45 7.10 32.79
N ARG LA 4 -42.66 6.21 33.76
CA ARG LA 4 -42.86 4.79 33.48
C ARG LA 4 -44.14 4.25 34.09
N GLN LA 5 -45.01 5.10 34.63
CA GLN LA 5 -46.25 4.63 35.22
C GLN LA 5 -47.21 4.05 34.19
N CYS LA 6 -47.05 4.41 32.91
CA CYS LA 6 -47.90 3.91 31.84
C CYS LA 6 -47.03 3.63 30.63
N PRO LA 7 -47.11 2.43 30.04
CA PRO LA 7 -46.28 2.14 28.87
C PRO LA 7 -46.70 2.86 27.60
N LEU LA 8 -47.72 3.71 27.65
CA LEU LA 8 -48.21 4.45 26.50
C LEU LA 8 -48.30 5.94 26.83
N LEU LA 9 -47.27 6.48 27.45
CA LEU LA 9 -47.19 7.88 27.84
C LEU LA 9 -45.95 8.47 27.18
N LEU LA 10 -46.12 8.98 25.95
CA LEU LA 10 -45.02 9.58 25.20
C LEU LA 10 -45.11 11.10 25.26
N PRO LA 11 -43.97 11.79 25.28
CA PRO LA 11 -44.00 13.26 25.33
C PRO LA 11 -44.53 13.87 24.05
N GLN LA 12 -45.71 14.50 24.13
CA GLN LA 12 -46.31 15.09 22.94
C GLN LA 12 -45.49 16.29 22.46
N ASN LA 13 -45.20 17.23 23.35
CA ASN LA 13 -44.44 18.43 23.00
C ASN LA 13 -43.31 18.61 23.99
N ARG LA 14 -42.23 19.24 23.52
CA ARG LA 14 -41.07 19.48 24.38
C ARG LA 14 -41.40 20.41 25.54
N GLU LA 15 -42.46 21.21 25.43
CA GLU LA 15 -42.84 22.12 26.50
C GLU LA 15 -43.50 21.42 27.68
N GLY LA 16 -43.61 20.10 27.65
CA GLY LA 16 -44.20 19.36 28.76
C GLY LA 16 -45.67 19.05 28.54
N THR LA 17 -46.02 18.56 27.36
CA THR LA 17 -47.40 18.21 27.07
C THR LA 17 -47.80 16.90 27.73
N ALA LA 18 -46.93 15.89 27.69
CA ALA LA 18 -47.17 14.60 28.30
C ALA LA 18 -48.44 13.92 27.78
N TYR LA 19 -48.88 14.28 26.59
CA TYR LA 19 -50.09 13.71 25.98
C TYR LA 19 -49.67 13.05 24.67
N GLU LA 20 -49.23 11.79 24.76
CA GLU LA 20 -48.86 11.03 23.57
C GLU LA 20 -48.77 9.54 23.89
N GLY LA 21 -49.48 8.73 23.13
CA GLY LA 21 -49.51 7.30 23.32
C GLY LA 21 -50.81 6.82 23.95
N PHE LA 22 -51.00 5.51 23.88
CA PHE LA 22 -52.19 4.89 24.47
C PHE LA 22 -52.10 5.01 25.99
N VAL LA 23 -52.94 5.87 26.57
CA VAL LA 23 -52.95 6.10 28.00
C VAL LA 23 -54.20 5.49 28.62
N SER LA 24 -54.75 4.47 27.95
CA SER LA 24 -55.97 3.80 28.40
C SER LA 24 -55.64 2.33 28.63
N ALA LA 25 -55.93 1.84 29.84
CA ALA LA 25 -55.68 0.44 30.20
C ALA LA 25 -56.99 -0.32 30.01
N GLN LA 26 -57.05 -1.12 28.94
CA GLN LA 26 -58.24 -1.88 28.62
C GLN LA 26 -57.82 -3.18 27.93
N GLY LA 27 -58.77 -3.86 27.31
CA GLY LA 27 -58.51 -5.11 26.62
C GLY LA 27 -57.35 -5.02 25.65
N ARG LA 28 -57.41 -4.09 24.71
CA ARG LA 28 -56.38 -3.92 23.69
C ARG LA 28 -55.56 -2.66 23.88
N ASP LA 29 -56.21 -1.50 24.00
CA ASP LA 29 -55.51 -0.23 24.19
C ASP LA 29 -56.55 0.86 24.39
N PHE LA 30 -56.08 2.06 24.71
CA PHE LA 30 -56.95 3.22 24.94
C PHE LA 30 -56.21 4.44 24.41
N HIS LA 31 -56.53 4.85 23.18
CA HIS LA 31 -55.88 6.00 22.54
C HIS LA 31 -56.57 7.27 23.04
N ILE LA 32 -56.15 7.72 24.21
CA ILE LA 32 -56.68 8.93 24.84
C ILE LA 32 -55.50 9.88 25.03
N ARG LA 33 -55.30 10.77 24.07
CA ARG LA 33 -54.21 11.74 24.10
C ARG LA 33 -54.75 13.04 24.68
N ILE LA 34 -54.46 13.29 25.96
CA ILE LA 34 -54.89 14.48 26.66
C ILE LA 34 -53.70 15.44 26.71
N LEU LA 35 -53.82 16.56 26.01
CA LEU LA 35 -52.77 17.57 25.95
C LEU LA 35 -53.16 18.73 26.86
N LEU LA 36 -52.47 18.86 27.99
CA LEU LA 36 -52.74 19.92 28.94
C LEU LA 36 -51.93 21.16 28.53
N PRO LA 37 -52.56 22.20 28.00
CA PRO LA 37 -51.81 23.40 27.58
C PRO LA 37 -51.57 24.42 28.69
N THR LA 38 -51.92 24.12 29.93
CA THR LA 38 -51.71 25.05 31.03
C THR LA 38 -50.25 25.02 31.48
N ASP LA 39 -49.80 26.13 32.05
CA ASP LA 39 -48.43 26.22 32.54
C ASP LA 39 -48.18 25.21 33.65
N SER LA 40 -48.89 25.35 34.78
CA SER LA 40 -48.73 24.45 35.89
C SER LA 40 -50.04 23.96 36.51
N GLN LA 41 -51.18 24.59 36.21
CA GLN LA 41 -52.44 24.17 36.77
C GLN LA 41 -52.99 22.95 36.02
N LEU LA 42 -53.49 21.98 36.77
CA LEU LA 42 -54.06 20.77 36.16
C LEU LA 42 -55.42 21.06 35.54
N LYS LA 43 -56.28 21.79 36.24
CA LYS LA 43 -57.59 22.11 35.72
C LYS LA 43 -57.48 22.99 34.48
N ASN LA 44 -58.51 22.91 33.62
CA ASN LA 44 -58.63 23.65 32.38
C ASN LA 44 -57.78 23.08 31.24
N ALA LA 45 -57.03 22.00 31.48
CA ALA LA 45 -56.21 21.41 30.44
C ALA LA 45 -57.07 20.53 29.53
N ARG LA 46 -56.77 20.58 28.23
CA ARG LA 46 -57.52 19.79 27.25
C ARG LA 46 -57.23 18.32 27.47
N ILE LA 47 -58.20 17.59 28.02
CA ILE LA 47 -58.06 16.16 28.28
C ILE LA 47 -59.09 15.40 27.46
N GLU LA 48 -59.46 15.93 26.29
CA GLU LA 48 -60.44 15.30 25.42
C GLU LA 48 -59.79 14.13 24.71
N CYS LA 49 -59.63 13.03 25.45
CA CYS LA 49 -59.03 11.80 24.92
C CYS LA 49 -60.11 11.02 24.18
N SER LA 50 -60.28 11.33 22.90
CA SER LA 50 -61.28 10.65 22.08
C SER LA 50 -60.99 9.16 22.03
N TRP LA 51 -61.99 8.36 22.41
CA TRP LA 51 -61.83 6.91 22.41
C TRP LA 51 -63.21 6.28 22.32
N HIS LA 52 -63.24 4.96 22.18
CA HIS LA 52 -64.48 4.19 22.08
C HIS LA 52 -65.25 4.57 20.81
N LEU LA 53 -64.55 4.52 19.68
CA LEU LA 53 -65.10 4.82 18.36
C LEU LA 53 -65.32 6.31 18.12
N LYS LA 54 -64.88 7.17 19.03
CA LYS LA 54 -65.02 8.61 18.90
C LYS LA 54 -63.64 9.23 18.70
N LYS LA 55 -63.55 10.15 17.73
CA LYS LA 55 -62.29 10.82 17.44
C LYS LA 55 -62.16 12.13 18.22
N ILE LA 56 -63.11 13.03 18.04
CA ILE LA 56 -63.08 14.31 18.74
C ILE LA 56 -63.49 14.10 20.19
N LEU LA 57 -62.66 14.57 21.11
CA LEU LA 57 -62.93 14.43 22.53
C LEU LA 57 -63.63 15.66 23.08
N HIS LA 58 -64.06 15.56 24.33
CA HIS LA 58 -64.76 16.64 25.03
C HIS LA 58 -63.98 17.03 26.28
N GLY LA 59 -64.49 18.05 26.97
CA GLY LA 59 -63.86 18.53 28.18
C GLY LA 59 -63.90 17.51 29.29
N TYR LA 60 -63.44 17.95 30.46
CA TYR LA 60 -63.41 17.09 31.64
C TYR LA 60 -64.81 16.94 32.22
N GLN LA 61 -64.92 16.06 33.22
CA GLN LA 61 -66.18 15.78 33.90
C GLN LA 61 -67.17 15.04 33.02
N HIS LA 62 -66.67 14.15 32.15
CA HIS LA 62 -67.56 13.38 31.29
C HIS LA 62 -68.35 12.36 32.09
N ILE LA 63 -67.70 11.66 33.01
CA ILE LA 63 -68.37 10.66 33.85
C ILE LA 63 -68.90 11.35 35.11
N LEU LA 64 -69.80 10.65 35.80
CA LEU LA 64 -70.36 11.20 37.03
C LEU LA 64 -69.27 11.59 38.01
N LYS LA 65 -68.23 10.76 38.14
CA LYS LA 65 -67.10 11.03 39.01
C LYS LA 65 -65.80 11.16 38.24
N GLN LA 66 -65.87 11.63 36.99
CA GLN LA 66 -64.67 11.77 36.17
C GLN LA 66 -63.79 12.90 36.69
N ARG LA 67 -64.33 14.11 36.74
CA ARG LA 67 -63.57 15.27 37.20
C ARG LA 67 -63.72 15.49 38.71
N LEU LA 68 -63.42 14.45 39.49
CA LEU LA 68 -63.51 14.51 40.94
C LEU LA 68 -62.15 14.58 41.61
N HIS LA 69 -61.24 13.66 41.29
CA HIS LA 69 -59.91 13.64 41.90
C HIS LA 69 -58.92 14.40 41.00
N SER LA 70 -59.14 15.72 40.95
CA SER LA 70 -58.29 16.61 40.17
C SER LA 70 -57.42 17.49 41.06
N CYS LA 71 -57.13 17.02 42.28
CA CYS LA 71 -56.31 17.77 43.22
C CYS LA 71 -54.84 17.62 42.87
N PRO LA 72 -54.39 16.41 42.56
CA PRO LA 72 -52.96 16.20 42.26
C PRO LA 72 -52.64 16.64 40.83
N ASP LA 73 -51.36 16.53 40.49
CA ASP LA 73 -50.89 16.94 39.17
C ASP LA 73 -51.18 15.83 38.16
N LEU LA 74 -50.62 15.96 36.95
CA LEU LA 74 -50.84 14.97 35.91
C LEU LA 74 -50.40 13.57 36.33
N VAL LA 75 -49.46 13.46 37.27
CA VAL LA 75 -49.01 12.15 37.73
C VAL LA 75 -50.18 11.39 38.36
N SER LA 76 -50.78 11.97 39.40
CA SER LA 76 -51.93 11.32 40.04
C SER LA 76 -53.10 11.22 39.07
N PHE LA 77 -53.31 12.24 38.25
CA PHE LA 77 -54.40 12.20 37.28
C PHE LA 77 -54.19 11.10 36.26
N VAL LA 78 -52.94 10.89 35.83
CA VAL LA 78 -52.65 9.83 34.87
C VAL LA 78 -52.78 8.47 35.53
N VAL LA 79 -52.41 8.36 36.80
CA VAL LA 79 -52.52 7.09 37.51
C VAL LA 79 -53.98 6.73 37.73
N GLU LA 80 -54.82 7.72 37.99
CA GLU LA 80 -56.25 7.48 38.18
C GLU LA 80 -56.98 7.15 36.88
N LEU LA 81 -56.32 7.29 35.74
CA LEU LA 81 -56.97 6.97 34.47
C LEU LA 81 -57.41 5.52 34.42
N LYS LA 82 -56.53 4.60 34.84
CA LYS LA 82 -56.88 3.18 34.83
C LYS LA 82 -58.00 2.88 35.82
N THR LA 83 -57.95 3.49 37.01
CA THR LA 83 -59.00 3.27 37.99
C THR LA 83 -60.34 3.80 37.52
N ILE LA 84 -60.33 4.87 36.72
CA ILE LA 84 -61.58 5.42 36.20
C ILE LA 84 -62.09 4.57 35.04
N LEU LA 85 -61.18 4.07 34.19
CA LEU LA 85 -61.60 3.22 33.08
C LEU LA 85 -62.11 1.88 33.55
N GLU LA 86 -61.59 1.37 34.66
CA GLU LA 86 -62.05 0.08 35.18
C GLU LA 86 -63.51 0.13 35.63
N ILE LA 87 -64.02 1.31 36.00
CA ILE LA 87 -65.41 1.40 36.43
C ILE LA 87 -66.36 1.15 35.27
N ALA LA 88 -65.94 1.44 34.04
CA ALA LA 88 -66.76 1.22 32.86
C ALA LA 88 -66.34 -0.01 32.06
N LEU LA 89 -65.15 -0.55 32.33
CA LEU LA 89 -64.70 -1.74 31.59
C LEU LA 89 -65.48 -2.99 31.96
N LYS LA 90 -66.13 -2.99 33.13
CA LYS LA 90 -66.92 -4.15 33.58
C LYS LA 90 -68.39 -4.03 33.24
N ALA LA 91 -68.74 -3.28 32.19
CA ALA LA 91 -70.12 -3.12 31.78
C ALA LA 91 -70.27 -3.26 30.28
#